data_3OET
#
_entry.id   3OET
#
_cell.length_a   93.279
_cell.length_b   167.765
_cell.length_c   103.949
_cell.angle_alpha   90.00
_cell.angle_beta   93.88
_cell.angle_gamma   90.00
#
_symmetry.space_group_name_H-M   'P 1 21 1'
#
loop_
_entity.id
_entity.type
_entity.pdbx_description
1 polymer 'Erythronate-4-phosphate dehydrogenase'
2 non-polymer NICOTINAMIDE-ADENINE-DINUCLEOTIDE
3 water water
#
_entity_poly.entity_id   1
_entity_poly.type   'polypeptide(L)'
_entity_poly.pdbx_seq_one_letter_code
;SNA(MSE)KILVDEN(MSE)PYARELFSRLGEVKAVPGRPIPVEELNHADAL(MSE)VRSVTKVNESLLSGTPINFVGTA
TAGTDHVDEAWLKQAGIGFSAAPGCNAIAVVEYVFSALL(MSE)LAERDGFSLRDRTIGIVGVGNVGSRLQTRLEALGIR
TLLCDPPRAARGDEGDFRTLDELVQEADVLTFHTPLYKDGPYKTLHLADETLIRRLKPGAILINACRGPVVDNAALLARL
NAGQPLSVVLDVWEGEPDLNVALLEAVDIGTSHIAGYTLEGKARGTTQVFEAYSAFIGREQRVALETLLPAPEFGRITLH
GPLDQPTLKRLAHLVYDVRRDDAPLRKVAGIPGEFDKLRKNYLERREWSSLYV(MSE)CDDETAAALLCKLGFNAVHHPA
H
;
_entity_poly.pdbx_strand_id   A,B,C,D,E,F,G,H
#
# COMPACT_ATOMS: atom_id res chain seq x y z
N ASN A 2 -47.84 22.80 -24.47
CA ASN A 2 -47.68 21.63 -23.55
C ASN A 2 -46.31 20.96 -23.51
N ALA A 3 -45.30 21.61 -24.08
CA ALA A 3 -43.94 21.25 -23.77
C ALA A 3 -43.28 22.48 -23.16
N LYS A 5 -40.55 25.36 -22.74
CA LYS A 5 -39.59 26.21 -23.48
C LYS A 5 -38.45 26.66 -22.58
N ILE A 6 -37.26 26.12 -22.82
CA ILE A 6 -36.13 26.38 -21.96
C ILE A 6 -35.17 27.35 -22.62
N LEU A 7 -34.96 28.51 -22.03
CA LEU A 7 -33.94 29.43 -22.51
C LEU A 7 -32.60 29.08 -21.86
N VAL A 8 -31.55 28.94 -22.66
CA VAL A 8 -30.22 28.72 -22.12
C VAL A 8 -29.23 29.78 -22.61
N ASP A 9 -28.21 30.07 -21.81
CA ASP A 9 -27.16 30.99 -22.26
C ASP A 9 -26.33 30.37 -23.41
N GLU A 10 -26.18 31.10 -24.50
CA GLU A 10 -25.58 30.58 -25.74
C GLU A 10 -24.11 30.13 -25.65
N ASN A 11 -23.40 30.62 -24.64
CA ASN A 11 -22.02 30.20 -24.44
C ASN A 11 -21.89 29.09 -23.39
N PRO A 13 -21.68 25.42 -22.35
CA PRO A 13 -21.37 24.18 -23.06
C PRO A 13 -22.40 23.07 -22.83
N TYR A 14 -22.77 22.40 -23.93
CA TYR A 14 -23.64 21.22 -23.91
C TYR A 14 -25.10 21.53 -23.60
N ALA A 15 -25.42 22.81 -23.47
CA ALA A 15 -26.76 23.21 -23.05
C ALA A 15 -27.82 22.79 -24.06
N ARG A 16 -27.53 22.97 -25.35
CA ARG A 16 -28.48 22.58 -26.39
C ARG A 16 -28.57 21.06 -26.42
N GLU A 17 -27.43 20.39 -26.50
CA GLU A 17 -27.40 18.94 -26.47
C GLU A 17 -28.33 18.37 -25.39
N LEU A 18 -28.17 18.85 -24.16
CA LEU A 18 -28.83 18.22 -23.01
C LEU A 18 -30.30 18.62 -22.85
N PHE A 19 -30.59 19.92 -22.91
CA PHE A 19 -31.91 20.37 -22.52
C PHE A 19 -33.03 19.93 -23.46
N SER A 20 -32.65 19.51 -24.68
CA SER A 20 -33.62 19.01 -25.67
C SER A 20 -34.16 17.62 -25.32
N ARG A 21 -33.49 16.96 -24.39
CA ARG A 21 -34.04 15.72 -23.88
C ARG A 21 -35.30 16.04 -23.10
N LEU A 22 -35.53 17.33 -22.86
CA LEU A 22 -36.67 17.78 -22.07
C LEU A 22 -37.59 18.86 -22.69
N GLY A 23 -37.29 19.38 -23.88
CA GLY A 23 -38.11 20.45 -24.46
C GLY A 23 -37.45 21.30 -25.54
N GLU A 24 -38.08 22.39 -25.93
CA GLU A 24 -37.51 23.28 -26.97
C GLU A 24 -36.52 24.25 -26.38
N VAL A 25 -35.34 24.34 -26.99
CA VAL A 25 -34.29 25.20 -26.47
C VAL A 25 -34.05 26.40 -27.36
N LYS A 26 -34.20 27.59 -26.81
CA LYS A 26 -33.74 28.77 -27.53
C LYS A 26 -32.54 29.31 -26.78
N ALA A 27 -31.51 29.72 -27.52
CA ALA A 27 -30.27 30.19 -26.93
C ALA A 27 -30.26 31.72 -26.84
N VAL A 28 -30.33 32.23 -25.62
CA VAL A 28 -30.29 33.67 -25.39
C VAL A 28 -28.85 34.08 -25.01
N PRO A 29 -28.45 35.30 -25.41
CA PRO A 29 -27.20 35.83 -24.89
C PRO A 29 -27.40 36.29 -23.44
N GLY A 30 -26.46 35.93 -22.57
CA GLY A 30 -26.56 36.26 -21.15
C GLY A 30 -26.74 37.73 -20.88
N PRO A 34 -32.84 39.20 -23.30
CA PRO A 34 -33.76 39.63 -24.35
C PRO A 34 -35.23 39.27 -24.10
N VAL A 35 -36.00 40.32 -23.83
CA VAL A 35 -37.36 40.30 -23.25
C VAL A 35 -38.37 39.31 -23.82
N GLU A 36 -38.53 39.30 -25.14
CA GLU A 36 -39.63 38.58 -25.77
C GLU A 36 -39.71 37.09 -25.44
N GLU A 37 -38.56 36.43 -25.33
CA GLU A 37 -38.56 35.01 -25.00
C GLU A 37 -38.82 34.75 -23.52
N LEU A 38 -38.38 35.67 -22.64
CA LEU A 38 -38.62 35.58 -21.20
C LEU A 38 -40.09 35.42 -20.83
N ASN A 39 -40.96 36.21 -21.46
CA ASN A 39 -42.39 36.18 -21.15
C ASN A 39 -43.11 34.96 -21.76
N HIS A 40 -42.41 34.24 -22.64
CA HIS A 40 -42.94 33.01 -23.23
C HIS A 40 -41.93 31.85 -23.07
N ALA A 41 -41.45 31.68 -21.84
CA ALA A 41 -40.53 30.59 -21.49
C ALA A 41 -40.89 29.99 -20.13
N ASP A 42 -40.43 28.76 -19.90
CA ASP A 42 -40.81 28.01 -18.71
C ASP A 42 -39.66 27.71 -17.78
N ALA A 43 -38.45 27.95 -18.28
CA ALA A 43 -37.22 27.59 -17.57
C ALA A 43 -36.07 28.45 -18.08
N LEU A 44 -35.12 28.73 -17.20
CA LEU A 44 -34.00 29.57 -17.58
C LEU A 44 -32.73 29.03 -16.92
N VAL A 46 -28.69 29.69 -16.59
CA VAL A 46 -27.84 30.84 -16.75
C VAL A 46 -26.40 30.61 -16.29
N ARG A 47 -25.52 31.55 -16.64
CA ARG A 47 -24.16 31.58 -16.10
C ARG A 47 -24.07 32.77 -15.15
N SER A 48 -22.86 33.03 -14.66
CA SER A 48 -22.61 34.13 -13.72
C SER A 48 -23.06 35.52 -14.20
N VAL A 49 -23.15 35.70 -15.50
CA VAL A 49 -23.34 37.04 -16.07
C VAL A 49 -24.74 37.63 -15.84
N THR A 50 -25.73 36.76 -15.62
CA THR A 50 -27.12 37.18 -15.57
C THR A 50 -27.65 37.32 -14.14
N LYS A 51 -27.89 38.56 -13.72
CA LYS A 51 -28.53 38.79 -12.43
C LYS A 51 -29.96 38.29 -12.49
N VAL A 52 -30.31 37.41 -11.54
CA VAL A 52 -31.64 36.80 -11.53
C VAL A 52 -32.39 37.23 -10.28
N ASN A 53 -33.48 37.97 -10.49
CA ASN A 53 -34.15 38.65 -9.40
C ASN A 53 -35.62 38.84 -9.71
N GLU A 54 -36.32 39.58 -8.86
CA GLU A 54 -37.70 39.95 -9.11
C GLU A 54 -37.79 40.70 -10.45
N SER A 55 -37.11 41.83 -10.53
CA SER A 55 -37.06 42.63 -11.76
C SER A 55 -37.17 41.81 -13.04
N LEU A 56 -36.25 40.88 -13.22
CA LEU A 56 -36.13 40.13 -14.48
C LEU A 56 -37.22 39.09 -14.71
N LEU A 57 -37.74 38.50 -13.64
CA LEU A 57 -38.64 37.34 -13.74
C LEU A 57 -40.11 37.57 -13.38
N SER A 58 -40.36 38.36 -12.33
CA SER A 58 -41.72 38.62 -11.85
C SER A 58 -42.69 38.87 -13.01
N GLY A 59 -43.81 38.16 -13.00
CA GLY A 59 -44.76 38.26 -14.09
C GLY A 59 -44.64 37.19 -15.18
N THR A 60 -43.44 36.65 -15.39
CA THR A 60 -43.22 35.63 -16.44
C THR A 60 -43.84 34.29 -16.00
N PRO A 61 -43.85 33.30 -16.90
CA PRO A 61 -44.26 31.98 -16.44
C PRO A 61 -43.03 31.14 -16.06
N ILE A 62 -41.84 31.71 -16.23
CA ILE A 62 -40.63 31.01 -15.85
C ILE A 62 -40.84 30.33 -14.50
N ASN A 63 -40.67 29.03 -14.47
CA ASN A 63 -40.99 28.25 -13.26
C ASN A 63 -39.76 27.60 -12.65
N PHE A 64 -38.62 27.79 -13.29
CA PHE A 64 -37.39 27.15 -12.81
C PHE A 64 -36.20 27.89 -13.34
N VAL A 65 -35.25 28.13 -12.45
CA VAL A 65 -34.00 28.76 -12.83
C VAL A 65 -32.84 27.87 -12.39
N GLY A 66 -32.01 27.47 -13.34
CA GLY A 66 -30.81 26.73 -13.01
C GLY A 66 -29.65 27.67 -13.26
N THR A 67 -28.67 27.67 -12.36
CA THR A 67 -27.40 28.30 -12.65
C THR A 67 -26.25 27.29 -12.67
N ALA A 68 -25.46 27.32 -13.75
CA ALA A 68 -24.42 26.33 -13.96
C ALA A 68 -23.15 26.75 -13.26
N THR A 69 -23.25 26.96 -11.96
CA THR A 69 -22.09 27.38 -11.18
C THR A 69 -22.24 26.88 -9.77
N ALA A 70 -21.11 26.70 -9.11
CA ALA A 70 -21.09 26.54 -7.68
C ALA A 70 -21.67 27.82 -7.09
N GLY A 71 -21.24 28.98 -7.57
CA GLY A 71 -21.67 30.27 -7.02
C GLY A 71 -23.16 30.56 -7.19
N THR A 72 -23.69 31.43 -6.34
CA THR A 72 -25.09 31.88 -6.41
C THR A 72 -25.24 33.39 -6.16
N ASP A 73 -24.13 34.10 -5.95
CA ASP A 73 -24.15 35.54 -5.73
C ASP A 73 -25.06 36.32 -6.67
N HIS A 74 -25.11 35.89 -7.93
CA HIS A 74 -25.78 36.65 -8.98
C HIS A 74 -27.26 36.30 -9.07
N VAL A 75 -27.72 35.46 -8.15
CA VAL A 75 -29.11 35.05 -8.11
C VAL A 75 -29.69 35.34 -6.74
N ASP A 76 -30.95 35.74 -6.71
CA ASP A 76 -31.66 35.83 -5.48
C ASP A 76 -32.45 34.57 -5.24
N GLU A 77 -31.78 33.55 -4.72
CA GLU A 77 -32.41 32.28 -4.45
C GLU A 77 -33.66 32.50 -3.62
N ALA A 78 -33.60 33.50 -2.75
CA ALA A 78 -34.62 33.71 -1.76
C ALA A 78 -35.92 34.10 -2.45
N TRP A 79 -35.87 35.10 -3.30
CA TRP A 79 -37.08 35.56 -3.93
C TRP A 79 -37.77 34.45 -4.75
N LEU A 80 -36.97 33.66 -5.46
CA LEU A 80 -37.52 32.58 -6.28
C LEU A 80 -38.28 31.57 -5.42
N LYS A 81 -37.68 31.15 -4.33
CA LYS A 81 -38.31 30.13 -3.51
C LYS A 81 -39.53 30.75 -2.84
N GLN A 82 -39.42 32.02 -2.45
CA GLN A 82 -40.58 32.72 -1.87
C GLN A 82 -41.68 32.59 -2.90
N ALA A 83 -41.30 32.72 -4.17
CA ALA A 83 -42.26 32.83 -5.27
C ALA A 83 -42.74 31.49 -5.87
N GLY A 84 -42.22 30.37 -5.37
CA GLY A 84 -42.62 29.07 -5.91
C GLY A 84 -41.83 28.68 -7.14
N ILE A 85 -40.70 29.34 -7.38
CA ILE A 85 -39.91 29.09 -8.60
C ILE A 85 -38.75 28.19 -8.28
N GLY A 86 -38.68 27.04 -8.92
CA GLY A 86 -37.64 26.09 -8.60
C GLY A 86 -36.27 26.63 -8.90
N PHE A 87 -35.28 26.24 -8.12
CA PHE A 87 -33.97 26.75 -8.35
C PHE A 87 -32.91 25.69 -8.17
N SER A 88 -31.85 25.81 -8.93
CA SER A 88 -30.73 24.92 -8.75
C SER A 88 -29.44 25.55 -9.19
N ALA A 89 -28.41 25.37 -8.37
CA ALA A 89 -27.07 25.72 -8.77
C ALA A 89 -26.39 24.42 -9.12
N ALA A 90 -25.08 24.47 -9.33
CA ALA A 90 -24.26 23.30 -9.52
C ALA A 90 -23.20 23.19 -8.42
N PRO A 91 -23.62 23.02 -7.14
CA PRO A 91 -22.62 23.00 -6.08
C PRO A 91 -21.56 21.91 -6.28
N GLY A 92 -20.31 22.23 -5.98
CA GLY A 92 -19.22 21.26 -6.09
C GLY A 92 -18.74 20.98 -7.51
N CYS A 93 -19.31 21.67 -8.51
CA CYS A 93 -19.00 21.35 -9.90
C CYS A 93 -17.51 21.53 -10.24
N ASN A 94 -16.88 22.53 -9.62
CA ASN A 94 -15.47 22.76 -9.81
C ASN A 94 -14.58 22.24 -8.68
N ALA A 95 -15.13 21.44 -7.78
CA ALA A 95 -14.38 21.06 -6.59
C ALA A 95 -13.13 20.23 -6.89
N ILE A 96 -13.23 19.32 -7.83
CA ILE A 96 -12.16 18.38 -8.10
C ILE A 96 -11.05 19.10 -8.78
N ALA A 97 -11.39 20.11 -9.56
CA ALA A 97 -10.39 20.94 -10.16
C ALA A 97 -9.45 21.55 -9.08
N VAL A 98 -10.04 22.10 -8.02
CA VAL A 98 -9.27 22.79 -6.99
C VAL A 98 -8.37 21.79 -6.26
N VAL A 99 -8.91 20.61 -5.97
CA VAL A 99 -8.17 19.54 -5.27
C VAL A 99 -6.97 19.15 -6.12
N GLU A 100 -7.13 19.06 -7.43
CA GLU A 100 -6.01 18.65 -8.25
C GLU A 100 -5.03 19.81 -8.48
N TYR A 101 -5.52 21.03 -8.29
CA TYR A 101 -4.65 22.20 -8.34
C TYR A 101 -3.79 22.13 -7.06
N VAL A 102 -4.44 21.90 -5.92
CA VAL A 102 -3.72 21.77 -4.66
C VAL A 102 -2.68 20.64 -4.73
N PHE A 103 -3.10 19.46 -5.21
CA PHE A 103 -2.15 18.37 -5.35
C PHE A 103 -0.99 18.70 -6.27
N SER A 104 -1.27 19.38 -7.38
CA SER A 104 -0.24 19.80 -8.34
C SER A 104 0.80 20.70 -7.67
N ALA A 105 0.34 21.64 -6.86
CA ALA A 105 1.25 22.55 -6.11
C ALA A 105 2.13 21.81 -5.10
N LEU A 106 1.52 20.91 -4.33
CA LEU A 106 2.21 20.17 -3.31
C LEU A 106 3.28 19.23 -3.88
N LEU A 107 2.98 18.62 -5.01
CA LEU A 107 3.90 17.66 -5.59
C LEU A 107 5.04 18.40 -6.22
N LEU A 109 6.17 21.30 -4.93
CA LEU A 109 6.99 21.77 -3.80
C LEU A 109 7.72 20.59 -3.15
N ALA A 110 7.10 19.42 -3.23
CA ALA A 110 7.69 18.25 -2.61
C ALA A 110 8.99 17.84 -3.32
N GLU A 111 8.97 17.86 -4.67
CA GLU A 111 10.19 17.62 -5.45
C GLU A 111 11.18 18.78 -5.31
N ARG A 112 10.74 20.00 -5.58
CA ARG A 112 11.67 21.14 -5.52
C ARG A 112 12.44 21.22 -4.16
N ASP A 113 11.77 20.82 -3.07
CA ASP A 113 12.32 21.04 -1.73
C ASP A 113 12.78 19.77 -1.05
N GLY A 114 12.81 18.67 -1.80
CA GLY A 114 13.29 17.40 -1.32
C GLY A 114 12.58 16.85 -0.09
N PHE A 115 11.26 17.07 0.04
CA PHE A 115 10.56 16.40 1.12
C PHE A 115 9.53 15.37 0.64
N SER A 116 9.03 14.61 1.60
CA SER A 116 8.15 13.48 1.37
C SER A 116 6.72 13.87 1.79
N LEU A 117 5.85 13.98 0.80
CA LEU A 117 4.48 14.38 1.02
C LEU A 117 3.70 13.50 2.01
N ARG A 118 3.91 12.19 1.99
CA ARG A 118 3.21 11.30 2.94
C ARG A 118 3.57 11.59 4.40
N ASP A 119 4.62 12.39 4.61
CA ASP A 119 5.11 12.71 5.96
C ASP A 119 4.51 14.01 6.54
N ARG A 120 3.74 14.73 5.73
CA ARG A 120 3.19 16.00 6.13
C ARG A 120 1.94 15.83 6.93
N THR A 121 1.58 16.85 7.69
CA THR A 121 0.33 16.89 8.44
C THR A 121 -0.45 18.03 7.89
N ILE A 122 -1.64 17.74 7.37
CA ILE A 122 -2.33 18.74 6.59
C ILE A 122 -3.61 19.13 7.28
N GLY A 123 -3.72 20.42 7.54
CA GLY A 123 -4.92 20.97 8.12
C GLY A 123 -5.78 21.58 7.02
N ILE A 124 -6.99 21.05 6.94
CA ILE A 124 -7.99 21.54 6.04
C ILE A 124 -8.98 22.42 6.80
N VAL A 125 -9.04 23.67 6.37
CA VAL A 125 -9.93 24.63 6.96
C VAL A 125 -11.13 24.86 6.03
N GLY A 126 -12.28 24.36 6.45
CA GLY A 126 -13.44 24.35 5.59
C GLY A 126 -13.51 22.97 4.98
N VAL A 127 -14.42 22.12 5.46
CA VAL A 127 -14.50 20.76 4.94
C VAL A 127 -15.81 20.55 4.19
N GLY A 128 -15.99 21.30 3.11
CA GLY A 128 -17.24 21.26 2.34
C GLY A 128 -17.00 20.54 1.03
N ASN A 129 -17.53 21.07 -0.06
CA ASN A 129 -17.36 20.46 -1.36
C ASN A 129 -15.89 20.22 -1.71
N VAL A 130 -15.04 21.22 -1.52
CA VAL A 130 -13.64 21.06 -1.84
C VAL A 130 -12.85 20.30 -0.74
N GLY A 131 -12.95 20.76 0.50
CA GLY A 131 -12.18 20.20 1.61
C GLY A 131 -12.47 18.72 1.88
N SER A 132 -13.73 18.30 1.73
CA SER A 132 -14.07 16.88 1.94
C SER A 132 -13.48 15.97 0.88
N ARG A 133 -13.51 16.41 -0.38
CA ARG A 133 -12.83 15.66 -1.45
C ARG A 133 -11.33 15.61 -1.25
N LEU A 134 -10.74 16.72 -0.80
CA LEU A 134 -9.29 16.76 -0.53
C LEU A 134 -8.93 15.78 0.58
N GLN A 135 -9.75 15.80 1.63
CA GLN A 135 -9.59 14.87 2.74
C GLN A 135 -9.58 13.41 2.23
N THR A 136 -10.54 13.05 1.40
CA THR A 136 -10.64 11.69 0.90
C THR A 136 -9.32 11.22 0.24
N ARG A 137 -8.75 12.09 -0.57
CA ARG A 137 -7.56 11.80 -1.34
C ARG A 137 -6.27 11.86 -0.53
N LEU A 138 -6.14 12.84 0.35
CA LEU A 138 -5.01 12.82 1.26
C LEU A 138 -4.99 11.54 2.12
N GLU A 139 -6.15 11.12 2.61
CA GLU A 139 -6.25 9.88 3.42
C GLU A 139 -5.85 8.64 2.65
N ALA A 140 -6.20 8.58 1.38
CA ALA A 140 -5.89 7.38 0.60
C ALA A 140 -4.40 7.22 0.46
N LEU A 141 -3.69 8.34 0.55
CA LEU A 141 -2.24 8.34 0.55
C LEU A 141 -1.71 8.15 1.97
N GLY A 142 -2.62 8.09 2.94
CA GLY A 142 -2.24 7.86 4.33
C GLY A 142 -1.64 9.10 4.97
N ILE A 143 -1.88 10.26 4.38
CA ILE A 143 -1.42 11.49 4.99
C ILE A 143 -2.36 11.89 6.15
N ARG A 144 -1.78 12.16 7.32
CA ARG A 144 -2.61 12.61 8.44
C ARG A 144 -3.19 14.00 8.16
N THR A 145 -4.51 14.12 8.33
CA THR A 145 -5.16 15.36 7.98
C THR A 145 -5.99 15.82 9.15
N LEU A 146 -5.85 17.07 9.54
CA LEU A 146 -6.67 17.62 10.59
C LEU A 146 -7.79 18.42 9.96
N LEU A 147 -9.01 18.22 10.44
CA LEU A 147 -10.20 18.89 9.89
C LEU A 147 -10.67 20.04 10.78
N CYS A 148 -10.91 21.20 10.17
CA CYS A 148 -11.50 22.31 10.90
C CYS A 148 -12.72 22.83 10.15
N ASP A 149 -13.87 22.75 10.80
CA ASP A 149 -15.09 23.24 10.20
C ASP A 149 -16.09 23.50 11.30
N PRO A 150 -15.97 24.64 11.97
CA PRO A 150 -16.88 24.80 13.11
C PRO A 150 -18.40 24.71 12.82
N PRO A 151 -18.88 25.22 11.65
CA PRO A 151 -20.34 25.06 11.35
C PRO A 151 -20.84 23.64 11.28
N ARG A 152 -20.04 22.77 10.68
CA ARG A 152 -20.49 21.41 10.52
C ARG A 152 -20.52 20.83 11.91
N ALA A 153 -19.47 21.09 12.69
CA ALA A 153 -19.39 20.59 14.07
C ALA A 153 -20.60 21.00 14.86
N ALA A 154 -20.87 22.31 14.88
CA ALA A 154 -21.99 22.90 15.62
C ALA A 154 -23.34 22.31 15.22
N ARG A 155 -23.45 21.92 13.95
CA ARG A 155 -24.68 21.42 13.37
C ARG A 155 -24.85 19.92 13.66
N GLY A 156 -23.83 19.31 14.23
CA GLY A 156 -23.90 17.90 14.60
C GLY A 156 -23.33 16.91 13.60
N ASP A 157 -22.70 17.36 12.52
CA ASP A 157 -22.07 16.39 11.60
C ASP A 157 -21.04 15.52 12.36
N GLU A 158 -20.83 14.32 11.86
CA GLU A 158 -19.88 13.36 12.39
C GLU A 158 -18.51 13.71 11.83
N GLY A 159 -17.46 13.37 12.58
CA GLY A 159 -16.08 13.61 12.19
C GLY A 159 -15.28 14.26 13.30
N ASP A 160 -13.94 14.13 13.23
CA ASP A 160 -13.07 14.71 14.23
C ASP A 160 -12.72 16.15 13.88
N PHE A 161 -13.61 17.07 14.23
CA PHE A 161 -13.44 18.48 13.93
C PHE A 161 -12.64 19.22 14.99
N ARG A 162 -11.48 19.72 14.62
CA ARG A 162 -10.61 20.44 15.57
C ARG A 162 -10.79 21.95 15.45
N THR A 163 -10.27 22.70 16.42
CA THR A 163 -10.29 24.16 16.34
C THR A 163 -9.20 24.61 15.40
N LEU A 164 -9.36 25.82 14.88
CA LEU A 164 -8.34 26.41 14.02
C LEU A 164 -7.00 26.51 14.78
N ASP A 165 -7.07 26.92 16.05
CA ASP A 165 -5.89 26.97 16.89
C ASP A 165 -5.19 25.63 16.97
N GLU A 166 -5.96 24.55 17.05
CA GLU A 166 -5.38 23.21 17.05
C GLU A 166 -4.67 22.87 15.74
N LEU A 167 -5.21 23.33 14.62
CA LEU A 167 -4.60 23.03 13.33
C LEU A 167 -3.29 23.79 13.24
N VAL A 168 -3.33 25.05 13.62
CA VAL A 168 -2.12 25.86 13.62
C VAL A 168 -1.03 25.23 14.50
N GLN A 169 -1.39 24.71 15.68
CA GLN A 169 -0.41 24.00 16.51
C GLN A 169 0.20 22.72 15.89
N GLU A 170 -0.57 21.98 15.11
CA GLU A 170 -0.10 20.65 14.69
C GLU A 170 0.21 20.43 13.22
N ALA A 171 -0.24 21.32 12.34
CA ALA A 171 -0.07 21.05 10.92
C ALA A 171 1.15 21.74 10.31
N ASP A 172 1.66 21.18 9.23
CA ASP A 172 2.71 21.86 8.49
C ASP A 172 2.32 22.18 7.05
N VAL A 173 1.07 21.88 6.69
CA VAL A 173 0.44 22.41 5.50
C VAL A 173 -0.90 22.92 5.96
N LEU A 174 -1.28 24.13 5.54
CA LEU A 174 -2.55 24.65 5.94
C LEU A 174 -3.26 25.13 4.70
N THR A 175 -4.41 24.56 4.38
CA THR A 175 -5.12 24.98 3.20
C THR A 175 -6.55 25.44 3.56
N PHE A 176 -6.97 26.58 2.99
CA PHE A 176 -8.28 27.18 3.22
C PHE A 176 -9.28 26.94 2.10
N HIS A 177 -10.48 26.52 2.49
CA HIS A 177 -11.56 26.19 1.58
C HIS A 177 -12.91 26.59 2.23
N THR A 178 -12.93 27.78 2.84
CA THR A 178 -14.10 28.30 3.54
C THR A 178 -14.73 29.35 2.64
N PRO A 179 -15.94 29.79 2.97
CA PRO A 179 -16.45 30.94 2.22
C PRO A 179 -15.85 32.23 2.80
N LEU A 180 -16.31 33.37 2.30
CA LEU A 180 -15.95 34.66 2.90
C LEU A 180 -17.09 35.20 3.78
N TYR A 181 -16.92 35.13 5.10
CA TYR A 181 -17.85 35.72 6.06
C TYR A 181 -17.15 36.87 6.76
N LYS A 182 -17.79 38.04 6.80
CA LYS A 182 -17.15 39.26 7.34
C LYS A 182 -17.39 39.49 8.82
N ASP A 183 -18.40 38.83 9.37
CA ASP A 183 -18.66 38.85 10.81
C ASP A 183 -19.39 37.60 11.28
N GLY A 184 -19.76 37.63 12.56
CA GLY A 184 -20.35 36.47 13.23
C GLY A 184 -19.27 35.58 13.80
N PRO A 185 -19.68 34.48 14.45
CA PRO A 185 -18.80 33.56 15.18
C PRO A 185 -17.90 32.76 14.26
N TYR A 186 -18.22 32.75 12.97
CA TYR A 186 -17.44 32.00 12.01
C TYR A 186 -16.75 32.92 11.00
N LYS A 187 -16.61 34.18 11.36
CA LYS A 187 -15.88 35.16 10.57
C LYS A 187 -14.68 34.57 9.90
N THR A 188 -14.59 34.68 8.57
CA THR A 188 -13.40 34.23 7.88
C THR A 188 -12.58 35.34 7.23
N LEU A 189 -13.08 36.56 7.23
CA LEU A 189 -12.25 37.67 6.72
C LEU A 189 -10.97 37.76 7.56
N HIS A 190 -9.81 37.61 6.93
CA HIS A 190 -8.53 37.69 7.65
C HIS A 190 -8.40 36.65 8.75
N LEU A 191 -8.95 35.48 8.46
CA LEU A 191 -8.84 34.37 9.35
C LEU A 191 -7.36 34.07 9.51
N ALA A 192 -6.61 34.14 8.43
CA ALA A 192 -5.14 34.07 8.53
C ALA A 192 -4.56 35.46 8.60
N ASP A 193 -4.47 36.00 9.80
CA ASP A 193 -3.87 37.31 10.04
C ASP A 193 -2.39 37.16 10.45
N GLU A 194 -1.74 38.26 10.85
CA GLU A 194 -0.32 38.16 11.26
C GLU A 194 -0.08 37.20 12.44
N THR A 195 -0.95 37.26 13.46
CA THR A 195 -0.81 36.39 14.62
C THR A 195 -0.84 34.91 14.23
N LEU A 196 -1.78 34.51 13.37
CA LEU A 196 -1.86 33.11 12.98
C LEU A 196 -0.66 32.75 12.11
N ILE A 197 -0.34 33.61 11.15
CA ILE A 197 0.70 33.29 10.17
C ILE A 197 2.03 33.08 10.89
N ARG A 198 2.30 33.97 11.84
CA ARG A 198 3.51 33.94 12.68
C ARG A 198 3.65 32.67 13.53
N ARG A 199 2.54 32.05 13.89
CA ARG A 199 2.58 30.83 14.66
C ARG A 199 2.82 29.57 13.78
N LEU A 200 2.73 29.71 12.46
CA LEU A 200 2.92 28.56 11.59
C LEU A 200 4.29 27.95 11.73
N LYS A 201 4.35 26.63 11.67
CA LYS A 201 5.59 25.91 11.91
C LYS A 201 6.64 26.22 10.85
N PRO A 202 7.92 26.15 11.21
CA PRO A 202 8.97 26.33 10.22
C PRO A 202 8.81 25.38 9.03
N GLY A 203 8.76 25.91 7.81
CA GLY A 203 8.71 25.04 6.64
C GLY A 203 7.26 24.71 6.29
N ALA A 204 6.34 25.32 7.02
CA ALA A 204 4.93 25.07 6.75
C ALA A 204 4.59 25.65 5.36
N ILE A 205 3.51 25.11 4.78
CA ILE A 205 3.07 25.55 3.47
C ILE A 205 1.68 26.13 3.66
N LEU A 206 1.45 27.32 3.17
CA LEU A 206 0.15 27.95 3.33
C LEU A 206 -0.53 28.04 1.95
N ILE A 207 -1.77 27.57 1.85
CA ILE A 207 -2.43 27.48 0.57
C ILE A 207 -3.76 28.19 0.68
N ASN A 208 -3.99 29.17 -0.19
CA ASN A 208 -5.29 29.79 -0.25
C ASN A 208 -5.79 29.78 -1.69
N ALA A 209 -6.64 28.80 -1.98
CA ALA A 209 -7.38 28.81 -3.22
C ALA A 209 -8.88 28.97 -2.96
N CYS A 210 -9.29 29.69 -1.92
CA CYS A 210 -10.73 29.89 -1.73
C CYS A 210 -11.23 31.32 -2.05
N ARG A 211 -11.05 32.26 -1.14
CA ARG A 211 -11.41 33.65 -1.40
C ARG A 211 -10.23 34.51 -0.93
N GLY A 212 -9.93 35.57 -1.64
CA GLY A 212 -8.70 36.30 -1.39
C GLY A 212 -8.50 36.88 0.01
N PRO A 213 -9.52 37.56 0.55
CA PRO A 213 -9.43 38.22 1.85
C PRO A 213 -9.40 37.27 3.06
N VAL A 214 -9.54 35.97 2.84
CA VAL A 214 -9.38 35.00 3.92
C VAL A 214 -7.97 35.05 4.51
N VAL A 215 -7.01 35.40 3.69
CA VAL A 215 -5.64 35.63 4.12
C VAL A 215 -5.31 37.13 4.06
N ASP A 216 -4.77 37.70 5.14
CA ASP A 216 -4.34 39.10 5.09
C ASP A 216 -3.05 39.19 4.27
N ASN A 217 -3.18 39.65 3.03
CA ASN A 217 -2.10 39.64 2.07
C ASN A 217 -0.92 40.52 2.52
N ALA A 218 -1.22 41.70 3.07
CA ALA A 218 -0.16 42.58 3.54
C ALA A 218 0.62 41.97 4.71
N ALA A 219 -0.08 41.31 5.62
CA ALA A 219 0.59 40.72 6.76
C ALA A 219 1.44 39.54 6.31
N LEU A 220 0.91 38.76 5.36
CA LEU A 220 1.63 37.62 4.82
C LEU A 220 2.93 38.07 4.16
N LEU A 221 2.83 38.99 3.21
CA LEU A 221 4.00 39.67 2.68
C LEU A 221 5.03 40.08 3.75
N ALA A 222 4.58 40.70 4.83
CA ALA A 222 5.54 41.24 5.82
C ALA A 222 6.30 40.10 6.51
N ARG A 223 5.60 39.02 6.84
CA ARG A 223 6.23 37.84 7.45
C ARG A 223 7.26 37.15 6.51
N LEU A 224 6.91 37.02 5.24
CA LEU A 224 7.79 36.50 4.21
C LEU A 224 9.04 37.37 4.10
N ASN A 225 8.85 38.70 4.07
CA ASN A 225 9.97 39.64 4.02
C ASN A 225 10.87 39.66 5.25
N ALA A 226 10.33 39.29 6.42
CA ALA A 226 11.14 39.19 7.64
C ALA A 226 11.91 37.85 7.69
N GLY A 227 11.71 37.00 6.67
CA GLY A 227 12.41 35.73 6.59
C GLY A 227 11.74 34.55 7.28
N GLN A 228 10.43 34.62 7.56
CA GLN A 228 9.74 33.44 8.09
C GLN A 228 9.83 32.26 7.12
N PRO A 229 10.38 31.12 7.58
CA PRO A 229 10.52 29.92 6.77
C PRO A 229 9.14 29.40 6.42
N LEU A 230 8.65 29.81 5.26
CA LEU A 230 7.29 29.55 4.91
C LEU A 230 7.13 29.49 3.40
N SER A 231 6.47 28.45 2.91
CA SER A 231 6.10 28.38 1.49
C SER A 231 4.61 28.71 1.29
N VAL A 232 4.30 29.40 0.20
CA VAL A 232 2.95 29.88 -0.03
C VAL A 232 2.44 29.60 -1.42
N VAL A 233 1.21 29.14 -1.52
CA VAL A 233 0.54 28.96 -2.81
C VAL A 233 -0.74 29.77 -2.78
N LEU A 234 -0.88 30.77 -3.66
CA LEU A 234 -2.10 31.58 -3.72
C LEU A 234 -2.77 31.48 -5.08
N ASP A 235 -4.07 31.21 -5.08
CA ASP A 235 -4.78 31.32 -6.31
C ASP A 235 -5.73 32.49 -6.27
N VAL A 236 -5.94 33.06 -5.08
CA VAL A 236 -6.88 34.16 -4.90
C VAL A 236 -6.25 35.29 -4.08
N TRP A 237 -6.52 36.53 -4.45
CA TRP A 237 -5.77 37.68 -3.99
C TRP A 237 -6.72 38.71 -3.42
N GLU A 238 -6.30 39.44 -2.37
CA GLU A 238 -7.08 40.59 -1.90
C GLU A 238 -6.94 41.60 -2.98
N GLY A 239 -8.01 42.31 -3.30
CA GLY A 239 -7.92 43.39 -4.27
C GLY A 239 -8.00 43.00 -5.72
N GLU A 240 -8.22 41.71 -6.01
CA GLU A 240 -8.43 41.23 -7.38
C GLU A 240 -9.36 42.16 -8.07
N PRO A 241 -9.04 42.52 -9.33
CA PRO A 241 -7.87 42.17 -10.16
C PRO A 241 -6.51 42.80 -9.82
N ASP A 242 -6.46 43.83 -8.98
CA ASP A 242 -5.17 44.49 -8.70
C ASP A 242 -4.46 43.91 -7.47
N LEU A 243 -3.90 42.72 -7.65
CA LEU A 243 -3.20 42.02 -6.58
C LEU A 243 -1.95 42.74 -6.06
N ASN A 244 -1.50 42.28 -4.91
CA ASN A 244 -0.26 42.77 -4.37
C ASN A 244 0.89 42.06 -5.09
N VAL A 245 1.58 42.80 -5.95
CA VAL A 245 2.58 42.23 -6.85
C VAL A 245 3.85 41.83 -6.12
N ALA A 246 4.21 42.64 -5.13
CA ALA A 246 5.33 42.31 -4.27
C ALA A 246 5.06 40.97 -3.61
N LEU A 247 3.82 40.73 -3.20
CA LEU A 247 3.45 39.46 -2.62
C LEU A 247 3.58 38.30 -3.60
N LEU A 248 3.29 38.57 -4.88
CA LEU A 248 3.36 37.55 -5.89
C LEU A 248 4.81 37.10 -6.05
N GLU A 249 5.73 38.06 -5.92
CA GLU A 249 7.15 37.77 -6.12
C GLU A 249 7.68 36.93 -4.99
N ALA A 250 7.06 37.02 -3.82
CA ALA A 250 7.53 36.28 -2.65
C ALA A 250 6.86 34.92 -2.47
N VAL A 251 5.76 34.69 -3.19
CA VAL A 251 5.12 33.38 -3.11
C VAL A 251 5.68 32.32 -4.07
N ASP A 252 5.53 31.07 -3.67
CA ASP A 252 6.02 29.98 -4.48
C ASP A 252 5.14 29.72 -5.68
N ILE A 253 3.84 29.91 -5.51
CA ILE A 253 2.91 29.72 -6.62
C ILE A 253 1.80 30.73 -6.50
N GLY A 254 1.64 31.57 -7.51
CA GLY A 254 0.53 32.50 -7.55
C GLY A 254 -0.09 32.27 -8.92
N THR A 255 -1.42 32.31 -8.99
CA THR A 255 -2.10 32.10 -10.22
C THR A 255 -3.35 32.98 -10.12
N SER A 256 -3.99 33.19 -11.26
CA SER A 256 -5.02 34.19 -11.37
C SER A 256 -6.44 33.65 -11.17
N HIS A 257 -6.69 33.11 -9.99
CA HIS A 257 -8.04 32.65 -9.70
C HIS A 257 -8.54 31.71 -10.81
N ILE A 258 -7.71 30.72 -11.17
CA ILE A 258 -8.10 29.72 -12.15
C ILE A 258 -8.14 28.31 -11.59
N ALA A 259 -8.12 28.15 -10.27
CA ALA A 259 -7.96 26.79 -9.72
C ALA A 259 -9.16 25.91 -10.05
N GLY A 260 -10.33 26.53 -10.11
CA GLY A 260 -11.56 25.83 -10.42
C GLY A 260 -11.80 25.54 -11.90
N TYR A 261 -10.91 25.93 -12.79
CA TYR A 261 -11.25 25.89 -14.20
C TYR A 261 -10.84 24.60 -14.89
N THR A 262 -11.65 23.56 -14.86
CA THR A 262 -11.35 22.47 -15.78
C THR A 262 -12.45 22.33 -16.78
N LEU A 263 -12.17 21.65 -17.88
CA LEU A 263 -13.22 21.26 -18.82
C LEU A 263 -14.37 20.47 -18.16
N GLU A 264 -14.04 19.39 -17.46
CA GLU A 264 -15.01 18.61 -16.69
C GLU A 264 -15.83 19.52 -15.78
N GLY A 265 -15.16 20.51 -15.20
CA GLY A 265 -15.78 21.51 -14.35
C GLY A 265 -16.84 22.35 -15.02
N LYS A 266 -16.56 22.86 -16.22
CA LYS A 266 -17.56 23.65 -16.92
C LYS A 266 -18.71 22.73 -17.31
N ALA A 267 -18.40 21.52 -17.70
CA ALA A 267 -19.44 20.57 -18.10
C ALA A 267 -20.31 20.10 -16.94
N ARG A 268 -19.80 20.09 -15.72
CA ARG A 268 -20.60 19.67 -14.55
C ARG A 268 -21.57 20.77 -14.17
N GLY A 269 -21.20 22.02 -14.45
CA GLY A 269 -22.10 23.13 -14.25
C GLY A 269 -23.42 22.87 -14.95
N THR A 270 -23.33 22.49 -16.23
CA THR A 270 -24.46 22.29 -17.10
C THR A 270 -25.16 21.01 -16.74
N THR A 271 -24.34 20.03 -16.38
CA THR A 271 -24.80 18.70 -16.07
C THR A 271 -25.70 18.62 -14.84
N GLN A 272 -25.30 19.25 -13.74
CA GLN A 272 -26.06 19.20 -12.49
C GLN A 272 -27.42 19.92 -12.63
N VAL A 273 -27.37 21.10 -13.22
CA VAL A 273 -28.56 21.86 -13.52
C VAL A 273 -29.51 21.06 -14.46
N PHE A 274 -28.95 20.32 -15.40
CA PHE A 274 -29.77 19.41 -16.20
C PHE A 274 -30.46 18.37 -15.32
N GLU A 275 -29.72 17.76 -14.42
CA GLU A 275 -30.29 16.69 -13.60
C GLU A 275 -31.34 17.22 -12.64
N ALA A 276 -31.09 18.41 -12.10
CA ALA A 276 -32.06 19.02 -11.21
C ALA A 276 -33.30 19.33 -12.00
N TYR A 277 -33.11 19.90 -13.18
CA TYR A 277 -34.30 20.24 -13.96
C TYR A 277 -35.05 19.00 -14.38
N SER A 278 -34.33 17.97 -14.77
CA SER A 278 -34.98 16.72 -15.17
C SER A 278 -35.75 16.13 -14.00
N ALA A 279 -35.21 16.25 -12.79
CA ALA A 279 -35.95 15.80 -11.61
C ALA A 279 -37.15 16.71 -11.34
N PHE A 280 -36.97 18.00 -11.57
CA PHE A 280 -38.03 18.95 -11.30
C PHE A 280 -39.29 18.63 -12.11
N ILE A 281 -39.14 18.22 -13.37
CA ILE A 281 -40.31 17.96 -14.23
C ILE A 281 -40.70 16.48 -14.36
N GLY A 282 -40.41 15.68 -13.32
CA GLY A 282 -40.90 14.31 -13.24
C GLY A 282 -40.24 13.32 -14.19
N ARG A 283 -39.02 13.64 -14.61
CA ARG A 283 -38.34 12.84 -15.63
C ARG A 283 -36.86 12.64 -15.30
N GLU A 284 -36.58 12.32 -14.03
CA GLU A 284 -35.21 12.14 -13.55
C GLU A 284 -34.32 11.44 -14.58
N GLN A 285 -33.21 12.08 -14.92
CA GLN A 285 -32.25 11.52 -15.87
C GLN A 285 -30.83 11.81 -15.42
N ARG A 286 -29.91 10.88 -15.69
CA ARG A 286 -28.51 11.11 -15.44
C ARG A 286 -27.77 11.19 -16.77
N VAL A 287 -26.55 11.68 -16.77
CA VAL A 287 -25.80 11.85 -18.02
C VAL A 287 -24.34 11.43 -17.87
N ALA A 288 -23.93 10.47 -18.69
CA ALA A 288 -22.53 10.13 -18.78
C ALA A 288 -21.75 11.41 -19.07
N LEU A 289 -20.86 11.79 -18.15
CA LEU A 289 -20.01 12.96 -18.37
C LEU A 289 -19.03 12.71 -19.52
N GLU A 290 -18.55 11.45 -19.63
CA GLU A 290 -17.69 11.03 -20.73
C GLU A 290 -18.36 10.97 -22.13
N THR A 291 -19.69 10.97 -22.20
CA THR A 291 -20.36 11.06 -23.50
C THR A 291 -20.25 12.45 -24.08
N LEU A 292 -20.05 13.45 -23.22
CA LEU A 292 -20.07 14.84 -23.65
C LEU A 292 -18.68 15.34 -24.03
N LEU A 293 -17.70 14.97 -23.24
CA LEU A 293 -16.34 15.47 -23.41
C LEU A 293 -15.57 14.88 -24.59
N PRO A 294 -14.95 15.76 -25.39
CA PRO A 294 -13.98 15.39 -26.43
C PRO A 294 -12.79 14.67 -25.81
N ALA A 295 -12.20 13.74 -26.55
CA ALA A 295 -11.04 12.98 -26.08
C ALA A 295 -9.91 13.96 -25.70
N PRO A 296 -9.20 13.68 -24.60
CA PRO A 296 -8.09 14.57 -24.28
C PRO A 296 -6.89 14.21 -25.16
N GLU A 297 -5.89 15.06 -25.13
CA GLU A 297 -4.63 14.78 -25.81
C GLU A 297 -3.98 13.47 -25.42
N PHE A 298 -3.83 13.23 -24.12
CA PHE A 298 -3.26 11.99 -23.62
C PHE A 298 -4.32 11.22 -22.91
N GLY A 299 -4.73 10.12 -23.51
CA GLY A 299 -5.87 9.38 -23.01
C GLY A 299 -5.48 8.13 -22.25
N ARG A 300 -4.37 7.50 -22.63
CA ARG A 300 -4.01 6.23 -22.04
C ARG A 300 -2.54 6.15 -21.80
N ILE A 301 -2.13 5.52 -20.70
CA ILE A 301 -0.72 5.38 -20.37
C ILE A 301 -0.55 4.11 -19.52
N THR A 302 0.56 3.42 -19.69
CA THR A 302 0.91 2.27 -18.86
C THR A 302 1.86 2.67 -17.71
N LEU A 303 1.71 1.98 -16.59
CA LEU A 303 2.64 2.20 -15.50
C LEU A 303 3.26 0.88 -15.04
N HIS A 304 4.57 0.77 -15.09
CA HIS A 304 5.27 -0.42 -14.55
C HIS A 304 5.77 -0.14 -13.12
N GLY A 305 5.43 -1.01 -12.18
CA GLY A 305 5.90 -0.82 -10.81
C GLY A 305 4.99 -0.04 -9.86
N PRO A 306 5.40 0.01 -8.58
CA PRO A 306 4.63 0.71 -7.53
C PRO A 306 4.48 2.18 -7.82
N LEU A 307 3.47 2.80 -7.25
CA LEU A 307 3.38 4.21 -7.29
C LEU A 307 4.24 4.78 -6.17
N ASP A 308 5.17 5.66 -6.49
CA ASP A 308 5.85 6.41 -5.44
C ASP A 308 5.69 7.91 -5.73
N GLN A 309 6.28 8.75 -4.90
CA GLN A 309 6.12 10.20 -5.05
C GLN A 309 6.48 10.77 -6.44
N PRO A 310 7.68 10.46 -6.96
CA PRO A 310 8.05 11.01 -8.28
C PRO A 310 7.16 10.47 -9.40
N THR A 311 6.74 9.22 -9.28
CA THR A 311 5.82 8.63 -10.23
C THR A 311 4.45 9.33 -10.20
N LEU A 312 3.89 9.54 -9.01
CA LEU A 312 2.66 10.33 -8.88
C LEU A 312 2.83 11.75 -9.45
N LYS A 313 3.94 12.43 -9.12
CA LYS A 313 4.18 13.75 -9.65
C LYS A 313 4.19 13.78 -11.20
N ARG A 314 4.90 12.86 -11.83
CA ARG A 314 4.86 12.75 -13.29
C ARG A 314 3.45 12.50 -13.85
N LEU A 315 2.67 11.67 -13.18
CA LEU A 315 1.28 11.49 -13.58
C LEU A 315 0.41 12.75 -13.45
N ALA A 316 0.38 13.38 -12.30
CA ALA A 316 -0.47 14.57 -12.15
C ALA A 316 -0.06 15.68 -13.10
N HIS A 317 1.25 15.86 -13.23
CA HIS A 317 1.76 17.01 -14.01
C HIS A 317 1.65 16.75 -15.50
N LEU A 318 1.51 15.48 -15.89
CA LEU A 318 1.19 15.19 -17.27
C LEU A 318 -0.17 15.77 -17.57
N VAL A 319 -1.07 15.69 -16.60
CA VAL A 319 -2.40 16.26 -16.79
C VAL A 319 -2.48 17.78 -16.53
N TYR A 320 -1.96 18.20 -15.38
CA TYR A 320 -1.93 19.59 -15.02
C TYR A 320 -0.77 19.95 -14.10
N ASP A 321 0.14 20.78 -14.62
CA ASP A 321 1.29 21.30 -13.87
C ASP A 321 0.99 22.77 -13.57
N VAL A 322 0.71 23.06 -12.31
CA VAL A 322 0.36 24.40 -11.88
C VAL A 322 1.36 25.50 -12.35
N ARG A 323 2.62 25.14 -12.59
CA ARG A 323 3.59 26.14 -13.06
C ARG A 323 3.27 26.75 -14.40
N ARG A 324 2.44 26.06 -15.21
CA ARG A 324 2.05 26.65 -16.48
C ARG A 324 1.12 27.87 -16.30
N ASP A 325 0.41 27.97 -15.18
CA ASP A 325 -0.42 29.16 -14.92
C ASP A 325 0.32 30.22 -14.05
N ASP A 326 1.28 29.79 -13.23
CA ASP A 326 2.10 30.68 -12.42
C ASP A 326 2.96 31.58 -13.30
N ALA A 327 3.62 30.97 -14.29
CA ALA A 327 4.58 31.72 -15.09
C ALA A 327 3.99 32.91 -15.85
N PRO A 328 2.83 32.72 -16.52
CA PRO A 328 2.26 33.88 -17.24
C PRO A 328 1.69 34.97 -16.34
N LEU A 329 1.34 34.62 -15.11
CA LEU A 329 0.86 35.63 -14.20
C LEU A 329 2.06 36.48 -13.75
N ARG A 330 3.22 35.87 -13.56
CA ARG A 330 4.38 36.67 -13.16
C ARG A 330 4.79 37.63 -14.28
N LYS A 331 4.54 37.23 -15.52
CA LYS A 331 4.99 38.04 -16.64
C LYS A 331 4.17 39.34 -16.78
N VAL A 332 2.93 39.37 -16.29
CA VAL A 332 2.04 40.50 -16.57
C VAL A 332 1.33 41.13 -15.36
N ALA A 333 1.70 40.73 -14.16
CA ALA A 333 0.89 41.04 -12.96
C ALA A 333 0.57 42.51 -12.67
N GLY A 334 1.55 43.42 -12.84
CA GLY A 334 1.30 44.86 -12.53
C GLY A 334 0.70 45.72 -13.65
N ILE A 335 0.22 45.05 -14.69
CA ILE A 335 -0.31 45.67 -15.89
C ILE A 335 -1.85 45.58 -15.86
N PRO A 336 -2.53 46.73 -15.72
CA PRO A 336 -4.01 46.75 -15.61
C PRO A 336 -4.73 46.09 -16.81
N GLY A 337 -5.63 45.15 -16.52
CA GLY A 337 -6.39 44.44 -17.53
C GLY A 337 -5.90 43.01 -17.75
N GLU A 338 -4.67 42.76 -17.32
CA GLU A 338 -3.98 41.56 -17.73
C GLU A 338 -4.39 40.33 -16.93
N PHE A 339 -4.64 40.52 -15.63
CA PHE A 339 -5.08 39.45 -14.74
C PHE A 339 -6.37 38.85 -15.29
N ASP A 340 -7.31 39.73 -15.64
CA ASP A 340 -8.60 39.35 -16.19
C ASP A 340 -8.47 38.76 -17.57
N LYS A 341 -7.50 39.26 -18.33
CA LYS A 341 -7.23 38.70 -19.63
C LYS A 341 -6.74 37.25 -19.54
N LEU A 342 -5.97 36.90 -18.50
CA LEU A 342 -5.51 35.52 -18.36
C LEU A 342 -6.63 34.57 -17.94
N ARG A 343 -7.64 35.08 -17.24
CA ARG A 343 -8.82 34.27 -16.94
C ARG A 343 -9.71 34.04 -18.16
N LYS A 344 -9.96 35.09 -18.93
CA LYS A 344 -10.78 34.97 -20.12
C LYS A 344 -10.11 34.02 -21.11
N ASN A 345 -8.81 34.14 -21.24
CA ASN A 345 -8.03 33.36 -22.21
C ASN A 345 -7.60 32.03 -21.65
N TYR A 346 -8.10 31.66 -20.48
CA TYR A 346 -7.62 30.43 -19.85
C TYR A 346 -7.56 29.20 -20.78
N LEU A 347 -6.41 28.52 -20.77
CA LEU A 347 -6.21 27.37 -21.65
C LEU A 347 -6.84 26.10 -21.11
N GLU A 348 -7.26 25.24 -22.03
CA GLU A 348 -7.96 24.00 -21.70
C GLU A 348 -7.20 23.20 -20.63
N ARG A 349 -7.89 22.82 -19.56
N ARG A 349 -7.93 22.74 -19.62
CA ARG A 349 -7.31 21.88 -18.60
CA ARG A 349 -7.36 21.92 -18.56
C ARG A 349 -8.25 20.71 -18.27
C ARG A 349 -8.26 20.71 -18.22
N ARG A 350 -7.69 19.51 -18.22
CA ARG A 350 -8.47 18.30 -17.89
C ARG A 350 -8.25 17.87 -16.44
N GLU A 351 -9.10 16.96 -15.99
CA GLU A 351 -8.96 16.36 -14.69
C GLU A 351 -8.28 14.99 -14.75
N TRP A 352 -7.77 14.54 -13.61
CA TRP A 352 -7.03 13.28 -13.58
C TRP A 352 -7.85 12.10 -14.16
N SER A 353 -9.18 12.18 -14.11
CA SER A 353 -10.02 11.03 -14.50
C SER A 353 -10.05 10.85 -16.01
N SER A 354 -9.56 11.84 -16.73
CA SER A 354 -9.50 11.79 -18.19
C SER A 354 -8.35 10.95 -18.64
N LEU A 355 -7.52 10.51 -17.70
CA LEU A 355 -6.30 9.77 -18.01
C LEU A 355 -6.46 8.34 -17.52
N TYR A 356 -6.39 7.44 -18.48
CA TYR A 356 -6.55 6.04 -18.21
C TYR A 356 -5.18 5.42 -17.94
N VAL A 357 -4.97 4.96 -16.71
CA VAL A 357 -3.67 4.34 -16.32
C VAL A 357 -3.70 2.81 -16.17
N CYS A 359 -1.84 -0.33 -14.92
CA CYS A 359 -0.82 -0.66 -13.96
C CYS A 359 -0.57 -2.15 -13.93
N ASP A 360 0.70 -2.58 -13.98
CA ASP A 360 0.98 -3.98 -13.70
C ASP A 360 1.02 -4.23 -12.20
N ASP A 361 0.98 -3.17 -11.41
CA ASP A 361 1.02 -3.30 -9.98
C ASP A 361 -0.37 -3.03 -9.38
N GLU A 362 -0.85 -3.97 -8.59
CA GLU A 362 -2.19 -3.98 -8.05
C GLU A 362 -2.38 -2.80 -7.09
N THR A 363 -1.43 -2.60 -6.21
CA THR A 363 -1.47 -1.47 -5.28
C THR A 363 -1.43 -0.09 -5.95
N ALA A 364 -0.66 0.06 -7.02
CA ALA A 364 -0.59 1.35 -7.70
C ALA A 364 -1.95 1.69 -8.31
N ALA A 365 -2.64 0.68 -8.85
CA ALA A 365 -3.94 0.88 -9.45
C ALA A 365 -5.00 1.25 -8.38
N ALA A 366 -4.96 0.54 -7.26
CA ALA A 366 -5.89 0.83 -6.17
C ALA A 366 -5.70 2.25 -5.67
N LEU A 367 -4.45 2.66 -5.54
CA LEU A 367 -4.13 4.00 -5.07
C LEU A 367 -4.51 5.07 -6.10
N LEU A 368 -4.11 4.86 -7.35
CA LEU A 368 -4.46 5.80 -8.41
C LEU A 368 -5.95 6.05 -8.53
N CYS A 369 -6.75 4.98 -8.45
CA CYS A 369 -8.22 5.13 -8.47
C CYS A 369 -8.73 5.95 -7.32
N LYS A 370 -8.17 5.77 -6.13
CA LYS A 370 -8.64 6.52 -5.00
C LYS A 370 -8.21 7.99 -5.09
N LEU A 371 -7.11 8.25 -5.81
CA LEU A 371 -6.72 9.62 -6.10
C LEU A 371 -7.56 10.27 -7.21
N GLY A 372 -8.32 9.48 -7.97
CA GLY A 372 -9.21 10.03 -8.99
C GLY A 372 -8.75 9.89 -10.43
N PHE A 373 -7.65 9.17 -10.66
CA PHE A 373 -7.28 8.70 -12.00
C PHE A 373 -8.19 7.54 -12.44
N ASN A 374 -8.38 7.38 -13.75
CA ASN A 374 -9.02 6.20 -14.27
C ASN A 374 -8.01 5.07 -14.43
N ALA A 375 -7.61 4.46 -13.31
CA ALA A 375 -6.59 3.42 -13.30
C ALA A 375 -7.11 1.95 -13.22
N VAL A 376 -6.41 1.05 -13.89
CA VAL A 376 -6.82 -0.36 -13.84
C VAL A 376 -5.56 -1.17 -13.63
N HIS A 377 -5.73 -2.42 -13.19
CA HIS A 377 -4.63 -3.34 -13.00
C HIS A 377 -4.63 -4.36 -14.11
N HIS A 378 -3.45 -4.56 -14.70
CA HIS A 378 -3.27 -5.54 -15.77
C HIS A 378 -2.46 -6.72 -15.23
N PRO A 379 -3.15 -7.84 -14.92
CA PRO A 379 -2.58 -9.08 -14.39
C PRO A 379 -1.36 -9.54 -15.15
N SER B 1 20.02 -2.42 -59.21
CA SER B 1 19.39 -3.60 -58.61
C SER B 1 20.00 -3.92 -57.24
N ASN B 2 19.85 -3.01 -56.30
CA ASN B 2 20.32 -3.19 -54.92
C ASN B 2 19.23 -3.37 -53.87
N ALA B 3 18.11 -3.95 -54.29
CA ALA B 3 17.02 -4.21 -53.38
C ALA B 3 16.26 -5.42 -53.91
N LYS B 5 13.16 -7.81 -55.02
CA LYS B 5 11.78 -7.93 -55.48
C LYS B 5 11.08 -9.10 -54.78
N ILE B 6 9.91 -8.83 -54.20
CA ILE B 6 9.20 -9.80 -53.38
C ILE B 6 7.77 -9.99 -53.88
N LEU B 7 7.42 -11.22 -54.24
CA LEU B 7 6.05 -11.51 -54.66
C LEU B 7 5.36 -12.00 -53.43
N VAL B 8 4.06 -11.72 -53.33
CA VAL B 8 3.29 -12.12 -52.20
C VAL B 8 1.86 -12.49 -52.62
N ASP B 9 1.33 -13.57 -52.08
CA ASP B 9 -0.07 -13.88 -52.34
C ASP B 9 -0.92 -12.66 -52.01
N GLU B 10 -1.82 -12.31 -52.92
CA GLU B 10 -2.62 -11.11 -52.85
C GLU B 10 -3.66 -11.15 -51.73
N ASN B 11 -3.93 -12.34 -51.20
CA ASN B 11 -4.85 -12.40 -50.07
C ASN B 11 -4.11 -12.50 -48.74
N PRO B 13 -2.79 -10.98 -45.70
CA PRO B 13 -3.16 -9.70 -45.09
C PRO B 13 -1.93 -8.94 -44.63
N TYR B 14 -1.83 -7.67 -45.00
CA TYR B 14 -0.75 -6.83 -44.54
C TYR B 14 0.61 -7.11 -45.20
N ALA B 15 0.63 -7.95 -46.24
CA ALA B 15 1.88 -8.22 -46.96
C ALA B 15 2.54 -7.00 -47.65
N ARG B 16 1.74 -6.17 -48.30
CA ARG B 16 2.24 -4.99 -49.00
C ARG B 16 2.86 -4.09 -47.91
N GLU B 17 2.06 -3.79 -46.88
CA GLU B 17 2.47 -2.85 -45.85
C GLU B 17 3.65 -3.32 -44.99
N LEU B 18 3.80 -4.63 -44.80
CA LEU B 18 4.97 -5.14 -44.07
C LEU B 18 6.22 -5.27 -44.94
N PHE B 19 6.10 -6.04 -46.02
CA PHE B 19 7.26 -6.37 -46.84
C PHE B 19 7.84 -5.18 -47.62
N SER B 20 7.10 -4.09 -47.73
CA SER B 20 7.73 -2.90 -48.34
C SER B 20 8.66 -2.13 -47.38
N ARG B 21 9.06 -2.75 -46.26
CA ARG B 21 10.14 -2.19 -45.47
C ARG B 21 11.40 -3.01 -45.73
N LEU B 22 11.30 -3.95 -46.67
CA LEU B 22 12.40 -4.85 -47.00
C LEU B 22 12.70 -4.96 -48.51
N GLY B 23 11.88 -4.33 -49.35
CA GLY B 23 11.97 -4.51 -50.80
C GLY B 23 10.76 -3.96 -51.55
N GLU B 24 10.71 -4.23 -52.85
CA GLU B 24 9.57 -3.89 -53.66
C GLU B 24 8.66 -5.11 -53.70
N VAL B 25 7.37 -4.88 -53.47
CA VAL B 25 6.43 -5.96 -53.31
C VAL B 25 5.51 -6.01 -54.52
N LYS B 26 5.26 -7.20 -55.06
CA LYS B 26 4.17 -7.35 -56.05
C LYS B 26 3.11 -8.41 -55.65
N ALA B 27 1.90 -7.94 -55.41
CA ALA B 27 0.76 -8.79 -55.06
C ALA B 27 0.20 -9.52 -56.27
N VAL B 28 0.09 -10.83 -56.15
CA VAL B 28 -0.26 -11.72 -57.25
C VAL B 28 -1.35 -12.71 -56.81
N PRO B 29 -2.04 -13.36 -57.77
CA PRO B 29 -3.00 -14.40 -57.45
C PRO B 29 -2.35 -15.75 -57.09
N GLY B 30 -3.10 -16.60 -56.41
CA GLY B 30 -2.59 -17.87 -55.93
C GLY B 30 -2.63 -18.94 -57.00
N PRO B 32 -3.37 -19.64 -59.65
CA PRO B 32 -2.47 -19.86 -60.77
C PRO B 32 -1.54 -18.66 -61.00
N ILE B 33 -0.31 -18.74 -60.50
CA ILE B 33 0.65 -17.64 -60.65
C ILE B 33 1.18 -17.53 -62.06
N VAL B 35 3.34 -17.13 -64.43
CA VAL B 35 4.74 -17.44 -64.74
C VAL B 35 5.54 -16.19 -65.09
N GLU B 36 4.88 -15.29 -65.82
CA GLU B 36 5.47 -14.02 -66.27
C GLU B 36 6.25 -13.32 -65.16
N GLU B 37 5.60 -13.12 -64.01
CA GLU B 37 6.18 -12.37 -62.88
C GLU B 37 7.07 -13.24 -61.99
N LEU B 38 6.83 -14.54 -62.01
CA LEU B 38 7.67 -15.48 -61.28
C LEU B 38 9.13 -15.39 -61.75
N ASN B 39 9.31 -15.48 -63.07
CA ASN B 39 10.64 -15.43 -63.67
C ASN B 39 11.46 -14.20 -63.32
N HIS B 40 10.78 -13.18 -62.80
CA HIS B 40 11.42 -11.92 -62.44
C HIS B 40 11.29 -11.57 -60.94
N ALA B 41 11.36 -12.57 -60.05
CA ALA B 41 11.29 -12.29 -58.60
C ALA B 41 12.45 -12.87 -57.78
N ASP B 42 12.69 -12.29 -56.59
CA ASP B 42 13.75 -12.78 -55.69
C ASP B 42 13.24 -13.60 -54.49
N ALA B 43 12.10 -13.20 -53.93
CA ALA B 43 11.49 -13.94 -52.83
C ALA B 43 10.02 -14.18 -53.09
N LEU B 44 9.54 -15.30 -52.55
CA LEU B 44 8.15 -15.69 -52.72
C LEU B 44 7.55 -16.00 -51.35
N VAL B 46 4.04 -17.35 -49.82
CA VAL B 46 2.82 -18.01 -50.27
C VAL B 46 1.86 -18.38 -49.13
N ARG B 47 0.64 -18.75 -49.51
CA ARG B 47 -0.32 -19.41 -48.63
C ARG B 47 -0.44 -20.87 -49.08
N SER B 48 -1.23 -21.68 -48.37
CA SER B 48 -1.31 -23.11 -48.69
C SER B 48 -1.59 -23.39 -50.19
N VAL B 49 -2.61 -22.75 -50.74
CA VAL B 49 -3.05 -22.97 -52.13
C VAL B 49 -1.95 -23.08 -53.17
N THR B 50 -0.79 -22.47 -52.93
CA THR B 50 0.27 -22.50 -53.93
C THR B 50 1.28 -23.63 -53.72
N LYS B 51 1.18 -24.66 -54.55
CA LYS B 51 2.12 -25.78 -54.49
C LYS B 51 3.52 -25.28 -54.83
N VAL B 52 4.42 -25.33 -53.86
CA VAL B 52 5.80 -24.92 -54.08
C VAL B 52 6.65 -26.12 -54.35
N ASN B 53 6.87 -26.40 -55.63
CA ASN B 53 7.75 -27.48 -56.08
C ASN B 53 8.77 -26.99 -57.13
N GLU B 54 9.33 -27.93 -57.88
CA GLU B 54 10.33 -27.62 -58.90
C GLU B 54 9.70 -26.95 -60.11
N SER B 55 8.56 -27.49 -60.53
CA SER B 55 7.83 -27.01 -61.70
C SER B 55 7.28 -25.59 -61.54
N LEU B 56 7.19 -25.11 -60.30
CA LEU B 56 6.80 -23.72 -60.07
C LEU B 56 8.04 -22.83 -60.11
N LEU B 57 9.09 -23.28 -59.44
CA LEU B 57 10.28 -22.43 -59.28
C LEU B 57 11.32 -22.60 -60.38
N SER B 58 11.85 -23.79 -60.60
CA SER B 58 12.93 -23.98 -61.57
C SER B 58 12.78 -23.07 -62.79
N GLY B 59 13.78 -22.25 -63.06
CA GLY B 59 13.69 -21.26 -64.12
C GLY B 59 13.43 -19.84 -63.64
N THR B 60 13.42 -19.64 -62.32
CA THR B 60 13.26 -18.29 -61.73
C THR B 60 14.44 -17.94 -60.82
N PRO B 61 14.66 -16.63 -60.54
CA PRO B 61 15.73 -16.31 -59.61
C PRO B 61 15.32 -16.59 -58.15
N ILE B 62 14.04 -16.83 -57.92
CA ILE B 62 13.48 -16.89 -56.55
C ILE B 62 14.42 -17.57 -55.56
N ASN B 63 14.82 -16.81 -54.55
CA ASN B 63 15.85 -17.25 -53.63
C ASN B 63 15.30 -17.61 -52.25
N PHE B 64 14.06 -17.19 -51.98
CA PHE B 64 13.45 -17.49 -50.68
C PHE B 64 11.96 -17.77 -50.79
N VAL B 65 11.52 -18.77 -50.01
CA VAL B 65 10.11 -19.06 -49.89
C VAL B 65 9.77 -18.96 -48.43
N GLY B 66 8.86 -18.05 -48.13
CA GLY B 66 8.30 -17.87 -46.80
C GLY B 66 6.86 -18.23 -47.03
N THR B 67 6.32 -19.05 -46.14
CA THR B 67 4.91 -19.43 -46.22
C THR B 67 4.15 -18.95 -45.00
N ALA B 68 3.05 -18.25 -45.24
CA ALA B 68 2.34 -17.60 -44.18
C ALA B 68 1.40 -18.61 -43.58
N THR B 69 1.94 -19.76 -43.21
CA THR B 69 1.13 -20.88 -42.75
C THR B 69 1.81 -21.69 -41.65
N ALA B 70 1.02 -22.50 -40.97
CA ALA B 70 1.51 -23.41 -39.94
C ALA B 70 2.02 -24.70 -40.59
N GLY B 71 1.19 -25.29 -41.46
CA GLY B 71 1.55 -26.49 -42.21
C GLY B 71 2.41 -26.21 -43.43
N THR B 72 3.01 -27.25 -43.99
CA THR B 72 4.00 -27.07 -45.07
C THR B 72 3.81 -28.08 -46.20
N ASP B 73 2.62 -28.67 -46.29
CA ASP B 73 2.33 -29.76 -47.22
C ASP B 73 2.27 -29.35 -48.70
N HIS B 74 2.05 -28.07 -48.97
CA HIS B 74 2.12 -27.54 -50.33
C HIS B 74 3.57 -27.29 -50.73
N VAL B 75 4.47 -27.52 -49.78
CA VAL B 75 5.89 -27.19 -49.93
C VAL B 75 6.78 -28.42 -50.01
N ASP B 76 7.53 -28.50 -51.12
CA ASP B 76 8.61 -29.46 -51.27
C ASP B 76 9.86 -28.85 -50.61
N GLU B 77 9.84 -28.78 -49.26
CA GLU B 77 10.97 -28.28 -48.46
C GLU B 77 12.24 -29.03 -48.83
N ALA B 78 12.06 -30.25 -49.32
CA ALA B 78 13.17 -31.13 -49.65
C ALA B 78 13.82 -30.74 -50.96
N TRP B 79 13.05 -30.21 -51.90
CA TRP B 79 13.65 -29.69 -53.14
C TRP B 79 14.15 -28.25 -52.98
N LEU B 80 13.49 -27.48 -52.13
CA LEU B 80 13.94 -26.14 -51.80
C LEU B 80 15.37 -26.17 -51.21
N LYS B 81 15.55 -26.87 -50.10
CA LYS B 81 16.86 -27.17 -49.52
C LYS B 81 17.83 -27.55 -50.63
N GLN B 82 17.50 -28.64 -51.32
CA GLN B 82 18.22 -29.12 -52.51
C GLN B 82 18.65 -28.04 -53.49
N ALA B 83 17.73 -27.15 -53.85
CA ALA B 83 18.06 -26.12 -54.83
C ALA B 83 18.73 -24.90 -54.19
N GLY B 84 19.04 -24.96 -52.89
CA GLY B 84 19.61 -23.81 -52.18
C GLY B 84 18.62 -22.66 -52.06
N ILE B 85 17.35 -22.97 -51.80
CA ILE B 85 16.34 -21.93 -51.67
C ILE B 85 15.86 -21.82 -50.21
N GLY B 86 16.16 -20.69 -49.57
CA GLY B 86 15.75 -20.46 -48.20
C GLY B 86 14.26 -20.59 -47.98
N PHE B 87 13.87 -21.28 -46.90
CA PHE B 87 12.46 -21.53 -46.58
C PHE B 87 12.09 -21.18 -45.12
N SER B 88 10.91 -20.60 -44.92
CA SER B 88 10.36 -20.40 -43.57
C SER B 88 8.84 -20.34 -43.47
N ALA B 89 8.32 -21.00 -42.44
CA ALA B 89 6.89 -21.07 -42.20
C ALA B 89 6.52 -20.21 -41.00
N ALA B 90 5.25 -20.26 -40.60
CA ALA B 90 4.78 -19.59 -39.39
C ALA B 90 4.13 -20.55 -38.37
N PRO B 91 4.93 -21.47 -37.78
CA PRO B 91 4.33 -22.43 -36.86
C PRO B 91 3.61 -21.76 -35.70
N GLY B 92 2.43 -22.27 -35.37
CA GLY B 92 1.65 -21.69 -34.27
C GLY B 92 0.85 -20.48 -34.63
N CYS B 93 0.99 -19.95 -35.86
CA CYS B 93 0.22 -18.76 -36.24
C CYS B 93 -1.28 -18.89 -35.98
N ASN B 94 -1.82 -20.09 -36.16
CA ASN B 94 -3.22 -20.36 -36.02
C ASN B 94 -3.55 -21.28 -34.83
N ALA B 95 -2.58 -21.50 -33.95
CA ALA B 95 -2.77 -22.34 -32.77
C ALA B 95 -3.85 -21.81 -31.82
N ILE B 96 -3.85 -20.50 -31.56
CA ILE B 96 -4.83 -19.92 -30.69
C ILE B 96 -6.24 -20.08 -31.28
N ALA B 97 -6.34 -19.99 -32.59
CA ALA B 97 -7.62 -20.17 -33.25
C ALA B 97 -8.18 -21.56 -32.96
N VAL B 98 -7.35 -22.58 -33.13
CA VAL B 98 -7.85 -23.92 -32.95
C VAL B 98 -8.28 -24.12 -31.48
N VAL B 99 -7.50 -23.56 -30.53
CA VAL B 99 -7.80 -23.73 -29.10
C VAL B 99 -9.14 -23.11 -28.75
N GLU B 100 -9.43 -21.97 -29.37
CA GLU B 100 -10.64 -21.24 -29.04
C GLU B 100 -11.82 -21.85 -29.76
N TYR B 101 -11.53 -22.65 -30.80
CA TYR B 101 -12.54 -23.46 -31.46
C TYR B 101 -12.91 -24.62 -30.54
N VAL B 102 -11.89 -25.28 -30.00
CA VAL B 102 -12.07 -26.36 -29.05
C VAL B 102 -12.88 -25.92 -27.82
N PHE B 103 -12.58 -24.74 -27.29
CA PHE B 103 -13.28 -24.28 -26.09
C PHE B 103 -14.68 -23.94 -26.43
N SER B 104 -14.89 -23.32 -27.59
CA SER B 104 -16.26 -23.02 -28.03
C SER B 104 -17.14 -24.28 -28.08
N ALA B 105 -16.60 -25.39 -28.57
CA ALA B 105 -17.36 -26.66 -28.68
C ALA B 105 -17.58 -27.31 -27.34
N LEU B 106 -16.53 -27.29 -26.49
CA LEU B 106 -16.62 -27.84 -25.14
C LEU B 106 -17.64 -27.12 -24.30
N LEU B 107 -17.66 -25.80 -24.37
CA LEU B 107 -18.57 -25.00 -23.56
C LEU B 107 -19.98 -25.17 -24.07
N LEU B 109 -21.06 -28.00 -25.57
CA LEU B 109 -21.40 -29.34 -25.07
C LEU B 109 -21.67 -29.43 -23.55
N ALA B 110 -20.93 -28.66 -22.75
CA ALA B 110 -21.11 -28.67 -21.30
C ALA B 110 -22.48 -28.13 -20.89
N GLU B 111 -22.91 -27.05 -21.54
CA GLU B 111 -24.27 -26.54 -21.36
C GLU B 111 -25.28 -27.54 -21.93
N ARG B 112 -25.09 -27.95 -23.17
CA ARG B 112 -26.03 -28.96 -23.71
C ARG B 112 -26.28 -30.17 -22.78
N ASP B 113 -25.24 -30.73 -22.18
CA ASP B 113 -25.41 -32.02 -21.51
C ASP B 113 -25.36 -31.86 -20.00
N GLY B 114 -25.28 -30.61 -19.56
CA GLY B 114 -25.35 -30.30 -18.14
C GLY B 114 -24.17 -30.82 -17.35
N PHE B 115 -22.92 -30.58 -17.77
CA PHE B 115 -21.78 -30.89 -16.89
C PHE B 115 -20.83 -29.73 -16.71
N SER B 116 -20.06 -29.77 -15.65
CA SER B 116 -19.02 -28.77 -15.43
C SER B 116 -17.68 -29.25 -16.02
N LEU B 117 -16.91 -28.38 -16.68
CA LEU B 117 -15.69 -28.82 -17.32
C LEU B 117 -14.71 -29.35 -16.30
N ARG B 118 -14.71 -28.75 -15.12
CA ARG B 118 -13.84 -29.18 -14.06
C ARG B 118 -14.12 -30.59 -13.53
N ASP B 119 -15.15 -31.27 -14.02
CA ASP B 119 -15.36 -32.67 -13.61
C ASP B 119 -14.99 -33.63 -14.73
N ARG B 120 -14.31 -33.08 -15.73
CA ARG B 120 -13.91 -33.85 -16.90
C ARG B 120 -12.40 -33.96 -16.87
N THR B 121 -11.91 -35.04 -17.43
CA THR B 121 -10.50 -35.22 -17.70
C THR B 121 -10.29 -35.08 -19.19
N ILE B 122 -9.35 -34.22 -19.56
CA ILE B 122 -9.08 -33.97 -20.95
C ILE B 122 -7.73 -34.56 -21.35
N GLY B 123 -7.73 -35.40 -22.36
CA GLY B 123 -6.49 -35.97 -22.87
C GLY B 123 -6.12 -35.28 -24.17
N ILE B 124 -4.87 -34.82 -24.23
CA ILE B 124 -4.41 -34.08 -25.36
C ILE B 124 -3.40 -34.95 -26.06
N VAL B 125 -3.74 -35.35 -27.28
CA VAL B 125 -2.84 -36.15 -28.07
C VAL B 125 -2.13 -35.21 -29.01
N GLY B 126 -0.81 -35.14 -28.83
CA GLY B 126 0.02 -34.24 -29.64
C GLY B 126 0.09 -32.90 -28.93
N VAL B 127 1.24 -32.55 -28.37
CA VAL B 127 1.29 -31.34 -27.55
C VAL B 127 2.26 -30.33 -28.11
N GLY B 128 1.98 -29.89 -29.34
CA GLY B 128 2.88 -28.98 -30.05
C GLY B 128 2.39 -27.58 -29.86
N ASN B 129 2.33 -26.81 -30.92
CA ASN B 129 1.86 -25.44 -30.84
C ASN B 129 0.41 -25.30 -30.41
N VAL B 130 -0.47 -26.13 -30.99
CA VAL B 130 -1.85 -26.12 -30.53
C VAL B 130 -2.00 -26.80 -29.18
N GLY B 131 -1.55 -28.05 -29.08
CA GLY B 131 -1.80 -28.83 -27.86
C GLY B 131 -1.22 -28.21 -26.62
N SER B 132 -0.06 -27.58 -26.74
CA SER B 132 0.51 -26.93 -25.55
C SER B 132 -0.18 -25.64 -25.14
N ARG B 133 -0.68 -24.86 -26.10
CA ARG B 133 -1.49 -23.71 -25.72
C ARG B 133 -2.85 -24.14 -25.11
N LEU B 134 -3.37 -25.29 -25.52
CA LEU B 134 -4.63 -25.78 -24.96
C LEU B 134 -4.38 -26.15 -23.52
N GLN B 135 -3.24 -26.80 -23.30
CA GLN B 135 -2.80 -27.21 -21.95
C GLN B 135 -2.74 -26.05 -20.98
N THR B 136 -2.04 -25.01 -21.36
CA THR B 136 -1.91 -23.80 -20.56
C THR B 136 -3.27 -23.29 -20.07
N ARG B 137 -4.24 -23.28 -20.98
CA ARG B 137 -5.51 -22.67 -20.67
C ARG B 137 -6.34 -23.58 -19.78
N LEU B 138 -6.28 -24.90 -19.99
CA LEU B 138 -6.99 -25.85 -19.12
C LEU B 138 -6.40 -25.85 -17.71
N GLU B 139 -5.06 -25.85 -17.61
CA GLU B 139 -4.43 -25.73 -16.27
C GLU B 139 -4.87 -24.45 -15.57
N ALA B 140 -5.05 -23.34 -16.28
CA ALA B 140 -5.52 -22.15 -15.58
C ALA B 140 -6.96 -22.38 -15.02
N LEU B 141 -7.75 -23.16 -15.73
CA LEU B 141 -9.10 -23.42 -15.26
C LEU B 141 -9.13 -24.49 -14.17
N GLY B 142 -7.97 -25.04 -13.82
CA GLY B 142 -7.94 -26.17 -12.88
C GLY B 142 -8.60 -27.44 -13.43
N ILE B 143 -8.57 -27.63 -14.74
CA ILE B 143 -9.15 -28.81 -15.35
C ILE B 143 -8.06 -29.88 -15.55
N ARG B 144 -8.39 -31.07 -15.09
CA ARG B 144 -7.48 -32.17 -15.07
C ARG B 144 -7.16 -32.60 -16.51
N THR B 145 -5.89 -32.66 -16.88
CA THR B 145 -5.51 -32.86 -18.27
C THR B 145 -4.32 -33.80 -18.40
N LEU B 146 -4.35 -34.72 -19.35
CA LEU B 146 -3.27 -35.67 -19.50
C LEU B 146 -2.65 -35.48 -20.88
N LEU B 147 -1.35 -35.68 -20.96
CA LEU B 147 -0.61 -35.40 -22.16
C LEU B 147 0.01 -36.66 -22.79
N CYS B 148 -0.12 -36.78 -24.10
CA CYS B 148 0.49 -37.86 -24.83
C CYS B 148 1.23 -37.24 -25.97
N ASP B 149 2.54 -37.44 -26.02
CA ASP B 149 3.37 -36.87 -27.09
C ASP B 149 4.69 -37.60 -27.13
N PRO B 150 4.70 -38.76 -27.82
CA PRO B 150 5.88 -39.62 -27.74
C PRO B 150 7.17 -39.02 -28.31
N PRO B 151 7.10 -38.28 -29.45
CA PRO B 151 8.37 -37.65 -29.90
C PRO B 151 8.92 -36.66 -28.88
N ARG B 152 8.08 -35.87 -28.25
CA ARG B 152 8.61 -34.93 -27.27
C ARG B 152 9.20 -35.70 -26.08
N ALA B 153 8.47 -36.73 -25.62
CA ALA B 153 8.92 -37.56 -24.49
C ALA B 153 10.26 -38.20 -24.77
N ALA B 154 10.35 -38.93 -25.89
CA ALA B 154 11.61 -39.56 -26.31
C ALA B 154 12.75 -38.56 -26.44
N ARG B 155 12.40 -37.34 -26.84
CA ARG B 155 13.39 -36.27 -27.04
C ARG B 155 14.00 -35.81 -25.71
N GLY B 156 13.35 -36.15 -24.60
CA GLY B 156 13.83 -35.78 -23.26
C GLY B 156 13.22 -34.51 -22.72
N ASP B 157 12.18 -34.02 -23.37
CA ASP B 157 11.46 -32.83 -22.94
C ASP B 157 10.88 -32.98 -21.54
N GLU B 158 10.91 -31.91 -20.75
CA GLU B 158 10.20 -31.96 -19.48
C GLU B 158 8.71 -32.03 -19.70
N GLY B 159 8.01 -32.64 -18.75
CA GLY B 159 6.58 -32.78 -18.87
C GLY B 159 6.18 -34.19 -18.59
N ASP B 160 4.92 -34.36 -18.23
CA ASP B 160 4.39 -35.62 -17.77
C ASP B 160 3.79 -36.34 -18.96
N PHE B 161 4.60 -36.97 -19.80
CA PHE B 161 4.04 -37.56 -21.01
C PHE B 161 3.51 -38.99 -20.77
N ARG B 162 2.24 -39.25 -21.13
CA ARG B 162 1.65 -40.58 -20.90
C ARG B 162 1.40 -41.31 -22.21
N THR B 163 1.16 -42.61 -22.14
CA THR B 163 0.85 -43.37 -23.33
C THR B 163 -0.56 -43.11 -23.78
N LEU B 164 -0.80 -43.37 -25.05
CA LEU B 164 -2.12 -43.19 -25.59
C LEU B 164 -3.15 -44.08 -24.86
N ASP B 165 -2.85 -45.35 -24.65
CA ASP B 165 -3.74 -46.21 -23.85
C ASP B 165 -4.18 -45.59 -22.49
N GLU B 166 -3.25 -45.07 -21.67
CA GLU B 166 -3.65 -44.37 -20.43
C GLU B 166 -4.72 -43.28 -20.66
N LEU B 167 -4.51 -42.45 -21.70
CA LEU B 167 -5.46 -41.40 -22.04
C LEU B 167 -6.78 -42.01 -22.43
N VAL B 168 -6.73 -43.03 -23.25
CA VAL B 168 -7.96 -43.68 -23.64
C VAL B 168 -8.75 -44.25 -22.43
N GLN B 169 -8.04 -44.74 -21.43
CA GLN B 169 -8.69 -45.24 -20.25
C GLN B 169 -9.32 -44.18 -19.35
N GLU B 170 -8.59 -43.09 -19.15
CA GLU B 170 -8.90 -42.07 -18.14
C GLU B 170 -9.62 -40.78 -18.62
N ALA B 171 -9.63 -40.51 -19.94
CA ALA B 171 -10.11 -39.21 -20.45
C ALA B 171 -11.57 -39.17 -20.88
N ASP B 172 -12.25 -38.08 -20.50
CA ASP B 172 -13.66 -37.85 -20.82
C ASP B 172 -13.74 -37.06 -22.12
N VAL B 173 -12.65 -36.32 -22.43
CA VAL B 173 -12.52 -35.57 -23.67
C VAL B 173 -11.18 -36.00 -24.23
N LEU B 174 -11.14 -36.44 -25.48
CA LEU B 174 -9.88 -36.81 -26.09
C LEU B 174 -9.70 -35.95 -27.31
N THR B 175 -8.67 -35.12 -27.33
CA THR B 175 -8.56 -34.19 -28.45
C THR B 175 -7.25 -34.38 -29.23
N PHE B 176 -7.33 -34.49 -30.55
CA PHE B 176 -6.14 -34.76 -31.38
C PHE B 176 -5.50 -33.51 -31.99
N HIS B 177 -4.19 -33.34 -31.78
CA HIS B 177 -3.43 -32.24 -32.38
C HIS B 177 -2.08 -32.70 -32.93
N THR B 178 -2.11 -33.72 -33.78
CA THR B 178 -0.90 -34.38 -34.25
C THR B 178 -0.77 -34.08 -35.70
N PRO B 179 0.43 -34.24 -36.26
CA PRO B 179 0.52 -34.20 -37.71
C PRO B 179 -0.09 -35.50 -38.26
N LEU B 180 -0.14 -35.64 -39.59
CA LEU B 180 -0.48 -36.92 -40.18
C LEU B 180 0.78 -37.68 -40.65
N TYR B 181 1.15 -38.76 -39.95
CA TYR B 181 2.19 -39.70 -40.40
C TYR B 181 1.59 -41.04 -40.83
N LYS B 182 1.98 -41.52 -42.00
CA LYS B 182 1.37 -42.72 -42.55
C LYS B 182 2.12 -43.96 -42.10
N ASP B 183 3.33 -43.78 -41.60
CA ASP B 183 4.06 -44.95 -41.07
C ASP B 183 5.03 -44.62 -39.95
N GLY B 184 5.84 -45.61 -39.61
CA GLY B 184 6.82 -45.46 -38.55
C GLY B 184 6.19 -45.65 -37.18
N PRO B 185 6.97 -45.33 -36.12
CA PRO B 185 6.61 -45.53 -34.73
C PRO B 185 5.65 -44.47 -34.21
N TYR B 186 5.54 -43.36 -34.90
CA TYR B 186 4.58 -42.35 -34.50
C TYR B 186 3.46 -42.26 -35.52
N LYS B 187 3.18 -43.35 -36.22
CA LYS B 187 2.07 -43.38 -37.18
C LYS B 187 0.77 -42.83 -36.58
N THR B 188 0.14 -41.88 -37.27
CA THR B 188 -1.11 -41.35 -36.81
C THR B 188 -2.27 -41.59 -37.75
N LEU B 189 -2.00 -42.15 -38.93
CA LEU B 189 -3.09 -42.57 -39.81
C LEU B 189 -3.96 -43.51 -39.01
N HIS B 190 -5.25 -43.18 -38.86
CA HIS B 190 -6.16 -44.03 -38.09
C HIS B 190 -5.69 -44.38 -36.67
N LEU B 191 -4.94 -43.50 -36.04
CA LEU B 191 -4.65 -43.62 -34.63
C LEU B 191 -5.97 -43.86 -33.89
N ALA B 192 -6.99 -43.03 -34.15
CA ALA B 192 -8.31 -43.34 -33.63
C ALA B 192 -9.02 -44.35 -34.55
N ASP B 193 -8.76 -45.63 -34.36
CA ASP B 193 -9.45 -46.63 -35.16
C ASP B 193 -10.61 -47.28 -34.37
N GLU B 194 -11.18 -48.33 -34.93
CA GLU B 194 -12.27 -49.04 -34.27
C GLU B 194 -11.85 -49.51 -32.87
N THR B 195 -10.67 -50.09 -32.73
CA THR B 195 -10.18 -50.61 -31.45
C THR B 195 -10.10 -49.50 -30.41
N LEU B 196 -9.59 -48.34 -30.79
CA LEU B 196 -9.43 -47.26 -29.82
C LEU B 196 -10.78 -46.64 -29.48
N ILE B 197 -11.58 -46.37 -30.49
CA ILE B 197 -12.88 -45.76 -30.27
C ILE B 197 -13.71 -46.61 -29.31
N ARG B 198 -13.73 -47.93 -29.53
CA ARG B 198 -14.44 -48.87 -28.68
C ARG B 198 -14.04 -48.84 -27.20
N ARG B 199 -12.89 -48.26 -26.88
CA ARG B 199 -12.43 -48.30 -25.52
C ARG B 199 -12.76 -47.00 -24.84
N LEU B 200 -13.30 -46.04 -25.57
CA LEU B 200 -13.52 -44.71 -25.03
C LEU B 200 -14.59 -44.72 -23.95
N LYS B 201 -14.45 -43.85 -22.94
CA LYS B 201 -15.40 -43.83 -21.85
C LYS B 201 -16.80 -43.51 -22.39
N PRO B 202 -17.83 -44.17 -21.85
CA PRO B 202 -19.21 -43.73 -22.16
C PRO B 202 -19.37 -42.23 -21.99
N GLY B 203 -19.95 -41.56 -23.00
CA GLY B 203 -20.17 -40.11 -22.93
C GLY B 203 -18.92 -39.26 -23.16
N ALA B 204 -17.85 -39.87 -23.65
CA ALA B 204 -16.63 -39.10 -23.92
C ALA B 204 -16.83 -38.20 -25.13
N ILE B 205 -16.00 -37.17 -25.21
CA ILE B 205 -16.03 -36.29 -26.35
C ILE B 205 -14.75 -36.48 -27.15
N LEU B 206 -14.92 -36.88 -28.41
CA LEU B 206 -13.81 -37.09 -29.31
C LEU B 206 -13.68 -35.85 -30.17
N ILE B 207 -12.52 -35.23 -30.14
CA ILE B 207 -12.32 -33.99 -30.91
C ILE B 207 -11.19 -34.17 -31.91
N ASN B 208 -11.50 -33.97 -33.19
CA ASN B 208 -10.47 -33.95 -34.21
C ASN B 208 -10.50 -32.65 -34.99
N ALA B 209 -9.60 -31.75 -34.66
CA ALA B 209 -9.33 -30.66 -35.57
C ALA B 209 -7.88 -30.64 -36.01
N CYS B 210 -7.24 -31.81 -36.14
CA CYS B 210 -5.88 -31.80 -36.71
C CYS B 210 -5.82 -32.26 -38.16
N ARG B 211 -5.85 -33.55 -38.43
CA ARG B 211 -5.88 -33.98 -39.83
C ARG B 211 -6.99 -34.99 -40.07
N GLY B 212 -7.69 -34.88 -41.19
CA GLY B 212 -8.74 -35.85 -41.52
C GLY B 212 -8.48 -37.30 -41.11
N PRO B 213 -7.49 -37.94 -41.74
CA PRO B 213 -7.28 -39.38 -41.61
C PRO B 213 -6.75 -39.86 -40.27
N VAL B 214 -6.54 -38.95 -39.31
CA VAL B 214 -6.20 -39.36 -37.96
C VAL B 214 -7.32 -40.16 -37.29
N VAL B 215 -8.57 -39.88 -37.65
CA VAL B 215 -9.69 -40.67 -37.17
C VAL B 215 -10.22 -41.57 -38.29
N ASP B 216 -10.33 -42.87 -38.05
CA ASP B 216 -10.97 -43.73 -39.04
C ASP B 216 -12.46 -43.33 -39.12
N ASN B 217 -12.77 -42.54 -40.15
CA ASN B 217 -14.10 -41.99 -40.28
C ASN B 217 -15.20 -43.06 -40.42
N ALA B 218 -15.01 -44.07 -41.26
CA ALA B 218 -16.06 -45.08 -41.43
C ALA B 218 -16.28 -45.90 -40.14
N ALA B 219 -15.19 -46.16 -39.42
CA ALA B 219 -15.27 -46.88 -38.15
C ALA B 219 -15.96 -46.05 -37.07
N LEU B 220 -15.80 -44.74 -37.10
CA LEU B 220 -16.46 -43.90 -36.12
C LEU B 220 -17.98 -43.91 -36.38
N LEU B 221 -18.35 -43.88 -37.65
CA LEU B 221 -19.75 -43.92 -38.04
C LEU B 221 -20.39 -45.26 -37.65
N ALA B 222 -19.72 -46.34 -37.97
CA ALA B 222 -20.21 -47.65 -37.52
C ALA B 222 -20.41 -47.72 -35.97
N ARG B 223 -19.46 -47.21 -35.18
CA ARG B 223 -19.61 -47.17 -33.71
C ARG B 223 -20.76 -46.26 -33.21
N LEU B 224 -20.93 -45.09 -33.83
CA LEU B 224 -22.03 -44.20 -33.47
C LEU B 224 -23.37 -44.86 -33.77
N ASN B 225 -23.48 -45.48 -34.94
CA ASN B 225 -24.72 -46.20 -35.26
C ASN B 225 -24.99 -47.37 -34.33
N ALA B 226 -23.94 -48.10 -33.94
CA ALA B 226 -24.10 -49.22 -33.04
C ALA B 226 -24.58 -48.67 -31.71
N GLY B 227 -24.63 -47.35 -31.59
CA GLY B 227 -25.23 -46.73 -30.41
C GLY B 227 -24.28 -46.53 -29.26
N GLN B 228 -22.98 -46.49 -29.54
CA GLN B 228 -22.01 -46.14 -28.50
C GLN B 228 -22.24 -44.70 -28.07
N PRO B 229 -22.21 -44.44 -26.75
CA PRO B 229 -22.47 -43.10 -26.26
C PRO B 229 -21.20 -42.29 -26.28
N LEU B 230 -21.19 -41.32 -27.18
CA LEU B 230 -20.00 -40.62 -27.53
C LEU B 230 -20.43 -39.36 -28.23
N SER B 231 -19.85 -38.24 -27.86
CA SER B 231 -20.01 -36.97 -28.58
C SER B 231 -18.81 -36.76 -29.51
N VAL B 232 -19.04 -36.16 -30.67
CA VAL B 232 -17.97 -35.92 -31.61
C VAL B 232 -18.01 -34.51 -32.19
N VAL B 233 -16.81 -33.93 -32.28
CA VAL B 233 -16.55 -32.65 -32.87
C VAL B 233 -15.49 -32.87 -33.91
N LEU B 234 -15.86 -32.70 -35.17
CA LEU B 234 -14.92 -32.87 -36.28
C LEU B 234 -14.77 -31.58 -37.06
N ASP B 235 -13.55 -31.11 -37.20
CA ASP B 235 -13.35 -29.99 -38.11
C ASP B 235 -12.67 -30.49 -39.36
N VAL B 236 -12.13 -31.72 -39.31
CA VAL B 236 -11.43 -32.28 -40.45
C VAL B 236 -11.94 -33.67 -40.74
N TRP B 237 -11.87 -34.06 -42.02
CA TRP B 237 -12.62 -35.21 -42.55
C TRP B 237 -11.79 -36.10 -43.48
N GLU B 238 -11.96 -37.42 -43.44
CA GLU B 238 -11.39 -38.22 -44.53
C GLU B 238 -12.13 -37.89 -45.81
N GLY B 239 -11.41 -37.81 -46.93
CA GLY B 239 -12.04 -37.64 -48.24
C GLY B 239 -12.42 -36.21 -48.58
N GLU B 240 -11.99 -35.26 -47.74
CA GLU B 240 -12.20 -33.84 -47.98
C GLU B 240 -11.85 -33.52 -49.43
N PRO B 241 -12.69 -32.72 -50.14
CA PRO B 241 -13.95 -32.08 -49.72
C PRO B 241 -15.16 -33.04 -49.67
N ASP B 242 -15.00 -34.26 -50.17
CA ASP B 242 -16.14 -35.18 -50.20
C ASP B 242 -16.28 -36.01 -48.93
N LEU B 243 -16.81 -35.38 -47.89
CA LEU B 243 -16.90 -36.03 -46.59
C LEU B 243 -18.01 -37.05 -46.53
N ASN B 244 -17.90 -37.95 -45.57
CA ASN B 244 -18.94 -38.92 -45.30
C ASN B 244 -20.12 -38.17 -44.70
N VAL B 245 -21.17 -38.01 -45.48
CA VAL B 245 -22.33 -37.21 -45.12
C VAL B 245 -23.11 -37.83 -43.96
N ALA B 246 -23.23 -39.16 -43.93
CA ALA B 246 -23.90 -39.81 -42.79
C ALA B 246 -23.16 -39.53 -41.49
N LEU B 247 -21.82 -39.49 -41.55
CA LEU B 247 -21.05 -39.14 -40.38
C LEU B 247 -21.35 -37.69 -39.91
N LEU B 248 -21.45 -36.74 -40.84
CA LEU B 248 -21.81 -35.37 -40.46
C LEU B 248 -23.15 -35.33 -39.75
N GLU B 249 -24.11 -36.05 -40.31
CA GLU B 249 -25.44 -36.06 -39.73
C GLU B 249 -25.48 -36.75 -38.35
N ALA B 250 -24.48 -37.59 -38.05
CA ALA B 250 -24.40 -38.16 -36.72
C ALA B 250 -23.56 -37.32 -35.74
N VAL B 251 -22.63 -36.52 -36.21
CA VAL B 251 -21.76 -35.87 -35.23
C VAL B 251 -22.39 -34.66 -34.58
N ASP B 252 -21.87 -34.31 -33.41
CA ASP B 252 -22.43 -33.19 -32.66
C ASP B 252 -22.06 -31.84 -33.25
N ILE B 253 -20.80 -31.67 -33.59
CA ILE B 253 -20.38 -30.49 -34.25
C ILE B 253 -19.54 -30.91 -35.42
N GLY B 254 -19.90 -30.45 -36.60
CA GLY B 254 -19.08 -30.69 -37.78
C GLY B 254 -18.83 -29.38 -38.51
N THR B 255 -17.58 -29.08 -38.85
CA THR B 255 -17.30 -27.83 -39.54
C THR B 255 -16.42 -28.07 -40.79
N SER B 256 -16.31 -27.09 -41.67
CA SER B 256 -15.62 -27.33 -42.94
C SER B 256 -14.15 -26.93 -42.92
N HIS B 257 -13.41 -27.49 -41.98
CA HIS B 257 -11.97 -27.33 -41.88
C HIS B 257 -11.60 -25.84 -41.73
N ILE B 258 -12.19 -25.23 -40.71
CA ILE B 258 -12.04 -23.77 -40.53
C ILE B 258 -11.49 -23.40 -39.17
N ALA B 259 -11.20 -24.42 -38.37
CA ALA B 259 -10.81 -24.21 -36.98
C ALA B 259 -9.70 -23.16 -36.89
N GLY B 260 -8.84 -23.13 -37.90
CA GLY B 260 -7.67 -22.30 -37.87
C GLY B 260 -7.90 -20.87 -38.32
N TYR B 261 -9.14 -20.54 -38.74
CA TYR B 261 -9.35 -19.32 -39.52
C TYR B 261 -9.81 -18.12 -38.72
N THR B 262 -8.97 -17.58 -37.86
CA THR B 262 -9.28 -16.27 -37.35
C THR B 262 -8.56 -15.22 -38.16
N LEU B 263 -9.05 -13.99 -38.05
CA LEU B 263 -8.32 -12.87 -38.61
C LEU B 263 -6.90 -12.69 -38.00
N GLU B 264 -6.76 -12.77 -36.67
CA GLU B 264 -5.45 -12.71 -36.05
C GLU B 264 -4.51 -13.82 -36.58
N GLY B 265 -5.03 -15.03 -36.72
CA GLY B 265 -4.25 -16.17 -37.18
C GLY B 265 -3.69 -15.98 -38.59
N LYS B 266 -4.48 -15.45 -39.51
CA LYS B 266 -3.92 -15.11 -40.81
C LYS B 266 -2.91 -13.98 -40.74
N ALA B 267 -3.20 -12.93 -40.00
CA ALA B 267 -2.22 -11.84 -39.87
C ALA B 267 -0.90 -12.29 -39.20
N ARG B 268 -1.01 -13.15 -38.19
CA ARG B 268 0.17 -13.72 -37.54
C ARG B 268 1.08 -14.47 -38.52
N GLY B 269 0.47 -15.15 -39.49
CA GLY B 269 1.22 -15.81 -40.56
C GLY B 269 2.10 -14.88 -41.39
N THR B 270 1.53 -13.76 -41.83
CA THR B 270 2.31 -12.74 -42.53
C THR B 270 3.36 -12.19 -41.58
N THR B 271 2.93 -11.94 -40.36
CA THR B 271 3.75 -11.36 -39.33
C THR B 271 4.99 -12.20 -38.99
N GLN B 272 4.84 -13.52 -38.86
CA GLN B 272 6.02 -14.36 -38.57
C GLN B 272 6.96 -14.51 -39.75
N VAL B 273 6.39 -14.64 -40.94
CA VAL B 273 7.19 -14.73 -42.17
C VAL B 273 7.93 -13.43 -42.48
N PHE B 274 7.39 -12.33 -42.01
CA PHE B 274 8.05 -11.05 -42.17
C PHE B 274 9.32 -11.05 -41.34
N GLU B 275 9.22 -11.49 -40.09
CA GLU B 275 10.39 -11.66 -39.25
C GLU B 275 11.42 -12.60 -39.92
N ALA B 276 11.04 -13.85 -40.17
CA ALA B 276 11.94 -14.79 -40.89
C ALA B 276 12.61 -14.23 -42.19
N TYR B 277 11.88 -13.49 -43.01
CA TYR B 277 12.51 -12.93 -44.23
C TYR B 277 13.50 -11.82 -43.96
N SER B 278 13.23 -11.01 -42.93
CA SER B 278 14.10 -9.90 -42.57
C SER B 278 15.42 -10.37 -41.99
N ALA B 279 15.37 -11.51 -41.31
CA ALA B 279 16.56 -12.21 -40.84
C ALA B 279 17.35 -12.69 -42.05
N PHE B 280 16.72 -13.53 -42.86
CA PHE B 280 17.33 -14.13 -44.06
C PHE B 280 18.05 -13.13 -44.95
N ILE B 281 17.61 -11.87 -44.95
CA ILE B 281 18.35 -10.82 -45.67
C ILE B 281 19.01 -9.79 -44.74
N GLY B 282 18.99 -10.06 -43.44
CA GLY B 282 19.80 -9.28 -42.50
C GLY B 282 19.18 -8.04 -41.90
N ARG B 283 17.96 -7.72 -42.30
CA ARG B 283 17.33 -6.51 -41.79
C ARG B 283 16.32 -6.79 -40.67
N GLU B 284 16.70 -7.68 -39.75
CA GLU B 284 15.85 -8.12 -38.62
C GLU B 284 14.98 -7.04 -37.97
N GLN B 285 13.69 -7.36 -37.82
CA GLN B 285 12.69 -6.46 -37.23
C GLN B 285 11.57 -7.27 -36.60
N ARG B 286 10.84 -6.59 -35.72
CA ARG B 286 9.66 -7.15 -35.08
C ARG B 286 8.52 -6.21 -35.44
N VAL B 287 7.29 -6.62 -35.15
CA VAL B 287 6.13 -5.74 -35.31
C VAL B 287 4.92 -6.35 -34.60
N ALA B 288 4.22 -5.53 -33.83
CA ALA B 288 3.12 -6.03 -33.02
C ALA B 288 1.85 -6.06 -33.85
N LEU B 289 1.14 -7.18 -33.74
CA LEU B 289 -0.11 -7.43 -34.46
C LEU B 289 -1.10 -6.27 -34.42
N GLU B 290 -1.45 -5.85 -33.21
CA GLU B 290 -2.57 -4.93 -32.96
C GLU B 290 -2.45 -3.56 -33.63
N THR B 291 -1.24 -3.19 -34.06
CA THR B 291 -1.06 -2.02 -34.91
C THR B 291 -1.64 -2.27 -36.30
N LEU B 292 -1.87 -3.54 -36.65
CA LEU B 292 -2.41 -3.90 -37.94
C LEU B 292 -3.92 -4.15 -37.92
N LEU B 293 -4.39 -4.83 -36.89
CA LEU B 293 -5.76 -5.34 -36.87
C LEU B 293 -6.80 -4.25 -36.71
N PRO B 294 -7.88 -4.32 -37.50
CA PRO B 294 -9.02 -3.44 -37.29
C PRO B 294 -9.78 -3.72 -35.98
N ALA B 295 -10.54 -2.73 -35.51
CA ALA B 295 -11.36 -2.89 -34.32
C ALA B 295 -12.42 -3.93 -34.64
N PRO B 296 -12.72 -4.77 -33.67
CA PRO B 296 -13.77 -5.79 -33.81
C PRO B 296 -15.17 -5.20 -33.55
N GLU B 297 -16.20 -5.94 -33.91
CA GLU B 297 -17.59 -5.52 -33.65
C GLU B 297 -17.83 -5.16 -32.16
N PHE B 298 -17.34 -6.03 -31.29
CA PHE B 298 -17.50 -5.93 -29.84
C PHE B 298 -16.11 -5.75 -29.27
N GLY B 299 -15.78 -4.51 -28.94
CA GLY B 299 -14.48 -4.20 -28.46
C GLY B 299 -14.30 -4.28 -26.96
N ARG B 300 -15.32 -3.87 -26.19
CA ARG B 300 -15.23 -3.78 -24.73
C ARG B 300 -16.47 -4.31 -24.07
N ILE B 301 -16.31 -4.88 -22.89
CA ILE B 301 -17.42 -5.32 -22.09
C ILE B 301 -17.00 -5.30 -20.61
N THR B 302 -17.94 -5.01 -19.71
CA THR B 302 -17.69 -5.10 -18.30
C THR B 302 -18.28 -6.38 -17.73
N LEU B 303 -17.58 -6.92 -16.74
CA LEU B 303 -17.98 -8.10 -16.01
C LEU B 303 -18.00 -7.77 -14.52
N HIS B 304 -19.17 -7.98 -13.92
CA HIS B 304 -19.37 -7.87 -12.51
C HIS B 304 -19.38 -9.29 -11.86
N GLY B 305 -18.55 -9.46 -10.83
CA GLY B 305 -18.48 -10.75 -10.14
C GLY B 305 -17.40 -11.70 -10.66
N PRO B 306 -17.27 -12.86 -9.99
CA PRO B 306 -16.25 -13.87 -10.24
C PRO B 306 -16.61 -14.57 -11.49
N LEU B 307 -15.65 -15.23 -12.11
CA LEU B 307 -15.92 -15.94 -13.33
C LEU B 307 -16.38 -17.36 -12.94
N ASP B 308 -17.42 -17.83 -13.59
CA ASP B 308 -17.83 -19.23 -13.46
C ASP B 308 -18.13 -19.77 -14.85
N GLN B 309 -18.54 -21.01 -14.95
CA GLN B 309 -18.64 -21.64 -16.27
C GLN B 309 -19.67 -20.96 -17.23
N PRO B 310 -20.90 -20.71 -16.75
CA PRO B 310 -21.86 -20.00 -17.62
C PRO B 310 -21.32 -18.64 -18.12
N THR B 311 -20.65 -17.92 -17.23
CA THR B 311 -20.12 -16.62 -17.57
C THR B 311 -19.01 -16.69 -18.61
N LEU B 312 -18.14 -17.69 -18.49
CA LEU B 312 -17.07 -17.88 -19.46
C LEU B 312 -17.68 -18.27 -20.77
N LYS B 313 -18.72 -19.09 -20.74
CA LYS B 313 -19.40 -19.50 -21.96
C LYS B 313 -19.95 -18.24 -22.68
N ARG B 314 -20.69 -17.40 -21.97
CA ARG B 314 -21.17 -16.15 -22.56
C ARG B 314 -20.08 -15.27 -23.26
N LEU B 315 -18.93 -15.07 -22.59
CA LEU B 315 -17.79 -14.34 -23.17
C LEU B 315 -17.22 -15.06 -24.38
N ALA B 316 -16.94 -16.35 -24.24
CA ALA B 316 -16.36 -17.06 -25.39
C ALA B 316 -17.31 -17.11 -26.59
N HIS B 317 -18.59 -17.37 -26.36
CA HIS B 317 -19.52 -17.39 -27.51
C HIS B 317 -19.84 -15.99 -28.08
N LEU B 318 -19.68 -14.94 -27.27
CA LEU B 318 -19.84 -13.57 -27.78
C LEU B 318 -18.83 -13.36 -28.90
N VAL B 319 -17.62 -13.85 -28.69
CA VAL B 319 -16.58 -13.79 -29.71
C VAL B 319 -16.69 -14.87 -30.80
N TYR B 320 -16.94 -16.13 -30.43
CA TYR B 320 -17.06 -17.17 -31.42
C TYR B 320 -17.83 -18.36 -30.91
N ASP B 321 -19.01 -18.56 -31.45
CA ASP B 321 -19.82 -19.75 -31.16
C ASP B 321 -19.70 -20.70 -32.34
N VAL B 322 -19.07 -21.85 -32.10
CA VAL B 322 -18.79 -22.80 -33.16
C VAL B 322 -20.06 -23.25 -33.95
N ARG B 323 -21.26 -23.14 -33.36
CA ARG B 323 -22.49 -23.54 -34.10
C ARG B 323 -22.78 -22.64 -35.30
N ARG B 324 -22.28 -21.41 -35.22
CA ARG B 324 -22.20 -20.54 -36.36
C ARG B 324 -21.62 -21.19 -37.66
N ASP B 325 -20.62 -22.07 -37.53
CA ASP B 325 -20.05 -22.76 -38.72
C ASP B 325 -20.58 -24.18 -39.02
N ASP B 326 -21.20 -24.81 -38.01
CA ASP B 326 -21.80 -26.14 -38.10
C ASP B 326 -23.07 -26.06 -38.88
N ALA B 327 -23.91 -25.07 -38.59
CA ALA B 327 -25.20 -24.96 -39.29
C ALA B 327 -25.05 -24.94 -40.82
N PRO B 328 -24.21 -24.04 -41.37
CA PRO B 328 -24.14 -23.98 -42.84
C PRO B 328 -23.51 -25.18 -43.52
N LEU B 329 -22.54 -25.84 -42.89
CA LEU B 329 -22.09 -27.13 -43.40
C LEU B 329 -23.24 -28.14 -43.42
N ARG B 330 -24.02 -28.21 -42.34
CA ARG B 330 -25.16 -29.15 -42.33
C ARG B 330 -26.14 -28.86 -43.45
N LYS B 331 -26.25 -27.61 -43.83
CA LYS B 331 -27.30 -27.25 -44.77
C LYS B 331 -26.95 -27.67 -46.21
N VAL B 332 -25.66 -27.77 -46.51
CA VAL B 332 -25.22 -28.15 -47.84
C VAL B 332 -24.42 -29.45 -47.88
N ALA B 333 -24.53 -30.27 -46.84
CA ALA B 333 -23.78 -31.55 -46.75
C ALA B 333 -23.56 -32.33 -48.09
N GLY B 334 -24.64 -32.88 -48.64
CA GLY B 334 -24.50 -33.82 -49.77
C GLY B 334 -24.24 -33.19 -51.12
N ILE B 335 -23.99 -31.88 -51.12
CA ILE B 335 -23.92 -31.15 -52.38
C ILE B 335 -22.47 -30.92 -52.79
N PRO B 336 -22.05 -31.51 -53.94
CA PRO B 336 -20.69 -31.39 -54.48
C PRO B 336 -20.20 -29.95 -54.54
N GLY B 337 -19.00 -29.72 -54.04
CA GLY B 337 -18.38 -28.43 -54.24
C GLY B 337 -18.64 -27.46 -53.11
N GLU B 338 -19.64 -27.74 -52.29
CA GLU B 338 -20.04 -26.76 -51.30
C GLU B 338 -19.08 -26.67 -50.12
N PHE B 339 -18.48 -27.80 -49.77
CA PHE B 339 -17.53 -27.82 -48.67
C PHE B 339 -16.46 -26.76 -48.97
N ASP B 340 -15.87 -26.84 -50.15
CA ASP B 340 -14.85 -25.86 -50.55
C ASP B 340 -15.32 -24.40 -50.60
N LYS B 341 -16.53 -24.16 -51.09
CA LYS B 341 -17.07 -22.81 -51.12
C LYS B 341 -17.15 -22.27 -49.73
N LEU B 342 -17.45 -23.13 -48.78
CA LEU B 342 -17.54 -22.67 -47.41
C LEU B 342 -16.18 -22.17 -46.88
N ARG B 343 -15.10 -22.80 -47.30
CA ARG B 343 -13.77 -22.42 -46.82
C ARG B 343 -13.24 -21.17 -47.47
N LYS B 344 -13.39 -21.13 -48.79
CA LYS B 344 -12.88 -20.06 -49.63
C LYS B 344 -13.55 -18.75 -49.27
N ASN B 345 -14.81 -18.81 -48.84
CA ASN B 345 -15.62 -17.63 -48.63
C ASN B 345 -15.98 -17.49 -47.13
N TYR B 346 -15.23 -18.21 -46.30
CA TYR B 346 -15.35 -18.13 -44.85
C TYR B 346 -15.42 -16.69 -44.33
N LEU B 347 -16.45 -16.36 -43.56
CA LEU B 347 -16.49 -15.06 -42.91
C LEU B 347 -15.65 -15.00 -41.61
N GLU B 348 -15.12 -13.81 -41.39
CA GLU B 348 -14.09 -13.54 -40.38
C GLU B 348 -14.52 -13.82 -38.96
N ARG B 349 -13.64 -14.42 -38.18
N ARG B 349 -13.63 -14.40 -38.18
CA ARG B 349 -13.84 -14.39 -36.74
CA ARG B 349 -13.86 -14.39 -36.74
C ARG B 349 -12.61 -13.87 -36.04
C ARG B 349 -12.60 -13.89 -36.03
N ARG B 350 -12.83 -13.37 -34.82
CA ARG B 350 -11.78 -12.82 -34.03
C ARG B 350 -11.33 -13.82 -32.96
N GLU B 351 -10.22 -13.50 -32.33
CA GLU B 351 -9.78 -14.19 -31.13
C GLU B 351 -10.23 -13.47 -29.86
N TRP B 352 -10.27 -14.21 -28.77
CA TRP B 352 -10.71 -13.68 -27.48
C TRP B 352 -9.96 -12.41 -27.07
N SER B 353 -8.68 -12.30 -27.48
CA SER B 353 -7.80 -11.16 -27.13
C SER B 353 -8.28 -9.88 -27.78
N SER B 354 -9.25 -10.00 -28.67
CA SER B 354 -9.79 -8.85 -29.33
C SER B 354 -10.89 -8.26 -28.44
N LEU B 355 -11.23 -8.97 -27.38
CA LEU B 355 -12.27 -8.45 -26.50
C LEU B 355 -11.64 -7.98 -25.20
N TYR B 356 -11.83 -6.72 -24.90
CA TYR B 356 -11.29 -6.11 -23.70
C TYR B 356 -12.32 -6.22 -22.57
N VAL B 357 -11.97 -6.90 -21.47
CA VAL B 357 -12.92 -7.14 -20.40
C VAL B 357 -12.58 -6.38 -19.13
N CYS B 359 -13.18 -6.07 -15.46
CA CYS B 359 -13.72 -6.82 -14.35
C CYS B 359 -13.64 -6.06 -13.01
N ASP B 360 -14.68 -6.12 -12.18
CA ASP B 360 -14.53 -5.58 -10.82
C ASP B 360 -13.97 -6.63 -9.86
N ASP B 361 -13.82 -7.86 -10.34
CA ASP B 361 -13.28 -8.95 -9.53
C ASP B 361 -11.86 -9.32 -10.03
N GLU B 362 -10.89 -9.18 -9.16
CA GLU B 362 -9.50 -9.49 -9.51
C GLU B 362 -9.26 -10.95 -9.93
N THR B 363 -9.87 -11.91 -9.26
CA THR B 363 -9.76 -13.29 -9.72
C THR B 363 -10.26 -13.51 -11.17
N ALA B 364 -11.36 -12.86 -11.55
CA ALA B 364 -11.92 -13.01 -12.91
C ALA B 364 -10.96 -12.44 -13.95
N ALA B 365 -10.31 -11.33 -13.60
CA ALA B 365 -9.43 -10.66 -14.53
C ALA B 365 -8.15 -11.47 -14.73
N ALA B 366 -7.59 -11.98 -13.63
CA ALA B 366 -6.41 -12.87 -13.67
C ALA B 366 -6.73 -14.10 -14.50
N LEU B 367 -7.86 -14.75 -14.22
CA LEU B 367 -8.22 -15.97 -14.96
C LEU B 367 -8.51 -15.65 -16.44
N LEU B 368 -9.22 -14.56 -16.70
CA LEU B 368 -9.46 -14.26 -18.12
C LEU B 368 -8.19 -14.01 -18.93
N CYS B 369 -7.24 -13.27 -18.37
CA CYS B 369 -5.94 -13.07 -18.98
C CYS B 369 -5.21 -14.37 -19.28
N LYS B 370 -5.19 -15.30 -18.35
CA LYS B 370 -4.51 -16.59 -18.64
C LYS B 370 -5.26 -17.38 -19.72
N LEU B 371 -6.53 -17.09 -19.93
CA LEU B 371 -7.33 -17.74 -20.98
C LEU B 371 -7.21 -17.00 -22.30
N GLY B 372 -6.62 -15.81 -22.28
CA GLY B 372 -6.33 -15.13 -23.56
C GLY B 372 -7.30 -14.02 -23.90
N PHE B 373 -8.17 -13.66 -22.97
CA PHE B 373 -8.95 -12.42 -23.09
C PHE B 373 -8.05 -11.25 -22.75
N ASN B 374 -8.40 -10.06 -23.26
CA ASN B 374 -7.68 -8.86 -22.85
C ASN B 374 -8.38 -8.32 -21.59
N ALA B 375 -8.11 -8.88 -20.42
CA ALA B 375 -8.90 -8.50 -19.23
C ALA B 375 -8.11 -7.61 -18.25
N VAL B 376 -8.80 -6.72 -17.55
CA VAL B 376 -8.19 -5.86 -16.53
C VAL B 376 -9.12 -5.76 -15.32
N HIS B 377 -8.55 -5.46 -14.16
CA HIS B 377 -9.30 -5.24 -12.95
C HIS B 377 -9.48 -3.75 -12.65
N HIS B 378 -10.73 -3.31 -12.53
CA HIS B 378 -11.07 -1.96 -12.10
C HIS B 378 -11.39 -1.95 -10.60
N PRO B 379 -10.56 -1.30 -9.78
CA PRO B 379 -10.86 -1.29 -8.35
C PRO B 379 -12.12 -0.48 -8.09
N SER C 1 45.54 -28.40 27.98
CA SER C 1 45.67 -27.00 27.54
C SER C 1 45.25 -26.86 26.09
N ASN C 2 43.95 -26.96 25.85
CA ASN C 2 43.35 -26.76 24.54
C ASN C 2 42.31 -25.65 24.63
N ALA C 3 42.43 -24.82 25.65
CA ALA C 3 41.58 -23.65 25.77
C ALA C 3 42.46 -22.48 26.18
N LYS C 5 43.88 -19.37 28.21
CA LYS C 5 43.91 -18.60 29.45
C LYS C 5 44.04 -17.11 29.10
N ILE C 6 43.20 -16.27 29.68
CA ILE C 6 43.14 -14.85 29.35
C ILE C 6 43.26 -14.01 30.62
N LEU C 7 44.08 -12.95 30.60
CA LEU C 7 44.09 -12.00 31.73
C LEU C 7 43.41 -10.71 31.35
N VAL C 8 42.85 -10.05 32.37
CA VAL C 8 42.05 -8.86 32.20
C VAL C 8 42.11 -8.04 33.52
N ASP C 9 42.13 -6.71 33.43
CA ASP C 9 42.05 -5.83 34.61
C ASP C 9 40.71 -5.95 35.40
N GLU C 10 40.78 -6.10 36.73
CA GLU C 10 39.57 -6.38 37.54
C GLU C 10 38.58 -5.22 37.63
N ASN C 11 38.94 -4.06 37.08
CA ASN C 11 38.01 -2.93 36.97
C ASN C 11 37.57 -2.66 35.52
N PRO C 13 35.37 -3.10 32.89
CA PRO C 13 34.01 -3.63 33.02
C PRO C 13 33.70 -4.78 32.06
N TYR C 14 32.87 -5.71 32.51
CA TYR C 14 32.36 -6.83 31.67
C TYR C 14 33.40 -7.79 31.12
N ALA C 15 34.66 -7.55 31.43
CA ALA C 15 35.77 -8.35 30.95
C ALA C 15 35.61 -9.84 31.28
N ARG C 16 35.22 -10.14 32.52
CA ARG C 16 35.12 -11.52 32.98
C ARG C 16 33.92 -12.20 32.32
N GLU C 17 32.84 -11.46 32.18
CA GLU C 17 31.60 -12.01 31.70
C GLU C 17 31.72 -12.37 30.23
N LEU C 18 32.44 -11.52 29.49
CA LEU C 18 32.65 -11.72 28.07
C LEU C 18 33.75 -12.73 27.73
N PHE C 19 34.92 -12.64 28.37
CA PHE C 19 36.04 -13.46 27.89
C PHE C 19 35.97 -14.90 28.38
N SER C 20 35.15 -15.13 29.39
CA SER C 20 34.90 -16.49 29.81
C SER C 20 34.11 -17.21 28.74
N ARG C 21 33.52 -16.49 27.80
CA ARG C 21 32.83 -17.18 26.74
C ARG C 21 33.80 -18.03 25.97
N LEU C 22 35.05 -17.60 25.89
CA LEU C 22 36.03 -18.27 25.07
C LEU C 22 37.34 -18.68 25.76
N GLY C 23 37.25 -19.09 27.02
CA GLY C 23 38.48 -19.50 27.69
C GLY C 23 38.40 -19.17 29.15
N GLU C 24 39.50 -19.40 29.85
CA GLU C 24 39.55 -19.19 31.28
C GLU C 24 40.08 -17.78 31.52
N VAL C 25 39.34 -17.01 32.33
CA VAL C 25 39.71 -15.62 32.56
C VAL C 25 40.37 -15.42 33.91
N LYS C 26 41.38 -14.57 33.96
CA LYS C 26 41.98 -14.22 35.26
C LYS C 26 41.90 -12.73 35.60
N ALA C 27 40.89 -12.42 36.43
CA ALA C 27 40.66 -11.07 36.97
C ALA C 27 41.80 -10.66 37.89
N VAL C 28 42.27 -9.45 37.64
CA VAL C 28 43.59 -9.00 38.07
C VAL C 28 43.53 -7.49 38.40
N PRO C 29 44.20 -7.07 39.49
CA PRO C 29 44.38 -5.63 39.68
C PRO C 29 45.28 -5.02 38.59
N GLY C 30 45.14 -3.71 38.39
CA GLY C 30 45.85 -2.99 37.34
C GLY C 30 47.36 -2.91 37.50
N ARG C 31 47.80 -2.42 38.66
CA ARG C 31 49.23 -2.22 38.94
C ARG C 31 49.70 -2.99 40.19
N VAL C 35 52.40 -11.01 38.35
CA VAL C 35 53.79 -11.49 38.33
C VAL C 35 53.84 -13.03 38.37
N GLU C 36 53.25 -13.62 39.39
CA GLU C 36 53.04 -15.07 39.45
C GLU C 36 51.76 -15.47 38.70
N GLU C 37 51.02 -14.48 38.20
CA GLU C 37 49.84 -14.71 37.35
C GLU C 37 50.14 -14.39 35.87
N LEU C 38 50.99 -13.37 35.64
CA LEU C 38 51.46 -12.99 34.29
C LEU C 38 52.04 -14.22 33.58
N ASN C 39 52.74 -15.03 34.36
CA ASN C 39 53.34 -16.26 33.88
C ASN C 39 52.37 -17.43 33.97
N ASP C 42 48.69 -16.30 28.02
CA ASP C 42 48.15 -16.66 26.71
C ASP C 42 47.53 -15.48 25.89
N ALA C 43 46.67 -14.69 26.51
CA ALA C 43 46.03 -13.58 25.83
C ALA C 43 46.05 -12.47 26.83
N LEU C 44 46.08 -11.22 26.35
CA LEU C 44 46.17 -10.09 27.29
C LEU C 44 45.21 -8.95 26.93
N VAL C 46 44.13 -5.30 28.32
CA VAL C 46 44.44 -4.24 29.28
C VAL C 46 43.83 -2.86 28.98
N ARG C 47 44.57 -1.82 29.37
CA ARG C 47 44.27 -0.43 29.07
C ARG C 47 45.64 0.16 28.70
N SER C 48 45.74 1.46 28.45
CA SER C 48 47.04 1.97 28.01
C SER C 48 48.03 2.17 29.16
N VAL C 49 47.67 1.65 30.34
CA VAL C 49 48.57 1.62 31.51
C VAL C 49 49.59 0.47 31.38
N THR C 50 49.69 -0.08 30.18
CA THR C 50 50.55 -1.24 29.93
C THR C 50 51.32 -1.14 28.62
N LYS C 51 52.62 -0.92 28.72
CA LYS C 51 53.42 -0.86 27.51
C LYS C 51 53.41 -2.25 26.86
N VAL C 52 52.87 -2.33 25.64
CA VAL C 52 52.87 -3.59 24.88
C VAL C 52 53.94 -3.55 23.76
N ASN C 53 54.97 -4.34 23.93
CA ASN C 53 56.12 -4.34 23.05
C ASN C 53 56.93 -5.60 23.27
N GLU C 54 58.04 -5.75 22.59
CA GLU C 54 58.92 -6.84 22.92
C GLU C 54 59.12 -6.97 24.41
N SER C 55 59.86 -6.04 24.99
CA SER C 55 60.28 -6.15 26.37
C SER C 55 59.13 -6.13 27.38
N LEU C 57 56.09 -9.41 25.62
CA LEU C 57 55.45 -10.57 24.97
C LEU C 57 56.45 -11.66 24.56
N SER C 58 57.62 -11.24 24.08
CA SER C 58 58.55 -12.12 23.41
C SER C 58 58.82 -13.40 24.20
N GLY C 59 58.77 -14.54 23.52
CA GLY C 59 59.09 -15.83 24.13
C GLY C 59 57.96 -16.44 24.95
N THR C 60 56.85 -15.74 25.00
CA THR C 60 55.66 -16.22 25.71
C THR C 60 54.64 -16.82 24.72
N PRO C 61 53.71 -17.64 25.22
CA PRO C 61 52.66 -18.27 24.38
C PRO C 61 51.64 -17.31 23.75
N ILE C 62 51.59 -16.07 24.23
CA ILE C 62 50.60 -15.09 23.74
C ILE C 62 50.54 -15.03 22.21
N ASN C 63 49.35 -15.10 21.62
CA ASN C 63 49.25 -14.84 20.17
C ASN C 63 48.17 -13.83 19.75
N PHE C 64 47.76 -13.03 20.72
CA PHE C 64 46.84 -11.91 20.52
C PHE C 64 46.87 -11.00 21.75
N VAL C 65 46.88 -9.69 21.53
CA VAL C 65 47.00 -8.70 22.62
C VAL C 65 46.05 -7.52 22.43
N GLY C 66 45.19 -7.27 23.41
CA GLY C 66 44.07 -6.34 23.28
C GLY C 66 44.06 -5.20 24.28
N THR C 67 43.75 -4.00 23.79
CA THR C 67 43.65 -2.81 24.65
C THR C 67 42.26 -2.17 24.56
N ALA C 68 41.55 -2.15 25.69
CA ALA C 68 40.18 -1.68 25.77
C ALA C 68 40.06 -0.16 25.79
N THR C 69 40.64 0.48 24.77
CA THR C 69 40.73 1.95 24.67
C THR C 69 40.88 2.33 23.20
N ALA C 70 40.66 3.61 22.90
CA ALA C 70 40.72 4.10 21.52
C ALA C 70 42.15 4.37 21.04
N GLY C 71 42.99 4.92 21.92
CA GLY C 71 44.38 5.19 21.57
C GLY C 71 45.27 3.96 21.63
N THR C 72 46.22 3.86 20.71
N THR C 72 46.21 3.89 20.70
CA THR C 72 47.08 2.67 20.61
CA THR C 72 47.27 2.90 20.77
C THR C 72 48.58 3.00 20.56
C THR C 72 48.39 3.51 21.58
N ASP C 73 48.96 4.15 21.09
N ASP C 73 48.03 4.32 22.58
CA ASP C 73 50.34 4.60 21.03
CA ASP C 73 49.03 5.07 23.32
C ASP C 73 51.23 3.94 22.08
C ASP C 73 50.35 4.35 23.29
N HIS C 74 50.61 3.22 23.02
N HIS C 74 50.43 3.22 24.03
CA HIS C 74 51.36 2.48 24.04
CA HIS C 74 51.66 2.42 24.07
C HIS C 74 51.72 1.09 23.53
C HIS C 74 51.48 0.98 23.61
N VAL C 75 51.28 0.80 22.30
CA VAL C 75 51.38 -0.52 21.67
C VAL C 75 52.43 -0.49 20.55
N ASP C 76 53.56 -1.17 20.75
CA ASP C 76 54.56 -1.31 19.70
C ASP C 76 54.03 -2.30 18.65
N GLU C 77 53.06 -1.83 17.87
CA GLU C 77 52.25 -2.63 16.94
C GLU C 77 53.04 -3.21 15.74
N ALA C 78 54.00 -2.43 15.22
CA ALA C 78 54.89 -2.93 14.18
C ALA C 78 55.49 -4.30 14.58
N TRP C 79 56.05 -4.37 15.78
CA TRP C 79 56.67 -5.61 16.27
C TRP C 79 55.68 -6.76 16.32
N LEU C 80 54.43 -6.45 16.63
CA LEU C 80 53.35 -7.44 16.63
C LEU C 80 53.08 -8.06 15.24
N LYS C 81 53.13 -7.23 14.21
CA LYS C 81 52.96 -7.67 12.83
C LYS C 81 54.07 -8.69 12.48
N GLN C 82 55.31 -8.31 12.78
CA GLN C 82 56.50 -9.13 12.49
C GLN C 82 56.53 -10.42 13.30
N ALA C 83 56.01 -10.37 14.53
CA ALA C 83 56.00 -11.55 15.39
C ALA C 83 54.83 -12.49 15.09
N GLY C 84 53.98 -12.10 14.14
CA GLY C 84 52.80 -12.90 13.79
C GLY C 84 51.77 -12.94 14.90
N ILE C 85 51.71 -11.87 15.68
CA ILE C 85 50.83 -11.77 16.83
C ILE C 85 49.66 -10.86 16.46
N GLY C 86 48.43 -11.32 16.68
CA GLY C 86 47.25 -10.49 16.38
C GLY C 86 47.10 -9.30 17.30
N PHE C 87 46.24 -8.35 16.92
CA PHE C 87 46.07 -7.15 17.73
C PHE C 87 44.78 -6.43 17.48
N SER C 88 44.24 -5.87 18.56
CA SER C 88 43.15 -4.92 18.47
C SER C 88 43.21 -3.97 19.65
N ALA C 89 42.93 -2.71 19.34
CA ALA C 89 42.55 -1.76 20.35
C ALA C 89 41.06 -1.64 20.11
N ALA C 90 40.46 -0.52 20.52
CA ALA C 90 39.06 -0.30 20.24
C ALA C 90 38.82 1.09 19.63
N PRO C 91 39.29 1.31 18.38
CA PRO C 91 39.06 2.54 17.64
C PRO C 91 37.61 2.98 17.69
N GLY C 92 37.40 4.22 18.09
CA GLY C 92 36.08 4.84 18.06
C GLY C 92 35.17 4.47 19.22
N CYS C 93 35.69 3.70 20.20
CA CYS C 93 34.84 3.21 21.30
C CYS C 93 34.23 4.37 22.09
N ASN C 94 34.96 5.47 22.20
CA ASN C 94 34.46 6.63 22.92
C ASN C 94 34.10 7.78 21.99
N ALA C 95 34.10 7.53 20.69
CA ALA C 95 33.79 8.60 19.71
C ALA C 95 32.40 9.24 19.88
N ILE C 96 31.37 8.42 20.06
CA ILE C 96 30.05 8.99 20.12
C ILE C 96 29.89 9.83 21.39
N ALA C 97 30.60 9.47 22.48
CA ALA C 97 30.59 10.29 23.65
C ALA C 97 31.11 11.69 23.31
N VAL C 98 32.19 11.79 22.58
CA VAL C 98 32.69 13.09 22.27
C VAL C 98 31.73 13.87 21.35
N VAL C 99 31.12 13.18 20.39
CA VAL C 99 30.20 13.85 19.49
C VAL C 99 29.03 14.43 20.29
N GLU C 100 28.52 13.67 21.25
CA GLU C 100 27.37 14.13 22.04
C GLU C 100 27.72 15.21 23.08
N TYR C 101 28.98 15.26 23.47
CA TYR C 101 29.54 16.38 24.24
C TYR C 101 29.59 17.61 23.34
N VAL C 102 30.10 17.48 22.12
CA VAL C 102 30.12 18.61 21.21
C VAL C 102 28.70 19.16 20.98
N PHE C 103 27.73 18.31 20.72
CA PHE C 103 26.39 18.79 20.50
C PHE C 103 25.85 19.42 21.77
N SER C 104 26.10 18.79 22.92
CA SER C 104 25.65 19.33 24.17
C SER C 104 26.07 20.77 24.32
N ALA C 105 27.35 21.07 24.07
CA ALA C 105 27.87 22.46 24.15
C ALA C 105 27.26 23.35 23.09
N LEU C 106 27.09 22.84 21.88
CA LEU C 106 26.60 23.71 20.81
C LEU C 106 25.16 24.11 21.08
N LEU C 107 24.38 23.18 21.59
CA LEU C 107 22.97 23.43 21.91
C LEU C 107 22.85 24.43 23.05
N LEU C 109 25.00 26.83 23.73
CA LEU C 109 25.43 28.15 23.20
C LEU C 109 24.40 28.74 22.25
N ALA C 110 23.77 27.88 21.45
CA ALA C 110 22.81 28.34 20.49
C ALA C 110 21.60 28.98 21.18
N GLU C 111 21.19 28.41 22.31
CA GLU C 111 20.12 29.01 23.10
C GLU C 111 20.61 30.30 23.82
N ARG C 112 21.77 30.26 24.45
CA ARG C 112 22.27 31.43 25.18
C ARG C 112 22.39 32.66 24.27
N ASP C 113 23.02 32.49 23.12
CA ASP C 113 23.26 33.58 22.19
C ASP C 113 22.22 33.68 21.07
N GLY C 114 21.12 32.95 21.21
CA GLY C 114 19.99 33.09 20.28
C GLY C 114 20.26 32.95 18.79
N PHE C 115 21.00 31.91 18.41
CA PHE C 115 21.15 31.63 16.98
C PHE C 115 20.65 30.22 16.74
N SER C 116 20.32 29.94 15.50
CA SER C 116 19.90 28.62 15.03
C SER C 116 21.13 27.82 14.54
N LEU C 117 21.26 26.54 14.92
CA LEU C 117 22.43 25.76 14.52
C LEU C 117 22.51 25.59 13.01
N ARG C 118 21.37 25.46 12.38
CA ARG C 118 21.30 25.26 10.94
C ARG C 118 21.90 26.43 10.17
N ASP C 119 22.12 27.56 10.84
CA ASP C 119 22.73 28.70 10.18
C ASP C 119 24.25 28.77 10.35
N ARG C 120 24.83 27.94 11.21
CA ARG C 120 26.26 27.95 11.46
C ARG C 120 26.95 27.11 10.38
N THR C 121 28.24 27.35 10.19
CA THR C 121 29.05 26.54 9.27
C THR C 121 30.14 25.91 10.11
N ILE C 122 30.18 24.60 10.11
CA ILE C 122 31.05 23.93 11.07
C ILE C 122 32.24 23.31 10.39
N GLY C 123 33.42 23.79 10.75
CA GLY C 123 34.67 23.25 10.23
C GLY C 123 35.18 22.12 11.12
N ILE C 124 35.36 20.93 10.55
CA ILE C 124 35.85 19.79 11.34
C ILE C 124 37.31 19.47 11.06
N VAL C 125 38.17 19.64 12.05
CA VAL C 125 39.59 19.39 11.80
C VAL C 125 39.96 17.99 12.29
N GLY C 126 40.18 17.06 11.37
CA GLY C 126 40.37 15.66 11.78
C GLY C 126 39.07 14.90 11.68
N VAL C 127 38.96 14.10 10.63
CA VAL C 127 37.71 13.44 10.31
C VAL C 127 37.89 11.93 10.40
N GLY C 128 38.18 11.47 11.61
CA GLY C 128 38.39 10.06 11.84
C GLY C 128 37.19 9.56 12.58
N ASN C 129 37.41 8.83 13.69
CA ASN C 129 36.30 8.18 14.39
C ASN C 129 35.35 9.18 14.98
N VAL C 130 35.88 10.23 15.63
CA VAL C 130 35.03 11.24 16.18
C VAL C 130 34.53 12.15 15.02
N GLY C 131 35.48 12.63 14.24
CA GLY C 131 35.15 13.62 13.23
C GLY C 131 34.16 13.16 12.18
N SER C 132 34.25 11.92 11.66
CA SER C 132 33.22 11.47 10.69
C SER C 132 31.83 11.27 11.29
N ARG C 133 31.77 10.87 12.55
CA ARG C 133 30.51 10.73 13.23
C ARG C 133 29.86 12.08 13.52
N LEU C 134 30.64 13.05 13.98
CA LEU C 134 30.18 14.42 14.04
C LEU C 134 29.63 14.83 12.68
N GLN C 135 30.42 14.60 11.64
CA GLN C 135 30.00 14.98 10.30
C GLN C 135 28.63 14.46 9.87
N THR C 136 28.42 13.16 10.06
CA THR C 136 27.17 12.51 9.69
C THR C 136 25.99 13.07 10.43
N ARG C 137 26.17 13.41 11.71
CA ARG C 137 25.08 13.93 12.50
C ARG C 137 24.77 15.37 12.11
N LEU C 138 25.78 16.18 11.82
CA LEU C 138 25.52 17.56 11.39
C LEU C 138 24.83 17.54 10.04
N GLU C 139 25.34 16.71 9.14
CA GLU C 139 24.67 16.53 7.84
C GLU C 139 23.19 16.22 7.96
N ALA C 140 22.83 15.30 8.83
CA ALA C 140 21.43 14.93 8.99
C ALA C 140 20.58 16.16 9.32
N LEU C 141 21.19 17.12 10.00
CA LEU C 141 20.48 18.30 10.41
C LEU C 141 20.53 19.35 9.35
N GLY C 142 21.26 19.10 8.27
CA GLY C 142 21.36 20.08 7.21
C GLY C 142 22.29 21.24 7.56
N ILE C 143 23.14 21.06 8.56
CA ILE C 143 24.20 22.02 8.89
C ILE C 143 25.38 21.90 7.91
N ARG C 144 25.85 23.02 7.38
CA ARG C 144 26.97 23.01 6.45
C ARG C 144 28.27 22.69 7.16
N THR C 145 29.04 21.77 6.60
CA THR C 145 30.20 21.26 7.27
C THR C 145 31.34 21.33 6.31
N LEU C 146 32.47 21.84 6.79
CA LEU C 146 33.70 21.83 6.03
C LEU C 146 34.64 20.82 6.70
N LEU C 147 35.27 20.00 5.88
CA LEU C 147 36.11 18.91 6.34
C LEU C 147 37.56 19.20 6.05
N CYS C 148 38.42 19.00 7.05
CA CYS C 148 39.85 19.09 6.85
C CYS C 148 40.52 17.85 7.41
N ASP C 149 41.28 17.16 6.57
CA ASP C 149 41.98 15.97 6.99
C ASP C 149 43.07 15.65 5.96
N PRO C 150 44.21 16.34 6.07
CA PRO C 150 45.18 16.10 5.02
C PRO C 150 45.62 14.63 4.77
N PRO C 151 45.81 13.81 5.82
CA PRO C 151 46.19 12.39 5.53
C PRO C 151 45.09 11.56 4.84
N ARG C 152 43.83 11.76 5.18
CA ARG C 152 42.78 11.07 4.42
C ARG C 152 42.78 11.54 2.97
N ALA C 153 42.95 12.85 2.75
CA ALA C 153 42.99 13.39 1.40
C ALA C 153 44.15 12.82 0.61
N ALA C 154 45.31 12.74 1.23
CA ALA C 154 46.52 12.26 0.53
C ALA C 154 46.37 10.80 0.15
N ARG C 155 45.72 10.03 1.01
CA ARG C 155 45.46 8.62 0.75
C ARG C 155 44.50 8.44 -0.43
N GLY C 156 43.86 9.55 -0.84
CA GLY C 156 42.91 9.52 -1.94
C GLY C 156 41.49 9.14 -1.53
N ASP C 157 41.15 9.27 -0.25
CA ASP C 157 39.81 8.92 0.22
C ASP C 157 38.71 9.73 -0.47
N GLU C 158 37.60 9.04 -0.75
CA GLU C 158 36.36 9.67 -1.20
C GLU C 158 35.94 10.72 -0.18
N GLY C 159 35.47 11.85 -0.65
CA GLY C 159 35.14 12.94 0.26
C GLY C 159 35.81 14.18 -0.28
N ASP C 160 35.44 15.33 0.24
CA ASP C 160 36.04 16.56 -0.22
C ASP C 160 36.69 17.30 0.93
N PHE C 161 38.01 17.20 0.97
CA PHE C 161 38.77 17.70 2.07
C PHE C 161 39.36 19.04 1.71
N ARG C 162 39.14 20.03 2.56
CA ARG C 162 39.61 21.37 2.26
C ARG C 162 40.86 21.59 3.07
N THR C 163 41.44 22.77 2.90
CA THR C 163 42.60 23.16 3.68
C THR C 163 42.11 23.82 4.94
N LEU C 164 42.95 23.78 5.97
CA LEU C 164 42.71 24.49 7.23
C LEU C 164 42.43 26.00 6.98
N ASP C 165 43.18 26.62 6.07
CA ASP C 165 42.89 28.02 5.67
C ASP C 165 41.48 28.23 5.17
N GLU C 166 40.96 27.29 4.37
CA GLU C 166 39.61 27.43 3.88
C GLU C 166 38.61 27.28 5.03
N LEU C 167 38.81 26.28 5.90
CA LEU C 167 38.00 26.19 7.12
C LEU C 167 38.04 27.50 7.93
N VAL C 168 39.23 27.94 8.26
CA VAL C 168 39.34 29.19 9.01
C VAL C 168 38.60 30.37 8.36
N GLN C 169 38.76 30.54 7.06
CA GLN C 169 38.07 31.62 6.37
C GLN C 169 36.53 31.56 6.40
N GLU C 170 35.96 30.35 6.44
CA GLU C 170 34.55 30.21 6.21
C GLU C 170 33.75 29.68 7.39
N ALA C 171 34.38 29.03 8.35
CA ALA C 171 33.59 28.39 9.40
C ALA C 171 33.38 29.34 10.57
N ASP C 172 32.23 29.24 11.24
CA ASP C 172 32.05 29.97 12.50
C ASP C 172 31.98 29.03 13.70
N VAL C 173 32.09 27.73 13.45
CA VAL C 173 32.42 26.77 14.48
C VAL C 173 33.65 25.97 13.99
N LEU C 174 34.70 25.91 14.79
CA LEU C 174 35.86 25.12 14.41
C LEU C 174 36.17 24.11 15.51
N THR C 175 36.10 22.83 15.19
CA THR C 175 36.26 21.79 16.22
C THR C 175 37.38 20.83 15.83
N PHE C 176 38.26 20.57 16.77
CA PHE C 176 39.46 19.80 16.50
C PHE C 176 39.34 18.40 17.03
N HIS C 177 39.69 17.47 16.16
CA HIS C 177 39.58 16.04 16.47
C HIS C 177 40.72 15.28 15.82
N THR C 178 41.94 15.72 16.10
CA THR C 178 43.16 15.15 15.52
C THR C 178 44.03 14.49 16.60
N PRO C 179 45.00 13.64 16.21
CA PRO C 179 45.91 13.19 17.27
C PRO C 179 46.86 14.30 17.60
N LEU C 180 47.72 14.10 18.59
CA LEU C 180 48.85 15.00 18.81
C LEU C 180 50.13 14.51 18.09
N TYR C 181 50.55 15.24 17.05
CA TYR C 181 51.83 15.01 16.39
C TYR C 181 52.68 16.24 16.63
N LYS C 182 53.86 16.04 17.19
CA LYS C 182 54.77 17.11 17.52
C LYS C 182 55.57 17.59 16.30
N ASP C 183 55.48 16.86 15.20
CA ASP C 183 56.25 17.26 14.03
C ASP C 183 55.87 16.71 12.65
N GLY C 184 56.54 17.27 11.66
CA GLY C 184 56.39 16.87 10.26
C GLY C 184 55.19 17.46 9.57
N PRO C 185 54.80 16.84 8.44
CA PRO C 185 53.80 17.32 7.49
C PRO C 185 52.43 17.48 8.14
N TYR C 186 52.10 16.64 9.12
CA TYR C 186 50.76 16.75 9.76
C TYR C 186 50.82 17.28 11.19
N LYS C 187 51.89 18.00 11.52
CA LYS C 187 52.04 18.60 12.84
C LYS C 187 50.74 19.23 13.32
N THR C 188 50.27 18.81 14.50
CA THR C 188 49.09 19.40 15.15
C THR C 188 49.40 20.11 16.49
N LEU C 189 50.64 20.03 16.92
CA LEU C 189 51.07 20.81 18.07
C LEU C 189 50.88 22.29 17.72
N HIS C 190 50.06 22.98 18.52
CA HIS C 190 49.68 24.36 18.30
C HIS C 190 49.17 24.62 16.90
N LEU C 191 48.44 23.66 16.34
CA LEU C 191 47.77 23.86 15.07
C LEU C 191 46.98 25.14 15.24
N ALA C 192 46.18 25.22 16.30
CA ALA C 192 45.50 26.46 16.65
C ALA C 192 46.42 27.36 17.46
N ASP C 193 47.26 28.12 16.77
CA ASP C 193 48.17 29.05 17.46
C ASP C 193 47.61 30.47 17.43
N GLU C 194 48.39 31.42 17.90
CA GLU C 194 48.02 32.83 17.84
C GLU C 194 47.59 33.22 16.42
N THR C 195 48.39 32.84 15.42
CA THR C 195 48.09 33.16 14.03
C THR C 195 46.69 32.68 13.60
N LEU C 196 46.35 31.43 13.90
CA LEU C 196 45.09 30.86 13.46
C LEU C 196 43.89 31.46 14.26
N ILE C 197 44.06 31.58 15.58
CA ILE C 197 43.01 32.10 16.44
C ILE C 197 42.62 33.50 16.00
N ARG C 198 43.61 34.35 15.72
CA ARG C 198 43.35 35.73 15.25
C ARG C 198 42.48 35.79 14.00
N ARG C 199 42.55 34.75 13.19
CA ARG C 199 41.83 34.74 11.95
C ARG C 199 40.38 34.31 12.12
N LEU C 200 39.99 33.80 13.29
CA LEU C 200 38.61 33.26 13.45
C LEU C 200 37.52 34.33 13.31
N LYS C 201 36.45 34.07 12.57
CA LYS C 201 35.38 35.06 12.46
C LYS C 201 34.90 35.54 13.85
N PRO C 202 34.46 36.79 13.94
CA PRO C 202 33.75 37.30 15.13
C PRO C 202 32.55 36.43 15.46
N GLY C 203 32.38 36.07 16.74
CA GLY C 203 31.29 35.19 17.14
C GLY C 203 31.58 33.74 16.82
N ALA C 204 32.81 33.42 16.41
CA ALA C 204 33.17 32.03 16.13
C ALA C 204 33.19 31.25 17.44
N ILE C 205 32.94 29.95 17.34
CA ILE C 205 33.06 29.03 18.44
C ILE C 205 34.25 28.09 18.20
N LEU C 206 35.24 28.15 19.10
CA LEU C 206 36.36 27.22 19.11
C LEU C 206 36.17 26.05 20.09
N ILE C 207 36.27 24.83 19.56
CA ILE C 207 36.16 23.64 20.36
C ILE C 207 37.40 22.72 20.30
N ASN C 208 37.94 22.39 21.47
CA ASN C 208 39.00 21.41 21.47
C ASN C 208 38.69 20.33 22.47
N ALA C 209 38.22 19.21 21.97
CA ALA C 209 38.05 18.04 22.81
C ALA C 209 38.94 16.90 22.33
N CYS C 210 40.05 17.22 21.67
CA CYS C 210 40.97 16.15 21.29
C CYS C 210 42.19 16.08 22.25
N ARG C 211 43.28 16.80 21.99
CA ARG C 211 44.43 16.83 22.91
C ARG C 211 44.77 18.26 23.34
N GLY C 212 45.20 18.39 24.59
CA GLY C 212 45.56 19.70 25.16
C GLY C 212 46.31 20.65 24.24
N PRO C 213 47.54 20.27 23.81
CA PRO C 213 48.46 21.17 23.09
C PRO C 213 48.15 21.39 21.59
N VAL C 214 47.03 20.85 21.12
CA VAL C 214 46.60 21.16 19.77
C VAL C 214 46.22 22.65 19.66
N VAL C 215 45.72 23.20 20.77
CA VAL C 215 45.45 24.62 20.90
C VAL C 215 46.51 25.24 21.83
N ASP C 216 47.21 26.26 21.33
CA ASP C 216 48.13 27.06 22.15
C ASP C 216 47.31 27.80 23.20
N ASN C 217 47.30 27.26 24.42
CA ASN C 217 46.48 27.80 25.48
C ASN C 217 46.83 29.24 25.89
N ALA C 218 48.13 29.54 25.96
CA ALA C 218 48.61 30.87 26.31
C ALA C 218 48.11 31.93 25.30
N ALA C 219 48.14 31.58 24.03
CA ALA C 219 47.73 32.49 22.94
C ALA C 219 46.21 32.68 22.92
N LEU C 220 45.48 31.62 23.26
CA LEU C 220 44.03 31.71 23.37
C LEU C 220 43.67 32.70 24.45
N LEU C 221 44.23 32.52 25.64
CA LEU C 221 44.04 33.47 26.75
C LEU C 221 44.34 34.92 26.38
N ALA C 222 45.47 35.17 25.72
CA ALA C 222 45.82 36.54 25.31
C ALA C 222 44.81 37.11 24.32
N ARG C 223 44.39 36.31 23.34
CA ARG C 223 43.36 36.75 22.42
C ARG C 223 42.04 37.01 23.14
N LEU C 224 41.67 36.15 24.08
CA LEU C 224 40.40 36.43 24.82
C LEU C 224 40.50 37.65 25.73
N ASN C 225 41.63 37.79 26.44
CA ASN C 225 41.88 38.93 27.33
C ASN C 225 41.83 40.27 26.61
N ALA C 226 42.24 40.24 25.34
CA ALA C 226 42.23 41.39 24.45
C ALA C 226 40.84 41.66 23.85
N GLY C 227 39.83 40.87 24.22
CA GLY C 227 38.47 41.17 23.77
C GLY C 227 38.11 40.65 22.39
N GLN C 228 38.81 39.63 21.90
CA GLN C 228 38.41 39.04 20.65
C GLN C 228 37.09 38.33 20.87
N PRO C 229 36.11 38.62 19.99
CA PRO C 229 34.79 38.02 20.08
C PRO C 229 34.80 36.56 19.57
N LEU C 230 34.72 35.63 20.52
CA LEU C 230 34.95 34.24 20.29
C LEU C 230 34.38 33.46 21.48
N SER C 231 33.66 32.37 21.23
CA SER C 231 33.26 31.50 22.30
C SER C 231 34.13 30.23 22.25
N VAL C 232 34.43 29.67 23.40
CA VAL C 232 35.39 28.57 23.48
C VAL C 232 34.88 27.40 24.36
N VAL C 233 34.98 26.20 23.83
CA VAL C 233 34.65 25.02 24.61
C VAL C 233 35.94 24.24 24.70
N LEU C 234 36.43 23.99 25.91
CA LEU C 234 37.63 23.14 26.05
C LEU C 234 37.38 21.98 27.03
N ASP C 235 37.81 20.79 26.62
CA ASP C 235 37.80 19.62 27.48
C ASP C 235 39.22 19.16 27.73
N VAL C 236 40.17 19.63 26.93
CA VAL C 236 41.54 19.19 27.11
C VAL C 236 42.37 20.45 27.25
N TRP C 237 43.46 20.37 28.01
CA TRP C 237 44.25 21.53 28.42
C TRP C 237 45.72 21.21 28.28
N GLU C 238 46.52 22.21 27.95
CA GLU C 238 47.96 22.12 28.10
C GLU C 238 48.37 22.09 29.58
N GLY C 239 49.41 21.33 29.88
CA GLY C 239 49.90 21.17 31.24
C GLY C 239 49.02 20.41 32.22
N GLU C 240 47.98 19.72 31.73
CA GLU C 240 47.15 18.80 32.55
C GLU C 240 47.95 17.88 33.46
N PRO C 241 47.58 17.77 34.75
CA PRO C 241 46.39 18.37 35.38
C PRO C 241 46.55 19.84 35.81
N ASP C 242 47.77 20.39 35.75
CA ASP C 242 47.97 21.78 36.17
C ASP C 242 47.49 22.80 35.12
N LEU C 243 46.20 22.73 34.81
CA LEU C 243 45.60 23.57 33.77
C LEU C 243 45.68 25.07 34.08
N ASN C 244 45.74 25.87 33.03
CA ASN C 244 45.68 27.33 33.10
C ASN C 244 44.33 27.82 33.62
N VAL C 245 44.30 28.32 34.85
CA VAL C 245 43.07 28.74 35.49
C VAL C 245 42.54 30.07 34.96
N ALA C 246 43.42 31.04 34.74
CA ALA C 246 43.03 32.28 34.10
C ALA C 246 42.22 31.96 32.83
N LEU C 247 42.67 30.97 32.07
CA LEU C 247 41.98 30.58 30.83
C LEU C 247 40.64 29.93 31.10
N LEU C 248 40.55 29.11 32.15
CA LEU C 248 39.27 28.50 32.51
C LEU C 248 38.29 29.59 32.83
N GLU C 249 38.73 30.58 33.58
CA GLU C 249 37.85 31.69 33.91
C GLU C 249 37.29 32.38 32.65
N ALA C 250 38.03 32.34 31.53
CA ALA C 250 37.69 33.07 30.26
C ALA C 250 36.92 32.25 29.21
N VAL C 251 36.87 30.93 29.34
CA VAL C 251 36.16 30.11 28.38
C VAL C 251 34.72 29.99 28.77
N ASP C 252 33.90 29.63 27.79
CA ASP C 252 32.48 29.44 28.00
C ASP C 252 32.23 28.09 28.65
N ILE C 253 32.93 27.05 28.17
CA ILE C 253 32.82 25.73 28.76
C ILE C 253 34.21 25.14 28.91
N GLY C 254 34.51 24.73 30.14
CA GLY C 254 35.73 24.00 30.45
C GLY C 254 35.36 22.78 31.27
N THR C 255 35.88 21.62 30.87
CA THR C 255 35.58 20.39 31.57
C THR C 255 36.89 19.65 31.72
N SER C 256 36.90 18.63 32.59
CA SER C 256 38.18 18.02 32.98
C SER C 256 38.53 16.76 32.20
N HIS C 257 38.57 16.88 30.87
CA HIS C 257 38.98 15.79 30.01
C HIS C 257 38.06 14.59 30.24
N ILE C 258 36.78 14.83 30.13
CA ILE C 258 35.82 13.79 30.38
C ILE C 258 34.88 13.61 29.20
N ALA C 259 35.21 14.17 28.05
CA ALA C 259 34.24 14.15 26.94
C ALA C 259 33.94 12.74 26.48
N GLY C 260 34.90 11.83 26.66
CA GLY C 260 34.76 10.44 26.21
C GLY C 260 34.14 9.55 27.27
N TYR C 261 33.86 10.10 28.45
CA TYR C 261 33.45 9.26 29.57
C TYR C 261 31.96 8.96 29.61
N THR C 262 31.46 8.06 28.77
CA THR C 262 30.13 7.52 28.97
C THR C 262 30.21 6.09 29.41
N LEU C 263 29.13 5.57 30.00
CA LEU C 263 29.06 4.13 30.27
C LEU C 263 29.24 3.30 28.99
N GLU C 264 28.48 3.61 27.95
CA GLU C 264 28.61 2.92 26.66
C GLU C 264 30.04 3.00 26.17
N GLY C 265 30.68 4.14 26.44
CA GLY C 265 32.04 4.40 25.97
C GLY C 265 33.08 3.53 26.62
N LYS C 266 32.99 3.36 27.94
CA LYS C 266 33.88 2.45 28.63
C LYS C 266 33.55 1.00 28.27
N ALA C 267 32.27 0.67 28.15
CA ALA C 267 31.91 -0.71 27.83
C ALA C 267 32.34 -1.16 26.44
N ARG C 268 32.25 -0.25 25.46
CA ARG C 268 32.56 -0.56 24.06
C ARG C 268 34.06 -0.91 23.87
N GLY C 269 34.91 -0.38 24.73
CA GLY C 269 36.31 -0.79 24.78
C GLY C 269 36.47 -2.27 24.96
N THR C 270 35.76 -2.81 25.95
CA THR C 270 35.80 -4.23 26.25
C THR C 270 35.18 -4.99 25.11
N THR C 271 34.07 -4.47 24.61
CA THR C 271 33.25 -5.16 23.60
C THR C 271 33.92 -5.34 22.24
N GLN C 272 34.70 -4.34 21.83
CA GLN C 272 35.36 -4.38 20.54
C GLN C 272 36.58 -5.27 20.60
N VAL C 273 37.27 -5.17 21.73
CA VAL C 273 38.42 -6.02 21.98
C VAL C 273 37.99 -7.50 22.03
N PHE C 274 36.82 -7.73 22.60
CA PHE C 274 36.29 -9.08 22.73
C PHE C 274 35.87 -9.65 21.39
N GLU C 275 35.39 -8.79 20.49
CA GLU C 275 34.91 -9.26 19.21
C GLU C 275 36.04 -9.58 18.27
N ALA C 276 37.14 -8.84 18.37
CA ALA C 276 38.32 -9.16 17.59
C ALA C 276 38.81 -10.55 17.96
N TYR C 277 38.83 -10.86 19.26
CA TYR C 277 39.42 -12.10 19.75
C TYR C 277 38.53 -13.32 19.45
N SER C 278 37.22 -13.11 19.40
CA SER C 278 36.26 -14.17 19.09
C SER C 278 36.34 -14.61 17.62
N ALA C 279 36.57 -13.62 16.75
CA ALA C 279 36.84 -13.83 15.33
C ALA C 279 38.22 -14.48 15.11
N PHE C 280 39.27 -13.82 15.60
CA PHE C 280 40.65 -14.31 15.56
C PHE C 280 40.77 -15.84 15.77
N ILE C 281 39.93 -16.39 16.65
CA ILE C 281 39.99 -17.81 16.95
C ILE C 281 38.76 -18.56 16.41
N GLY C 282 38.01 -17.89 15.55
CA GLY C 282 36.86 -18.51 14.88
C GLY C 282 35.65 -18.63 15.78
N GLU C 284 34.36 -16.27 15.84
CA GLU C 284 33.44 -15.19 15.47
C GLU C 284 32.24 -15.09 16.41
N GLN C 285 32.17 -13.99 17.15
CA GLN C 285 30.95 -13.66 17.89
C GLN C 285 30.76 -12.15 17.84
N ARG C 286 29.64 -11.70 18.42
CA ARG C 286 29.35 -10.28 18.61
C ARG C 286 28.48 -10.12 19.87
N VAL C 287 28.46 -8.93 20.43
CA VAL C 287 27.63 -8.69 21.61
C VAL C 287 26.98 -7.31 21.59
N ALA C 288 25.69 -7.28 21.93
CA ALA C 288 24.91 -6.06 21.97
C ALA C 288 25.02 -5.39 23.34
N LEU C 289 25.23 -4.08 23.31
CA LEU C 289 25.58 -3.34 24.50
C LEU C 289 24.45 -3.26 25.54
N GLU C 290 23.20 -3.17 25.09
CA GLU C 290 22.07 -3.13 26.04
C GLU C 290 21.91 -4.43 26.83
N THR C 291 22.58 -5.49 26.36
CA THR C 291 22.54 -6.75 27.09
C THR C 291 23.54 -6.73 28.22
N LEU C 292 24.40 -5.70 28.26
CA LEU C 292 25.43 -5.58 29.28
C LEU C 292 25.15 -4.52 30.33
N LEU C 293 24.76 -3.33 29.87
CA LEU C 293 24.70 -2.19 30.77
C LEU C 293 23.38 -2.09 31.52
N PRO C 294 23.46 -1.48 32.71
CA PRO C 294 22.30 -1.27 33.56
C PRO C 294 21.32 -0.31 32.88
N ALA C 295 20.05 -0.41 33.27
CA ALA C 295 19.03 0.46 32.70
C ALA C 295 19.39 1.89 33.09
N PRO C 296 19.25 2.84 32.15
CA PRO C 296 19.49 4.29 32.41
C PRO C 296 18.44 4.85 33.37
N GLU C 297 18.74 5.95 34.04
CA GLU C 297 17.69 6.62 34.82
C GLU C 297 16.47 7.02 33.99
N PHE C 298 16.71 7.51 32.77
CA PHE C 298 15.64 7.85 31.82
C PHE C 298 15.63 6.94 30.55
N GLY C 299 14.81 5.90 30.58
CA GLY C 299 14.73 4.96 29.49
C GLY C 299 13.81 5.30 28.31
N ARG C 300 12.66 5.93 28.58
CA ARG C 300 11.62 6.07 27.56
C ARG C 300 10.91 7.40 27.71
N ILE C 301 10.52 7.98 26.58
CA ILE C 301 9.87 9.28 26.57
C ILE C 301 9.10 9.39 25.25
N THR C 302 7.97 10.10 25.28
CA THR C 302 7.21 10.33 24.07
C THR C 302 7.47 11.75 23.55
N LEU C 303 7.47 11.93 22.24
CA LEU C 303 7.60 13.26 21.68
C LEU C 303 6.42 13.52 20.75
N HIS C 304 5.67 14.57 21.04
CA HIS C 304 4.57 14.96 20.21
C HIS C 304 5.02 16.14 19.35
N GLY C 305 4.88 16.01 18.04
CA GLY C 305 5.23 17.05 17.11
C GLY C 305 6.62 16.90 16.52
N PRO C 306 6.94 17.79 15.58
CA PRO C 306 8.19 17.85 14.81
C PRO C 306 9.33 18.26 15.70
N LEU C 307 10.53 17.81 15.36
CA LEU C 307 11.73 18.18 16.06
C LEU C 307 12.12 19.59 15.63
N ASP C 308 12.49 20.45 16.57
CA ASP C 308 13.03 21.76 16.23
C ASP C 308 14.19 21.91 17.17
N GLN C 309 14.89 23.04 17.10
CA GLN C 309 16.08 23.22 17.90
C GLN C 309 15.83 23.11 19.42
N PRO C 310 14.82 23.83 19.93
CA PRO C 310 14.53 23.75 21.34
C PRO C 310 14.14 22.35 21.80
N THR C 311 13.42 21.59 20.97
CA THR C 311 13.01 20.26 21.34
C THR C 311 14.23 19.35 21.33
N LEU C 312 15.11 19.53 20.34
CA LEU C 312 16.31 18.75 20.31
C LEU C 312 17.14 19.08 21.54
N LYS C 313 17.23 20.36 21.90
CA LYS C 313 18.03 20.73 23.07
C LYS C 313 17.49 20.01 24.31
N ARG C 314 16.17 20.01 24.48
CA ARG C 314 15.53 19.33 25.61
C ARG C 314 15.88 17.84 25.71
N LEU C 315 15.88 17.16 24.57
CA LEU C 315 16.24 15.75 24.52
C LEU C 315 17.72 15.54 24.80
N ALA C 316 18.55 16.28 24.12
CA ALA C 316 20.00 16.11 24.29
C ALA C 316 20.40 16.37 25.75
N HIS C 317 19.88 17.44 26.35
CA HIS C 317 20.34 17.86 27.68
C HIS C 317 19.69 17.02 28.77
N LEU C 318 18.61 16.36 28.42
CA LEU C 318 18.03 15.38 29.34
C LEU C 318 19.07 14.27 29.57
N VAL C 319 19.75 13.88 28.50
CA VAL C 319 20.74 12.81 28.59
C VAL C 319 22.07 13.34 29.07
N TYR C 320 22.45 14.54 28.62
CA TYR C 320 23.69 15.14 29.09
C TYR C 320 23.86 16.62 28.77
N ASP C 321 23.98 17.43 29.82
CA ASP C 321 24.14 18.88 29.70
C ASP C 321 25.54 19.09 30.19
N VAL C 322 26.38 19.56 29.29
CA VAL C 322 27.79 19.70 29.55
C VAL C 322 28.03 20.57 30.78
N ARG C 323 27.09 21.44 31.10
CA ARG C 323 27.21 22.35 32.22
C ARG C 323 27.29 21.64 33.54
N ARG C 324 26.84 20.39 33.59
CA ARG C 324 27.05 19.67 34.85
C ARG C 324 28.53 19.33 35.12
N ASP C 325 29.40 19.40 34.11
CA ASP C 325 30.81 19.11 34.36
C ASP C 325 31.69 20.38 34.43
N ASP C 326 31.14 21.48 33.89
CA ASP C 326 31.78 22.79 33.85
C ASP C 326 31.72 23.43 35.23
N ALA C 327 30.57 23.36 35.89
CA ALA C 327 30.45 23.97 37.20
C ALA C 327 31.51 23.42 38.21
N PRO C 328 31.62 22.08 38.34
CA PRO C 328 32.55 21.60 39.39
C PRO C 328 34.04 21.80 39.06
N LEU C 329 34.41 21.83 37.79
CA LEU C 329 35.80 22.09 37.49
C LEU C 329 36.12 23.50 37.93
N ARG C 330 35.17 24.42 37.79
CA ARG C 330 35.41 25.84 38.12
C ARG C 330 35.59 25.98 39.60
N LYS C 331 34.90 25.13 40.35
CA LYS C 331 34.91 25.25 41.78
C LYS C 331 36.30 24.90 42.35
N VAL C 332 36.98 23.95 41.71
CA VAL C 332 38.23 23.42 42.28
C VAL C 332 39.48 23.55 41.41
N ALA C 333 39.40 24.23 40.26
CA ALA C 333 40.50 24.20 39.26
C ALA C 333 41.94 24.48 39.78
N GLY C 334 42.11 25.49 40.63
CA GLY C 334 43.48 25.78 41.09
C GLY C 334 44.12 24.81 42.09
N ILE C 335 43.32 23.87 42.60
CA ILE C 335 43.71 23.07 43.76
C ILE C 335 44.40 21.74 43.39
N PRO C 336 45.70 21.61 43.73
CA PRO C 336 46.50 20.45 43.36
C PRO C 336 45.83 19.12 43.74
N GLY C 337 45.60 18.28 42.75
CA GLY C 337 45.01 16.97 42.95
C GLY C 337 43.61 16.88 42.40
N GLU C 338 42.91 18.01 42.37
CA GLU C 338 41.47 18.00 42.18
C GLU C 338 41.00 17.65 40.77
N PHE C 339 41.75 18.07 39.76
CA PHE C 339 41.48 17.69 38.38
C PHE C 339 41.32 16.18 38.25
N ASP C 340 42.34 15.45 38.69
CA ASP C 340 42.36 14.01 38.56
C ASP C 340 41.26 13.36 39.39
N LYS C 341 41.00 13.92 40.56
CA LYS C 341 39.94 13.45 41.44
C LYS C 341 38.60 13.60 40.74
N LEU C 342 38.41 14.73 40.05
CA LEU C 342 37.19 14.93 39.27
C LEU C 342 36.95 13.85 38.22
N ARG C 343 38.03 13.37 37.62
CA ARG C 343 37.96 12.34 36.56
C ARG C 343 37.68 10.96 37.15
N LYS C 344 38.33 10.66 38.26
CA LYS C 344 38.15 9.37 38.90
C LYS C 344 36.75 9.23 39.48
N ASN C 345 36.18 10.34 39.94
CA ASN C 345 34.86 10.32 40.59
C ASN C 345 33.78 10.72 39.61
N TYR C 346 34.16 10.91 38.36
CA TYR C 346 33.20 11.27 37.35
C TYR C 346 31.96 10.38 37.43
N LEU C 347 30.78 11.01 37.64
CA LEU C 347 29.49 10.32 37.68
C LEU C 347 29.01 9.85 36.30
N GLU C 348 28.14 8.84 36.32
CA GLU C 348 27.69 8.10 35.14
C GLU C 348 27.01 8.99 34.10
N ARG C 349 27.49 8.94 32.87
CA ARG C 349 26.80 9.59 31.76
C ARG C 349 26.45 8.58 30.67
N ARG C 350 25.26 8.71 30.10
CA ARG C 350 24.79 7.80 29.05
C ARG C 350 24.84 8.48 27.69
N GLU C 351 24.64 7.66 26.66
CA GLU C 351 24.59 8.15 25.29
C GLU C 351 23.12 8.31 24.89
N TRP C 352 22.87 9.11 23.86
CA TRP C 352 21.53 9.41 23.40
C TRP C 352 20.79 8.11 23.00
N SER C 353 21.54 7.10 22.54
CA SER C 353 20.93 5.83 22.17
C SER C 353 20.34 5.08 23.35
N SER C 354 20.61 5.51 24.58
CA SER C 354 20.01 4.86 25.75
C SER C 354 18.59 5.38 25.98
N LEU C 355 18.21 6.41 25.22
CA LEU C 355 16.89 6.99 25.34
C LEU C 355 16.00 6.57 24.20
N TYR C 356 14.92 5.86 24.52
CA TYR C 356 13.94 5.42 23.55
C TYR C 356 12.85 6.49 23.42
N VAL C 357 12.72 7.05 22.22
CA VAL C 357 11.82 8.17 22.03
C VAL C 357 10.66 7.68 21.17
N CYS C 359 7.73 8.80 19.03
CA CYS C 359 7.33 10.00 18.27
C CYS C 359 6.02 9.81 17.54
N ASP C 360 5.17 10.84 17.56
CA ASP C 360 3.99 10.81 16.68
C ASP C 360 4.29 11.39 15.31
N ASP C 361 5.51 11.91 15.12
CA ASP C 361 5.88 12.56 13.87
C ASP C 361 7.03 11.82 13.19
N GLU C 362 6.78 11.40 11.96
CA GLU C 362 7.73 10.58 11.22
C GLU C 362 9.01 11.31 10.90
N THR C 363 8.93 12.59 10.55
CA THR C 363 10.19 13.28 10.24
C THR C 363 11.01 13.39 11.49
N ALA C 364 10.35 13.49 12.64
CA ALA C 364 11.09 13.75 13.87
C ALA C 364 11.78 12.46 14.30
N ALA C 365 11.15 11.31 14.06
CA ALA C 365 11.75 10.03 14.39
C ALA C 365 12.95 9.72 13.48
N ALA C 366 12.79 10.02 12.20
CA ALA C 366 13.85 9.79 11.23
C ALA C 366 15.05 10.64 11.55
N LEU C 367 14.80 11.89 11.91
CA LEU C 367 15.91 12.75 12.28
C LEU C 367 16.60 12.27 13.58
N LEU C 368 15.82 11.99 14.61
CA LEU C 368 16.40 11.49 15.87
C LEU C 368 17.26 10.23 15.71
N CYS C 369 16.82 9.29 14.86
CA CYS C 369 17.59 8.12 14.54
C CYS C 369 18.90 8.46 13.86
N LYS C 370 18.90 9.40 12.93
CA LYS C 370 20.16 9.79 12.32
C LYS C 370 21.09 10.46 13.37
N LEU C 371 20.50 11.04 14.41
CA LEU C 371 21.30 11.68 15.44
C LEU C 371 21.76 10.69 16.53
N GLY C 372 21.21 9.48 16.53
CA GLY C 372 21.72 8.44 17.44
C GLY C 372 20.86 8.23 18.66
N PHE C 373 19.66 8.82 18.64
CA PHE C 373 18.60 8.42 19.53
C PHE C 373 17.94 7.12 19.05
N ASN C 374 17.38 6.37 19.98
CA ASN C 374 16.65 5.17 19.66
C ASN C 374 15.19 5.58 19.46
N ALA C 375 14.90 6.19 18.32
CA ALA C 375 13.58 6.74 18.10
C ALA C 375 12.69 5.84 17.20
N VAL C 376 11.37 5.93 17.37
CA VAL C 376 10.44 5.22 16.48
C VAL C 376 9.22 6.11 16.28
N HIS C 377 8.46 5.84 15.21
CA HIS C 377 7.30 6.61 14.90
C HIS C 377 6.09 5.76 15.17
N HIS C 378 5.24 6.22 16.07
CA HIS C 378 3.94 5.64 16.29
C HIS C 378 2.92 6.35 15.37
N PRO C 379 2.30 5.62 14.42
CA PRO C 379 1.36 6.16 13.40
C PRO C 379 0.05 6.70 13.98
N SER D 1 -19.71 8.10 56.36
CA SER D 1 -20.39 9.40 56.56
C SER D 1 -19.79 10.59 55.83
N ASN D 2 -18.65 10.39 55.17
CA ASN D 2 -18.09 11.39 54.28
C ASN D 2 -17.55 10.69 53.03
N ALA D 3 -17.90 9.41 52.91
CA ALA D 3 -17.36 8.58 51.83
C ALA D 3 -18.25 7.39 51.52
N LYS D 5 -19.42 3.57 50.54
CA LYS D 5 -19.07 2.16 50.72
C LYS D 5 -19.40 1.39 49.43
N ILE D 6 -18.39 0.73 48.85
CA ILE D 6 -18.53 0.08 47.55
C ILE D 6 -18.38 -1.43 47.62
N LEU D 7 -19.41 -2.17 47.26
CA LEU D 7 -19.28 -3.63 47.21
C LEU D 7 -18.97 -4.05 45.78
N VAL D 8 -18.04 -4.99 45.63
CA VAL D 8 -17.64 -5.46 44.32
C VAL D 8 -17.44 -6.96 44.29
N ASP D 9 -17.94 -7.61 43.24
CA ASP D 9 -17.68 -9.03 43.03
C ASP D 9 -16.18 -9.32 43.26
N GLU D 10 -15.89 -10.41 43.95
CA GLU D 10 -14.51 -10.72 44.34
C GLU D 10 -13.66 -11.22 43.17
N ASN D 11 -14.33 -11.54 42.06
CA ASN D 11 -13.64 -12.11 40.90
C ASN D 11 -13.57 -11.09 39.79
N PRO D 13 -11.75 -8.31 38.12
CA PRO D 13 -10.33 -7.99 38.15
C PRO D 13 -10.12 -6.50 38.30
N TYR D 14 -9.16 -6.12 39.13
CA TYR D 14 -8.76 -4.73 39.25
C TYR D 14 -9.76 -3.89 40.06
N ALA D 15 -10.73 -4.56 40.67
CA ALA D 15 -11.83 -3.84 41.29
C ALA D 15 -11.48 -3.22 42.66
N ARG D 16 -10.52 -3.83 43.37
CA ARG D 16 -10.09 -3.23 44.64
C ARG D 16 -9.07 -2.12 44.39
N GLU D 17 -8.02 -2.44 43.64
CA GLU D 17 -7.10 -1.43 43.10
C GLU D 17 -7.82 -0.12 42.68
N LEU D 18 -8.84 -0.25 41.81
CA LEU D 18 -9.54 0.90 41.24
C LEU D 18 -10.57 1.61 42.16
N PHE D 19 -11.47 0.87 42.80
CA PHE D 19 -12.58 1.53 43.51
C PHE D 19 -12.17 2.14 44.86
N SER D 20 -11.02 1.69 45.39
CA SER D 20 -10.50 2.24 46.61
C SER D 20 -10.16 3.70 46.37
N ARG D 21 -10.07 4.10 45.11
CA ARG D 21 -9.76 5.49 44.83
C ARG D 21 -10.96 6.40 45.09
N LEU D 22 -12.15 5.85 45.26
CA LEU D 22 -13.27 6.71 45.61
C LEU D 22 -14.24 6.20 46.70
N GLY D 23 -13.80 5.23 47.50
CA GLY D 23 -14.62 4.74 48.61
C GLY D 23 -13.95 3.57 49.29
N GLU D 24 -14.65 2.96 50.23
CA GLU D 24 -14.14 1.78 50.89
C GLU D 24 -14.67 0.61 50.12
N VAL D 25 -13.77 -0.29 49.77
CA VAL D 25 -14.11 -1.42 48.92
C VAL D 25 -14.23 -2.64 49.80
N LYS D 26 -15.27 -3.42 49.58
CA LYS D 26 -15.44 -4.65 50.31
C LYS D 26 -15.84 -5.68 49.28
N ALA D 27 -15.14 -6.82 49.27
CA ALA D 27 -15.44 -7.93 48.35
C ALA D 27 -16.74 -8.64 48.74
N VAL D 28 -17.20 -9.55 47.88
CA VAL D 28 -18.45 -10.28 48.11
C VAL D 28 -18.63 -11.40 47.08
N PRO D 29 -19.29 -12.50 47.47
CA PRO D 29 -19.75 -13.52 46.53
C PRO D 29 -20.38 -12.92 45.28
N PRO D 34 -25.28 -10.93 49.65
CA PRO D 34 -25.00 -11.06 51.08
C PRO D 34 -25.31 -9.78 51.90
N VAL D 35 -26.29 -9.90 52.79
CA VAL D 35 -27.15 -8.77 53.21
C VAL D 35 -26.63 -7.73 54.23
N GLU D 36 -25.91 -8.15 55.25
CA GLU D 36 -25.40 -7.21 56.27
C GLU D 36 -24.60 -6.05 55.63
N GLU D 37 -23.77 -6.37 54.65
CA GLU D 37 -23.02 -5.35 53.92
C GLU D 37 -23.83 -4.67 52.83
N LEU D 38 -24.91 -5.32 52.39
CA LEU D 38 -25.77 -4.75 51.37
C LEU D 38 -26.54 -3.54 51.89
N ASN D 39 -26.93 -3.58 53.15
CA ASN D 39 -27.76 -2.53 53.73
C ASN D 39 -26.98 -1.37 54.31
N HIS D 40 -25.65 -1.46 54.24
CA HIS D 40 -24.78 -0.40 54.74
C HIS D 40 -23.68 -0.14 53.73
N ALA D 41 -24.09 -0.01 52.46
CA ALA D 41 -23.21 0.28 51.33
C ALA D 41 -23.92 1.22 50.35
N ASP D 42 -23.14 1.93 49.54
CA ASP D 42 -23.71 2.96 48.67
C ASP D 42 -23.69 2.61 47.18
N ALA D 43 -22.96 1.56 46.83
CA ALA D 43 -22.77 1.17 45.45
C ALA D 43 -22.40 -0.29 45.38
N LEU D 44 -22.97 -0.96 44.38
CA LEU D 44 -22.68 -2.36 44.13
C LEU D 44 -22.19 -2.58 42.68
N VAL D 46 -21.18 -5.68 40.02
CA VAL D 46 -21.41 -7.12 39.82
C VAL D 46 -20.95 -7.64 38.44
N ARG D 47 -21.00 -8.97 38.27
CA ARG D 47 -20.85 -9.60 36.96
C ARG D 47 -22.16 -10.30 36.59
N SER D 48 -22.21 -10.91 35.41
CA SER D 48 -23.40 -11.60 34.95
C SER D 48 -23.95 -12.58 35.98
N VAL D 49 -23.08 -13.07 36.85
CA VAL D 49 -23.47 -14.13 37.80
C VAL D 49 -24.52 -13.70 38.84
N THR D 50 -24.76 -12.39 38.97
CA THR D 50 -25.68 -11.87 39.98
C THR D 50 -26.97 -11.34 39.38
N LYS D 51 -28.10 -11.69 39.99
CA LYS D 51 -29.42 -11.28 39.50
C LYS D 51 -29.91 -9.98 40.16
N VAL D 52 -29.55 -8.85 39.57
CA VAL D 52 -29.89 -7.52 40.11
C VAL D 52 -31.33 -7.09 39.78
N ASN D 53 -32.13 -6.88 40.83
CA ASN D 53 -33.57 -6.64 40.71
C ASN D 53 -34.18 -5.93 41.92
N GLU D 54 -35.47 -6.12 42.13
CA GLU D 54 -36.14 -5.54 43.29
C GLU D 54 -35.84 -6.33 44.56
N SER D 55 -35.73 -7.65 44.44
CA SER D 55 -35.48 -8.53 45.59
C SER D 55 -34.17 -8.22 46.29
N LEU D 56 -33.18 -7.82 45.51
CA LEU D 56 -31.82 -7.69 46.01
C LEU D 56 -31.37 -6.24 46.20
N LEU D 57 -32.34 -5.35 46.41
CA LEU D 57 -32.05 -3.92 46.63
C LEU D 57 -33.19 -3.24 47.40
N GLY D 59 -35.73 -1.71 49.13
CA GLY D 59 -35.22 -0.35 49.34
C GLY D 59 -34.08 -0.31 50.33
N THR D 60 -32.87 -0.05 49.84
CA THR D 60 -31.68 0.04 50.70
C THR D 60 -30.81 1.23 50.27
N PRO D 61 -29.74 1.54 51.02
CA PRO D 61 -29.02 2.79 50.75
C PRO D 61 -28.17 2.74 49.49
N ILE D 62 -28.36 1.69 48.68
CA ILE D 62 -27.64 1.58 47.43
C ILE D 62 -28.12 2.60 46.42
N ASN D 63 -27.19 3.48 46.01
CA ASN D 63 -27.49 4.58 45.11
C ASN D 63 -26.87 4.39 43.72
N PHE D 64 -26.12 3.31 43.52
CA PHE D 64 -25.52 3.08 42.20
C PHE D 64 -25.17 1.64 41.93
N VAL D 65 -25.62 1.11 40.79
CA VAL D 65 -25.21 -0.24 40.39
C VAL D 65 -24.39 -0.15 39.12
N GLY D 66 -23.21 -0.76 39.16
CA GLY D 66 -22.40 -0.94 37.96
C GLY D 66 -22.34 -2.41 37.60
N THR D 67 -22.52 -2.73 36.33
CA THR D 67 -22.26 -4.11 35.87
C THR D 67 -21.08 -4.23 34.90
N ALA D 68 -20.10 -5.07 35.26
CA ALA D 68 -18.84 -5.18 34.52
C ALA D 68 -18.93 -6.09 33.29
N THR D 69 -20.01 -5.94 32.53
CA THR D 69 -20.29 -6.76 31.36
C THR D 69 -20.83 -5.87 30.24
N ALA D 70 -20.77 -6.41 29.03
CA ALA D 70 -21.34 -5.82 27.81
C ALA D 70 -22.84 -5.92 27.85
N GLY D 71 -23.34 -7.10 28.18
CA GLY D 71 -24.77 -7.35 28.24
C GLY D 71 -25.38 -6.97 29.58
N THR D 72 -26.70 -6.83 29.62
CA THR D 72 -27.39 -6.45 30.82
C THR D 72 -28.65 -7.25 31.01
N ASP D 73 -28.65 -8.50 30.52
CA ASP D 73 -29.81 -9.38 30.63
C ASP D 73 -30.13 -9.63 32.09
N HIS D 74 -29.09 -9.75 32.91
CA HIS D 74 -29.22 -10.16 34.31
C HIS D 74 -29.71 -9.02 35.21
N VAL D 75 -29.73 -7.81 34.69
CA VAL D 75 -30.09 -6.61 35.45
C VAL D 75 -31.45 -6.07 35.05
N ASP D 76 -32.24 -5.64 36.03
CA ASP D 76 -33.54 -5.00 35.77
C ASP D 76 -33.41 -3.47 35.68
N GLU D 77 -32.76 -2.99 34.61
CA GLU D 77 -32.44 -1.55 34.49
C GLU D 77 -33.67 -0.68 34.72
N ALA D 78 -34.76 -1.08 34.09
CA ALA D 78 -36.07 -0.44 34.26
C ALA D 78 -36.30 0.01 35.72
N TRP D 79 -36.30 -0.97 36.62
CA TRP D 79 -36.58 -0.68 38.02
C TRP D 79 -35.50 0.16 38.69
N LEU D 80 -34.24 -0.17 38.41
CA LEU D 80 -33.13 0.58 38.97
C LEU D 80 -33.37 2.03 38.70
N LYS D 81 -33.73 2.33 37.48
CA LYS D 81 -33.89 3.71 37.10
C LYS D 81 -35.14 4.34 37.71
N GLN D 82 -36.26 3.63 37.68
CA GLN D 82 -37.50 4.13 38.33
C GLN D 82 -37.21 4.51 39.77
N ALA D 83 -36.38 3.71 40.41
CA ALA D 83 -36.14 3.83 41.83
C ALA D 83 -35.05 4.86 42.17
N GLY D 84 -34.53 5.54 41.15
CA GLY D 84 -33.54 6.60 41.39
C GLY D 84 -32.12 6.09 41.56
N ILE D 85 -31.89 4.83 41.20
CA ILE D 85 -30.56 4.27 41.34
C ILE D 85 -29.78 4.39 40.03
N GLY D 86 -28.53 4.81 40.16
CA GLY D 86 -27.69 5.05 39.02
C GLY D 86 -27.22 3.71 38.51
N PHE D 87 -26.86 3.70 37.24
CA PHE D 87 -26.54 2.45 36.58
C PHE D 87 -25.50 2.58 35.51
N SER D 88 -24.69 1.55 35.39
CA SER D 88 -23.83 1.47 34.25
C SER D 88 -23.45 0.03 33.99
N ALA D 89 -23.45 -0.29 32.71
CA ALA D 89 -22.83 -1.51 32.24
C ALA D 89 -21.54 -1.03 31.64
N ALA D 90 -20.89 -1.90 30.86
CA ALA D 90 -19.66 -1.54 30.17
C ALA D 90 -19.78 -1.89 28.69
N PRO D 91 -20.67 -1.18 27.97
CA PRO D 91 -20.94 -1.50 26.56
C PRO D 91 -19.63 -1.55 25.77
N GLY D 92 -19.53 -2.46 24.81
CA GLY D 92 -18.31 -2.60 24.00
C GLY D 92 -17.03 -3.03 24.70
N CYS D 93 -17.11 -3.33 25.98
CA CYS D 93 -15.92 -3.85 26.65
C CYS D 93 -15.32 -5.10 25.98
N ASN D 94 -16.16 -6.00 25.47
CA ASN D 94 -15.65 -7.20 24.83
C ASN D 94 -15.70 -7.06 23.30
N ALA D 95 -15.77 -5.83 22.79
CA ALA D 95 -16.01 -5.69 21.35
C ALA D 95 -14.78 -6.02 20.52
N ILE D 96 -13.62 -5.65 21.00
CA ILE D 96 -12.41 -5.88 20.23
C ILE D 96 -12.14 -7.38 20.14
N ALA D 97 -12.48 -8.10 21.21
CA ALA D 97 -12.33 -9.52 21.28
C ALA D 97 -13.03 -10.24 20.11
N VAL D 98 -14.29 -9.88 19.87
CA VAL D 98 -15.10 -10.50 18.82
C VAL D 98 -14.53 -10.16 17.46
N VAL D 99 -14.09 -8.91 17.28
CA VAL D 99 -13.53 -8.50 16.00
C VAL D 99 -12.31 -9.34 15.69
N GLU D 100 -11.46 -9.55 16.68
CA GLU D 100 -10.21 -10.31 16.42
C GLU D 100 -10.45 -11.79 16.30
N TYR D 101 -11.59 -12.24 16.83
CA TYR D 101 -12.04 -13.63 16.67
C TYR D 101 -12.48 -13.79 15.21
N VAL D 102 -13.23 -12.83 14.72
CA VAL D 102 -13.75 -12.88 13.38
C VAL D 102 -12.59 -12.88 12.39
N PHE D 103 -11.64 -11.96 12.58
CA PHE D 103 -10.41 -11.98 11.78
C PHE D 103 -9.65 -13.28 11.90
N SER D 104 -9.47 -13.79 13.11
CA SER D 104 -8.78 -15.06 13.25
C SER D 104 -9.43 -16.09 12.32
N ALA D 105 -10.75 -16.15 12.31
CA ALA D 105 -11.44 -17.18 11.50
C ALA D 105 -11.27 -16.92 10.00
N LEU D 106 -11.40 -15.66 9.60
CA LEU D 106 -11.31 -15.29 8.20
C LEU D 106 -9.94 -15.66 7.61
N LEU D 107 -8.88 -15.23 8.28
CA LEU D 107 -7.50 -15.54 7.85
C LEU D 107 -7.19 -17.05 7.80
N LEU D 109 -9.51 -19.33 7.19
CA LEU D 109 -10.24 -19.74 5.99
C LEU D 109 -9.59 -19.24 4.69
N ALA D 110 -8.99 -18.06 4.71
CA ALA D 110 -8.40 -17.50 3.50
C ALA D 110 -7.18 -18.28 3.07
N GLU D 111 -6.41 -18.81 4.03
CA GLU D 111 -5.27 -19.65 3.70
C GLU D 111 -5.71 -21.05 3.34
N ARG D 112 -6.68 -21.59 4.04
CA ARG D 112 -7.09 -22.96 3.79
C ARG D 112 -7.69 -23.11 2.38
N ASP D 113 -8.44 -22.11 1.95
CA ASP D 113 -9.11 -22.19 0.66
C ASP D 113 -8.45 -21.38 -0.45
N GLY D 114 -7.31 -20.77 -0.13
CA GLY D 114 -6.50 -20.09 -1.14
C GLY D 114 -7.17 -18.87 -1.76
N PHE D 115 -7.82 -18.06 -0.96
CA PHE D 115 -8.25 -16.76 -1.48
C PHE D 115 -7.62 -15.63 -0.71
N SER D 116 -7.74 -14.47 -1.31
CA SER D 116 -7.27 -13.24 -0.76
C SER D 116 -8.45 -12.50 -0.12
N LEU D 117 -8.30 -12.14 1.15
CA LEU D 117 -9.33 -11.42 1.87
C LEU D 117 -9.75 -10.11 1.22
N ARG D 118 -8.82 -9.45 0.54
CA ARG D 118 -9.12 -8.17 -0.14
C ARG D 118 -10.04 -8.36 -1.34
N ASP D 119 -10.13 -9.58 -1.87
CA ASP D 119 -11.10 -9.85 -2.93
C ASP D 119 -12.52 -10.20 -2.40
N ARG D 120 -12.73 -10.19 -1.09
CA ARG D 120 -14.06 -10.58 -0.58
C ARG D 120 -14.89 -9.34 -0.43
N THR D 121 -16.20 -9.49 -0.38
CA THR D 121 -17.06 -8.37 -0.02
C THR D 121 -17.77 -8.81 1.23
N ILE D 122 -17.69 -7.99 2.26
CA ILE D 122 -18.20 -8.37 3.56
C ILE D 122 -19.43 -7.56 3.95
N GLY D 123 -20.53 -8.25 4.22
CA GLY D 123 -21.73 -7.66 4.76
C GLY D 123 -21.76 -7.76 6.28
N ILE D 124 -21.83 -6.60 6.92
CA ILE D 124 -21.93 -6.52 8.33
C ILE D 124 -23.38 -6.21 8.67
N VAL D 125 -24.02 -7.11 9.38
CA VAL D 125 -25.41 -6.93 9.79
C VAL D 125 -25.41 -6.57 11.27
N GLY D 126 -25.75 -5.33 11.58
CA GLY D 126 -25.65 -4.82 12.97
C GLY D 126 -24.32 -4.10 13.11
N VAL D 127 -24.37 -2.76 13.09
CA VAL D 127 -23.14 -1.95 13.14
C VAL D 127 -23.03 -1.16 14.44
N GLY D 128 -23.00 -1.89 15.56
CA GLY D 128 -22.91 -1.22 16.87
C GLY D 128 -21.50 -1.34 17.40
N ASN D 129 -21.36 -1.72 18.66
CA ASN D 129 -20.03 -1.80 19.25
C ASN D 129 -19.13 -2.73 18.47
N VAL D 130 -19.63 -3.89 18.08
CA VAL D 130 -18.77 -4.87 17.46
C VAL D 130 -18.66 -4.50 15.99
N GLY D 131 -19.80 -4.32 15.34
CA GLY D 131 -19.86 -4.06 13.89
C GLY D 131 -19.10 -2.85 13.37
N SER D 132 -19.11 -1.72 14.11
CA SER D 132 -18.33 -0.56 13.65
C SER D 132 -16.84 -0.74 13.81
N ARG D 133 -16.42 -1.46 14.83
CA ARG D 133 -15.02 -1.74 15.01
C ARG D 133 -14.55 -2.70 13.92
N LEU D 134 -15.40 -3.65 13.57
CA LEU D 134 -15.08 -4.57 12.47
C LEU D 134 -14.96 -3.78 11.16
N GLN D 135 -15.95 -2.92 10.92
CA GLN D 135 -15.99 -2.07 9.74
C GLN D 135 -14.68 -1.31 9.59
N THR D 136 -14.32 -0.59 10.64
CA THR D 136 -13.11 0.23 10.65
C THR D 136 -11.84 -0.55 10.25
N ARG D 137 -11.69 -1.77 10.76
CA ARG D 137 -10.48 -2.53 10.44
C ARG D 137 -10.55 -3.18 9.05
N LEU D 138 -11.75 -3.44 8.54
CA LEU D 138 -11.89 -3.97 7.21
C LEU D 138 -11.58 -2.84 6.21
N GLU D 139 -12.08 -1.64 6.49
CA GLU D 139 -11.75 -0.48 5.63
C GLU D 139 -10.26 -0.23 5.54
N ALA D 140 -9.57 -0.29 6.67
CA ALA D 140 -8.11 -0.18 6.69
C ALA D 140 -7.46 -1.13 5.68
N LEU D 141 -7.96 -2.34 5.59
CA LEU D 141 -7.41 -3.30 4.66
C LEU D 141 -7.79 -3.06 3.20
N GLY D 142 -8.64 -2.07 2.95
CA GLY D 142 -9.18 -1.87 1.61
C GLY D 142 -10.23 -2.93 1.26
N ILE D 143 -10.87 -3.52 2.26
CA ILE D 143 -11.88 -4.54 1.97
C ILE D 143 -13.23 -3.86 1.78
N ARG D 144 -13.92 -4.20 0.69
CA ARG D 144 -15.24 -3.61 0.45
C ARG D 144 -16.26 -4.11 1.50
N THR D 145 -16.90 -3.21 2.22
CA THR D 145 -17.83 -3.64 3.25
C THR D 145 -19.18 -3.02 2.99
N LEU D 146 -20.23 -3.79 3.25
CA LEU D 146 -21.58 -3.30 3.10
C LEU D 146 -22.16 -3.31 4.49
N LEU D 147 -22.75 -2.20 4.88
CA LEU D 147 -23.34 -2.07 6.19
C LEU D 147 -24.83 -2.21 6.14
N CYS D 148 -25.37 -2.97 7.07
CA CYS D 148 -26.81 -3.07 7.28
C CYS D 148 -27.16 -2.82 8.75
N ASP D 149 -27.97 -1.81 8.99
CA ASP D 149 -28.41 -1.51 10.36
C ASP D 149 -29.67 -0.65 10.33
N PRO D 150 -30.83 -1.26 10.08
CA PRO D 150 -31.98 -0.38 9.93
C PRO D 150 -32.27 0.54 11.14
N PRO D 151 -32.03 0.08 12.40
CA PRO D 151 -32.31 1.02 13.50
C PRO D 151 -31.43 2.26 13.55
N ARG D 152 -30.14 2.12 13.34
CA ARG D 152 -29.30 3.31 13.24
C ARG D 152 -29.74 4.22 12.09
N ALA D 153 -30.23 3.64 10.99
CA ALA D 153 -30.63 4.45 9.84
C ALA D 153 -31.93 5.19 10.14
N ALA D 154 -32.88 4.49 10.78
CA ALA D 154 -34.13 5.13 11.20
C ALA D 154 -33.97 6.22 12.30
N ARG D 155 -32.97 6.09 13.18
CA ARG D 155 -32.76 7.06 14.27
C ARG D 155 -32.08 8.28 13.68
N GLY D 156 -31.57 8.13 12.46
CA GLY D 156 -30.98 9.25 11.75
C GLY D 156 -29.48 9.31 11.69
N ASP D 157 -28.81 8.23 12.09
CA ASP D 157 -27.34 8.19 12.12
C ASP D 157 -26.76 8.41 10.71
N GLU D 158 -25.54 8.94 10.65
CA GLU D 158 -24.81 9.02 9.39
C GLU D 158 -24.27 7.65 9.06
N GLY D 159 -24.05 7.38 7.78
CA GLY D 159 -23.57 6.07 7.39
C GLY D 159 -24.26 5.53 6.16
N ASP D 160 -23.54 4.74 5.40
CA ASP D 160 -24.13 4.20 4.18
C ASP D 160 -24.88 2.89 4.50
N PHE D 161 -26.04 3.02 5.12
CA PHE D 161 -26.84 1.86 5.50
C PHE D 161 -27.65 1.26 4.34
N ARG D 162 -27.45 -0.02 4.12
CA ARG D 162 -28.07 -0.75 3.02
C ARG D 162 -29.11 -1.75 3.56
N THR D 163 -29.97 -2.25 2.69
CA THR D 163 -30.95 -3.22 3.11
C THR D 163 -30.29 -4.56 3.20
N LEU D 164 -30.87 -5.44 4.02
CA LEU D 164 -30.42 -6.80 4.09
C LEU D 164 -30.40 -7.44 2.69
N ASP D 165 -31.40 -7.11 1.86
CA ASP D 165 -31.43 -7.64 0.48
C ASP D 165 -30.18 -7.26 -0.31
N GLU D 166 -29.72 -6.02 -0.18
CA GLU D 166 -28.49 -5.63 -0.88
C GLU D 166 -27.30 -6.46 -0.44
N LEU D 167 -27.17 -6.72 0.86
CA LEU D 167 -26.03 -7.45 1.36
C LEU D 167 -26.08 -8.85 0.79
N VAL D 168 -27.26 -9.43 0.85
CA VAL D 168 -27.39 -10.79 0.41
C VAL D 168 -27.02 -10.89 -1.06
N GLN D 169 -27.40 -9.88 -1.83
CA GLN D 169 -27.06 -9.84 -3.25
C GLN D 169 -25.59 -9.59 -3.61
N GLU D 170 -24.86 -8.90 -2.74
CA GLU D 170 -23.53 -8.45 -3.08
C GLU D 170 -22.42 -9.01 -2.20
N ALA D 171 -22.73 -9.55 -1.03
CA ALA D 171 -21.65 -9.89 -0.11
C ALA D 171 -21.29 -11.33 -0.34
N ASP D 172 -20.02 -11.67 -0.25
CA ASP D 172 -19.66 -13.09 -0.14
C ASP D 172 -19.19 -13.46 1.27
N VAL D 173 -19.13 -12.50 2.18
CA VAL D 173 -19.00 -12.85 3.60
C VAL D 173 -20.14 -12.14 4.34
N LEU D 174 -20.86 -12.83 5.20
CA LEU D 174 -21.96 -12.17 5.87
C LEU D 174 -21.82 -12.39 7.36
N THR D 175 -21.66 -11.32 8.12
CA THR D 175 -21.39 -11.50 9.54
C THR D 175 -22.43 -10.77 10.38
N PHE D 176 -23.02 -11.52 11.30
CA PHE D 176 -24.09 -11.00 12.15
C PHE D 176 -23.65 -10.47 13.51
N HIS D 177 -24.09 -9.25 13.82
CA HIS D 177 -23.75 -8.60 15.10
C HIS D 177 -24.90 -7.77 15.67
N THR D 178 -26.05 -8.39 15.80
CA THR D 178 -27.26 -7.67 16.21
C THR D 178 -27.63 -8.21 17.56
N PRO D 179 -28.54 -7.55 18.30
CA PRO D 179 -29.11 -8.26 19.45
C PRO D 179 -30.18 -9.26 18.96
N LEU D 180 -30.75 -10.07 19.86
CA LEU D 180 -31.85 -10.95 19.50
C LEU D 180 -33.17 -10.24 19.72
N TYR D 181 -33.86 -9.91 18.65
CA TYR D 181 -35.23 -9.37 18.76
C TYR D 181 -36.24 -10.40 18.24
N LYS D 182 -37.22 -10.78 19.05
CA LYS D 182 -38.15 -11.88 18.68
C LYS D 182 -39.29 -11.44 17.80
N ASP D 183 -39.46 -10.13 17.65
CA ASP D 183 -40.30 -9.59 16.58
C ASP D 183 -40.16 -8.10 16.35
N GLY D 184 -41.11 -7.56 15.60
CA GLY D 184 -41.10 -6.16 15.20
C GLY D 184 -40.43 -6.05 13.85
N PRO D 185 -40.29 -4.82 13.32
CA PRO D 185 -39.68 -4.59 12.02
C PRO D 185 -38.22 -4.92 12.04
N TYR D 186 -37.61 -5.03 13.22
CA TYR D 186 -36.20 -5.39 13.28
C TYR D 186 -35.94 -6.79 13.79
N LYS D 187 -36.95 -7.66 13.77
CA LYS D 187 -36.83 -9.06 14.19
C LYS D 187 -35.52 -9.65 13.68
N THR D 188 -34.71 -10.20 14.57
CA THR D 188 -33.46 -10.85 14.17
C THR D 188 -33.52 -12.36 14.45
N LEU D 189 -34.62 -12.84 15.07
CA LEU D 189 -34.85 -14.27 15.26
C LEU D 189 -34.97 -14.93 13.90
N HIS D 190 -33.99 -15.77 13.59
CA HIS D 190 -34.03 -16.46 12.31
C HIS D 190 -33.89 -15.50 11.16
N LEU D 191 -33.16 -14.43 11.40
CA LEU D 191 -32.82 -13.49 10.35
C LEU D 191 -32.16 -14.28 9.20
N ALA D 192 -31.17 -15.12 9.50
CA ALA D 192 -30.69 -16.07 8.51
C ALA D 192 -31.51 -17.38 8.52
N ASP D 193 -32.66 -17.36 7.86
CA ASP D 193 -33.46 -18.57 7.67
C ASP D 193 -33.12 -19.31 6.37
N GLU D 194 -33.86 -20.39 6.06
CA GLU D 194 -33.71 -21.14 4.82
C GLU D 194 -33.66 -20.23 3.57
N THR D 195 -34.65 -19.33 3.48
CA THR D 195 -34.78 -18.39 2.37
C THR D 195 -33.54 -17.48 2.17
N LEU D 196 -33.10 -16.82 3.22
CA LEU D 196 -31.88 -16.03 3.12
C LEU D 196 -30.67 -16.93 2.80
N ILE D 197 -30.51 -18.00 3.56
CA ILE D 197 -29.30 -18.81 3.47
C ILE D 197 -29.15 -19.33 2.06
N ARG D 198 -30.26 -19.81 1.51
CA ARG D 198 -30.23 -20.43 0.20
C ARG D 198 -29.89 -19.39 -0.86
N ARG D 199 -30.12 -18.12 -0.58
CA ARG D 199 -29.72 -17.08 -1.54
C ARG D 199 -28.23 -16.73 -1.54
N LEU D 200 -27.48 -17.17 -0.56
CA LEU D 200 -26.10 -16.73 -0.44
C LEU D 200 -25.19 -17.15 -1.59
N LYS D 201 -24.28 -16.28 -2.01
CA LYS D 201 -23.32 -16.62 -3.06
C LYS D 201 -22.53 -17.93 -2.88
N PRO D 202 -22.27 -18.64 -3.99
CA PRO D 202 -21.49 -19.88 -3.90
C PRO D 202 -20.16 -19.53 -3.29
N GLY D 203 -19.75 -20.23 -2.24
CA GLY D 203 -18.46 -19.93 -1.61
C GLY D 203 -18.55 -18.82 -0.59
N ALA D 204 -19.76 -18.38 -0.29
CA ALA D 204 -20.04 -17.45 0.81
C ALA D 204 -19.59 -18.00 2.16
N ILE D 205 -19.22 -17.07 3.03
CA ILE D 205 -18.80 -17.35 4.39
C ILE D 205 -19.81 -16.65 5.31
N LEU D 206 -20.52 -17.45 6.10
CA LEU D 206 -21.54 -17.00 7.01
C LEU D 206 -20.99 -17.04 8.44
N ILE D 207 -21.08 -15.91 9.14
CA ILE D 207 -20.53 -15.80 10.49
C ILE D 207 -21.54 -15.36 11.53
N ASN D 208 -21.65 -16.15 12.59
CA ASN D 208 -22.47 -15.77 13.73
C ASN D 208 -21.74 -15.85 15.08
N ALA D 209 -21.38 -14.69 15.60
CA ALA D 209 -20.83 -14.59 16.90
C ALA D 209 -21.63 -13.56 17.63
N CYS D 210 -22.90 -13.41 17.27
CA CYS D 210 -23.74 -12.57 18.12
C CYS D 210 -24.65 -13.33 19.06
N ARG D 211 -25.83 -13.74 18.61
CA ARG D 211 -26.72 -14.50 19.46
C ARG D 211 -27.18 -15.77 18.70
N GLY D 212 -27.21 -16.88 19.40
CA GLY D 212 -27.54 -18.17 18.79
C GLY D 212 -28.67 -18.18 17.78
N PRO D 213 -29.87 -17.75 18.21
CA PRO D 213 -31.03 -17.86 17.34
C PRO D 213 -31.07 -16.89 16.16
N VAL D 214 -30.10 -15.99 16.02
CA VAL D 214 -30.10 -15.09 14.84
C VAL D 214 -29.98 -15.91 13.58
N VAL D 215 -29.28 -17.04 13.67
CA VAL D 215 -29.27 -17.99 12.60
C VAL D 215 -30.17 -19.18 12.95
N ASP D 216 -31.05 -19.56 12.02
CA ASP D 216 -31.82 -20.83 12.11
C ASP D 216 -30.88 -22.02 11.93
N ASN D 217 -30.46 -22.61 13.05
CA ASN D 217 -29.47 -23.69 13.04
C ASN D 217 -29.98 -24.91 12.29
N ALA D 218 -31.26 -25.27 12.50
CA ALA D 218 -31.89 -26.36 11.76
C ALA D 218 -31.83 -26.12 10.24
N ALA D 219 -32.25 -24.94 9.78
CA ALA D 219 -32.20 -24.65 8.33
C ALA D 219 -30.78 -24.62 7.77
N LEU D 220 -29.85 -24.10 8.55
CA LEU D 220 -28.44 -24.08 8.14
C LEU D 220 -27.92 -25.51 7.93
N LEU D 221 -28.13 -26.39 8.90
CA LEU D 221 -27.76 -27.80 8.75
C LEU D 221 -28.36 -28.42 7.47
N ALA D 222 -29.62 -28.12 7.20
CA ALA D 222 -30.23 -28.70 6.00
C ALA D 222 -29.52 -28.27 4.71
N ARG D 223 -29.22 -26.98 4.55
CA ARG D 223 -28.49 -26.47 3.38
C ARG D 223 -27.08 -27.03 3.26
N LEU D 224 -26.41 -27.23 4.39
CA LEU D 224 -25.07 -27.85 4.35
C LEU D 224 -25.24 -29.31 3.98
N ASN D 225 -26.21 -29.98 4.59
CA ASN D 225 -26.47 -31.36 4.22
C ASN D 225 -26.82 -31.50 2.75
N ALA D 226 -27.43 -30.45 2.19
CA ALA D 226 -27.88 -30.49 0.80
C ALA D 226 -26.77 -30.18 -0.24
N GLY D 227 -25.55 -29.90 0.24
CA GLY D 227 -24.43 -29.61 -0.65
C GLY D 227 -24.18 -28.13 -0.98
N GLN D 228 -24.87 -27.19 -0.33
CA GLN D 228 -24.66 -25.78 -0.67
C GLN D 228 -23.23 -25.38 -0.38
N PRO D 229 -22.54 -24.82 -1.40
CA PRO D 229 -21.17 -24.36 -1.19
C PRO D 229 -21.15 -23.12 -0.32
N LEU D 230 -20.83 -23.35 0.95
CA LEU D 230 -20.98 -22.37 1.98
C LEU D 230 -19.98 -22.72 3.09
N SER D 231 -19.23 -21.72 3.57
CA SER D 231 -18.42 -21.94 4.76
C SER D 231 -19.07 -21.24 5.94
N VAL D 232 -18.82 -21.75 7.15
CA VAL D 232 -19.57 -21.30 8.33
C VAL D 232 -18.72 -21.22 9.59
N VAL D 233 -18.81 -20.09 10.28
CA VAL D 233 -18.15 -19.89 11.55
C VAL D 233 -19.20 -19.53 12.61
N LEU D 234 -19.35 -20.41 13.60
CA LEU D 234 -20.32 -20.21 14.67
C LEU D 234 -19.65 -20.24 16.03
N ASP D 235 -19.85 -19.16 16.78
CA ASP D 235 -19.43 -19.14 18.17
C ASP D 235 -20.63 -19.29 19.12
N VAL D 236 -21.83 -19.21 18.59
CA VAL D 236 -23.06 -19.24 19.40
C VAL D 236 -24.09 -20.11 18.68
N TRP D 237 -24.92 -20.79 19.43
CA TRP D 237 -25.76 -21.88 18.89
C TRP D 237 -27.16 -21.75 19.45
N GLU D 238 -28.15 -22.17 18.68
CA GLU D 238 -29.47 -22.36 19.22
C GLU D 238 -29.39 -23.48 20.27
N GLY D 239 -30.09 -23.29 21.40
CA GLY D 239 -30.12 -24.27 22.46
C GLY D 239 -28.86 -24.49 23.31
N GLU D 240 -27.88 -23.59 23.24
CA GLU D 240 -26.73 -23.64 24.14
C GLU D 240 -27.27 -23.94 25.52
N PRO D 241 -26.61 -24.84 26.30
CA PRO D 241 -25.35 -25.51 25.93
C PRO D 241 -25.53 -26.83 25.15
N ASP D 242 -26.78 -27.29 25.00
CA ASP D 242 -27.05 -28.47 24.20
C ASP D 242 -27.08 -28.13 22.71
N LEU D 243 -25.95 -27.66 22.17
CA LEU D 243 -25.86 -27.35 20.72
C LEU D 243 -26.24 -28.54 19.81
N ASN D 244 -26.52 -28.21 18.55
CA ASN D 244 -26.69 -29.20 17.50
C ASN D 244 -25.32 -29.78 17.10
N VAL D 245 -25.06 -31.02 17.52
CA VAL D 245 -23.81 -31.68 17.25
C VAL D 245 -23.62 -31.95 15.75
N ALA D 246 -24.70 -32.35 15.08
CA ALA D 246 -24.62 -32.61 13.65
C ALA D 246 -24.18 -31.35 12.92
N LEU D 247 -24.76 -30.22 13.31
CA LEU D 247 -24.39 -28.93 12.71
C LEU D 247 -22.91 -28.60 13.01
N LEU D 248 -22.43 -28.87 14.23
CA LEU D 248 -21.02 -28.63 14.57
C LEU D 248 -20.11 -29.38 13.60
N GLU D 249 -20.47 -30.64 13.35
CA GLU D 249 -19.68 -31.51 12.51
C GLU D 249 -19.64 -30.99 11.08
N ALA D 250 -20.67 -30.25 10.68
CA ALA D 250 -20.71 -29.64 9.34
C ALA D 250 -20.08 -28.24 9.24
N VAL D 251 -19.86 -27.56 10.34
CA VAL D 251 -19.34 -26.21 10.20
C VAL D 251 -17.81 -26.21 10.14
N ASP D 252 -17.28 -25.15 9.57
CA ASP D 252 -15.83 -25.00 9.43
C ASP D 252 -15.16 -24.67 10.74
N ILE D 253 -15.80 -23.80 11.51
CA ILE D 253 -15.30 -23.36 12.80
C ILE D 253 -16.49 -23.28 13.75
N GLY D 254 -16.42 -24.03 14.83
CA GLY D 254 -17.42 -23.94 15.86
C GLY D 254 -16.71 -23.82 17.18
N THR D 255 -17.11 -22.82 17.97
CA THR D 255 -16.46 -22.57 19.25
C THR D 255 -17.52 -22.36 20.30
N SER D 256 -17.15 -22.47 21.57
CA SER D 256 -18.18 -22.50 22.61
C SER D 256 -18.50 -21.15 23.25
N HIS D 257 -19.00 -20.21 22.45
CA HIS D 257 -19.46 -18.91 22.96
C HIS D 257 -18.35 -18.23 23.75
N ILE D 258 -17.18 -18.17 23.14
CA ILE D 258 -16.02 -17.63 23.80
C ILE D 258 -15.46 -16.45 23.03
N ALA D 259 -16.17 -15.95 22.02
CA ALA D 259 -15.56 -14.91 21.17
C ALA D 259 -15.20 -13.64 21.96
N GLY D 260 -16.02 -13.29 22.94
CA GLY D 260 -15.77 -12.08 23.72
C GLY D 260 -14.69 -12.21 24.79
N TYR D 261 -14.12 -13.40 24.97
CA TYR D 261 -13.29 -13.66 26.15
C TYR D 261 -11.82 -13.29 26.06
N THR D 262 -11.47 -12.03 26.22
CA THR D 262 -10.04 -11.71 26.37
C THR D 262 -9.75 -11.12 27.72
N LEU D 263 -8.51 -11.22 28.17
CA LEU D 263 -8.10 -10.59 29.43
C LEU D 263 -8.46 -9.10 29.37
N GLU D 264 -8.06 -8.43 28.29
CA GLU D 264 -8.36 -7.03 28.09
C GLU D 264 -9.84 -6.70 28.28
N GLY D 265 -10.72 -7.53 27.72
CA GLY D 265 -12.15 -7.27 27.74
C GLY D 265 -12.76 -7.38 29.12
N LYS D 266 -12.33 -8.39 29.88
CA LYS D 266 -12.77 -8.58 31.26
C LYS D 266 -12.40 -7.36 32.06
N ALA D 267 -11.16 -6.90 31.88
CA ALA D 267 -10.67 -5.74 32.63
C ALA D 267 -11.30 -4.41 32.18
N ARG D 268 -11.64 -4.31 30.91
CA ARG D 268 -12.25 -3.10 30.37
C ARG D 268 -13.68 -2.91 30.96
N GLY D 269 -14.33 -4.02 31.32
CA GLY D 269 -15.61 -3.96 31.97
C GLY D 269 -15.53 -3.29 33.34
N THR D 270 -14.51 -3.70 34.09
CA THR D 270 -14.25 -3.11 35.40
C THR D 270 -13.96 -1.64 35.22
N THR D 271 -13.07 -1.35 34.30
CA THR D 271 -12.62 0.00 33.99
C THR D 271 -13.71 0.95 33.55
N GLN D 272 -14.66 0.46 32.77
CA GLN D 272 -15.75 1.33 32.31
C GLN D 272 -16.75 1.60 33.42
N VAL D 273 -16.86 0.66 34.34
CA VAL D 273 -17.76 0.78 35.46
C VAL D 273 -17.12 1.68 36.53
N PHE D 274 -15.79 1.63 36.61
CA PHE D 274 -15.03 2.58 37.39
C PHE D 274 -15.19 3.99 36.87
N GLU D 275 -15.07 4.16 35.55
CA GLU D 275 -15.13 5.51 34.98
C GLU D 275 -16.49 6.18 35.15
N ALA D 276 -17.55 5.39 35.00
CA ALA D 276 -18.89 5.93 35.10
C ALA D 276 -19.14 6.34 36.53
N TYR D 277 -18.69 5.52 37.47
CA TYR D 277 -18.92 5.82 38.88
C TYR D 277 -18.16 7.06 39.34
N SER D 278 -16.97 7.29 38.81
CA SER D 278 -16.15 8.41 39.27
C SER D 278 -16.85 9.72 38.92
N ALA D 279 -17.41 9.77 37.72
CA ALA D 279 -18.23 10.91 37.28
C ALA D 279 -19.56 11.03 38.04
N PHE D 280 -20.14 9.89 38.40
CA PHE D 280 -21.41 9.88 39.14
C PHE D 280 -21.31 10.62 40.49
N ILE D 281 -20.10 10.78 41.01
CA ILE D 281 -19.91 11.48 42.26
C ILE D 281 -18.95 12.66 42.09
N GLY D 282 -19.05 13.35 40.96
CA GLY D 282 -18.18 14.50 40.70
C GLY D 282 -16.70 14.24 40.97
N ARG D 283 -16.21 13.08 40.54
CA ARG D 283 -14.80 12.72 40.68
C ARG D 283 -14.32 12.15 39.37
N GLU D 284 -14.61 12.84 38.27
CA GLU D 284 -14.35 12.29 36.94
C GLU D 284 -12.89 11.88 36.77
N GLN D 285 -12.66 10.57 36.75
CA GLN D 285 -11.33 10.03 36.50
C GLN D 285 -11.32 9.07 35.30
N ARG D 286 -10.18 9.01 34.62
CA ARG D 286 -10.00 8.05 33.56
C ARG D 286 -8.77 7.20 33.87
N VAL D 287 -8.86 5.90 33.63
CA VAL D 287 -7.69 5.04 33.82
C VAL D 287 -7.34 4.28 32.55
N ALA D 288 -6.04 4.14 32.30
CA ALA D 288 -5.51 3.48 31.12
C ALA D 288 -5.10 2.02 31.42
N LEU D 289 -5.55 1.10 30.58
CA LEU D 289 -5.45 -0.35 30.80
C LEU D 289 -4.05 -0.95 30.96
N GLU D 290 -3.09 -0.44 30.19
CA GLU D 290 -1.72 -0.96 30.26
C GLU D 290 -1.09 -0.77 31.66
N THR D 291 -1.62 0.18 32.43
CA THR D 291 -1.10 0.40 33.77
C THR D 291 -1.63 -0.67 34.75
N LEU D 292 -2.39 -1.65 34.22
CA LEU D 292 -3.08 -2.67 35.02
C LEU D 292 -2.78 -4.12 34.62
N LEU D 293 -2.60 -4.34 33.31
CA LEU D 293 -2.46 -5.68 32.73
C LEU D 293 -1.11 -6.33 32.98
N PRO D 294 -1.07 -7.67 33.18
CA PRO D 294 0.18 -8.42 33.31
C PRO D 294 0.88 -8.52 31.96
N ALA D 295 2.19 -8.77 31.97
CA ALA D 295 2.91 -8.85 30.71
C ALA D 295 2.49 -10.11 29.94
N PRO D 296 2.30 -9.99 28.62
CA PRO D 296 1.95 -11.21 27.87
C PRO D 296 3.18 -12.09 27.57
N GLU D 297 2.94 -13.33 27.16
CA GLU D 297 4.00 -14.27 26.79
C GLU D 297 4.90 -13.66 25.70
N PHE D 298 4.26 -13.10 24.67
CA PHE D 298 4.97 -12.42 23.57
C PHE D 298 4.67 -10.94 23.54
N GLY D 299 5.65 -10.14 23.91
CA GLY D 299 5.46 -8.69 24.02
C GLY D 299 5.92 -7.90 22.83
N ARG D 300 7.06 -8.27 22.26
CA ARG D 300 7.67 -7.55 21.14
C ARG D 300 8.02 -8.48 20.00
N ILE D 301 7.88 -7.99 18.77
CA ILE D 301 8.32 -8.70 17.57
C ILE D 301 8.72 -7.67 16.50
N THR D 302 9.77 -7.97 15.74
CA THR D 302 10.14 -7.16 14.61
C THR D 302 9.54 -7.73 13.34
N LEU D 303 9.29 -6.84 12.40
CA LEU D 303 8.75 -7.19 11.11
C LEU D 303 9.63 -6.51 10.05
N HIS D 304 10.18 -7.30 9.14
CA HIS D 304 10.91 -6.75 8.01
C HIS D 304 10.04 -6.81 6.73
N GLY D 305 9.94 -5.68 6.01
CA GLY D 305 9.13 -5.60 4.80
C GLY D 305 7.62 -5.38 4.97
N PRO D 306 6.89 -5.47 3.84
CA PRO D 306 5.45 -5.14 3.71
C PRO D 306 4.58 -6.15 4.40
N LEU D 307 3.36 -5.74 4.75
CA LEU D 307 2.46 -6.63 5.40
C LEU D 307 1.60 -7.25 4.30
N ASP D 308 1.86 -8.47 3.91
CA ASP D 308 0.95 -9.17 3.04
C ASP D 308 0.01 -10.00 3.91
N GLN D 309 -0.85 -10.76 3.29
CA GLN D 309 -1.85 -11.53 4.01
C GLN D 309 -1.30 -12.66 4.87
N PRO D 310 -0.31 -13.43 4.36
CA PRO D 310 0.26 -14.49 5.20
C PRO D 310 1.05 -13.94 6.38
N THR D 311 1.66 -12.74 6.21
CA THR D 311 2.34 -12.06 7.29
C THR D 311 1.32 -11.69 8.36
N LEU D 312 0.20 -11.13 7.92
CA LEU D 312 -0.83 -10.75 8.84
C LEU D 312 -1.42 -11.99 9.56
N LYS D 313 -1.61 -13.09 8.84
CA LYS D 313 -2.11 -14.30 9.46
C LYS D 313 -1.16 -14.73 10.55
N ARG D 314 0.14 -14.63 10.31
CA ARG D 314 1.11 -15.03 11.33
C ARG D 314 1.04 -14.18 12.60
N LEU D 315 0.92 -12.87 12.45
CA LEU D 315 0.83 -12.00 13.64
C LEU D 315 -0.49 -12.27 14.39
N ALA D 316 -1.59 -12.30 13.67
CA ALA D 316 -2.87 -12.52 14.32
C ALA D 316 -2.91 -13.86 15.08
N HIS D 317 -2.49 -14.92 14.43
CA HIS D 317 -2.54 -16.24 15.04
C HIS D 317 -1.45 -16.42 16.11
N LEU D 318 -0.36 -15.66 16.02
CA LEU D 318 0.59 -15.61 17.16
C LEU D 318 -0.16 -15.24 18.42
N VAL D 319 -1.11 -14.33 18.28
CA VAL D 319 -1.86 -13.85 19.44
C VAL D 319 -3.10 -14.73 19.77
N TYR D 320 -3.87 -15.06 18.73
CA TYR D 320 -5.07 -15.89 18.90
C TYR D 320 -5.49 -16.57 17.62
N ASP D 321 -5.43 -17.89 17.65
CA ASP D 321 -5.76 -18.74 16.53
C ASP D 321 -6.99 -19.48 16.97
N VAL D 322 -8.09 -19.19 16.29
CA VAL D 322 -9.38 -19.66 16.72
C VAL D 322 -9.43 -21.21 16.72
N ARG D 323 -8.53 -21.85 15.96
CA ARG D 323 -8.55 -23.30 15.86
C ARG D 323 -8.31 -23.96 17.18
N ARG D 324 -7.63 -23.26 18.08
CA ARG D 324 -7.39 -23.85 19.40
C ARG D 324 -8.63 -23.89 20.29
N ASP D 325 -9.71 -23.22 19.90
CA ASP D 325 -10.95 -23.32 20.65
C ASP D 325 -11.94 -24.20 19.88
N ASP D 326 -11.67 -24.39 18.59
CA ASP D 326 -12.48 -25.27 17.76
C ASP D 326 -12.22 -26.72 18.12
N ALA D 327 -10.96 -27.12 18.18
CA ALA D 327 -10.64 -28.55 18.43
C ALA D 327 -11.25 -29.13 19.69
N PRO D 328 -11.15 -28.42 20.83
CA PRO D 328 -11.63 -29.13 22.01
C PRO D 328 -13.16 -29.17 22.07
N LEU D 329 -13.84 -28.23 21.43
CA LEU D 329 -15.28 -28.33 21.43
C LEU D 329 -15.72 -29.55 20.64
N ARG D 330 -15.07 -29.80 19.52
CA ARG D 330 -15.40 -30.95 18.65
C ARG D 330 -15.20 -32.26 19.36
N LYS D 331 -14.22 -32.28 20.25
CA LYS D 331 -13.84 -33.49 20.97
C LYS D 331 -14.90 -33.86 22.00
N VAL D 332 -15.52 -32.86 22.60
CA VAL D 332 -16.48 -33.11 23.67
C VAL D 332 -17.92 -32.68 23.42
N ALA D 333 -18.24 -32.19 22.23
CA ALA D 333 -19.61 -31.71 21.99
C ALA D 333 -20.61 -32.84 22.20
N GLY D 334 -21.74 -32.53 22.83
CA GLY D 334 -22.73 -33.57 23.14
C GLY D 334 -22.49 -34.38 24.43
N ILE D 335 -21.47 -34.06 25.20
CA ILE D 335 -21.46 -34.61 26.54
C ILE D 335 -22.02 -33.49 27.40
N PRO D 336 -23.03 -33.81 28.22
CA PRO D 336 -23.75 -32.82 29.03
C PRO D 336 -22.81 -32.17 30.04
N GLY D 337 -22.83 -30.85 30.07
CA GLY D 337 -21.94 -30.09 30.94
C GLY D 337 -20.58 -29.71 30.38
N GLU D 338 -20.16 -30.33 29.27
CA GLU D 338 -18.80 -30.09 28.76
C GLU D 338 -18.66 -28.75 28.08
N PHE D 339 -19.71 -28.29 27.42
CA PHE D 339 -19.74 -26.97 26.76
C PHE D 339 -19.46 -25.91 27.82
N ASP D 340 -20.20 -25.99 28.93
CA ASP D 340 -20.10 -25.01 29.99
C ASP D 340 -18.75 -25.12 30.68
N LYS D 341 -18.27 -26.33 30.87
CA LYS D 341 -16.94 -26.51 31.42
C LYS D 341 -15.86 -25.85 30.56
N LEU D 342 -16.02 -25.86 29.25
CA LEU D 342 -15.03 -25.25 28.37
C LEU D 342 -14.94 -23.75 28.55
N ARG D 343 -16.07 -23.15 28.93
CA ARG D 343 -16.11 -21.71 29.07
C ARG D 343 -15.60 -21.36 30.44
N LYS D 344 -15.81 -22.26 31.40
CA LYS D 344 -15.37 -22.01 32.76
C LYS D 344 -13.85 -22.15 32.80
N ASN D 345 -13.33 -23.18 32.16
CA ASN D 345 -11.90 -23.43 32.11
C ASN D 345 -11.12 -22.57 31.08
N TYR D 346 -11.81 -21.68 30.36
CA TYR D 346 -11.19 -20.96 29.23
C TYR D 346 -9.77 -20.42 29.47
N LEU D 347 -8.84 -20.75 28.57
CA LEU D 347 -7.43 -20.34 28.72
C LEU D 347 -7.22 -18.88 28.30
N GLU D 348 -6.46 -18.15 29.13
CA GLU D 348 -6.17 -16.71 28.95
C GLU D 348 -5.97 -16.35 27.49
N ARG D 349 -6.67 -15.34 27.02
CA ARG D 349 -6.37 -14.85 25.69
C ARG D 349 -6.16 -13.34 25.66
N ARG D 350 -5.20 -12.89 24.86
CA ARG D 350 -4.91 -11.46 24.70
C ARG D 350 -5.44 -10.82 23.41
N GLU D 351 -5.50 -9.50 23.40
CA GLU D 351 -5.83 -8.77 22.20
C GLU D 351 -4.57 -8.37 21.46
N TRP D 352 -4.75 -7.99 20.20
CA TRP D 352 -3.59 -7.70 19.34
C TRP D 352 -2.76 -6.52 19.89
N SER D 353 -3.45 -5.60 20.58
CA SER D 353 -2.80 -4.40 21.14
C SER D 353 -1.72 -4.74 22.16
N SER D 354 -1.70 -6.00 22.64
CA SER D 354 -0.68 -6.40 23.63
C SER D 354 0.58 -6.84 22.92
N LEU D 355 0.62 -6.77 21.60
CA LEU D 355 1.81 -7.16 20.85
C LEU D 355 2.38 -5.93 20.18
N TYR D 356 3.57 -5.57 20.60
CA TYR D 356 4.29 -4.44 20.12
C TYR D 356 5.08 -4.90 18.89
N VAL D 357 4.75 -4.35 17.73
CA VAL D 357 5.40 -4.76 16.48
C VAL D 357 6.31 -3.66 15.93
N CYS D 359 8.36 -2.31 12.93
CA CYS D 359 8.40 -2.46 11.47
C CYS D 359 9.45 -1.58 10.81
N ASP D 360 10.23 -2.13 9.88
CA ASP D 360 11.08 -1.26 9.05
C ASP D 360 10.32 -0.61 7.89
N ASP D 361 9.08 -1.04 7.66
CA ASP D 361 8.21 -0.52 6.60
C ASP D 361 7.10 0.40 7.11
N GLU D 362 7.07 1.65 6.64
CA GLU D 362 6.06 2.64 7.09
C GLU D 362 4.64 2.15 6.79
N THR D 363 4.46 1.63 5.60
CA THR D 363 3.11 1.22 5.22
C THR D 363 2.62 0.06 6.09
N ALA D 364 3.50 -0.86 6.49
CA ALA D 364 3.04 -1.93 7.39
C ALA D 364 2.69 -1.42 8.79
N ALA D 365 3.53 -0.53 9.33
CA ALA D 365 3.28 0.08 10.65
C ALA D 365 1.92 0.80 10.68
N ALA D 366 1.69 1.77 9.79
CA ALA D 366 0.34 2.38 9.66
C ALA D 366 -0.79 1.33 9.57
N LEU D 367 -0.62 0.32 8.73
CA LEU D 367 -1.74 -0.63 8.59
C LEU D 367 -1.92 -1.43 9.87
N LEU D 368 -0.85 -1.85 10.48
CA LEU D 368 -0.98 -2.55 11.76
C LEU D 368 -1.66 -1.75 12.85
N CYS D 369 -1.33 -0.47 12.98
CA CYS D 369 -2.02 0.38 13.97
C CYS D 369 -3.49 0.51 13.69
N LYS D 370 -3.87 0.72 12.43
CA LYS D 370 -5.29 0.76 12.14
C LYS D 370 -5.95 -0.58 12.48
N LEU D 371 -5.20 -1.67 12.34
CA LEU D 371 -5.76 -2.98 12.68
C LEU D 371 -5.79 -3.26 14.18
N GLY D 372 -5.11 -2.46 14.99
CA GLY D 372 -5.24 -2.61 16.45
C GLY D 372 -4.02 -3.24 17.11
N PHE D 373 -2.96 -3.46 16.33
CA PHE D 373 -1.68 -3.84 16.88
C PHE D 373 -1.00 -2.60 17.40
N ASN D 374 -0.11 -2.79 18.37
CA ASN D 374 0.76 -1.72 18.83
C ASN D 374 2.00 -1.74 17.94
N ALA D 375 1.92 -1.07 16.80
CA ALA D 375 3.01 -1.13 15.82
C ALA D 375 3.72 0.20 15.75
N VAL D 376 5.01 0.17 15.50
CA VAL D 376 5.74 1.41 15.29
C VAL D 376 6.63 1.19 14.08
N HIS D 377 7.06 2.32 13.53
CA HIS D 377 8.03 2.29 12.46
C HIS D 377 9.42 2.71 12.95
N HIS D 378 10.40 1.85 12.72
CA HIS D 378 11.81 2.05 13.06
C HIS D 378 12.51 2.54 11.79
N PRO D 379 12.83 3.84 11.70
CA PRO D 379 13.56 4.32 10.51
C PRO D 379 15.04 3.91 10.51
N ALA D 380 15.68 3.97 9.35
CA ALA D 380 17.10 3.65 9.20
C ALA D 380 17.96 4.03 10.44
N LYS E 5 -51.47 -5.65 9.42
CA LYS E 5 -50.73 -6.92 9.46
C LYS E 5 -50.74 -7.51 8.06
N ILE E 6 -49.56 -7.65 7.45
CA ILE E 6 -49.43 -8.10 6.06
C ILE E 6 -48.61 -9.40 6.02
N LEU E 7 -49.22 -10.46 5.50
CA LEU E 7 -48.52 -11.73 5.25
C LEU E 7 -47.97 -11.74 3.83
N VAL E 8 -46.71 -12.16 3.66
CA VAL E 8 -46.18 -12.27 2.31
C VAL E 8 -45.49 -13.61 2.11
N ASP E 9 -45.62 -14.16 0.91
CA ASP E 9 -44.79 -15.29 0.54
C ASP E 9 -43.33 -14.94 0.78
N GLU E 10 -42.70 -15.65 1.70
CA GLU E 10 -41.30 -15.43 2.03
C GLU E 10 -40.37 -15.47 0.80
N ASN E 11 -40.81 -16.13 -0.27
CA ASN E 11 -40.00 -16.22 -1.47
C ASN E 11 -40.27 -15.09 -2.45
N PRO E 13 -39.67 -11.74 -4.00
CA PRO E 13 -38.46 -10.91 -3.92
C PRO E 13 -38.75 -9.48 -3.43
N TYR E 14 -38.00 -9.02 -2.44
CA TYR E 14 -38.14 -7.67 -1.89
C TYR E 14 -39.47 -7.44 -1.17
N ALA E 15 -40.33 -8.46 -1.09
CA ALA E 15 -41.65 -8.23 -0.49
C ALA E 15 -41.54 -7.83 0.97
N ARG E 16 -40.64 -8.49 1.68
CA ARG E 16 -40.50 -8.27 3.11
C ARG E 16 -40.10 -6.83 3.39
N GLU E 17 -39.10 -6.33 2.68
CA GLU E 17 -38.66 -4.99 2.91
C GLU E 17 -39.54 -3.89 2.28
N LEU E 18 -40.19 -4.16 1.16
CA LEU E 18 -41.14 -3.21 0.59
C LEU E 18 -42.41 -3.07 1.46
N PHE E 19 -43.04 -4.18 1.80
CA PHE E 19 -44.30 -4.11 2.56
C PHE E 19 -44.13 -3.62 4.00
N SER E 20 -42.95 -3.79 4.57
CA SER E 20 -42.73 -3.21 5.88
C SER E 20 -42.72 -1.66 5.82
N ARG E 21 -42.66 -1.08 4.63
CA ARG E 21 -42.78 0.38 4.51
C ARG E 21 -44.20 0.82 4.79
N LEU E 22 -45.11 -0.11 4.88
CA LEU E 22 -46.46 0.36 5.05
C LEU E 22 -47.27 -0.35 6.14
N GLY E 23 -46.71 -1.42 6.70
CA GLY E 23 -47.30 -2.08 7.88
C GLY E 23 -46.38 -3.12 8.53
N GLU E 24 -46.92 -3.86 9.49
CA GLU E 24 -46.18 -4.98 10.09
C GLU E 24 -46.20 -6.18 9.14
N VAL E 25 -45.02 -6.76 8.88
CA VAL E 25 -44.89 -7.83 7.90
C VAL E 25 -44.42 -9.18 8.47
N LYS E 26 -45.08 -10.26 8.07
CA LYS E 26 -44.61 -11.60 8.39
C LYS E 26 -44.43 -12.39 7.12
N ALA E 27 -43.19 -12.77 6.84
CA ALA E 27 -42.86 -13.64 5.73
C ALA E 27 -43.26 -15.07 6.09
N VAL E 28 -43.95 -15.75 5.18
CA VAL E 28 -44.57 -17.01 5.51
C VAL E 28 -44.42 -18.01 4.36
N PRO E 29 -44.40 -19.33 4.67
CA PRO E 29 -44.29 -20.27 3.53
C PRO E 29 -45.51 -20.19 2.60
N GLY E 30 -45.31 -20.42 1.31
CA GLY E 30 -46.35 -20.23 0.32
C GLY E 30 -47.35 -21.37 0.33
N ARG E 31 -47.01 -22.46 0.99
CA ARG E 31 -47.78 -23.69 0.94
C ARG E 31 -47.13 -24.70 1.87
N PRO E 32 -47.79 -25.04 2.97
CA PRO E 32 -49.07 -24.50 3.42
C PRO E 32 -48.89 -23.19 4.21
N ILE E 33 -49.76 -22.22 4.01
CA ILE E 33 -49.74 -21.05 4.89
C ILE E 33 -50.35 -21.49 6.22
N PRO E 34 -49.62 -21.25 7.33
CA PRO E 34 -50.20 -21.62 8.61
C PRO E 34 -51.48 -20.85 8.89
N VAL E 35 -52.51 -21.59 9.28
CA VAL E 35 -53.81 -21.08 9.62
C VAL E 35 -53.74 -19.98 10.69
N GLU E 36 -53.13 -20.28 11.82
CA GLU E 36 -52.95 -19.28 12.88
C GLU E 36 -52.48 -17.92 12.34
N GLU E 37 -51.60 -17.94 11.37
CA GLU E 37 -51.09 -16.69 10.84
C GLU E 37 -52.17 -15.94 10.03
N LEU E 38 -52.93 -16.66 9.22
CA LEU E 38 -53.98 -16.07 8.38
C LEU E 38 -55.05 -15.39 9.20
N ASN E 39 -55.42 -16.04 10.31
CA ASN E 39 -56.47 -15.57 11.19
C ASN E 39 -56.07 -14.31 11.94
N HIS E 40 -54.82 -13.87 11.76
CA HIS E 40 -54.35 -12.67 12.41
C HIS E 40 -53.73 -11.71 11.40
N ALA E 41 -54.13 -11.84 10.14
CA ALA E 41 -53.62 -11.00 9.06
C ALA E 41 -54.70 -10.10 8.43
N ASP E 42 -54.27 -8.98 7.86
CA ASP E 42 -55.17 -8.00 7.26
C ASP E 42 -55.09 -8.10 5.77
N ALA E 43 -53.96 -8.55 5.28
CA ALA E 43 -53.70 -8.58 3.85
C ALA E 43 -52.71 -9.69 3.60
N LEU E 44 -52.72 -10.19 2.36
CA LEU E 44 -51.95 -11.36 2.00
C LEU E 44 -51.41 -11.23 0.58
N VAL E 46 -49.34 -13.13 -2.45
CA VAL E 46 -48.95 -14.47 -2.83
C VAL E 46 -48.30 -14.50 -4.21
N ARG E 47 -47.56 -15.57 -4.43
CA ARG E 47 -47.18 -16.00 -5.77
C ARG E 47 -48.20 -17.07 -6.19
N SER E 48 -47.98 -17.66 -7.36
CA SER E 48 -48.92 -18.62 -7.94
C SER E 48 -49.02 -19.99 -7.24
N VAL E 49 -48.13 -20.27 -6.28
CA VAL E 49 -48.16 -21.56 -5.56
C VAL E 49 -49.33 -21.69 -4.58
N THR E 50 -49.97 -20.57 -4.24
CA THR E 50 -51.00 -20.57 -3.23
C THR E 50 -52.39 -20.48 -3.85
N LYS E 51 -53.22 -21.51 -3.67
CA LYS E 51 -54.59 -21.41 -4.15
C LYS E 51 -55.33 -20.41 -3.28
N VAL E 52 -55.92 -19.41 -3.92
CA VAL E 52 -56.67 -18.42 -3.17
C VAL E 52 -58.16 -18.62 -3.38
N ASN E 53 -58.84 -19.02 -2.33
CA ASN E 53 -60.23 -19.46 -2.41
C ASN E 53 -60.88 -19.36 -1.03
N GLU E 54 -62.11 -19.86 -0.91
CA GLU E 54 -62.90 -19.80 0.32
C GLU E 54 -62.30 -20.63 1.47
N SER E 55 -61.81 -21.83 1.16
CA SER E 55 -61.15 -22.73 2.13
C SER E 55 -59.95 -22.08 2.81
N LEU E 56 -59.26 -21.21 2.10
CA LEU E 56 -58.10 -20.56 2.66
C LEU E 56 -58.50 -19.32 3.45
N LEU E 57 -59.56 -18.66 3.00
CA LEU E 57 -59.80 -17.30 3.49
C LEU E 57 -61.01 -17.10 4.39
N SER E 58 -61.98 -18.00 4.31
CA SER E 58 -63.23 -17.85 5.05
C SER E 58 -62.99 -17.75 6.54
N GLY E 59 -63.56 -16.73 7.17
CA GLY E 59 -63.45 -16.55 8.61
C GLY E 59 -62.15 -15.89 9.06
N THR E 60 -61.35 -15.41 8.13
CA THR E 60 -60.16 -14.69 8.50
C THR E 60 -60.42 -13.21 8.30
N PRO E 61 -59.61 -12.33 8.94
CA PRO E 61 -59.80 -10.88 8.79
C PRO E 61 -59.16 -10.32 7.51
N ILE E 62 -58.72 -11.19 6.60
CA ILE E 62 -58.03 -10.71 5.40
C ILE E 62 -58.90 -9.82 4.52
N ASN E 63 -58.37 -8.64 4.22
CA ASN E 63 -59.10 -7.58 3.56
C ASN E 63 -58.64 -7.35 2.14
N PHE E 64 -57.47 -7.87 1.79
CA PHE E 64 -56.89 -7.62 0.47
C PHE E 64 -55.93 -8.76 0.15
N VAL E 65 -55.92 -9.18 -1.10
CA VAL E 65 -55.06 -10.23 -1.59
C VAL E 65 -54.39 -9.70 -2.84
N GLY E 66 -53.06 -9.75 -2.84
CA GLY E 66 -52.28 -9.33 -3.96
C GLY E 66 -51.61 -10.56 -4.52
N THR E 67 -51.51 -10.65 -5.84
CA THR E 67 -50.74 -11.72 -6.43
C THR E 67 -49.69 -11.16 -7.33
N ALA E 68 -48.45 -11.55 -7.03
CA ALA E 68 -47.28 -10.99 -7.69
C ALA E 68 -47.01 -11.76 -8.97
N THR E 69 -48.04 -11.79 -9.81
CA THR E 69 -48.08 -12.56 -11.03
C THR E 69 -49.00 -11.81 -11.97
N ALA E 70 -48.76 -12.00 -13.26
CA ALA E 70 -49.61 -11.50 -14.33
C ALA E 70 -50.84 -12.37 -14.42
N GLY E 71 -50.64 -13.68 -14.23
CA GLY E 71 -51.73 -14.67 -14.28
C GLY E 71 -52.57 -14.73 -13.01
N THR E 72 -53.85 -15.02 -13.13
CA THR E 72 -54.71 -15.07 -11.94
C THR E 72 -55.42 -16.42 -11.77
N ASP E 73 -54.83 -17.50 -12.29
CA ASP E 73 -55.54 -18.78 -12.35
C ASP E 73 -55.57 -19.56 -11.05
N HIS E 74 -54.62 -19.28 -10.17
CA HIS E 74 -54.66 -19.79 -8.80
C HIS E 74 -55.64 -19.04 -7.86
N VAL E 75 -56.36 -18.05 -8.40
CA VAL E 75 -57.19 -17.17 -7.59
C VAL E 75 -58.67 -17.18 -7.95
N ASP E 76 -59.51 -17.47 -6.96
CA ASP E 76 -60.96 -17.42 -7.16
C ASP E 76 -61.41 -15.96 -7.02
N GLU E 77 -61.32 -15.20 -8.12
CA GLU E 77 -61.67 -13.79 -8.12
C GLU E 77 -63.14 -13.53 -7.83
N ALA E 78 -64.02 -14.45 -8.25
CA ALA E 78 -65.45 -14.30 -8.06
C ALA E 78 -65.82 -14.47 -6.59
N TRP E 79 -65.19 -15.44 -5.92
CA TRP E 79 -65.37 -15.54 -4.47
C TRP E 79 -64.83 -14.31 -3.73
N LEU E 80 -63.59 -13.88 -4.03
CA LEU E 80 -63.03 -12.66 -3.40
C LEU E 80 -64.04 -11.49 -3.48
N LYS E 81 -64.70 -11.39 -4.63
CA LYS E 81 -65.60 -10.31 -4.93
C LYS E 81 -66.90 -10.48 -4.10
N GLN E 82 -67.46 -11.68 -4.02
CA GLN E 82 -68.59 -11.91 -3.10
C GLN E 82 -68.28 -11.65 -1.62
N ALA E 83 -67.04 -11.90 -1.21
CA ALA E 83 -66.64 -11.71 0.18
C ALA E 83 -66.25 -10.26 0.47
N GLY E 84 -66.02 -9.49 -0.58
CA GLY E 84 -65.60 -8.08 -0.43
C GLY E 84 -64.12 -7.89 -0.12
N ILE E 85 -63.30 -8.87 -0.54
CA ILE E 85 -61.87 -8.81 -0.32
C ILE E 85 -61.24 -8.10 -1.52
N GLY E 86 -60.50 -7.04 -1.28
CA GLY E 86 -59.85 -6.33 -2.37
C GLY E 86 -58.81 -7.20 -3.03
N PHE E 87 -58.57 -6.95 -4.32
CA PHE E 87 -57.74 -7.83 -5.14
C PHE E 87 -56.89 -7.14 -6.20
N SER E 88 -55.66 -7.61 -6.35
CA SER E 88 -54.82 -7.14 -7.42
C SER E 88 -53.82 -8.15 -7.90
N ALA E 89 -53.72 -8.24 -9.22
CA ALA E 89 -52.62 -8.94 -9.86
C ALA E 89 -51.53 -7.92 -10.20
N ALA E 90 -50.55 -8.36 -11.01
CA ALA E 90 -49.55 -7.50 -11.60
C ALA E 90 -49.50 -7.74 -13.12
N PRO E 91 -50.54 -7.28 -13.85
CA PRO E 91 -50.55 -7.54 -15.30
C PRO E 91 -49.40 -6.84 -16.01
N GLY E 92 -48.88 -7.53 -17.03
CA GLY E 92 -47.72 -7.01 -17.75
C GLY E 92 -46.38 -7.13 -17.08
N CYS E 93 -46.30 -7.64 -15.84
CA CYS E 93 -45.02 -7.61 -15.10
C CYS E 93 -43.90 -8.38 -15.85
N ASN E 94 -44.28 -9.48 -16.47
CA ASN E 94 -43.32 -10.33 -17.11
C ASN E 94 -43.45 -10.36 -18.65
N ALA E 95 -44.18 -9.41 -19.21
CA ALA E 95 -44.38 -9.33 -20.67
C ALA E 95 -43.11 -9.16 -21.49
N ILE E 96 -42.25 -8.24 -21.09
CA ILE E 96 -41.04 -7.97 -21.81
C ILE E 96 -40.21 -9.23 -21.78
N ALA E 97 -40.18 -9.93 -20.65
CA ALA E 97 -39.44 -11.18 -20.52
C ALA E 97 -39.92 -12.21 -21.54
N VAL E 98 -41.22 -12.31 -21.74
CA VAL E 98 -41.77 -13.29 -22.64
C VAL E 98 -41.35 -12.92 -24.06
N VAL E 99 -41.50 -11.65 -24.42
CA VAL E 99 -41.10 -11.19 -25.75
C VAL E 99 -39.62 -11.54 -26.06
N GLU E 100 -38.73 -11.24 -25.13
CA GLU E 100 -37.33 -11.53 -25.30
C GLU E 100 -36.96 -13.04 -25.31
N TYR E 101 -37.81 -13.88 -24.73
CA TYR E 101 -37.69 -15.31 -24.84
C TYR E 101 -38.05 -15.67 -26.27
N VAL E 102 -39.09 -15.03 -26.79
CA VAL E 102 -39.54 -15.32 -28.16
C VAL E 102 -38.44 -14.95 -29.13
N PHE E 103 -37.86 -13.75 -28.97
CA PHE E 103 -36.73 -13.37 -29.83
C PHE E 103 -35.51 -14.26 -29.68
N SER E 104 -35.16 -14.59 -28.44
CA SER E 104 -34.10 -15.55 -28.20
C SER E 104 -34.36 -16.83 -29.01
N ALA E 105 -35.58 -17.34 -29.02
CA ALA E 105 -35.82 -18.57 -29.75
C ALA E 105 -35.73 -18.34 -31.27
N LEU E 106 -36.36 -17.29 -31.76
CA LEU E 106 -36.31 -17.01 -33.20
C LEU E 106 -34.90 -16.84 -33.76
N LEU E 107 -34.06 -16.09 -33.06
CA LEU E 107 -32.66 -15.91 -33.44
C LEU E 107 -31.85 -17.18 -33.38
N LEU E 109 -33.07 -20.31 -33.99
CA LEU E 109 -33.52 -21.11 -35.14
C LEU E 109 -33.05 -20.52 -36.47
N ALA E 110 -32.94 -19.19 -36.53
CA ALA E 110 -32.58 -18.50 -37.75
C ALA E 110 -31.13 -18.80 -38.15
N GLU E 111 -30.22 -18.77 -37.17
CA GLU E 111 -28.86 -19.21 -37.44
C GLU E 111 -28.85 -20.73 -37.72
N ARG E 112 -29.47 -21.51 -36.85
CA ARG E 112 -29.42 -22.94 -37.05
C ARG E 112 -29.94 -23.35 -38.42
N ASP E 113 -31.02 -22.73 -38.92
CA ASP E 113 -31.59 -23.20 -40.18
C ASP E 113 -31.22 -22.32 -41.37
N GLY E 114 -30.48 -21.24 -41.10
CA GLY E 114 -29.97 -20.41 -42.18
C GLY E 114 -30.99 -19.47 -42.78
N PHE E 115 -31.76 -18.75 -41.97
CA PHE E 115 -32.69 -17.79 -42.57
C PHE E 115 -32.58 -16.42 -41.94
N SER E 116 -33.00 -15.43 -42.70
CA SER E 116 -33.13 -14.12 -42.19
C SER E 116 -34.56 -13.89 -41.63
N LEU E 117 -34.67 -13.21 -40.50
CA LEU E 117 -35.99 -12.88 -39.94
C LEU E 117 -36.87 -12.09 -40.91
N ARG E 118 -36.26 -11.25 -41.76
CA ARG E 118 -37.02 -10.41 -42.68
C ARG E 118 -37.69 -11.23 -43.78
N ASP E 119 -37.36 -12.50 -43.87
CA ASP E 119 -37.99 -13.38 -44.83
C ASP E 119 -39.15 -14.11 -44.20
N ARG E 120 -39.38 -13.92 -42.92
CA ARG E 120 -40.48 -14.60 -42.26
C ARG E 120 -41.68 -13.66 -42.07
N THR E 121 -42.83 -14.24 -41.80
CA THR E 121 -44.02 -13.43 -41.55
C THR E 121 -44.57 -13.95 -40.27
N ILE E 122 -44.70 -13.07 -39.30
CA ILE E 122 -45.02 -13.50 -37.97
C ILE E 122 -46.49 -13.26 -37.67
N GLY E 123 -47.20 -14.32 -37.28
CA GLY E 123 -48.58 -14.19 -36.85
C GLY E 123 -48.67 -14.18 -35.33
N ILE E 124 -49.33 -13.19 -34.79
CA ILE E 124 -49.42 -13.07 -33.35
C ILE E 124 -50.86 -13.27 -32.99
N VAL E 125 -51.15 -14.33 -32.22
CA VAL E 125 -52.52 -14.63 -31.80
C VAL E 125 -52.68 -14.12 -30.36
N GLY E 126 -53.48 -13.09 -30.18
CA GLY E 126 -53.57 -12.40 -28.90
C GLY E 126 -52.57 -11.26 -28.85
N VAL E 127 -53.10 -10.04 -28.86
CA VAL E 127 -52.27 -8.86 -28.92
C VAL E 127 -52.53 -7.99 -27.70
N GLY E 128 -52.28 -8.55 -26.52
CA GLY E 128 -52.37 -7.77 -25.28
C GLY E 128 -50.98 -7.30 -24.87
N ASN E 129 -50.75 -7.31 -23.56
CA ASN E 129 -49.45 -7.02 -22.97
C ASN E 129 -48.26 -7.69 -23.65
N VAL E 130 -48.30 -9.00 -23.82
CA VAL E 130 -47.18 -9.65 -24.48
C VAL E 130 -47.20 -9.39 -26.00
N GLY E 131 -48.32 -9.70 -26.64
CA GLY E 131 -48.42 -9.57 -28.10
C GLY E 131 -48.18 -8.19 -28.67
N SER E 132 -48.69 -7.16 -28.02
CA SER E 132 -48.47 -5.80 -28.55
C SER E 132 -47.02 -5.42 -28.42
N ARG E 133 -46.36 -5.90 -27.37
CA ARG E 133 -44.95 -5.60 -27.18
C ARG E 133 -44.11 -6.36 -28.18
N LEU E 134 -44.48 -7.60 -28.44
CA LEU E 134 -43.89 -8.36 -29.53
C LEU E 134 -44.03 -7.59 -30.85
N GLN E 135 -45.25 -7.16 -31.19
CA GLN E 135 -45.57 -6.49 -32.46
C GLN E 135 -44.73 -5.22 -32.64
N THR E 136 -44.69 -4.41 -31.61
CA THR E 136 -43.90 -3.18 -31.62
C THR E 136 -42.43 -3.47 -31.97
N ARG E 137 -41.85 -4.47 -31.32
CA ARG E 137 -40.49 -4.84 -31.57
C ARG E 137 -40.24 -5.45 -32.95
N LEU E 138 -41.05 -6.41 -33.36
CA LEU E 138 -41.02 -6.86 -34.75
C LEU E 138 -41.07 -5.72 -35.77
N GLU E 139 -41.98 -4.75 -35.60
CA GLU E 139 -42.18 -3.68 -36.60
C GLU E 139 -40.97 -2.78 -36.69
N ALA E 140 -40.34 -2.50 -35.55
CA ALA E 140 -39.10 -1.76 -35.54
C ALA E 140 -38.03 -2.45 -36.41
N LEU E 141 -38.08 -3.77 -36.49
CA LEU E 141 -37.06 -4.50 -37.24
C LEU E 141 -37.52 -4.70 -38.65
N GLY E 142 -38.69 -4.17 -38.97
CA GLY E 142 -39.22 -4.30 -40.30
C GLY E 142 -39.68 -5.70 -40.69
N ILE E 143 -39.91 -6.58 -39.74
CA ILE E 143 -40.49 -7.89 -40.03
C ILE E 143 -42.00 -7.82 -40.15
N ARG E 144 -42.52 -8.38 -41.23
CA ARG E 144 -43.95 -8.41 -41.41
C ARG E 144 -44.64 -9.30 -40.37
N THR E 145 -45.68 -8.76 -39.75
CA THR E 145 -46.43 -9.41 -38.72
C THR E 145 -47.92 -9.32 -39.03
N LEU E 146 -48.71 -10.27 -38.56
CA LEU E 146 -50.18 -10.21 -38.73
C LEU E 146 -50.86 -10.43 -37.38
N LEU E 147 -51.93 -9.70 -37.13
CA LEU E 147 -52.63 -9.73 -35.85
C LEU E 147 -53.96 -10.45 -35.88
N CYS E 148 -54.12 -11.36 -34.93
CA CYS E 148 -55.42 -11.97 -34.67
C CYS E 148 -55.76 -11.69 -33.23
N ASP E 149 -56.91 -11.08 -33.01
CA ASP E 149 -57.39 -10.84 -31.64
C ASP E 149 -58.84 -10.47 -31.70
N PRO E 150 -59.72 -11.47 -31.90
CA PRO E 150 -61.14 -11.21 -32.15
C PRO E 150 -61.84 -10.42 -31.04
N PRO E 151 -61.51 -10.69 -29.76
CA PRO E 151 -62.09 -9.86 -28.72
C PRO E 151 -61.74 -8.39 -28.87
N ARG E 152 -60.49 -8.06 -29.20
CA ARG E 152 -60.13 -6.66 -29.45
C ARG E 152 -60.85 -6.06 -30.66
N ALA E 153 -61.02 -6.84 -31.72
CA ALA E 153 -61.72 -6.37 -32.93
C ALA E 153 -63.22 -6.14 -32.67
N ALA E 154 -63.82 -7.03 -31.89
CA ALA E 154 -65.24 -6.93 -31.58
C ALA E 154 -65.50 -5.67 -30.75
N ARG E 155 -64.63 -5.41 -29.79
CA ARG E 155 -64.67 -4.21 -28.99
C ARG E 155 -64.38 -3.00 -29.86
N GLY E 156 -64.01 -3.25 -31.13
CA GLY E 156 -63.73 -2.19 -32.09
C GLY E 156 -62.43 -1.41 -31.91
N ASP E 157 -61.43 -2.05 -31.30
CA ASP E 157 -60.09 -1.44 -31.22
C ASP E 157 -59.54 -1.15 -32.64
N GLU E 158 -58.76 -0.09 -32.79
CA GLU E 158 -58.18 0.22 -34.09
C GLU E 158 -57.06 -0.78 -34.39
N GLY E 159 -56.78 -1.03 -35.67
CA GLY E 159 -55.75 -2.00 -36.04
C GLY E 159 -56.20 -3.09 -37.01
N ASP E 160 -55.24 -3.78 -37.61
CA ASP E 160 -55.55 -4.72 -38.71
C ASP E 160 -55.76 -6.15 -38.18
N PHE E 161 -56.85 -6.38 -37.46
CA PHE E 161 -57.04 -7.71 -36.89
C PHE E 161 -57.57 -8.69 -37.93
N ARG E 162 -56.83 -9.77 -38.14
CA ARG E 162 -57.20 -10.77 -39.14
C ARG E 162 -57.78 -11.99 -38.46
N THR E 163 -58.47 -12.86 -39.20
CA THR E 163 -58.95 -14.08 -38.60
C THR E 163 -57.78 -14.99 -38.43
N LEU E 164 -57.89 -15.93 -37.51
CA LEU E 164 -56.85 -16.91 -37.30
C LEU E 164 -56.59 -17.73 -38.57
N ASP E 165 -57.63 -17.93 -39.36
CA ASP E 165 -57.49 -18.59 -40.65
C ASP E 165 -56.61 -17.81 -41.65
N GLU E 166 -56.70 -16.49 -41.62
CA GLU E 166 -55.79 -15.67 -42.42
C GLU E 166 -54.33 -15.78 -41.97
N LEU E 167 -54.08 -15.88 -40.67
CA LEU E 167 -52.72 -16.04 -40.17
C LEU E 167 -52.17 -17.38 -40.59
N VAL E 168 -53.01 -18.40 -40.52
CA VAL E 168 -52.61 -19.74 -40.91
C VAL E 168 -52.23 -19.81 -42.40
N GLN E 169 -52.95 -19.10 -43.25
CA GLN E 169 -52.58 -19.10 -44.65
C GLN E 169 -51.26 -18.38 -44.93
N GLU E 170 -51.06 -17.20 -44.35
CA GLU E 170 -49.94 -16.34 -44.72
C GLU E 170 -48.69 -16.43 -43.83
N ALA E 171 -48.85 -16.81 -42.57
CA ALA E 171 -47.74 -16.71 -41.64
C ALA E 171 -46.80 -17.92 -41.67
N ASP E 172 -45.54 -17.71 -41.33
CA ASP E 172 -44.65 -18.85 -41.19
C ASP E 172 -44.02 -18.91 -39.79
N VAL E 173 -44.52 -18.06 -38.92
CA VAL E 173 -44.26 -18.18 -37.49
C VAL E 173 -45.56 -17.85 -36.85
N LEU E 174 -46.08 -18.75 -36.03
CA LEU E 174 -47.36 -18.53 -35.34
C LEU E 174 -47.10 -18.57 -33.84
N THR E 175 -47.24 -17.42 -33.18
CA THR E 175 -46.97 -17.34 -31.76
C THR E 175 -48.26 -16.97 -30.99
N PHE E 176 -48.55 -17.72 -29.93
CA PHE E 176 -49.80 -17.58 -29.17
C PHE E 176 -49.56 -16.84 -27.87
N HIS E 177 -50.44 -15.87 -27.60
CA HIS E 177 -50.32 -15.02 -26.40
C HIS E 177 -51.71 -14.65 -25.91
N THR E 178 -52.54 -15.69 -25.76
CA THR E 178 -53.91 -15.53 -25.37
C THR E 178 -54.01 -16.10 -23.97
N PRO E 179 -55.07 -15.75 -23.23
CA PRO E 179 -55.35 -16.47 -21.98
C PRO E 179 -56.03 -17.78 -22.37
N LEU E 180 -56.25 -18.65 -21.40
CA LEU E 180 -56.93 -19.92 -21.65
C LEU E 180 -58.43 -19.80 -21.33
N TYR E 181 -59.28 -19.85 -22.36
CA TYR E 181 -60.72 -19.91 -22.16
C TYR E 181 -61.24 -21.28 -22.60
N LYS E 182 -61.98 -21.96 -21.71
CA LYS E 182 -62.42 -23.32 -21.98
C LYS E 182 -63.65 -23.40 -22.90
N ASP E 183 -64.35 -22.27 -23.07
CA ASP E 183 -65.54 -22.20 -23.92
C ASP E 183 -65.87 -20.74 -24.20
N GLY E 184 -67.06 -20.52 -24.75
CA GLY E 184 -67.52 -19.17 -25.09
C GLY E 184 -67.17 -18.83 -26.51
N PRO E 185 -67.49 -17.61 -26.94
CA PRO E 185 -67.20 -17.32 -28.34
C PRO E 185 -65.71 -17.22 -28.61
N TYR E 186 -64.91 -16.91 -27.59
CA TYR E 186 -63.46 -16.74 -27.80
C TYR E 186 -62.62 -17.86 -27.19
N LYS E 187 -63.12 -19.09 -27.27
CA LYS E 187 -62.47 -20.26 -26.70
C LYS E 187 -61.07 -20.45 -27.28
N THR E 188 -60.08 -20.69 -26.43
CA THR E 188 -58.68 -20.86 -26.86
C THR E 188 -58.13 -22.25 -26.54
N LEU E 189 -58.92 -23.06 -25.83
CA LEU E 189 -58.48 -24.39 -25.52
C LEU E 189 -58.33 -25.12 -26.83
N HIS E 190 -57.13 -25.61 -27.14
CA HIS E 190 -56.93 -26.38 -28.35
C HIS E 190 -57.22 -25.53 -29.60
N LEU E 191 -56.93 -24.24 -29.50
CA LEU E 191 -56.99 -23.33 -30.65
C LEU E 191 -56.07 -23.81 -31.76
N ALA E 192 -54.86 -24.23 -31.37
CA ALA E 192 -53.99 -24.92 -32.28
C ALA E 192 -54.33 -26.41 -32.14
N ASP E 193 -55.24 -26.89 -32.97
CA ASP E 193 -55.62 -28.31 -32.96
C ASP E 193 -55.03 -29.06 -34.18
N GLU E 194 -55.30 -30.36 -34.26
CA GLU E 194 -54.86 -31.17 -35.42
C GLU E 194 -55.02 -30.45 -36.77
N THR E 195 -56.23 -29.95 -37.04
CA THR E 195 -56.58 -29.26 -38.30
C THR E 195 -55.68 -28.07 -38.58
N LEU E 196 -55.59 -27.15 -37.63
CA LEU E 196 -54.72 -25.97 -37.79
C LEU E 196 -53.24 -26.36 -37.95
N ILE E 197 -52.75 -27.28 -37.11
CA ILE E 197 -51.35 -27.64 -37.17
C ILE E 197 -50.96 -28.17 -38.55
N ARG E 198 -51.72 -29.15 -39.04
CA ARG E 198 -51.50 -29.73 -40.36
C ARG E 198 -51.53 -28.69 -41.50
N ARG E 199 -52.25 -27.59 -41.32
CA ARG E 199 -52.33 -26.57 -42.37
C ARG E 199 -51.13 -25.63 -42.39
N LEU E 200 -50.27 -25.69 -41.38
CA LEU E 200 -49.17 -24.77 -41.37
C LEU E 200 -48.25 -24.99 -42.57
N LYS E 201 -47.73 -23.90 -43.12
CA LYS E 201 -46.82 -23.93 -44.25
C LYS E 201 -45.62 -24.78 -43.90
N PRO E 202 -45.12 -25.54 -44.88
CA PRO E 202 -43.87 -26.25 -44.64
C PRO E 202 -42.81 -25.29 -44.10
N GLY E 203 -42.07 -25.68 -43.07
CA GLY E 203 -41.03 -24.80 -42.49
C GLY E 203 -41.57 -23.79 -41.49
N ALA E 204 -42.84 -23.93 -41.12
CA ALA E 204 -43.39 -23.02 -40.14
C ALA E 204 -42.76 -23.26 -38.75
N ILE E 205 -42.84 -22.26 -37.90
CA ILE E 205 -42.37 -22.33 -36.54
C ILE E 205 -43.59 -22.02 -35.69
N LEU E 206 -43.90 -22.89 -34.76
CA LEU E 206 -45.01 -22.70 -33.88
C LEU E 206 -44.45 -22.44 -32.48
N ILE E 207 -44.94 -21.40 -31.82
CA ILE E 207 -44.46 -21.00 -30.49
C ILE E 207 -45.64 -20.89 -29.51
N ASN E 208 -45.51 -21.55 -28.36
CA ASN E 208 -46.47 -21.38 -27.26
C ASN E 208 -45.77 -21.04 -25.95
N ALA E 209 -45.93 -19.82 -25.50
CA ALA E 209 -45.43 -19.41 -24.18
C ALA E 209 -46.54 -18.70 -23.43
N CYS E 210 -47.78 -19.09 -23.68
CA CYS E 210 -48.90 -18.50 -22.95
C CYS E 210 -49.52 -19.55 -22.01
N ARG E 211 -50.39 -20.41 -22.52
CA ARG E 211 -51.00 -21.45 -21.68
C ARG E 211 -50.91 -22.82 -22.33
N GLY E 212 -50.58 -23.82 -21.53
CA GLY E 212 -50.35 -25.17 -22.04
C GLY E 212 -51.38 -25.68 -23.04
N PRO E 213 -52.68 -25.71 -22.68
CA PRO E 213 -53.74 -26.28 -23.55
C PRO E 213 -54.21 -25.44 -24.75
N VAL E 214 -53.58 -24.32 -25.00
CA VAL E 214 -53.98 -23.54 -26.12
C VAL E 214 -53.51 -24.32 -27.36
N VAL E 215 -52.38 -25.02 -27.20
CA VAL E 215 -51.95 -25.97 -28.19
C VAL E 215 -52.31 -27.40 -27.74
N ASP E 216 -52.97 -28.14 -28.63
CA ASP E 216 -53.26 -29.53 -28.37
C ASP E 216 -51.97 -30.36 -28.44
N ASN E 217 -51.39 -30.71 -27.29
CA ASN E 217 -50.07 -31.35 -27.28
C ASN E 217 -50.04 -32.70 -28.01
N ALA E 218 -51.11 -33.50 -27.85
CA ALA E 218 -51.20 -34.80 -28.47
C ALA E 218 -51.27 -34.66 -30.01
N ALA E 219 -52.18 -33.81 -30.47
CA ALA E 219 -52.26 -33.50 -31.89
C ALA E 219 -50.87 -33.11 -32.43
N LEU E 220 -50.15 -32.28 -31.67
CA LEU E 220 -48.84 -31.76 -32.12
C LEU E 220 -47.80 -32.86 -32.23
N LEU E 221 -47.68 -33.65 -31.19
CA LEU E 221 -46.81 -34.80 -31.23
C LEU E 221 -47.13 -35.70 -32.44
N ALA E 222 -48.41 -36.03 -32.65
CA ALA E 222 -48.80 -36.81 -33.82
C ALA E 222 -48.39 -36.18 -35.14
N ARG E 223 -48.49 -34.86 -35.26
CA ARG E 223 -48.12 -34.20 -36.50
C ARG E 223 -46.62 -34.25 -36.70
N LEU E 224 -45.87 -34.14 -35.61
CA LEU E 224 -44.42 -34.14 -35.70
C LEU E 224 -43.91 -35.52 -36.04
N ASN E 225 -44.51 -36.54 -35.44
CA ASN E 225 -44.18 -37.94 -35.75
C ASN E 225 -44.56 -38.38 -37.15
N ALA E 226 -45.63 -37.79 -37.67
CA ALA E 226 -46.03 -38.08 -39.05
C ALA E 226 -45.02 -37.45 -40.03
N GLY E 227 -44.08 -36.66 -39.50
CA GLY E 227 -42.99 -36.12 -40.29
C GLY E 227 -43.24 -34.74 -40.88
N GLN E 228 -44.24 -34.03 -40.36
CA GLN E 228 -44.53 -32.69 -40.83
C GLN E 228 -43.33 -31.74 -40.58
N PRO E 229 -42.86 -31.06 -41.65
CA PRO E 229 -41.73 -30.11 -41.57
C PRO E 229 -42.07 -28.81 -40.78
N LEU E 230 -41.79 -28.84 -39.49
CA LEU E 230 -42.28 -27.81 -38.61
C LEU E 230 -41.37 -27.63 -37.41
N SER E 231 -41.07 -26.39 -37.07
CA SER E 231 -40.28 -26.12 -35.89
C SER E 231 -41.19 -25.68 -34.76
N VAL E 232 -40.84 -26.03 -33.53
CA VAL E 232 -41.70 -25.77 -32.37
C VAL E 232 -40.97 -25.29 -31.12
N VAL E 233 -41.54 -24.27 -30.50
CA VAL E 233 -41.02 -23.79 -29.27
C VAL E 233 -42.12 -23.81 -28.24
N LEU E 234 -41.93 -24.55 -27.15
CA LEU E 234 -42.96 -24.63 -26.10
C LEU E 234 -42.35 -24.30 -24.80
N ASP E 235 -42.99 -23.40 -24.05
CA ASP E 235 -42.55 -23.10 -22.70
C ASP E 235 -43.65 -23.53 -21.74
N VAL E 236 -44.82 -23.85 -22.29
CA VAL E 236 -45.95 -24.27 -21.46
C VAL E 236 -46.58 -25.56 -22.04
N TRP E 237 -47.01 -26.48 -21.20
CA TRP E 237 -47.32 -27.82 -21.66
C TRP E 237 -48.65 -28.26 -21.13
N GLU E 238 -49.40 -29.06 -21.90
CA GLU E 238 -50.56 -29.70 -21.29
C GLU E 238 -50.04 -30.63 -20.22
N GLY E 239 -50.63 -30.54 -19.03
CA GLY E 239 -50.42 -31.57 -18.00
C GLY E 239 -49.32 -31.23 -17.03
N GLU E 240 -48.77 -30.03 -17.17
CA GLU E 240 -47.76 -29.49 -16.24
C GLU E 240 -48.03 -29.87 -14.80
N PRO E 241 -47.00 -30.37 -14.09
CA PRO E 241 -45.61 -30.55 -14.54
C PRO E 241 -45.40 -31.87 -15.28
N ASP E 242 -46.44 -32.69 -15.40
CA ASP E 242 -46.31 -34.00 -16.05
C ASP E 242 -46.30 -33.89 -17.56
N LEU E 243 -45.33 -33.19 -18.13
CA LEU E 243 -45.37 -32.93 -19.57
C LEU E 243 -45.22 -34.24 -20.37
N ASN E 244 -45.75 -34.26 -21.60
CA ASN E 244 -45.48 -35.37 -22.48
C ASN E 244 -44.04 -35.39 -22.99
N VAL E 245 -43.29 -36.35 -22.50
CA VAL E 245 -41.86 -36.40 -22.68
C VAL E 245 -41.51 -36.67 -24.14
N ALA E 246 -42.24 -37.57 -24.76
CA ALA E 246 -42.01 -37.84 -26.18
C ALA E 246 -42.12 -36.53 -26.99
N LEU E 247 -43.06 -35.66 -26.65
CA LEU E 247 -43.22 -34.40 -27.38
C LEU E 247 -42.03 -33.47 -27.14
N LEU E 248 -41.58 -33.41 -25.88
CA LEU E 248 -40.31 -32.75 -25.54
C LEU E 248 -39.14 -33.18 -26.46
N GLU E 249 -38.92 -34.49 -26.60
CA GLU E 249 -37.87 -34.99 -27.49
C GLU E 249 -38.07 -34.55 -28.95
N ALA E 250 -39.32 -34.24 -29.32
CA ALA E 250 -39.61 -33.89 -30.70
C ALA E 250 -39.56 -32.39 -31.02
N VAL E 251 -39.66 -31.52 -30.02
CA VAL E 251 -39.69 -30.11 -30.29
C VAL E 251 -38.29 -29.56 -30.34
N ASP E 252 -38.16 -28.41 -30.98
CA ASP E 252 -36.88 -27.77 -31.14
C ASP E 252 -36.46 -27.10 -29.86
N ILE E 253 -37.37 -26.37 -29.24
CA ILE E 253 -37.07 -25.78 -27.96
C ILE E 253 -38.19 -26.08 -26.97
N GLY E 254 -37.82 -26.55 -25.78
CA GLY E 254 -38.81 -26.87 -24.74
C GLY E 254 -38.30 -26.39 -23.40
N THR E 255 -39.10 -25.59 -22.70
CA THR E 255 -38.61 -25.05 -21.44
C THR E 255 -39.67 -25.14 -20.36
N SER E 256 -39.25 -25.05 -19.11
CA SER E 256 -40.13 -25.41 -18.01
C SER E 256 -40.99 -24.25 -17.48
N HIS E 257 -41.75 -23.60 -18.36
CA HIS E 257 -42.64 -22.53 -17.98
C HIS E 257 -41.84 -21.43 -17.26
N ILE E 258 -40.76 -21.01 -17.89
CA ILE E 258 -39.92 -19.97 -17.34
C ILE E 258 -39.85 -18.71 -18.17
N ALA E 259 -40.58 -18.62 -19.27
CA ALA E 259 -40.39 -17.50 -20.17
C ALA E 259 -40.46 -16.11 -19.48
N GLY E 260 -41.33 -16.01 -18.47
CA GLY E 260 -41.50 -14.77 -17.67
C GLY E 260 -40.50 -14.58 -16.54
N TYR E 261 -39.58 -15.52 -16.33
CA TYR E 261 -38.70 -15.46 -15.15
C TYR E 261 -37.45 -14.59 -15.24
N THR E 262 -37.57 -13.31 -15.61
CA THR E 262 -36.40 -12.44 -15.42
C THR E 262 -36.42 -11.84 -14.04
N LEU E 263 -35.28 -11.34 -13.55
CA LEU E 263 -35.28 -10.62 -12.26
C LEU E 263 -36.19 -9.41 -12.33
N GLU E 264 -36.19 -8.72 -13.48
CA GLU E 264 -37.06 -7.56 -13.66
C GLU E 264 -38.56 -7.91 -13.50
N GLY E 265 -39.00 -8.99 -14.16
CA GLY E 265 -40.39 -9.41 -14.14
C GLY E 265 -40.81 -9.86 -12.75
N LYS E 266 -39.99 -10.69 -12.13
CA LYS E 266 -40.22 -11.12 -10.75
C LYS E 266 -40.30 -9.89 -9.83
N ALA E 267 -39.36 -8.98 -9.94
CA ALA E 267 -39.39 -7.73 -9.16
C ALA E 267 -40.61 -6.82 -9.43
N ARG E 268 -41.09 -6.79 -10.67
CA ARG E 268 -42.26 -6.00 -11.02
C ARG E 268 -43.56 -6.57 -10.42
N GLY E 269 -43.61 -7.88 -10.23
CA GLY E 269 -44.75 -8.51 -9.61
C GLY E 269 -44.96 -7.93 -8.23
N THR E 270 -43.83 -7.80 -7.51
CA THR E 270 -43.89 -7.35 -6.14
C THR E 270 -44.26 -5.87 -6.17
N THR E 271 -43.59 -5.17 -7.04
CA THR E 271 -43.70 -3.72 -7.15
C THR E 271 -45.14 -3.28 -7.40
N GLN E 272 -45.80 -3.97 -8.34
CA GLN E 272 -47.10 -3.54 -8.81
C GLN E 272 -48.12 -3.85 -7.74
N VAL E 273 -47.94 -4.99 -7.09
CA VAL E 273 -48.83 -5.36 -5.99
C VAL E 273 -48.56 -4.45 -4.81
N PHE E 274 -47.32 -4.01 -4.68
CA PHE E 274 -46.99 -3.03 -3.64
C PHE E 274 -47.72 -1.71 -3.91
N GLU E 275 -47.73 -1.24 -5.15
CA GLU E 275 -48.38 0.03 -5.49
C GLU E 275 -49.89 -0.02 -5.25
N ALA E 276 -50.50 -1.07 -5.79
CA ALA E 276 -51.93 -1.34 -5.61
C ALA E 276 -52.38 -1.42 -4.13
N TYR E 277 -51.68 -2.22 -3.32
CA TYR E 277 -52.02 -2.28 -1.89
C TYR E 277 -51.81 -0.92 -1.22
N SER E 278 -50.74 -0.25 -1.63
CA SER E 278 -50.47 1.08 -1.15
C SER E 278 -51.63 2.06 -1.38
N ALA E 279 -52.23 2.02 -2.58
CA ALA E 279 -53.38 2.88 -2.90
C ALA E 279 -54.60 2.46 -2.10
N PHE E 280 -54.83 1.14 -2.10
CA PHE E 280 -55.91 0.54 -1.33
C PHE E 280 -55.98 1.08 0.09
N ILE E 281 -54.82 1.25 0.75
CA ILE E 281 -54.84 1.79 2.13
C ILE E 281 -54.70 3.31 2.23
N GLY E 282 -54.65 3.99 1.08
CA GLY E 282 -54.62 5.45 1.05
C GLY E 282 -53.24 6.07 1.16
N ARG E 283 -52.20 5.30 0.87
CA ARG E 283 -50.85 5.82 0.95
C ARG E 283 -50.14 5.55 -0.36
N GLU E 284 -50.78 5.97 -1.44
CA GLU E 284 -50.23 5.83 -2.77
C GLU E 284 -48.71 6.02 -2.86
N GLN E 285 -47.96 4.93 -3.09
CA GLN E 285 -46.50 5.00 -3.19
C GLN E 285 -45.99 4.29 -4.42
N ARG E 286 -44.81 4.68 -4.87
CA ARG E 286 -44.23 4.13 -6.08
C ARG E 286 -42.79 3.77 -5.79
N VAL E 287 -42.28 2.70 -6.42
CA VAL E 287 -40.90 2.26 -6.21
C VAL E 287 -40.22 1.91 -7.53
N ALA E 288 -39.01 2.39 -7.76
CA ALA E 288 -38.31 2.08 -9.02
C ALA E 288 -37.48 0.80 -8.96
N LEU E 289 -37.55 -0.02 -10.01
CA LEU E 289 -36.79 -1.27 -10.07
C LEU E 289 -35.30 -1.05 -9.82
N GLU E 290 -34.77 0.05 -10.34
CA GLU E 290 -33.33 0.26 -10.26
C GLU E 290 -32.84 0.40 -8.80
N THR E 291 -33.73 0.81 -7.89
CA THR E 291 -33.34 0.83 -6.47
C THR E 291 -33.29 -0.56 -5.82
N LEU E 292 -33.71 -1.61 -6.53
CA LEU E 292 -33.87 -2.93 -5.93
C LEU E 292 -32.95 -3.99 -6.54
N LEU E 293 -32.81 -3.94 -7.86
CA LEU E 293 -32.14 -4.96 -8.65
C LEU E 293 -30.63 -5.04 -8.46
N PRO E 294 -30.05 -6.25 -8.49
CA PRO E 294 -28.59 -6.20 -8.36
C PRO E 294 -27.99 -5.80 -9.71
N ALA E 295 -26.79 -5.29 -9.71
CA ALA E 295 -26.10 -5.06 -10.98
C ALA E 295 -26.01 -6.37 -11.76
N PRO E 296 -26.15 -6.33 -13.07
CA PRO E 296 -26.05 -7.52 -13.91
C PRO E 296 -24.59 -8.00 -14.12
N GLU E 297 -24.42 -9.27 -14.48
CA GLU E 297 -23.09 -9.80 -14.83
C GLU E 297 -22.43 -8.94 -15.92
N PHE E 298 -23.15 -8.66 -17.00
CA PHE E 298 -22.67 -7.79 -18.05
C PHE E 298 -23.51 -6.55 -18.08
N GLY E 299 -22.90 -5.40 -17.85
CA GLY E 299 -23.67 -4.18 -17.71
C GLY E 299 -23.47 -3.26 -18.87
N ARG E 300 -22.31 -3.39 -19.50
CA ARG E 300 -21.91 -2.44 -20.54
C ARG E 300 -21.15 -3.14 -21.67
N ILE E 301 -21.40 -2.70 -22.91
CA ILE E 301 -20.65 -3.21 -24.04
C ILE E 301 -20.57 -2.18 -25.21
N THR E 302 -19.48 -2.16 -25.98
CA THR E 302 -19.39 -1.28 -27.15
C THR E 302 -19.72 -2.08 -28.40
N LEU E 303 -20.48 -1.45 -29.28
CA LEU E 303 -20.76 -1.98 -30.58
C LEU E 303 -20.13 -1.04 -31.58
N HIS E 304 -19.33 -1.60 -32.47
CA HIS E 304 -18.70 -0.83 -33.51
C HIS E 304 -19.35 -1.25 -34.85
N GLY E 305 -19.89 -0.30 -35.62
CA GLY E 305 -20.54 -0.64 -36.90
C GLY E 305 -22.02 -0.88 -36.85
N PRO E 306 -22.61 -1.33 -37.98
CA PRO E 306 -24.06 -1.45 -38.09
C PRO E 306 -24.60 -2.68 -37.42
N LEU E 307 -25.91 -2.64 -37.12
CA LEU E 307 -26.59 -3.79 -36.59
C LEU E 307 -27.09 -4.64 -37.76
N ASP E 308 -26.71 -5.90 -37.73
CA ASP E 308 -27.20 -6.82 -38.73
C ASP E 308 -27.73 -8.00 -37.94
N GLN E 309 -28.36 -8.95 -38.59
CA GLN E 309 -28.91 -10.05 -37.82
C GLN E 309 -27.89 -10.83 -36.96
N PRO E 310 -26.73 -11.24 -37.50
CA PRO E 310 -25.89 -12.00 -36.55
C PRO E 310 -25.39 -11.15 -35.37
N THR E 311 -25.32 -9.84 -35.57
CA THR E 311 -24.87 -8.98 -34.50
C THR E 311 -25.97 -8.87 -33.42
N LEU E 312 -27.23 -8.73 -33.86
CA LEU E 312 -28.37 -8.74 -32.95
C LEU E 312 -28.46 -10.02 -32.13
N LYS E 313 -28.18 -11.18 -32.75
CA LYS E 313 -28.20 -12.48 -32.07
C LYS E 313 -27.12 -12.54 -31.00
N ARG E 314 -25.91 -12.10 -31.35
CA ARG E 314 -24.85 -12.02 -30.33
C ARG E 314 -25.28 -11.20 -29.14
N LEU E 315 -25.98 -10.09 -29.34
CA LEU E 315 -26.33 -9.23 -28.20
C LEU E 315 -27.46 -9.84 -27.41
N ALA E 316 -28.44 -10.39 -28.12
CA ALA E 316 -29.59 -10.96 -27.46
C ALA E 316 -29.14 -12.18 -26.71
N HIS E 317 -28.32 -13.00 -27.37
CA HIS E 317 -27.85 -14.20 -26.71
C HIS E 317 -26.82 -13.95 -25.63
N LEU E 318 -26.16 -12.80 -25.63
CA LEU E 318 -25.33 -12.48 -24.45
C LEU E 318 -26.18 -12.33 -23.19
N VAL E 319 -27.36 -11.74 -23.36
CA VAL E 319 -28.23 -11.50 -22.22
C VAL E 319 -29.02 -12.75 -21.84
N TYR E 320 -29.56 -13.43 -22.86
CA TYR E 320 -30.37 -14.62 -22.68
C TYR E 320 -30.48 -15.51 -23.92
N ASP E 321 -29.84 -16.68 -23.81
CA ASP E 321 -29.87 -17.70 -24.82
C ASP E 321 -30.73 -18.84 -24.30
N VAL E 322 -31.91 -18.97 -24.88
CA VAL E 322 -32.96 -19.92 -24.45
C VAL E 322 -32.51 -21.38 -24.30
N ARG E 323 -31.41 -21.75 -24.95
CA ARG E 323 -30.87 -23.09 -24.82
C ARG E 323 -30.35 -23.37 -23.44
N ARG E 324 -29.97 -22.34 -22.67
CA ARG E 324 -29.65 -22.68 -21.27
C ARG E 324 -30.82 -23.24 -20.39
N ASP E 325 -32.08 -23.07 -20.81
CA ASP E 325 -33.20 -23.63 -20.09
C ASP E 325 -33.71 -24.91 -20.76
N ASP E 326 -33.45 -25.04 -22.06
CA ASP E 326 -33.84 -26.25 -22.81
C ASP E 326 -33.01 -27.45 -22.33
N ALA E 327 -31.70 -27.26 -22.20
CA ALA E 327 -30.86 -28.39 -21.82
C ALA E 327 -31.31 -28.98 -20.49
N PRO E 328 -31.41 -28.15 -19.45
CA PRO E 328 -31.78 -28.80 -18.17
C PRO E 328 -33.14 -29.49 -18.18
N LEU E 329 -34.11 -28.99 -18.95
CA LEU E 329 -35.38 -29.70 -18.98
C LEU E 329 -35.18 -31.06 -19.62
N ARG E 330 -34.45 -31.13 -20.75
CA ARG E 330 -34.28 -32.41 -21.44
C ARG E 330 -33.69 -33.44 -20.51
N LYS E 331 -32.78 -32.99 -19.68
CA LYS E 331 -32.02 -33.85 -18.79
C LYS E 331 -32.89 -34.52 -17.70
N VAL E 332 -33.85 -33.79 -17.14
CA VAL E 332 -34.63 -34.31 -16.02
C VAL E 332 -36.09 -34.56 -16.33
N ALA E 333 -36.48 -34.41 -17.59
CA ALA E 333 -37.92 -34.45 -17.95
C ALA E 333 -38.76 -35.66 -17.46
N GLY E 334 -38.21 -36.86 -17.45
CA GLY E 334 -39.02 -37.99 -16.94
C GLY E 334 -39.21 -38.06 -15.41
N ILE E 335 -38.51 -37.20 -14.67
CA ILE E 335 -38.38 -37.41 -13.23
C ILE E 335 -39.28 -36.46 -12.43
N PRO E 336 -40.24 -37.02 -11.66
CA PRO E 336 -41.25 -36.28 -10.89
C PRO E 336 -40.59 -35.32 -9.91
N GLY E 337 -41.05 -34.08 -9.89
CA GLY E 337 -40.52 -33.07 -8.98
C GLY E 337 -39.50 -32.20 -9.64
N GLU E 338 -38.82 -32.75 -10.65
CA GLU E 338 -37.72 -32.03 -11.28
C GLU E 338 -38.17 -30.78 -12.06
N PHE E 339 -39.30 -30.87 -12.77
CA PHE E 339 -39.84 -29.74 -13.52
C PHE E 339 -40.01 -28.49 -12.63
N ASP E 340 -40.71 -28.63 -11.52
CA ASP E 340 -40.87 -27.55 -10.55
C ASP E 340 -39.60 -27.18 -9.80
N LYS E 341 -38.67 -28.11 -9.64
CA LYS E 341 -37.36 -27.74 -9.13
C LYS E 341 -36.58 -26.80 -10.07
N LEU E 342 -36.72 -27.00 -11.38
CA LEU E 342 -36.09 -26.07 -12.31
C LEU E 342 -36.61 -24.66 -12.13
N ARG E 343 -37.91 -24.53 -11.89
CA ARG E 343 -38.53 -23.20 -11.72
C ARG E 343 -38.12 -22.56 -10.39
N LYS E 344 -38.09 -23.37 -9.35
CA LYS E 344 -37.76 -22.93 -8.01
C LYS E 344 -36.32 -22.45 -7.91
N ASN E 345 -35.39 -23.17 -8.53
CA ASN E 345 -33.95 -22.84 -8.44
C ASN E 345 -33.44 -22.11 -9.69
N TYR E 346 -34.36 -21.50 -10.42
CA TYR E 346 -34.02 -20.78 -11.62
C TYR E 346 -32.92 -19.72 -11.42
N LEU E 347 -31.86 -19.81 -12.21
CA LEU E 347 -30.75 -18.86 -12.14
C LEU E 347 -31.08 -17.50 -12.79
N GLU E 348 -30.53 -16.46 -12.18
CA GLU E 348 -30.67 -15.08 -12.63
C GLU E 348 -30.67 -15.00 -14.14
N ARG E 349 -31.73 -14.39 -14.68
CA ARG E 349 -31.79 -14.00 -16.06
C ARG E 349 -32.22 -12.53 -16.09
N ARG E 350 -31.56 -11.72 -16.92
CA ARG E 350 -31.93 -10.32 -17.11
C ARG E 350 -32.64 -9.97 -18.44
N GLU E 351 -33.19 -8.76 -18.51
CA GLU E 351 -33.76 -8.23 -19.71
C GLU E 351 -32.76 -7.38 -20.50
N TRP E 352 -33.00 -7.25 -21.78
CA TRP E 352 -32.07 -6.52 -22.62
C TRP E 352 -31.79 -5.11 -22.11
N SER E 353 -32.74 -4.53 -21.39
CA SER E 353 -32.58 -3.19 -20.89
C SER E 353 -31.46 -3.08 -19.84
N SER E 354 -31.10 -4.19 -19.22
CA SER E 354 -30.03 -4.20 -18.23
C SER E 354 -28.70 -4.02 -18.92
N LEU E 355 -28.70 -4.04 -20.25
CA LEU E 355 -27.42 -3.97 -20.97
C LEU E 355 -27.30 -2.63 -21.68
N TYR E 356 -26.29 -1.89 -21.28
CA TYR E 356 -26.00 -0.61 -21.83
C TYR E 356 -25.03 -0.77 -23.00
N VAL E 357 -25.45 -0.36 -24.20
CA VAL E 357 -24.71 -0.58 -25.44
C VAL E 357 -24.27 0.73 -26.07
N CYS E 359 -22.89 2.56 -29.04
CA CYS E 359 -22.77 2.37 -30.48
C CYS E 359 -22.13 3.54 -31.13
N ASP E 360 -21.19 3.28 -32.02
CA ASP E 360 -20.61 4.37 -32.82
C ASP E 360 -21.40 4.66 -34.10
N ASP E 361 -22.41 3.84 -34.38
CA ASP E 361 -23.26 4.02 -35.54
C ASP E 361 -24.65 4.41 -35.00
N GLU E 362 -25.19 5.52 -35.49
CA GLU E 362 -26.46 6.07 -35.00
C GLU E 362 -27.67 5.16 -35.25
N THR E 363 -27.70 4.49 -36.38
CA THR E 363 -28.83 3.66 -36.72
C THR E 363 -28.88 2.43 -35.82
N ALA E 364 -27.72 1.89 -35.44
CA ALA E 364 -27.72 0.73 -34.53
C ALA E 364 -28.27 1.13 -33.16
N ALA E 365 -27.82 2.26 -32.62
CA ALA E 365 -28.31 2.73 -31.34
C ALA E 365 -29.84 2.90 -31.39
N ALA E 366 -30.32 3.62 -32.39
CA ALA E 366 -31.74 3.88 -32.49
C ALA E 366 -32.50 2.56 -32.62
N LEU E 367 -31.97 1.61 -33.38
CA LEU E 367 -32.71 0.37 -33.56
C LEU E 367 -32.71 -0.45 -32.28
N LEU E 368 -31.54 -0.55 -31.63
CA LEU E 368 -31.40 -1.27 -30.36
C LEU E 368 -32.32 -0.75 -29.26
N CYS E 369 -32.41 0.57 -29.15
CA CYS E 369 -33.45 1.23 -28.32
C CYS E 369 -34.87 0.79 -28.57
N LYS E 370 -35.33 0.87 -29.82
CA LYS E 370 -36.68 0.41 -30.17
C LYS E 370 -36.85 -1.05 -29.75
N LEU E 371 -35.76 -1.80 -29.68
CA LEU E 371 -35.80 -3.21 -29.27
C LEU E 371 -35.74 -3.46 -27.75
N GLY E 372 -35.44 -2.45 -26.94
CA GLY E 372 -35.47 -2.69 -25.50
C GLY E 372 -34.13 -2.78 -24.80
N PHE E 373 -33.03 -2.64 -25.54
CA PHE E 373 -31.69 -2.47 -24.95
C PHE E 373 -31.49 -1.01 -24.49
N ASN E 374 -30.60 -0.79 -23.51
CA ASN E 374 -30.20 0.58 -23.12
C ASN E 374 -29.10 1.08 -24.08
N ALA E 375 -29.49 1.41 -25.29
CA ALA E 375 -28.49 1.73 -26.28
C ALA E 375 -28.39 3.22 -26.48
N VAL E 376 -27.16 3.71 -26.61
CA VAL E 376 -26.90 5.12 -26.89
C VAL E 376 -25.90 5.26 -28.03
N HIS E 377 -25.93 6.41 -28.69
CA HIS E 377 -24.97 6.68 -29.74
C HIS E 377 -23.85 7.52 -29.16
N HIS E 378 -22.66 6.96 -29.10
CA HIS E 378 -21.48 7.74 -28.71
C HIS E 378 -20.70 8.29 -29.92
N LYS F 5 -27.21 35.38 29.16
CA LYS F 5 -26.42 36.00 28.09
C LYS F 5 -25.05 36.34 28.64
N ILE F 6 -24.03 35.68 28.11
CA ILE F 6 -22.65 35.87 28.55
C ILE F 6 -21.84 36.53 27.45
N LEU F 7 -21.22 37.67 27.77
CA LEU F 7 -20.23 38.28 26.89
C LEU F 7 -18.86 37.86 27.44
N VAL F 8 -17.98 37.39 26.56
CA VAL F 8 -16.62 37.00 26.96
C VAL F 8 -15.58 37.77 26.13
N ASP F 9 -14.37 37.90 26.65
CA ASP F 9 -13.28 38.46 25.86
C ASP F 9 -12.89 37.48 24.75
N GLU F 10 -12.99 37.94 23.51
CA GLU F 10 -12.62 37.17 22.32
C GLU F 10 -11.28 36.42 22.46
N ASN F 11 -10.39 36.95 23.29
CA ASN F 11 -9.04 36.39 23.49
C ASN F 11 -8.92 35.45 24.70
N PRO F 13 -9.03 32.04 26.32
CA PRO F 13 -8.92 30.69 25.78
C PRO F 13 -10.01 29.79 26.36
N TYR F 14 -10.70 29.06 25.48
CA TYR F 14 -11.80 28.16 25.87
C TYR F 14 -13.01 28.87 26.52
N ALA F 15 -13.04 30.20 26.41
CA ALA F 15 -14.15 31.00 26.92
C ALA F 15 -15.47 30.60 26.27
N ARG F 16 -15.49 30.58 24.93
CA ARG F 16 -16.69 30.18 24.17
C ARG F 16 -17.11 28.72 24.43
N GLU F 17 -16.18 27.79 24.23
CA GLU F 17 -16.45 26.37 24.39
C GLU F 17 -16.86 25.99 25.82
N LEU F 18 -16.33 26.70 26.82
CA LEU F 18 -16.68 26.44 28.22
C LEU F 18 -17.98 27.11 28.69
N PHE F 19 -18.06 28.42 28.49
CA PHE F 19 -19.19 29.23 28.97
C PHE F 19 -20.50 28.93 28.21
N SER F 20 -20.40 28.50 26.96
CA SER F 20 -21.61 28.14 26.19
C SER F 20 -22.36 26.95 26.81
N ARG F 21 -21.70 26.26 27.74
CA ARG F 21 -22.35 25.22 28.55
C ARG F 21 -23.22 25.84 29.64
N LEU F 22 -22.88 27.04 30.08
CA LEU F 22 -23.64 27.70 31.16
C LEU F 22 -24.72 28.69 30.64
N GLY F 23 -24.65 29.03 29.35
CA GLY F 23 -25.61 29.94 28.73
C GLY F 23 -25.24 30.33 27.32
N GLU F 24 -25.76 31.47 26.87
CA GLU F 24 -25.54 31.91 25.49
C GLU F 24 -24.37 32.91 25.39
N VAL F 25 -23.32 32.52 24.67
CA VAL F 25 -22.04 33.27 24.61
C VAL F 25 -21.85 34.17 23.36
N LYS F 26 -21.59 35.46 23.60
CA LYS F 26 -21.15 36.37 22.53
C LYS F 26 -19.73 36.83 22.78
N ALA F 27 -18.85 36.57 21.82
CA ALA F 27 -17.45 36.98 21.90
C ALA F 27 -17.32 38.47 21.57
N VAL F 28 -16.36 39.10 22.22
CA VAL F 28 -16.35 40.54 22.36
C VAL F 28 -14.91 40.98 22.63
N PRO F 29 -14.39 41.94 21.83
CA PRO F 29 -13.04 42.45 22.15
C PRO F 29 -13.01 42.99 23.58
N GLY F 30 -12.18 42.39 24.43
CA GLY F 30 -12.22 42.70 25.87
C GLY F 30 -11.94 44.15 26.23
N VAL F 35 -20.29 47.76 23.59
CA VAL F 35 -20.98 49.05 23.67
C VAL F 35 -22.49 48.89 23.97
N GLU F 36 -23.20 48.16 23.11
CA GLU F 36 -24.64 47.87 23.29
C GLU F 36 -24.82 46.40 23.64
N GLU F 37 -23.72 45.66 23.57
CA GLU F 37 -23.71 44.25 23.92
C GLU F 37 -23.96 44.09 25.43
N LEU F 38 -23.41 45.06 26.18
CA LEU F 38 -23.59 45.15 27.62
C LEU F 38 -25.05 45.46 28.01
N ASN F 39 -25.78 46.15 27.13
CA ASN F 39 -27.17 46.55 27.42
C ASN F 39 -28.16 45.41 27.71
N HIS F 40 -27.84 44.19 27.27
CA HIS F 40 -28.74 43.07 27.50
C HIS F 40 -28.12 41.93 28.31
N ALA F 41 -26.80 41.99 28.51
CA ALA F 41 -26.04 40.88 29.11
C ALA F 41 -26.32 40.62 30.61
N ASP F 42 -26.41 39.33 30.95
CA ASP F 42 -26.54 38.89 32.34
C ASP F 42 -25.17 38.61 32.99
N ALA F 43 -24.10 38.84 32.24
CA ALA F 43 -22.77 38.44 32.68
C ALA F 43 -21.61 38.90 31.77
N LEU F 44 -20.47 39.20 32.38
CA LEU F 44 -19.35 39.67 31.63
C LEU F 44 -18.09 39.01 32.20
N VAL F 46 -14.05 39.21 31.86
CA VAL F 46 -13.02 40.08 31.30
C VAL F 46 -11.56 39.61 31.48
N ARG F 47 -10.69 40.12 30.62
CA ARG F 47 -9.26 39.97 30.86
C ARG F 47 -8.77 41.26 31.52
N SER F 48 -7.48 41.32 31.84
CA SER F 48 -6.96 42.44 32.60
C SER F 48 -7.22 43.76 31.88
N VAL F 49 -7.60 43.70 30.61
CA VAL F 49 -7.69 44.88 29.77
C VAL F 49 -8.95 45.71 30.00
N THR F 50 -10.05 45.04 30.37
CA THR F 50 -11.31 45.75 30.60
C THR F 50 -11.33 46.34 32.01
N LYS F 51 -11.40 47.67 32.10
CA LYS F 51 -11.56 48.36 33.38
C LYS F 51 -12.99 48.20 33.90
N VAL F 52 -13.15 47.36 34.92
CA VAL F 52 -14.47 47.09 35.51
C VAL F 52 -14.73 48.06 36.67
N ASN F 53 -15.77 48.88 36.52
CA ASN F 53 -15.99 50.06 37.37
C ASN F 53 -17.44 50.54 37.33
N SER F 55 -19.05 53.27 35.57
CA SER F 55 -18.57 53.64 34.23
C SER F 55 -19.07 52.70 33.11
N LEU F 56 -18.51 51.51 33.07
CA LEU F 56 -18.85 50.52 32.05
C LEU F 56 -20.13 49.77 32.41
N LEU F 57 -20.27 49.43 33.69
CA LEU F 57 -21.44 48.72 34.21
C LEU F 57 -22.64 49.63 34.59
N SER F 58 -22.40 50.94 34.67
CA SER F 58 -23.46 51.86 35.00
C SER F 58 -24.35 52.12 33.80
N THR F 60 -25.86 49.16 33.12
CA THR F 60 -26.16 47.89 32.47
C THR F 60 -26.87 46.90 33.41
N PRO F 61 -27.56 45.88 32.84
CA PRO F 61 -28.15 44.82 33.65
C PRO F 61 -27.15 43.76 34.12
N ILE F 62 -25.87 43.92 33.78
CA ILE F 62 -24.86 42.90 34.14
C ILE F 62 -24.98 42.53 35.62
N ASN F 63 -24.83 41.24 35.89
CA ASN F 63 -25.25 40.62 37.13
C ASN F 63 -24.08 39.91 37.84
N PHE F 64 -23.14 39.45 37.03
CA PHE F 64 -21.94 38.81 37.52
C PHE F 64 -20.79 39.20 36.60
N VAL F 65 -19.68 39.64 37.18
CA VAL F 65 -18.44 39.74 36.44
C VAL F 65 -17.41 38.75 36.95
N GLY F 66 -16.75 38.07 36.03
CA GLY F 66 -15.73 37.08 36.35
C GLY F 66 -14.46 37.12 35.53
N THR F 67 -13.49 37.89 36.00
CA THR F 67 -12.20 38.10 35.35
C THR F 67 -11.25 36.89 35.45
N ALA F 68 -10.85 36.37 34.31
CA ALA F 68 -9.97 35.18 34.27
C ALA F 68 -8.48 35.43 34.66
N THR F 69 -8.25 36.00 35.84
CA THR F 69 -6.96 36.58 36.24
C THR F 69 -6.66 36.41 37.73
N ALA F 70 -5.43 36.73 38.12
CA ALA F 70 -5.04 36.68 39.53
C ALA F 70 -4.99 38.06 40.16
N GLY F 71 -4.57 39.05 39.39
CA GLY F 71 -4.57 40.44 39.87
C GLY F 71 -5.99 40.98 39.90
N THR F 72 -6.21 42.04 40.68
CA THR F 72 -7.51 42.72 40.70
C THR F 72 -7.42 44.26 40.59
N ASP F 73 -6.21 44.79 40.40
CA ASP F 73 -6.02 46.22 40.13
C ASP F 73 -7.01 46.77 39.09
N HIS F 74 -7.33 45.96 38.09
CA HIS F 74 -8.33 46.31 37.07
C HIS F 74 -9.82 46.29 37.52
N VAL F 75 -10.11 45.83 38.73
CA VAL F 75 -11.51 45.71 39.17
C VAL F 75 -11.85 46.58 40.37
N ASP F 76 -12.92 47.36 40.22
CA ASP F 76 -13.49 48.11 41.32
C ASP F 76 -14.40 47.17 42.15
N GLU F 77 -13.80 46.33 42.98
CA GLU F 77 -14.55 45.36 43.78
C GLU F 77 -15.50 46.03 44.76
N ALA F 78 -15.07 47.16 45.33
CA ALA F 78 -15.87 47.89 46.29
C ALA F 78 -17.12 48.43 45.58
N TRP F 79 -16.94 48.89 44.34
CA TRP F 79 -18.06 49.36 43.55
C TRP F 79 -19.03 48.20 43.15
N LEU F 80 -18.47 47.06 42.74
CA LEU F 80 -19.28 45.89 42.33
C LEU F 80 -20.15 45.31 43.45
N LYS F 81 -19.60 45.25 44.67
CA LYS F 81 -20.33 44.76 45.85
C LYS F 81 -21.58 45.60 46.22
N GLN F 82 -21.45 46.93 46.20
CA GLN F 82 -22.55 47.84 46.57
C GLN F 82 -23.61 47.96 45.48
N ALA F 83 -23.20 47.66 44.25
CA ALA F 83 -24.12 47.59 43.10
C ALA F 83 -24.90 46.26 43.05
N GLY F 84 -24.55 45.31 43.92
CA GLY F 84 -25.20 44.00 43.96
C GLY F 84 -24.83 43.10 42.79
N ILE F 85 -23.61 43.26 42.28
CA ILE F 85 -23.12 42.46 41.15
C ILE F 85 -22.12 41.42 41.65
N GLY F 86 -22.43 40.15 41.39
CA GLY F 86 -21.54 39.04 41.71
C GLY F 86 -20.15 39.18 41.11
N PHE F 87 -19.14 38.76 41.87
CA PHE F 87 -17.76 38.85 41.41
C PHE F 87 -16.93 37.61 41.73
N SER F 88 -16.00 37.30 40.84
CA SER F 88 -14.96 36.33 41.12
C SER F 88 -13.79 36.62 40.20
N ALA F 89 -12.57 36.59 40.74
CA ALA F 89 -11.39 36.50 39.91
C ALA F 89 -10.95 35.05 39.94
N ALA F 90 -9.68 34.81 39.65
CA ALA F 90 -9.18 33.47 39.71
C ALA F 90 -7.91 33.50 40.54
N PRO F 91 -8.05 33.80 41.84
CA PRO F 91 -6.88 33.74 42.70
C PRO F 91 -6.26 32.35 42.60
N GLY F 92 -4.94 32.30 42.53
CA GLY F 92 -4.24 31.03 42.51
C GLY F 92 -4.07 30.47 41.12
N CYS F 93 -4.72 31.08 40.11
CA CYS F 93 -4.76 30.49 38.75
C CYS F 93 -3.35 30.24 38.21
N ASN F 94 -2.41 31.08 38.61
CA ASN F 94 -1.07 30.98 38.05
C ASN F 94 -0.02 30.74 39.15
N ALA F 95 -0.45 30.37 40.34
CA ALA F 95 0.48 30.13 41.46
C ALA F 95 1.51 29.00 41.25
N ILE F 96 1.05 27.91 40.64
CA ILE F 96 1.89 26.76 40.50
C ILE F 96 2.96 27.12 39.50
N ALA F 97 2.57 27.92 38.50
CA ALA F 97 3.48 28.34 37.46
C ALA F 97 4.62 29.11 38.07
N VAL F 98 4.28 29.98 39.02
CA VAL F 98 5.36 30.81 39.60
C VAL F 98 6.26 29.95 40.47
N VAL F 99 5.67 29.00 41.19
CA VAL F 99 6.43 28.11 42.08
C VAL F 99 7.47 27.31 41.29
N GLU F 100 7.05 26.76 40.16
CA GLU F 100 7.88 25.98 39.28
C GLU F 100 8.92 26.83 38.51
N TYR F 101 8.60 28.09 38.28
CA TYR F 101 9.63 29.05 37.82
C TYR F 101 10.74 29.21 38.86
N VAL F 102 10.35 29.38 40.12
CA VAL F 102 11.36 29.62 41.17
C VAL F 102 12.26 28.38 41.37
N PHE F 103 11.64 27.19 41.37
CA PHE F 103 12.37 25.95 41.42
C PHE F 103 13.31 25.80 40.24
N SER F 104 12.86 26.17 39.05
CA SER F 104 13.71 26.11 37.87
C SER F 104 14.98 26.96 38.07
N ALA F 105 14.80 28.19 38.53
CA ALA F 105 15.93 29.09 38.81
C ALA F 105 16.85 28.52 39.88
N LEU F 106 16.25 28.05 40.97
CA LEU F 106 17.04 27.48 42.10
C LEU F 106 17.84 26.22 41.75
N LEU F 107 17.23 25.33 40.98
CA LEU F 107 17.96 24.14 40.56
C LEU F 107 19.13 24.53 39.63
N LEU F 109 20.79 27.37 39.74
CA LEU F 109 21.84 28.05 40.52
C LEU F 109 22.60 27.03 41.38
N ALA F 110 21.91 25.97 41.80
CA ALA F 110 22.48 24.97 42.66
C ALA F 110 23.52 24.17 41.89
N GLU F 111 23.28 23.93 40.62
CA GLU F 111 24.24 23.21 39.81
C GLU F 111 25.42 24.11 39.51
N ARG F 112 25.11 25.32 39.06
CA ARG F 112 26.14 26.31 38.75
C ARG F 112 27.08 26.60 39.92
N ASP F 113 26.53 26.85 41.10
CA ASP F 113 27.37 27.24 42.20
C ASP F 113 27.67 26.03 43.09
N GLY F 114 27.23 24.87 42.64
CA GLY F 114 27.56 23.61 43.29
C GLY F 114 27.08 23.43 44.73
N PHE F 115 25.88 23.88 45.03
CA PHE F 115 25.31 23.51 46.34
C PHE F 115 24.14 22.53 46.25
N SER F 116 23.76 21.99 47.40
CA SER F 116 22.58 21.18 47.49
C SER F 116 21.45 22.05 48.06
N LEU F 117 20.23 21.92 47.57
CA LEU F 117 19.10 22.76 48.06
C LEU F 117 18.93 22.64 49.57
N ARG F 118 19.38 21.54 50.15
CA ARG F 118 19.28 21.34 51.58
C ARG F 118 20.27 22.18 52.35
N ASP F 119 21.26 22.75 51.67
CA ASP F 119 22.22 23.62 52.36
C ASP F 119 21.62 24.98 52.59
N ARG F 120 20.54 25.29 51.91
CA ARG F 120 20.03 26.64 51.89
C ARG F 120 18.95 26.81 52.93
N THR F 121 18.66 28.05 53.27
CA THR F 121 17.52 28.36 54.10
C THR F 121 16.68 29.30 53.26
N ILE F 122 15.45 28.90 53.00
CA ILE F 122 14.61 29.70 52.14
C ILE F 122 13.58 30.54 52.92
N GLY F 123 13.76 31.86 52.88
CA GLY F 123 12.81 32.80 53.45
C GLY F 123 11.79 33.20 52.41
N ILE F 124 10.52 33.08 52.78
CA ILE F 124 9.40 33.32 51.92
C ILE F 124 8.65 34.51 52.43
N VAL F 125 8.59 35.59 51.65
CA VAL F 125 7.97 36.80 52.13
C VAL F 125 6.65 36.97 51.42
N GLY F 126 5.56 36.79 52.17
CA GLY F 126 4.25 36.64 51.53
C GLY F 126 3.92 35.17 51.35
N VAL F 127 3.02 34.64 52.18
CA VAL F 127 2.69 33.21 52.17
C VAL F 127 1.23 33.00 51.81
N GLY F 128 0.88 33.37 50.59
CA GLY F 128 -0.49 33.32 50.13
C GLY F 128 -0.57 32.20 49.12
N ASN F 129 -1.26 32.46 48.02
CA ASN F 129 -1.39 31.45 47.02
C ASN F 129 -0.05 30.94 46.50
N VAL F 130 0.85 31.85 46.23
CA VAL F 130 2.13 31.43 45.66
C VAL F 130 3.04 30.96 46.75
N GLY F 131 3.14 31.80 47.80
CA GLY F 131 3.95 31.52 48.98
C GLY F 131 3.69 30.18 49.65
N SER F 132 2.44 29.86 49.91
CA SER F 132 2.12 28.62 50.62
C SER F 132 2.35 27.43 49.74
N ARG F 133 2.09 27.54 48.47
CA ARG F 133 2.44 26.45 47.57
C ARG F 133 3.95 26.24 47.49
N LEU F 134 4.73 27.29 47.66
CA LEU F 134 6.17 27.12 47.59
C LEU F 134 6.66 26.35 48.83
N GLN F 135 6.25 26.83 49.99
CA GLN F 135 6.57 26.22 51.25
C GLN F 135 6.25 24.71 51.21
N THR F 136 5.04 24.38 50.79
CA THR F 136 4.62 22.98 50.73
C THR F 136 5.61 22.10 49.96
N ARG F 137 6.10 22.57 48.82
CA ARG F 137 7.04 21.80 48.01
C ARG F 137 8.44 21.73 48.57
N LEU F 138 8.94 22.86 49.10
CA LEU F 138 10.24 22.90 49.76
C LEU F 138 10.30 21.96 50.97
N GLU F 139 9.25 21.96 51.76
CA GLU F 139 9.24 21.12 52.94
C GLU F 139 9.16 19.59 52.62
N ALA F 140 8.56 19.25 51.48
CA ALA F 140 8.48 17.86 51.01
C ALA F 140 9.88 17.40 50.66
N LEU F 141 10.73 18.35 50.26
CA LEU F 141 12.13 18.09 49.93
C LEU F 141 13.06 18.18 51.14
N GLY F 142 12.50 18.43 52.32
CA GLY F 142 13.33 18.50 53.51
C GLY F 142 14.20 19.75 53.54
N ILE F 143 13.76 20.79 52.85
CA ILE F 143 14.44 22.10 52.80
C ILE F 143 13.86 23.10 53.84
N ARG F 144 14.74 23.68 54.64
CA ARG F 144 14.33 24.62 55.70
C ARG F 144 13.78 25.94 55.10
N THR F 145 12.63 26.39 55.59
CA THR F 145 12.00 27.59 55.06
C THR F 145 11.53 28.42 56.22
N LEU F 146 11.65 29.73 56.07
CA LEU F 146 11.20 30.68 57.10
C LEU F 146 10.13 31.50 56.44
N LEU F 147 9.03 31.68 57.15
CA LEU F 147 7.85 32.33 56.63
C LEU F 147 7.77 33.72 57.17
N CYS F 148 7.39 34.66 56.31
CA CYS F 148 7.08 36.02 56.76
C CYS F 148 5.76 36.51 56.16
N ASP F 149 4.80 36.84 57.00
CA ASP F 149 3.49 37.31 56.54
C ASP F 149 2.70 37.95 57.69
N PRO F 150 3.03 39.22 58.01
CA PRO F 150 2.41 39.88 59.14
C PRO F 150 0.88 39.88 59.15
N PRO F 151 0.22 40.03 57.98
CA PRO F 151 -1.25 39.97 57.99
C PRO F 151 -1.80 38.61 58.37
N ARG F 152 -1.21 37.54 57.87
CA ARG F 152 -1.65 36.22 58.35
C ARG F 152 -1.38 36.10 59.85
N ALA F 153 -0.23 36.59 60.30
CA ALA F 153 0.10 36.53 61.74
C ALA F 153 -0.86 37.36 62.58
N ALA F 154 -1.19 38.55 62.10
CA ALA F 154 -2.05 39.48 62.86
C ALA F 154 -3.46 38.91 62.96
N ARG F 155 -3.91 38.26 61.89
CA ARG F 155 -5.18 37.54 61.83
C ARG F 155 -5.21 36.36 62.80
N GLY F 156 -4.03 35.85 63.14
CA GLY F 156 -3.94 34.66 63.99
C GLY F 156 -4.02 33.34 63.22
N ASP F 157 -3.46 33.30 62.02
CA ASP F 157 -3.34 32.04 61.31
C ASP F 157 -2.32 31.17 62.01
N GLU F 158 -2.46 29.86 61.83
CA GLU F 158 -1.54 28.89 62.39
C GLU F 158 -0.29 28.87 61.53
N GLY F 159 0.88 28.84 62.18
CA GLY F 159 2.14 28.71 61.47
C GLY F 159 3.20 29.58 62.13
N ASP F 160 4.46 29.31 61.83
CA ASP F 160 5.56 30.04 62.47
C ASP F 160 5.95 31.28 61.66
N PHE F 161 5.23 32.36 61.87
CA PHE F 161 5.50 33.58 61.15
C PHE F 161 6.57 34.38 61.88
N ARG F 162 7.56 34.84 61.15
CA ARG F 162 8.64 35.62 61.70
C ARG F 162 8.63 37.00 61.04
N THR F 163 9.42 37.93 61.56
CA THR F 163 9.52 39.24 60.95
C THR F 163 10.48 39.21 59.77
N LEU F 164 10.30 40.17 58.85
CA LEU F 164 11.26 40.36 57.78
C LEU F 164 12.70 40.38 58.29
N ASP F 165 12.94 41.10 59.38
CA ASP F 165 14.31 41.25 59.92
C ASP F 165 14.97 39.92 60.30
N GLU F 166 14.21 39.00 60.87
CA GLU F 166 14.71 37.66 61.13
C GLU F 166 15.03 36.89 59.85
N LEU F 167 14.23 37.07 58.80
CA LEU F 167 14.51 36.37 57.54
C LEU F 167 15.82 36.86 56.94
N VAL F 168 16.01 38.18 56.98
CA VAL F 168 17.24 38.75 56.47
C VAL F 168 18.45 38.21 57.21
N GLN F 169 18.36 38.12 58.53
CA GLN F 169 19.44 37.60 59.37
C GLN F 169 19.77 36.14 59.11
N GLU F 170 18.73 35.32 58.91
CA GLU F 170 18.87 33.86 58.86
C GLU F 170 18.77 33.22 57.47
N ALA F 171 18.10 33.87 56.52
CA ALA F 171 17.81 33.18 55.26
C ALA F 171 18.91 33.41 54.25
N ASP F 172 19.18 32.45 53.39
CA ASP F 172 20.14 32.71 52.35
C ASP F 172 19.54 32.64 50.97
N VAL F 173 18.26 32.30 50.89
CA VAL F 173 17.45 32.57 49.71
C VAL F 173 16.27 33.39 50.18
N LEU F 174 16.01 34.50 49.50
CA LEU F 174 14.90 35.37 49.89
C LEU F 174 14.00 35.59 48.68
N THR F 175 12.76 35.16 48.82
CA THR F 175 11.86 35.19 47.70
C THR F 175 10.56 35.89 48.07
N PHE F 176 10.23 36.92 47.29
CA PHE F 176 9.08 37.80 47.56
C PHE F 176 7.79 37.34 46.86
N HIS F 177 6.71 37.25 47.62
CA HIS F 177 5.39 36.87 47.09
C HIS F 177 4.22 37.61 47.70
N THR F 178 4.34 38.94 47.72
CA THR F 178 3.38 39.84 48.30
C THR F 178 2.73 40.68 47.21
N PRO F 179 1.55 41.24 47.50
CA PRO F 179 1.03 42.29 46.62
C PRO F 179 1.90 43.55 46.64
N LEU F 180 1.56 44.53 45.81
CA LEU F 180 2.16 45.88 45.86
C LEU F 180 1.31 46.81 46.74
N TYR F 181 1.80 47.11 47.94
CA TYR F 181 1.15 48.12 48.79
C TYR F 181 2.00 49.36 48.93
N LYS F 182 1.40 50.50 48.61
CA LYS F 182 2.11 51.73 48.47
C LYS F 182 2.35 52.41 49.81
N ASP F 183 1.57 52.01 50.82
CA ASP F 183 1.67 52.62 52.14
C ASP F 183 0.98 51.77 53.23
N GLY F 184 0.79 52.34 54.40
CA GLY F 184 0.12 51.62 55.47
C GLY F 184 1.11 50.77 56.26
N PRO F 185 0.58 49.98 57.21
CA PRO F 185 1.40 49.14 58.08
C PRO F 185 2.08 47.99 57.34
N TYR F 186 1.56 47.62 56.17
CA TYR F 186 2.17 46.54 55.39
C TYR F 186 2.75 47.01 54.07
N LYS F 187 3.21 48.26 54.00
CA LYS F 187 3.80 48.80 52.78
C LYS F 187 4.86 47.85 52.20
N THR F 188 4.74 47.50 50.92
CA THR F 188 5.70 46.59 50.30
C THR F 188 6.52 47.27 49.21
N LEU F 189 6.16 48.50 48.89
CA LEU F 189 6.98 49.35 48.04
C LEU F 189 8.40 49.43 48.60
N HIS F 190 9.39 49.05 47.79
CA HIS F 190 10.79 49.10 48.17
C HIS F 190 11.05 48.40 49.51
N LEU F 191 10.29 47.32 49.75
CA LEU F 191 10.46 46.50 50.93
C LEU F 191 11.88 45.96 50.93
N ALA F 192 12.38 45.56 49.75
CA ALA F 192 13.80 45.22 49.58
C ALA F 192 14.59 46.45 49.12
N ASP F 193 15.01 47.26 50.07
CA ASP F 193 15.70 48.50 49.76
C ASP F 193 17.22 48.33 49.91
N GLU F 194 17.96 49.40 49.67
CA GLU F 194 19.40 49.37 49.79
C GLU F 194 19.82 48.81 51.15
N THR F 195 19.13 49.25 52.19
CA THR F 195 19.41 48.80 53.56
C THR F 195 19.29 47.31 53.68
N LEU F 196 18.22 46.76 53.14
CA LEU F 196 17.98 45.33 53.24
C LEU F 196 18.95 44.55 52.33
N ILE F 197 19.11 45.00 51.10
CA ILE F 197 20.04 44.36 50.17
C ILE F 197 21.47 44.27 50.71
N ARG F 198 21.97 45.39 51.23
CA ARG F 198 23.29 45.44 51.85
C ARG F 198 23.53 44.37 52.93
N ARG F 199 22.46 43.94 53.59
CA ARG F 199 22.54 43.05 54.74
C ARG F 199 22.54 41.57 54.37
N LEU F 200 22.03 41.26 53.19
CA LEU F 200 21.86 39.86 52.83
C LEU F 200 23.17 39.13 52.85
N LYS F 201 23.14 37.90 53.36
CA LYS F 201 24.35 37.09 53.50
C LYS F 201 25.16 36.99 52.20
N PRO F 202 26.47 36.84 52.35
CA PRO F 202 27.37 36.56 51.24
C PRO F 202 26.93 35.31 50.52
N GLY F 203 26.71 35.42 49.21
CA GLY F 203 26.28 34.23 48.44
C GLY F 203 24.78 33.98 48.49
N ALA F 204 24.03 34.93 49.07
CA ALA F 204 22.56 34.85 49.07
C ALA F 204 21.95 35.00 47.67
N ILE F 205 20.73 34.48 47.56
CA ILE F 205 19.99 34.53 46.35
C ILE F 205 18.73 35.32 46.62
N LEU F 206 18.52 36.38 45.84
CA LEU F 206 17.34 37.22 45.98
C LEU F 206 16.46 36.96 44.79
N ILE F 207 15.19 36.61 45.02
CA ILE F 207 14.26 36.31 43.96
C ILE F 207 13.05 37.24 44.08
N ASN F 208 12.58 37.81 42.97
CA ASN F 208 11.37 38.67 42.93
C ASN F 208 10.60 38.34 41.67
N ALA F 209 9.60 37.50 41.82
CA ALA F 209 8.66 37.25 40.78
C ALA F 209 7.29 37.74 41.23
N CYS F 210 7.22 38.78 42.08
CA CYS F 210 5.87 39.28 42.39
C CYS F 210 5.49 40.60 41.71
N ARG F 211 5.97 41.74 42.21
CA ARG F 211 5.73 43.02 41.56
C ARG F 211 7.01 43.83 41.59
N GLY F 212 7.31 44.48 40.46
CA GLY F 212 8.55 45.21 40.25
C GLY F 212 9.03 46.13 41.37
N PRO F 213 8.19 47.05 41.82
CA PRO F 213 8.67 48.03 42.75
C PRO F 213 8.88 47.49 44.16
N VAL F 214 8.64 46.19 44.38
CA VAL F 214 8.90 45.60 45.69
C VAL F 214 10.41 45.60 46.02
N VAL F 215 11.23 45.40 44.99
CA VAL F 215 12.67 45.61 45.12
C VAL F 215 13.06 46.95 44.48
N ASP F 216 13.88 47.74 45.18
CA ASP F 216 14.45 48.98 44.63
C ASP F 216 15.50 48.63 43.55
N ASN F 217 15.13 48.76 42.28
CA ASN F 217 15.98 48.32 41.19
C ASN F 217 17.28 49.13 41.06
N ALA F 218 17.22 50.43 41.31
CA ALA F 218 18.42 51.27 41.19
C ALA F 218 19.43 50.84 42.25
N ALA F 219 18.99 50.76 43.49
CA ALA F 219 19.84 50.29 44.61
C ALA F 219 20.48 48.89 44.39
N LEU F 220 19.72 47.93 43.86
CA LEU F 220 20.26 46.58 43.65
C LEU F 220 21.36 46.60 42.60
N LEU F 221 21.11 47.35 41.53
CA LEU F 221 22.12 47.50 40.49
C LEU F 221 23.45 48.01 41.07
N ALA F 222 23.38 49.11 41.80
CA ALA F 222 24.56 49.69 42.42
C ALA F 222 25.31 48.67 43.29
N ARG F 223 24.58 47.91 44.11
CA ARG F 223 25.19 46.90 44.97
C ARG F 223 25.88 45.81 44.20
N LEU F 224 25.26 45.35 43.13
CA LEU F 224 25.77 44.25 42.34
C LEU F 224 26.99 44.66 41.54
N ASN F 225 26.93 45.83 40.91
CA ASN F 225 28.13 46.38 40.27
C ASN F 225 29.23 46.66 41.27
N ALA F 226 28.85 47.01 42.50
CA ALA F 226 29.82 47.28 43.58
C ALA F 226 30.62 46.04 43.97
N GLY F 227 30.09 44.85 43.67
CA GLY F 227 30.79 43.62 43.99
C GLY F 227 30.18 42.83 45.15
N GLN F 228 29.03 43.27 45.67
CA GLN F 228 28.36 42.51 46.71
C GLN F 228 28.03 41.09 46.22
N PRO F 229 28.40 40.06 46.99
CA PRO F 229 28.28 38.67 46.51
C PRO F 229 26.88 38.11 46.69
N LEU F 230 26.12 38.15 45.60
CA LEU F 230 24.71 37.98 45.65
C LEU F 230 24.27 37.52 44.27
N SER F 231 23.40 36.51 44.23
CA SER F 231 22.74 36.08 43.00
C SER F 231 21.31 36.63 42.98
N VAL F 232 20.81 36.92 41.80
CA VAL F 232 19.54 37.57 41.68
C VAL F 232 18.74 36.98 40.55
N VAL F 233 17.47 36.72 40.84
CA VAL F 233 16.49 36.27 39.87
C VAL F 233 15.31 37.24 39.86
N LEU F 234 15.16 37.99 38.76
CA LEU F 234 14.03 38.94 38.58
C LEU F 234 13.10 38.59 37.42
N ASP F 235 11.81 38.49 37.71
CA ASP F 235 10.82 38.30 36.67
C ASP F 235 10.06 39.57 36.51
N VAL F 236 10.22 40.48 37.47
CA VAL F 236 9.43 41.73 37.45
C VAL F 236 10.33 42.94 37.77
N TRP F 237 10.02 44.08 37.16
CA TRP F 237 10.96 45.19 37.03
C TRP F 237 10.26 46.50 37.30
N GLU F 238 10.99 47.46 37.87
CA GLU F 238 10.46 48.81 38.00
C GLU F 238 10.42 49.43 36.61
N GLY F 239 9.32 50.08 36.27
CA GLY F 239 9.20 50.79 35.00
C GLY F 239 8.82 49.95 33.80
N GLU F 240 8.49 48.68 34.04
CA GLU F 240 7.96 47.79 33.01
C GLU F 240 6.94 48.51 32.18
N PRO F 241 7.05 48.40 30.85
CA PRO F 241 7.98 47.54 30.10
C PRO F 241 9.37 48.12 29.95
N ASP F 242 9.56 49.35 30.38
CA ASP F 242 10.88 49.99 30.21
C ASP F 242 11.85 49.64 31.32
N LEU F 243 12.28 48.39 31.37
CA LEU F 243 13.11 47.96 32.46
C LEU F 243 14.53 48.53 32.40
N ASN F 244 15.21 48.47 33.54
CA ASN F 244 16.58 48.95 33.65
C ASN F 244 17.47 47.93 32.96
N VAL F 245 17.95 48.25 31.76
CA VAL F 245 18.75 47.33 30.98
C VAL F 245 20.13 47.04 31.61
N ALA F 246 20.76 48.05 32.22
CA ALA F 246 22.01 47.82 32.96
C ALA F 246 21.79 46.78 34.06
N LEU F 247 20.65 46.84 34.75
CA LEU F 247 20.37 45.85 35.78
C LEU F 247 20.20 44.39 35.23
N LEU F 248 19.42 44.22 34.17
CA LEU F 248 19.30 42.92 33.47
C LEU F 248 20.70 42.35 33.19
N GLU F 249 21.61 43.19 32.72
CA GLU F 249 22.97 42.73 32.41
C GLU F 249 23.66 42.16 33.66
N ALA F 250 23.30 42.70 34.84
CA ALA F 250 23.90 42.29 36.11
C ALA F 250 23.26 41.09 36.82
N VAL F 251 22.01 40.73 36.51
CA VAL F 251 21.33 39.67 37.30
C VAL F 251 21.62 38.33 36.69
N ASP F 252 21.44 37.30 37.48
CA ASP F 252 21.77 35.97 37.06
C ASP F 252 20.66 35.48 36.15
N ILE F 253 19.39 35.77 36.52
CA ILE F 253 18.29 35.42 35.66
C ILE F 253 17.35 36.60 35.57
N GLY F 254 16.96 37.00 34.36
CA GLY F 254 16.00 38.09 34.20
C GLY F 254 14.99 37.72 33.14
N THR F 255 13.69 37.79 33.45
CA THR F 255 12.71 37.39 32.48
C THR F 255 11.58 38.41 32.40
N SER F 256 10.79 38.32 31.35
CA SER F 256 9.95 39.40 31.02
C SER F 256 8.58 39.27 31.64
N HIS F 257 8.53 39.20 32.97
CA HIS F 257 7.26 39.05 33.69
C HIS F 257 6.40 37.88 33.17
N ILE F 258 7.02 36.70 33.05
CA ILE F 258 6.35 35.51 32.51
C ILE F 258 6.29 34.36 33.48
N ALA F 259 6.80 34.55 34.71
CA ALA F 259 6.78 33.42 35.66
C ALA F 259 5.43 32.70 35.72
N GLY F 260 4.33 33.45 35.54
CA GLY F 260 2.97 32.90 35.69
C GLY F 260 2.36 32.39 34.38
N TYR F 261 3.19 32.33 33.34
CA TYR F 261 2.70 32.20 31.96
C TYR F 261 2.75 30.77 31.42
N THR F 262 2.24 29.81 32.17
CA THR F 262 2.06 28.48 31.61
C THR F 262 0.70 28.38 30.89
N LEU F 263 0.61 27.45 29.95
CA LEU F 263 -0.65 27.19 29.27
C LEU F 263 -1.74 26.90 30.31
N GLU F 264 -1.42 26.05 31.29
CA GLU F 264 -2.30 25.81 32.43
C GLU F 264 -2.72 27.09 33.18
N GLY F 265 -1.72 27.94 33.48
CA GLY F 265 -1.93 29.17 34.25
C GLY F 265 -2.89 30.15 33.60
N LYS F 266 -2.69 30.39 32.31
CA LYS F 266 -3.62 31.23 31.56
C LYS F 266 -5.00 30.57 31.44
N ALA F 267 -5.03 29.25 31.16
CA ALA F 267 -6.32 28.54 31.08
C ALA F 267 -7.09 28.53 32.40
N ARG F 268 -6.35 28.53 33.52
CA ARG F 268 -6.97 28.39 34.85
C ARG F 268 -7.78 29.62 35.24
N GLY F 269 -7.41 30.76 34.71
CA GLY F 269 -8.24 31.94 34.84
C GLY F 269 -9.67 31.60 34.40
N THR F 270 -9.79 31.23 33.12
CA THR F 270 -11.08 30.89 32.52
C THR F 270 -11.80 29.83 33.35
N THR F 271 -11.10 28.72 33.60
CA THR F 271 -11.66 27.55 34.30
C THR F 271 -12.18 27.81 35.74
N GLN F 272 -11.47 28.65 36.50
CA GLN F 272 -11.92 29.01 37.84
C GLN F 272 -13.16 29.93 37.83
N VAL F 273 -13.12 30.94 36.96
CA VAL F 273 -14.25 31.84 36.66
C VAL F 273 -15.51 31.09 36.22
N PHE F 274 -15.30 30.04 35.42
CA PHE F 274 -16.37 29.20 34.93
C PHE F 274 -16.99 28.40 36.08
N GLU F 275 -16.15 27.91 36.99
CA GLU F 275 -16.69 27.20 38.14
C GLU F 275 -17.41 28.15 39.10
N ALA F 276 -16.84 29.33 39.35
CA ALA F 276 -17.55 30.36 40.12
C ALA F 276 -18.94 30.63 39.53
N TYR F 277 -18.99 30.89 38.22
CA TYR F 277 -20.25 31.24 37.56
C TYR F 277 -21.28 30.11 37.49
N SER F 278 -20.81 28.87 37.28
CA SER F 278 -21.70 27.72 37.34
C SER F 278 -22.36 27.62 38.72
N ALA F 279 -21.59 27.92 39.77
CA ALA F 279 -22.11 27.94 41.16
C ALA F 279 -23.12 29.08 41.41
N PHE F 280 -22.85 30.25 40.83
CA PHE F 280 -23.72 31.44 40.95
C PHE F 280 -25.11 31.24 40.36
N ILE F 281 -25.26 30.29 39.44
CA ILE F 281 -26.57 29.98 38.87
C ILE F 281 -27.13 28.61 39.28
N GLY F 282 -26.43 27.92 40.19
CA GLY F 282 -26.95 26.68 40.77
C GLY F 282 -26.40 25.37 40.23
N ARG F 283 -25.08 25.27 40.10
CA ARG F 283 -24.38 24.10 39.55
C ARG F 283 -22.96 24.01 40.11
N LEU F 289 -9.33 19.95 32.96
CA LEU F 289 -8.29 20.71 32.25
C LEU F 289 -7.64 19.95 31.10
N GLU F 290 -7.16 18.74 31.36
CA GLU F 290 -6.52 17.93 30.31
C GLU F 290 -7.53 17.51 29.23
N THR F 291 -8.76 18.03 29.31
CA THR F 291 -9.71 17.90 28.20
C THR F 291 -9.79 19.17 27.40
N LEU F 292 -9.09 20.22 27.83
CA LEU F 292 -9.08 21.47 27.10
C LEU F 292 -7.71 21.78 26.54
N LEU F 293 -6.67 21.29 27.19
CA LEU F 293 -5.32 21.66 26.80
C LEU F 293 -4.80 20.79 25.68
N PRO F 294 -3.90 21.31 24.86
CA PRO F 294 -3.32 20.39 23.90
C PRO F 294 -2.35 19.42 24.60
N ALA F 295 -2.07 18.28 23.99
CA ALA F 295 -1.06 17.37 24.49
C ALA F 295 0.22 18.18 24.52
N PRO F 296 1.07 17.96 25.54
CA PRO F 296 2.39 18.58 25.60
C PRO F 296 3.40 17.95 24.66
N GLU F 297 4.47 18.69 24.34
CA GLU F 297 5.61 18.10 23.61
C GLU F 297 6.11 16.79 24.31
N PHE F 298 6.36 16.86 25.61
CA PHE F 298 6.71 15.61 26.33
C PHE F 298 5.66 15.25 27.35
N GLY F 299 4.92 14.19 27.06
CA GLY F 299 3.81 13.82 27.93
C GLY F 299 4.11 12.65 28.86
N ARG F 300 5.13 11.84 28.54
CA ARG F 300 5.40 10.63 29.32
C ARG F 300 6.88 10.32 29.35
N ILE F 301 7.36 9.86 30.50
CA ILE F 301 8.73 9.48 30.66
C ILE F 301 8.82 8.42 31.74
N THR F 302 9.78 7.51 31.62
CA THR F 302 10.02 6.58 32.73
C THR F 302 11.17 7.08 33.56
N LEU F 303 11.14 6.73 34.84
CA LEU F 303 12.23 7.03 35.73
C LEU F 303 12.61 5.74 36.45
N HIS F 304 13.86 5.30 36.27
CA HIS F 304 14.43 4.21 37.02
C HIS F 304 15.22 4.70 38.25
N GLY F 305 14.91 4.13 39.42
CA GLY F 305 15.66 4.37 40.64
C GLY F 305 15.13 5.52 41.46
N PRO F 306 15.83 5.89 42.52
CA PRO F 306 15.34 6.95 43.41
C PRO F 306 15.56 8.35 42.89
N LEU F 307 14.93 9.32 43.55
CA LEU F 307 15.06 10.72 43.22
C LEU F 307 16.18 11.34 44.04
N ASP F 308 17.01 12.16 43.41
CA ASP F 308 17.99 12.94 44.13
C ASP F 308 18.07 14.24 43.36
N GLN F 309 18.93 15.14 43.80
CA GLN F 309 18.84 16.47 43.24
C GLN F 309 19.10 16.55 41.73
N PRO F 310 20.16 15.88 41.22
CA PRO F 310 20.47 15.97 39.79
C PRO F 310 19.37 15.40 38.92
N THR F 311 18.70 14.37 39.41
CA THR F 311 17.56 13.77 38.76
C THR F 311 16.34 14.70 38.82
N LEU F 312 16.08 15.32 39.97
CA LEU F 312 15.00 16.29 40.05
C LEU F 312 15.23 17.42 39.06
N LYS F 313 16.48 17.86 38.94
CA LYS F 313 16.76 18.96 38.04
C LYS F 313 16.49 18.51 36.61
N ARG F 314 16.94 17.35 36.23
CA ARG F 314 16.63 16.90 34.87
C ARG F 314 15.13 16.87 34.59
N LEU F 315 14.31 16.47 35.56
CA LEU F 315 12.85 16.46 35.32
C LEU F 315 12.28 17.84 35.21
N ALA F 316 12.71 18.72 36.12
CA ALA F 316 12.12 20.06 36.16
C ALA F 316 12.49 20.81 34.87
N HIS F 317 13.73 20.68 34.43
CA HIS F 317 14.23 21.43 33.27
C HIS F 317 13.79 20.87 31.95
N LEU F 318 13.54 19.56 31.89
CA LEU F 318 12.86 18.96 30.74
C LEU F 318 11.58 19.71 30.48
N VAL F 319 10.83 20.02 31.54
CA VAL F 319 9.58 20.76 31.38
C VAL F 319 9.78 22.26 31.28
N TYR F 320 10.65 22.86 32.10
CA TYR F 320 10.88 24.29 31.98
C TYR F 320 12.17 24.77 32.60
N ASP F 321 13.08 25.19 31.73
CA ASP F 321 14.39 25.73 32.11
C ASP F 321 14.27 27.21 31.89
N VAL F 322 14.33 27.95 32.98
CA VAL F 322 14.14 29.38 32.99
C VAL F 322 15.11 30.08 32.06
N ARG F 323 16.26 29.47 31.78
CA ARG F 323 17.21 30.10 30.85
C ARG F 323 16.63 30.29 29.45
N ARG F 324 15.63 29.49 29.08
CA ARG F 324 15.02 29.71 27.77
C ARG F 324 14.28 31.07 27.65
N ASP F 325 13.87 31.66 28.75
CA ASP F 325 13.25 33.00 28.67
C ASP F 325 14.25 34.10 28.97
N ASP F 326 15.34 33.75 29.63
CA ASP F 326 16.36 34.72 30.00
C ASP F 326 17.14 35.17 28.77
N ALA F 327 17.49 34.23 27.91
CA ALA F 327 18.29 34.57 26.74
C ALA F 327 17.58 35.56 25.82
N PRO F 328 16.30 35.31 25.50
CA PRO F 328 15.63 36.20 24.56
C PRO F 328 15.44 37.61 25.10
N LEU F 329 15.21 37.74 26.41
CA LEU F 329 15.03 39.07 26.97
C LEU F 329 16.34 39.86 26.86
N ARG F 330 17.45 39.19 27.15
CA ARG F 330 18.76 39.82 26.94
C ARG F 330 18.95 40.35 25.51
N LYS F 331 18.45 39.62 24.52
CA LYS F 331 18.63 40.05 23.15
C LYS F 331 17.84 41.34 22.81
N VAL F 332 16.72 41.59 23.47
CA VAL F 332 15.88 42.73 23.07
C VAL F 332 15.54 43.79 24.14
N ALA F 333 16.06 43.62 25.34
CA ALA F 333 15.57 44.39 26.50
C ALA F 333 15.44 45.91 26.35
N GLY F 334 16.36 46.59 25.66
CA GLY F 334 16.14 48.06 25.58
C GLY F 334 15.06 48.58 24.62
N ILE F 335 14.52 47.71 23.78
CA ILE F 335 13.85 48.20 22.59
C ILE F 335 12.35 48.39 22.80
N PRO F 336 11.83 49.60 22.55
CA PRO F 336 10.41 49.85 22.79
C PRO F 336 9.51 48.79 22.12
N GLY F 337 8.62 48.21 22.91
CA GLY F 337 7.57 47.33 22.39
C GLY F 337 7.97 45.87 22.42
N GLU F 338 9.26 45.61 22.60
CA GLU F 338 9.79 44.26 22.49
C GLU F 338 9.53 43.45 23.76
N PHE F 339 9.56 44.11 24.91
CA PHE F 339 9.17 43.47 26.15
C PHE F 339 7.73 42.89 26.07
N ASP F 340 6.78 43.66 25.56
CA ASP F 340 5.40 43.18 25.55
C ASP F 340 5.19 42.15 24.45
N LYS F 341 5.89 42.31 23.33
CA LYS F 341 5.97 41.28 22.30
C LYS F 341 6.52 39.94 22.80
N LEU F 342 7.47 39.94 23.72
CA LEU F 342 7.94 38.63 24.21
C LEU F 342 6.83 37.95 24.96
N ARG F 343 5.97 38.77 25.56
CA ARG F 343 4.87 38.22 26.33
C ARG F 343 3.76 37.77 25.38
N LYS F 344 3.51 38.57 24.37
CA LYS F 344 2.44 38.28 23.42
C LYS F 344 2.73 37.01 22.58
N ASN F 345 3.97 36.83 22.15
CA ASN F 345 4.39 35.68 21.32
C ASN F 345 5.04 34.57 22.13
N TYR F 346 4.89 34.64 23.46
CA TYR F 346 5.44 33.63 24.33
C TYR F 346 5.13 32.21 23.86
N LEU F 347 6.20 31.43 23.68
CA LEU F 347 6.11 29.99 23.34
C LEU F 347 5.56 29.17 24.51
N GLU F 348 4.72 28.20 24.17
CA GLU F 348 4.02 27.40 25.14
C GLU F 348 4.97 26.82 26.19
N ARG F 349 4.60 27.04 27.45
CA ARG F 349 5.32 26.48 28.59
C ARG F 349 4.31 25.66 29.34
N ARG F 350 4.69 24.47 29.82
CA ARG F 350 3.77 23.64 30.62
C ARG F 350 4.18 23.56 32.11
N GLU F 351 3.27 23.04 32.93
CA GLU F 351 3.48 22.76 34.32
C GLU F 351 3.93 21.32 34.47
N TRP F 352 4.60 21.02 35.60
CA TRP F 352 5.10 19.68 35.82
C TRP F 352 4.03 18.59 35.83
N SER F 353 2.76 18.95 35.99
CA SER F 353 1.71 17.94 36.03
C SER F 353 1.36 17.46 34.61
N SER F 354 1.80 18.20 33.60
CA SER F 354 1.60 17.80 32.22
C SER F 354 2.53 16.63 31.89
N LEU F 355 3.45 16.31 32.80
CA LEU F 355 4.39 15.24 32.51
C LEU F 355 4.06 14.04 33.38
N TYR F 356 3.63 12.94 32.75
CA TYR F 356 3.34 11.67 33.42
C TYR F 356 4.64 10.91 33.68
N VAL F 357 5.01 10.69 34.94
CA VAL F 357 6.28 10.03 35.22
C VAL F 357 6.09 8.62 35.77
N CYS F 359 7.42 5.60 37.56
CA CYS F 359 8.57 5.31 38.39
C CYS F 359 8.62 3.87 38.82
N ASP F 360 9.77 3.21 38.75
CA ASP F 360 9.88 1.91 39.41
C ASP F 360 10.21 1.97 40.89
N ASP F 361 10.50 3.16 41.42
CA ASP F 361 10.82 3.35 42.82
C ASP F 361 9.67 4.11 43.53
N GLU F 362 8.98 3.44 44.44
CA GLU F 362 7.80 3.98 45.12
C GLU F 362 8.02 5.36 45.77
N THR F 363 9.14 5.51 46.47
CA THR F 363 9.51 6.76 47.13
C THR F 363 9.71 7.91 46.15
N ALA F 364 10.13 7.58 44.92
CA ALA F 364 10.31 8.60 43.86
C ALA F 364 8.95 9.05 43.40
N ALA F 365 8.04 8.11 43.21
CA ALA F 365 6.70 8.46 42.75
C ALA F 365 5.98 9.38 43.78
N ALA F 366 5.98 8.98 45.04
CA ALA F 366 5.39 9.75 46.10
C ALA F 366 5.98 11.16 46.19
N LEU F 367 7.30 11.29 46.09
CA LEU F 367 7.93 12.60 46.22
C LEU F 367 7.57 13.51 45.04
N LEU F 368 7.64 12.93 43.83
CA LEU F 368 7.29 13.65 42.60
C LEU F 368 5.82 14.11 42.57
N CYS F 369 4.92 13.30 43.12
CA CYS F 369 3.53 13.69 43.32
C CYS F 369 3.40 14.85 44.26
N LYS F 370 4.07 14.81 45.41
CA LYS F 370 4.00 15.94 46.30
C LYS F 370 4.54 17.18 45.61
N LEU F 371 5.43 17.01 44.64
CA LEU F 371 6.06 18.16 44.01
C LEU F 371 5.22 18.65 42.84
N GLY F 372 4.23 17.88 42.42
CA GLY F 372 3.31 18.33 41.37
C GLY F 372 3.51 17.70 40.01
N PHE F 373 4.34 16.65 39.90
CA PHE F 373 4.42 15.90 38.66
C PHE F 373 3.27 14.90 38.72
N ASN F 374 2.83 14.42 37.57
CA ASN F 374 1.87 13.33 37.57
C ASN F 374 2.65 12.00 37.62
N ALA F 375 3.15 11.65 38.81
CA ALA F 375 3.99 10.48 38.93
C ALA F 375 3.24 9.30 39.49
N VAL F 376 3.55 8.11 39.00
CA VAL F 376 2.94 6.88 39.50
C VAL F 376 4.02 5.85 39.72
N HIS F 377 3.75 4.92 40.61
CA HIS F 377 4.63 3.80 40.80
C HIS F 377 4.14 2.66 39.94
N HIS F 378 4.97 2.30 38.95
CA HIS F 378 4.75 1.11 38.15
C HIS F 378 5.74 0.01 38.55
N PRO F 379 5.24 -1.01 39.27
CA PRO F 379 6.07 -2.18 39.55
C PRO F 379 6.02 -3.16 38.38
N LYS G 5 40.26 -22.35 -11.77
CA LYS G 5 38.99 -22.29 -12.48
C LYS G 5 38.01 -23.34 -11.98
N ILE G 6 36.80 -22.86 -11.69
CA ILE G 6 35.77 -23.63 -11.02
C ILE G 6 34.51 -23.66 -11.87
N LEU G 7 34.07 -24.87 -12.23
CA LEU G 7 32.85 -25.01 -12.97
C LEU G 7 31.72 -25.22 -11.99
N VAL G 8 30.56 -24.69 -12.33
CA VAL G 8 29.43 -24.67 -11.42
C VAL G 8 28.15 -24.79 -12.22
N ASP G 9 27.24 -25.62 -11.76
CA ASP G 9 25.89 -25.71 -12.29
C ASP G 9 25.24 -24.34 -12.22
N GLU G 10 24.83 -23.78 -13.35
CA GLU G 10 24.17 -22.46 -13.35
C GLU G 10 22.95 -22.37 -12.43
N ASN G 11 22.48 -23.52 -11.92
CA ASN G 11 21.20 -23.57 -11.19
C ASN G 11 21.29 -23.56 -9.67
N PRO G 13 21.85 -22.32 -5.99
CA PRO G 13 21.76 -20.98 -5.41
C PRO G 13 23.04 -20.49 -4.77
N TYR G 14 23.43 -19.25 -5.06
CA TYR G 14 24.57 -18.58 -4.42
C TYR G 14 25.95 -19.09 -4.88
N ALA G 15 26.00 -19.83 -5.97
CA ALA G 15 27.24 -20.47 -6.38
C ALA G 15 28.24 -19.52 -7.02
N ARG G 16 27.75 -18.50 -7.73
CA ARG G 16 28.65 -17.47 -8.26
C ARG G 16 29.21 -16.63 -7.11
N GLU G 17 28.34 -16.19 -6.21
CA GLU G 17 28.75 -15.36 -5.08
C GLU G 17 29.86 -16.01 -4.27
N LEU G 18 29.67 -17.31 -3.99
CA LEU G 18 30.56 -18.06 -3.12
C LEU G 18 31.85 -18.51 -3.80
N PHE G 19 31.73 -19.30 -4.85
CA PHE G 19 32.89 -19.95 -5.41
C PHE G 19 33.80 -18.95 -6.11
N SER G 20 33.27 -17.80 -6.49
CA SER G 20 34.13 -16.74 -7.05
C SER G 20 35.06 -16.06 -6.02
N ARG G 21 35.01 -16.50 -4.77
CA ARG G 21 35.98 -16.08 -3.76
C ARG G 21 37.20 -17.00 -3.78
N LEU G 22 37.11 -18.09 -4.54
CA LEU G 22 38.18 -19.07 -4.62
C LEU G 22 38.72 -19.18 -6.02
N GLY G 23 38.24 -18.34 -6.92
CA GLY G 23 38.70 -18.37 -8.31
C GLY G 23 37.66 -18.04 -9.35
N GLU G 24 37.91 -18.51 -10.56
CA GLU G 24 37.15 -18.08 -11.73
C GLU G 24 36.03 -19.07 -12.00
N VAL G 25 34.83 -18.53 -12.17
CA VAL G 25 33.62 -19.34 -12.21
C VAL G 25 32.93 -19.36 -13.57
N LYS G 26 32.41 -20.53 -13.95
CA LYS G 26 31.50 -20.65 -15.09
C LYS G 26 30.35 -21.64 -14.84
N PRO G 32 24.75 -31.29 -19.18
CA PRO G 32 25.17 -31.30 -20.59
C PRO G 32 26.44 -30.46 -20.83
N ILE G 33 27.56 -30.93 -20.30
CA ILE G 33 28.77 -30.12 -20.12
C ILE G 33 29.88 -30.35 -21.16
N PRO G 34 30.19 -29.33 -21.99
CA PRO G 34 31.19 -29.43 -23.09
C PRO G 34 32.62 -29.71 -22.64
N VAL G 35 33.26 -30.70 -23.26
CA VAL G 35 34.61 -31.10 -22.87
C VAL G 35 35.60 -29.93 -22.79
N GLU G 36 35.52 -29.01 -23.75
CA GLU G 36 36.37 -27.80 -23.79
C GLU G 36 36.42 -27.06 -22.43
N GLU G 37 35.30 -27.06 -21.71
CA GLU G 37 35.23 -26.48 -20.38
C GLU G 37 35.93 -27.37 -19.36
N LEU G 38 35.58 -28.65 -19.40
CA LEU G 38 36.09 -29.67 -18.48
C LEU G 38 37.61 -29.89 -18.50
N ASN G 39 38.24 -29.65 -19.66
CA ASN G 39 39.68 -29.80 -19.84
C ASN G 39 40.53 -28.64 -19.34
N HIS G 40 39.88 -27.55 -18.93
CA HIS G 40 40.61 -26.36 -18.49
C HIS G 40 40.18 -25.94 -17.10
N ALA G 41 39.56 -26.86 -16.36
CA ALA G 41 39.03 -26.60 -15.02
C ALA G 41 39.79 -27.33 -13.92
N ASP G 42 39.68 -26.84 -12.69
CA ASP G 42 40.31 -27.49 -11.54
C ASP G 42 39.27 -28.09 -10.58
N ALA G 43 37.98 -27.89 -10.87
CA ALA G 43 36.91 -28.26 -9.95
C ALA G 43 35.54 -28.23 -10.61
N LEU G 44 34.62 -29.04 -10.12
CA LEU G 44 33.30 -29.15 -10.72
C LEU G 44 32.25 -29.20 -9.64
N VAL G 46 28.32 -29.65 -8.89
CA VAL G 46 27.17 -30.23 -9.55
C VAL G 46 25.94 -30.40 -8.67
N ARG G 47 24.77 -30.47 -9.31
CA ARG G 47 23.56 -30.93 -8.65
C ARG G 47 23.30 -32.34 -9.18
N SER G 48 22.24 -32.99 -8.68
CA SER G 48 21.99 -34.40 -9.01
C SER G 48 22.18 -34.79 -10.50
N VAL G 49 22.21 -33.81 -11.40
CA VAL G 49 22.11 -34.09 -12.83
C VAL G 49 23.33 -34.76 -13.44
N THR G 50 24.52 -34.22 -13.23
CA THR G 50 25.67 -34.82 -13.92
C THR G 50 26.26 -36.05 -13.20
N LYS G 51 26.28 -37.17 -13.93
CA LYS G 51 26.69 -38.46 -13.39
C LYS G 51 28.22 -38.55 -13.28
N VAL G 52 28.75 -38.12 -12.16
CA VAL G 52 30.21 -37.99 -12.01
C VAL G 52 30.94 -39.34 -11.93
N ASN G 53 31.88 -39.56 -12.85
CA ASN G 53 32.47 -40.90 -13.05
C ASN G 53 33.80 -40.84 -13.82
N GLU G 54 34.43 -41.99 -14.02
CA GLU G 54 35.66 -42.02 -14.82
C GLU G 54 35.42 -41.54 -16.25
N SER G 55 34.34 -42.03 -16.86
CA SER G 55 33.98 -41.60 -18.21
C SER G 55 33.53 -40.15 -18.22
N LEU G 56 34.25 -39.30 -17.47
CA LEU G 56 34.01 -37.87 -17.48
C LEU G 56 35.23 -37.04 -17.06
N LEU G 57 35.99 -37.52 -16.08
CA LEU G 57 37.05 -36.70 -15.44
C LEU G 57 38.51 -37.05 -15.81
N SER G 58 38.84 -38.34 -15.86
CA SER G 58 40.22 -38.78 -16.18
C SER G 58 40.86 -37.94 -17.30
N GLY G 59 42.12 -37.59 -17.12
CA GLY G 59 42.83 -36.80 -18.14
C GLY G 59 42.52 -35.32 -18.14
N THR G 60 41.45 -34.92 -17.43
CA THR G 60 41.19 -33.49 -17.22
C THR G 60 41.99 -33.03 -16.00
N PRO G 61 42.16 -31.70 -15.82
CA PRO G 61 42.84 -31.25 -14.63
C PRO G 61 41.95 -31.24 -13.37
N ILE G 62 40.69 -31.65 -13.51
CA ILE G 62 39.76 -31.67 -12.36
C ILE G 62 40.23 -32.53 -11.18
N ASN G 63 40.64 -31.91 -10.09
CA ASN G 63 40.91 -32.72 -8.90
C ASN G 63 39.91 -32.51 -7.76
N PHE G 64 38.67 -32.15 -8.10
CA PHE G 64 37.61 -32.02 -7.10
C PHE G 64 36.20 -31.97 -7.67
N VAL G 65 35.36 -32.85 -7.15
CA VAL G 65 33.94 -32.81 -7.50
C VAL G 65 33.13 -32.58 -6.22
N GLY G 66 32.26 -31.59 -6.29
CA GLY G 66 31.36 -31.31 -5.20
C GLY G 66 29.94 -31.43 -5.67
N THR G 67 29.11 -32.20 -4.96
CA THR G 67 27.69 -32.26 -5.27
C THR G 67 26.87 -31.56 -4.19
N ALA G 68 26.13 -30.53 -4.59
CA ALA G 68 25.41 -29.69 -3.62
C ALA G 68 24.14 -30.34 -3.17
N THR G 69 24.24 -31.60 -2.74
CA THR G 69 23.05 -32.38 -2.47
C THR G 69 23.25 -33.24 -1.20
N ALA G 70 22.17 -33.62 -0.53
CA ALA G 70 22.29 -34.58 0.58
C ALA G 70 22.70 -35.98 0.10
N GLY G 71 22.21 -36.40 -1.08
CA GLY G 71 22.44 -37.74 -1.62
C GLY G 71 23.54 -37.80 -2.66
N THR G 72 23.92 -39.00 -3.08
CA THR G 72 25.10 -39.16 -3.95
C THR G 72 24.99 -40.27 -4.98
N ASP G 73 23.78 -40.65 -5.32
CA ASP G 73 23.62 -41.80 -6.20
C ASP G 73 24.06 -41.54 -7.65
N HIS G 74 24.31 -40.27 -7.97
CA HIS G 74 24.87 -39.89 -9.27
C HIS G 74 26.42 -39.94 -9.32
N VAL G 75 27.05 -40.39 -8.24
CA VAL G 75 28.51 -40.27 -8.15
C VAL G 75 29.21 -41.60 -7.85
N ASP G 76 30.21 -41.93 -8.64
CA ASP G 76 31.00 -43.11 -8.36
C ASP G 76 32.15 -42.70 -7.44
N GLU G 77 31.87 -42.73 -6.14
CA GLU G 77 32.88 -42.32 -5.17
C GLU G 77 34.04 -43.28 -5.21
N ALA G 78 33.75 -44.54 -5.50
CA ALA G 78 34.79 -45.56 -5.52
C ALA G 78 35.88 -45.18 -6.52
N TRP G 79 35.48 -44.78 -7.72
CA TRP G 79 36.48 -44.46 -8.70
C TRP G 79 37.23 -43.18 -8.39
N LEU G 80 36.54 -42.22 -7.75
CA LEU G 80 37.14 -40.95 -7.42
C LEU G 80 38.22 -41.09 -6.34
N LYS G 81 38.11 -42.10 -5.48
CA LYS G 81 39.16 -42.32 -4.48
C LYS G 81 40.41 -42.97 -5.10
N GLN G 82 40.20 -43.83 -6.11
CA GLN G 82 41.28 -44.44 -6.90
C GLN G 82 42.08 -43.40 -7.68
N ALA G 83 41.42 -42.33 -8.12
CA ALA G 83 42.02 -41.30 -8.96
C ALA G 83 42.67 -40.13 -8.17
N GLY G 84 42.45 -40.07 -6.87
CA GLY G 84 42.99 -38.99 -6.04
C GLY G 84 42.12 -37.76 -6.12
N ILE G 85 41.03 -37.85 -6.88
CA ILE G 85 40.05 -36.76 -7.05
C ILE G 85 39.12 -36.54 -5.84
N GLY G 86 39.41 -35.52 -5.04
CA GLY G 86 38.58 -35.13 -3.91
C GLY G 86 37.08 -35.04 -4.19
N PHE G 87 36.27 -35.33 -3.18
CA PHE G 87 34.81 -35.32 -3.36
C PHE G 87 34.06 -34.81 -2.14
N SER G 88 32.97 -34.11 -2.38
CA SER G 88 32.10 -33.70 -1.29
C SER G 88 30.63 -33.59 -1.67
N ALA G 89 29.77 -34.23 -0.86
CA ALA G 89 28.34 -33.99 -0.91
C ALA G 89 28.05 -32.92 0.12
N ALA G 90 26.78 -32.67 0.39
CA ALA G 90 26.39 -31.83 1.49
C ALA G 90 25.45 -32.62 2.41
N PRO G 91 26.00 -33.66 3.05
CA PRO G 91 25.17 -34.54 3.92
C PRO G 91 24.52 -33.75 5.04
N GLY G 92 23.28 -34.11 5.38
CA GLY G 92 22.47 -33.32 6.32
C GLY G 92 22.04 -31.90 5.94
N CYS G 93 22.32 -31.45 4.71
CA CYS G 93 22.04 -30.04 4.36
C CYS G 93 20.57 -29.64 4.56
N ASN G 94 19.66 -30.62 4.40
CA ASN G 94 18.23 -30.35 4.56
C ASN G 94 17.59 -31.08 5.76
N ALA G 95 18.43 -31.67 6.59
CA ALA G 95 17.94 -32.43 7.75
C ALA G 95 17.09 -31.59 8.70
N ILE G 96 17.56 -30.40 9.07
CA ILE G 96 16.91 -29.61 10.11
C ILE G 96 15.56 -29.20 9.62
N ALA G 97 15.44 -29.02 8.33
CA ALA G 97 14.17 -28.74 7.68
C ALA G 97 13.16 -29.84 7.96
N VAL G 98 13.56 -31.08 7.72
CA VAL G 98 12.64 -32.17 7.94
C VAL G 98 12.35 -32.23 9.40
N VAL G 99 13.36 -32.02 10.23
CA VAL G 99 13.11 -32.08 11.66
C VAL G 99 11.96 -31.12 12.07
N GLU G 100 12.00 -29.89 11.60
CA GLU G 100 11.08 -28.87 12.07
C GLU G 100 9.71 -29.06 11.42
N TYR G 101 9.69 -29.69 10.24
CA TYR G 101 8.44 -30.09 9.62
C TYR G 101 7.75 -31.11 10.54
N VAL G 102 8.54 -32.05 11.07
CA VAL G 102 8.00 -33.08 11.93
C VAL G 102 7.39 -32.44 13.19
N PHE G 103 8.11 -31.51 13.82
CA PHE G 103 7.64 -30.90 15.06
C PHE G 103 6.43 -30.07 14.80
N SER G 104 6.45 -29.39 13.67
CA SER G 104 5.33 -28.62 13.25
C SER G 104 4.10 -29.50 13.22
N ALA G 105 4.23 -30.70 12.66
CA ALA G 105 3.04 -31.55 12.58
C ALA G 105 2.69 -32.10 13.96
N LEU G 106 3.70 -32.43 14.76
CA LEU G 106 3.44 -32.97 16.09
C LEU G 106 2.72 -31.97 17.03
N LEU G 107 3.18 -30.74 17.00
CA LEU G 107 2.60 -29.71 17.87
C LEU G 107 1.17 -29.42 17.45
N LEU G 109 -0.97 -31.61 16.01
CA LEU G 109 -1.86 -32.68 16.49
C LEU G 109 -1.99 -32.69 18.01
N ALA G 110 -0.94 -32.27 18.73
CA ALA G 110 -0.98 -32.22 20.18
C ALA G 110 -1.98 -31.16 20.69
N GLU G 111 -2.10 -30.07 19.93
CA GLU G 111 -3.14 -29.08 20.21
C GLU G 111 -4.49 -29.63 19.78
N ARG G 112 -4.57 -30.05 18.52
CA ARG G 112 -5.82 -30.62 18.01
C ARG G 112 -6.40 -31.68 18.96
N ASP G 113 -5.62 -32.71 19.31
CA ASP G 113 -6.18 -33.86 20.02
C ASP G 113 -6.11 -33.85 21.55
N GLY G 114 -5.46 -32.83 22.10
CA GLY G 114 -5.47 -32.56 23.54
C GLY G 114 -4.41 -33.31 24.34
N PHE G 115 -3.31 -33.69 23.73
CA PHE G 115 -2.27 -34.36 24.51
C PHE G 115 -0.98 -33.58 24.68
N SER G 116 -0.25 -33.95 25.72
CA SER G 116 1.08 -33.44 25.99
C SER G 116 2.13 -34.30 25.31
N LEU G 117 3.12 -33.66 24.70
CA LEU G 117 4.15 -34.42 23.99
C LEU G 117 4.91 -35.37 24.89
N ARG G 118 5.05 -35.00 26.17
CA ARG G 118 5.78 -35.81 27.12
C ARG G 118 5.01 -37.08 27.47
N ASP G 119 3.75 -37.15 27.02
CA ASP G 119 3.00 -38.35 27.26
C ASP G 119 3.24 -39.38 26.20
N ARG G 120 3.89 -38.98 25.13
CA ARG G 120 4.17 -39.87 24.02
C ARG G 120 5.57 -40.52 24.12
N THR G 121 5.73 -41.61 23.38
CA THR G 121 6.99 -42.28 23.24
C THR G 121 7.20 -42.34 21.73
N ILE G 122 8.31 -41.77 21.27
CA ILE G 122 8.56 -41.64 19.85
C ILE G 122 9.61 -42.65 19.37
N GLY G 123 9.28 -43.31 18.28
CA GLY G 123 10.13 -44.35 17.72
C GLY G 123 10.64 -43.82 16.41
N ILE G 124 11.96 -43.75 16.33
CA ILE G 124 12.64 -43.18 15.18
C ILE G 124 13.22 -44.33 14.40
N VAL G 125 12.74 -44.53 13.18
CA VAL G 125 13.24 -45.64 12.39
C VAL G 125 14.15 -45.09 11.34
N GLY G 126 15.45 -45.35 11.50
CA GLY G 126 16.49 -44.73 10.68
C GLY G 126 17.07 -43.52 11.41
N VAL G 127 18.22 -43.71 12.02
CA VAL G 127 18.84 -42.65 12.80
C VAL G 127 20.12 -42.13 12.13
N GLY G 128 19.98 -41.50 10.96
CA GLY G 128 21.09 -40.87 10.27
C GLY G 128 21.01 -39.35 10.47
N ASN G 129 21.32 -38.60 9.43
CA ASN G 129 21.24 -37.15 9.53
C ASN G 129 19.94 -36.62 10.12
N VAL G 130 18.81 -37.14 9.65
CA VAL G 130 17.51 -36.61 10.12
C VAL G 130 17.09 -37.22 11.46
N GLY G 131 17.04 -38.55 11.50
CA GLY G 131 16.68 -39.28 12.72
C GLY G 131 17.48 -38.80 13.92
N SER G 132 18.78 -38.63 13.74
CA SER G 132 19.60 -38.22 14.88
C SER G 132 19.39 -36.79 15.36
N ARG G 133 19.06 -35.87 14.45
CA ARG G 133 18.77 -34.50 14.85
C ARG G 133 17.38 -34.44 15.49
N LEU G 134 16.47 -35.28 14.99
CA LEU G 134 15.17 -35.45 15.61
C LEU G 134 15.33 -35.96 17.04
N GLN G 135 16.22 -36.92 17.24
CA GLN G 135 16.37 -37.53 18.55
C GLN G 135 16.94 -36.53 19.53
N THR G 136 18.01 -35.85 19.13
CA THR G 136 18.62 -34.81 19.96
C THR G 136 17.57 -33.81 20.47
N ARG G 137 16.68 -33.36 19.59
CA ARG G 137 15.67 -32.38 19.99
C ARG G 137 14.58 -32.97 20.88
N LEU G 138 14.15 -34.20 20.60
CA LEU G 138 13.20 -34.90 21.47
C LEU G 138 13.74 -35.08 22.89
N GLU G 139 15.00 -35.49 23.01
CA GLU G 139 15.59 -35.67 24.35
C GLU G 139 15.78 -34.37 25.14
N ALA G 140 16.07 -33.28 24.44
CA ALA G 140 16.13 -31.97 25.11
C ALA G 140 14.77 -31.64 25.76
N LEU G 141 13.68 -32.08 25.14
CA LEU G 141 12.33 -31.90 25.66
C LEU G 141 11.97 -32.94 26.71
N GLY G 142 12.87 -33.89 26.92
CA GLY G 142 12.60 -34.98 27.83
C GLY G 142 11.52 -35.89 27.28
N ILE G 143 11.38 -35.95 25.96
CA ILE G 143 10.42 -36.87 25.37
C ILE G 143 11.11 -38.21 25.19
N ARG G 144 10.47 -39.27 25.64
CA ARG G 144 11.03 -40.64 25.54
C ARG G 144 11.09 -41.15 24.11
N THR G 145 12.30 -41.49 23.63
CA THR G 145 12.44 -41.94 22.26
C THR G 145 13.09 -43.31 22.16
N LEU G 146 12.70 -44.04 21.12
CA LEU G 146 13.23 -45.36 20.85
C LEU G 146 13.88 -45.44 19.48
N LEU G 147 15.12 -45.92 19.46
CA LEU G 147 15.92 -45.88 18.24
C LEU G 147 15.90 -47.20 17.51
N CYS G 148 15.54 -47.18 16.23
CA CYS G 148 15.72 -48.32 15.38
C CYS G 148 16.66 -48.00 14.22
N ASP G 149 17.80 -48.71 14.14
CA ASP G 149 18.75 -48.59 13.02
C ASP G 149 19.70 -49.80 12.87
N PRO G 150 19.24 -50.89 12.24
CA PRO G 150 20.05 -52.12 12.08
C PRO G 150 21.47 -51.96 11.49
N PRO G 151 21.61 -51.20 10.37
CA PRO G 151 22.98 -50.98 9.88
C PRO G 151 23.92 -50.42 10.95
N ARG G 152 23.47 -49.40 11.68
CA ARG G 152 24.34 -48.73 12.65
C ARG G 152 24.60 -49.66 13.81
N ALA G 153 23.55 -50.35 14.24
CA ALA G 153 23.72 -51.36 15.27
C ALA G 153 24.78 -52.37 14.82
N ALA G 154 24.69 -52.81 13.56
CA ALA G 154 25.58 -53.86 13.08
C ALA G 154 27.02 -53.37 12.82
N ARG G 155 27.23 -52.07 12.72
CA ARG G 155 28.58 -51.54 12.57
C ARG G 155 29.27 -51.52 13.93
N GLY G 156 28.47 -51.54 15.00
CA GLY G 156 29.02 -51.43 16.34
C GLY G 156 28.91 -50.02 16.88
N ASP G 157 28.04 -49.22 16.27
CA ASP G 157 27.80 -47.85 16.77
C ASP G 157 27.31 -47.87 18.21
N GLU G 158 27.75 -46.91 19.01
CA GLU G 158 27.20 -46.70 20.36
C GLU G 158 25.72 -46.30 20.26
N GLY G 159 24.88 -46.87 21.13
CA GLY G 159 23.47 -46.51 21.10
C GLY G 159 22.53 -47.62 21.55
N ASP G 160 21.29 -47.22 21.81
CA ASP G 160 20.29 -48.09 22.40
C ASP G 160 19.35 -48.63 21.31
N PHE G 161 19.91 -49.28 20.30
CA PHE G 161 19.15 -49.68 19.11
C PHE G 161 18.21 -50.83 19.39
N ARG G 162 16.92 -50.52 19.48
CA ARG G 162 15.89 -51.56 19.61
C ARG G 162 15.50 -52.11 18.23
N THR G 163 14.85 -53.26 18.21
CA THR G 163 14.37 -53.85 16.96
C THR G 163 13.12 -53.11 16.54
N LEU G 164 12.78 -53.18 15.25
CA LEU G 164 11.53 -52.57 14.79
C LEU G 164 10.35 -53.03 15.67
N ASP G 165 10.22 -54.33 15.85
CA ASP G 165 9.16 -54.88 16.72
C ASP G 165 9.04 -54.22 18.09
N GLU G 166 10.19 -54.01 18.76
CA GLU G 166 10.18 -53.37 20.07
C GLU G 166 9.58 -51.97 20.03
N LEU G 167 9.72 -51.31 18.88
CA LEU G 167 9.16 -49.95 18.67
C LEU G 167 7.65 -49.97 18.50
N VAL G 168 7.18 -50.89 17.67
CA VAL G 168 5.75 -51.05 17.50
C VAL G 168 5.11 -51.41 18.86
N GLN G 169 5.78 -52.26 19.62
CA GLN G 169 5.30 -52.60 20.95
C GLN G 169 5.16 -51.38 21.89
N GLU G 170 6.15 -50.49 21.94
CA GLU G 170 6.21 -49.50 23.02
C GLU G 170 5.88 -48.06 22.64
N ALA G 171 5.97 -47.73 21.36
CA ALA G 171 5.89 -46.35 20.92
C ALA G 171 4.51 -46.04 20.42
N ASP G 172 4.05 -44.83 20.70
CA ASP G 172 2.81 -44.32 20.10
C ASP G 172 3.05 -43.20 19.07
N VAL G 173 4.31 -43.07 18.64
CA VAL G 173 4.67 -42.18 17.51
C VAL G 173 5.82 -42.81 16.74
N LEU G 174 5.56 -43.13 15.49
CA LEU G 174 6.52 -43.88 14.73
C LEU G 174 6.87 -43.04 13.52
N THR G 175 8.13 -42.65 13.42
CA THR G 175 8.54 -41.74 12.36
C THR G 175 9.68 -42.32 11.52
N PHE G 176 9.49 -42.34 10.21
CA PHE G 176 10.40 -43.06 9.34
C PHE G 176 11.41 -42.12 8.67
N HIS G 177 12.69 -42.48 8.76
CA HIS G 177 13.81 -41.69 8.21
C HIS G 177 14.92 -42.56 7.58
N THR G 178 14.52 -43.66 6.94
CA THR G 178 15.42 -44.52 6.20
C THR G 178 15.48 -44.08 4.75
N PRO G 179 16.48 -44.58 3.99
CA PRO G 179 16.39 -44.47 2.54
C PRO G 179 15.50 -45.62 2.04
N LEU G 180 15.20 -45.67 0.74
CA LEU G 180 14.45 -46.80 0.18
C LEU G 180 15.38 -47.95 -0.30
N TYR G 181 15.33 -49.08 0.39
CA TYR G 181 16.00 -50.29 -0.08
C TYR G 181 14.98 -51.34 -0.50
N LYS G 182 15.07 -51.77 -1.75
CA LYS G 182 14.14 -52.76 -2.31
C LYS G 182 14.32 -54.13 -1.68
N ASP G 183 15.57 -54.57 -1.54
CA ASP G 183 15.87 -55.87 -0.94
C ASP G 183 17.09 -55.86 -0.02
N GLY G 184 17.72 -57.01 0.14
CA GLY G 184 18.83 -57.16 1.06
C GLY G 184 18.33 -57.28 2.50
N PRO G 185 19.25 -57.41 3.45
CA PRO G 185 18.86 -57.47 4.86
C PRO G 185 18.14 -56.20 5.37
N TYR G 186 18.32 -55.07 4.72
CA TYR G 186 17.78 -53.81 5.24
C TYR G 186 16.62 -53.27 4.37
N LYS G 187 15.85 -54.20 3.82
CA LYS G 187 14.69 -53.90 3.00
C LYS G 187 13.82 -52.93 3.75
N THR G 188 13.57 -51.76 3.17
CA THR G 188 12.71 -50.73 3.76
C THR G 188 11.40 -50.55 2.96
N LEU G 189 11.38 -51.09 1.75
CA LEU G 189 10.19 -51.03 0.94
C LEU G 189 9.10 -51.73 1.74
N HIS G 190 8.03 -51.01 2.03
CA HIS G 190 6.91 -51.55 2.78
C HIS G 190 7.32 -51.99 4.20
N LEU G 191 8.21 -51.24 4.84
CA LEU G 191 8.61 -51.57 6.21
C LEU G 191 7.41 -51.52 7.15
N ALA G 192 6.54 -50.53 6.96
CA ALA G 192 5.25 -50.47 7.66
C ALA G 192 4.16 -51.02 6.76
N ASP G 193 3.96 -52.33 6.83
CA ASP G 193 2.96 -53.00 6.00
C ASP G 193 1.67 -53.17 6.80
N GLU G 194 0.75 -54.02 6.32
CA GLU G 194 -0.52 -54.19 7.01
C GLU G 194 -0.27 -54.78 8.41
N THR G 195 0.68 -55.72 8.48
CA THR G 195 1.10 -56.38 9.73
C THR G 195 1.58 -55.40 10.82
N LEU G 196 2.53 -54.53 10.48
CA LEU G 196 3.01 -53.52 11.43
C LEU G 196 1.95 -52.46 11.73
N ILE G 197 1.30 -51.92 10.69
CA ILE G 197 0.34 -50.86 10.87
C ILE G 197 -0.74 -51.27 11.85
N ARG G 198 -1.36 -52.41 11.56
CA ARG G 198 -2.42 -52.96 12.38
C ARG G 198 -1.98 -53.27 13.82
N ARG G 199 -0.68 -53.44 14.05
CA ARG G 199 -0.20 -53.64 15.43
C ARG G 199 0.09 -52.33 16.16
N LEU G 200 -0.11 -51.19 15.52
CA LEU G 200 0.13 -49.89 16.16
C LEU G 200 -0.88 -49.49 17.26
N LYS G 201 -0.35 -49.15 18.44
CA LYS G 201 -1.15 -48.74 19.61
C LYS G 201 -2.36 -47.88 19.26
N PRO G 202 -3.41 -47.92 20.09
CA PRO G 202 -4.56 -47.04 19.84
C PRO G 202 -4.15 -45.58 19.98
N GLY G 203 -4.42 -44.77 18.97
CA GLY G 203 -4.07 -43.34 19.03
C GLY G 203 -2.62 -43.04 18.70
N ALA G 204 -1.97 -43.94 17.97
CA ALA G 204 -0.57 -43.75 17.58
C ALA G 204 -0.46 -42.81 16.39
N ILE G 205 0.71 -42.18 16.25
CA ILE G 205 0.92 -41.32 15.10
C ILE G 205 2.00 -41.88 14.18
N LEU G 206 1.68 -41.90 12.88
CA LEU G 206 2.56 -42.47 11.90
C LEU G 206 3.04 -41.40 10.93
N ILE G 207 4.35 -41.26 10.84
CA ILE G 207 4.92 -40.17 10.08
C ILE G 207 5.91 -40.69 9.05
N ASN G 208 5.65 -40.32 7.80
CA ASN G 208 6.58 -40.61 6.73
C ASN G 208 6.98 -39.39 5.92
N ALA G 209 8.18 -38.88 6.21
CA ALA G 209 8.82 -37.83 5.43
C ALA G 209 10.19 -38.26 4.88
N CYS G 210 10.38 -39.58 4.68
CA CYS G 210 11.57 -40.09 4.00
C CYS G 210 11.29 -40.48 2.53
N ARG G 211 10.92 -41.72 2.27
CA ARG G 211 10.56 -42.09 0.89
C ARG G 211 9.22 -42.80 0.81
N GLY G 212 8.42 -42.40 -0.17
CA GLY G 212 7.04 -42.87 -0.28
C GLY G 212 6.84 -44.34 0.02
N PRO G 213 7.60 -45.21 -0.66
CA PRO G 213 7.34 -46.66 -0.60
C PRO G 213 7.72 -47.39 0.70
N VAL G 214 8.30 -46.67 1.65
CA VAL G 214 8.58 -47.24 2.95
C VAL G 214 7.28 -47.68 3.67
N VAL G 215 6.23 -46.87 3.52
CA VAL G 215 4.89 -47.16 4.04
C VAL G 215 3.99 -47.73 2.94
N ASP G 216 3.41 -48.92 3.18
CA ASP G 216 2.44 -49.49 2.27
C ASP G 216 1.14 -48.66 2.26
N ASN G 217 1.01 -47.74 1.30
CA ASN G 217 -0.12 -46.81 1.18
C ASN G 217 -1.54 -47.47 1.12
N ALA G 218 -1.71 -48.46 0.24
CA ALA G 218 -2.96 -49.20 0.19
C ALA G 218 -3.37 -49.73 1.58
N ALA G 219 -2.46 -50.46 2.23
CA ALA G 219 -2.75 -51.07 3.54
C ALA G 219 -3.07 -50.04 4.63
N LEU G 220 -2.35 -48.92 4.59
CA LEU G 220 -2.64 -47.76 5.44
C LEU G 220 -4.06 -47.27 5.22
N LEU G 221 -4.36 -46.73 4.04
CA LEU G 221 -5.74 -46.38 3.73
C LEU G 221 -6.76 -47.44 4.22
N ALA G 222 -6.60 -48.71 3.83
CA ALA G 222 -7.49 -49.76 4.31
C ALA G 222 -7.63 -49.76 5.85
N ARG G 223 -6.53 -49.61 6.58
CA ARG G 223 -6.57 -49.55 8.05
C ARG G 223 -7.32 -48.35 8.63
N LEU G 224 -7.13 -47.18 8.02
CA LEU G 224 -7.92 -46.01 8.39
C LEU G 224 -9.42 -46.21 8.13
N ASN G 225 -9.76 -46.71 6.95
CA ASN G 225 -11.17 -46.93 6.60
C ASN G 225 -11.90 -47.73 7.68
N ALA G 226 -11.25 -48.77 8.22
CA ALA G 226 -11.84 -49.62 9.26
C ALA G 226 -11.87 -48.95 10.64
N GLY G 227 -11.47 -47.68 10.70
CA GLY G 227 -11.60 -46.88 11.92
C GLY G 227 -10.52 -47.04 12.99
N GLN G 228 -9.41 -47.72 12.64
CA GLN G 228 -8.32 -47.92 13.60
C GLN G 228 -7.92 -46.57 14.14
N PRO G 229 -7.77 -46.45 15.47
CA PRO G 229 -7.39 -45.19 16.11
C PRO G 229 -5.96 -44.79 15.75
N LEU G 230 -5.83 -44.23 14.55
CA LEU G 230 -4.54 -43.94 13.96
C LEU G 230 -4.48 -42.56 13.26
N SER G 231 -3.70 -41.65 13.83
CA SER G 231 -3.39 -40.42 13.13
C SER G 231 -2.20 -40.66 12.21
N VAL G 232 -2.11 -39.87 11.12
CA VAL G 232 -1.08 -40.07 10.07
C VAL G 232 -0.55 -38.81 9.36
N VAL G 233 0.78 -38.63 9.34
CA VAL G 233 1.43 -37.51 8.64
C VAL G 233 2.31 -37.94 7.47
N LEU G 234 2.02 -37.46 6.27
CA LEU G 234 2.72 -37.92 5.08
C LEU G 234 3.20 -36.78 4.22
N ASP G 235 4.51 -36.71 3.98
CA ASP G 235 5.05 -35.74 3.05
C ASP G 235 5.49 -36.40 1.76
N VAL G 236 5.57 -37.74 1.77
CA VAL G 236 5.99 -38.57 0.61
C VAL G 236 5.00 -39.75 0.40
N TRP G 237 4.79 -40.17 -0.85
CA TRP G 237 3.72 -41.11 -1.19
C TRP G 237 4.17 -42.13 -2.23
N GLU G 238 3.64 -43.35 -2.16
CA GLU G 238 3.86 -44.32 -3.25
C GLU G 238 3.30 -43.70 -4.51
N GLY G 239 4.10 -43.61 -5.56
CA GLY G 239 3.57 -43.18 -6.84
C GLY G 239 3.38 -41.67 -6.96
N GLU G 240 4.28 -40.93 -6.36
CA GLU G 240 4.44 -39.50 -6.65
C GLU G 240 4.85 -39.35 -8.11
N PRO G 241 4.31 -38.34 -8.82
CA PRO G 241 3.41 -37.29 -8.30
C PRO G 241 1.92 -37.69 -8.25
N ASP G 242 1.54 -38.79 -8.90
CA ASP G 242 0.13 -39.17 -8.91
C ASP G 242 -0.22 -40.06 -7.70
N LEU G 243 -0.56 -39.40 -6.61
CA LEU G 243 -0.74 -40.07 -5.33
C LEU G 243 -2.21 -40.44 -5.03
N ASN G 244 -2.41 -41.37 -4.11
CA ASN G 244 -3.74 -41.88 -3.72
C ASN G 244 -4.59 -40.84 -2.97
N VAL G 245 -5.60 -40.34 -3.66
CA VAL G 245 -6.35 -39.21 -3.11
C VAL G 245 -7.23 -39.59 -1.90
N ALA G 246 -7.80 -40.77 -1.94
CA ALA G 246 -8.49 -41.32 -0.76
C ALA G 246 -7.53 -41.32 0.45
N LEU G 247 -6.28 -41.70 0.22
CA LEU G 247 -5.29 -41.66 1.29
C LEU G 247 -5.12 -40.22 1.76
N LEU G 248 -4.85 -39.31 0.83
CA LEU G 248 -4.77 -37.92 1.22
C LEU G 248 -6.00 -37.55 2.10
N GLU G 249 -7.21 -37.81 1.63
CA GLU G 249 -8.39 -37.32 2.36
C GLU G 249 -8.55 -37.97 3.76
N ALA G 250 -7.93 -39.13 3.97
CA ALA G 250 -7.97 -39.79 5.29
C ALA G 250 -6.86 -39.36 6.28
N VAL G 251 -5.67 -39.00 5.79
CA VAL G 251 -4.59 -38.61 6.69
C VAL G 251 -4.78 -37.23 7.30
N ASP G 252 -4.27 -37.05 8.51
CA ASP G 252 -4.35 -35.77 9.19
C ASP G 252 -3.57 -34.65 8.46
N ILE G 253 -2.31 -34.92 8.10
CA ILE G 253 -1.50 -33.98 7.34
C ILE G 253 -0.93 -34.67 6.12
N GLY G 254 -1.12 -34.07 4.96
CA GLY G 254 -0.48 -34.57 3.77
C GLY G 254 0.11 -33.39 3.04
N THR G 255 1.38 -33.52 2.63
CA THR G 255 2.09 -32.43 1.97
C THR G 255 2.93 -32.98 0.83
N SER G 256 3.39 -32.11 -0.05
CA SER G 256 3.88 -32.53 -1.35
C SER G 256 5.42 -32.67 -1.43
N HIS G 257 5.95 -33.63 -0.68
CA HIS G 257 7.40 -33.85 -0.65
C HIS G 257 8.15 -32.51 -0.53
N ILE G 258 7.74 -31.67 0.41
CA ILE G 258 8.44 -30.40 0.59
C ILE G 258 9.15 -30.28 1.93
N ALA G 259 9.21 -31.38 2.69
CA ALA G 259 9.62 -31.29 4.07
C ALA G 259 11.00 -30.68 4.17
N GLY G 260 11.83 -30.91 3.15
CA GLY G 260 13.24 -30.47 3.14
C GLY G 260 13.49 -29.08 2.57
N TYR G 261 12.43 -28.40 2.13
CA TYR G 261 12.57 -27.14 1.36
C TYR G 261 12.58 -25.83 2.18
N THR G 262 13.64 -25.58 2.96
CA THR G 262 13.83 -24.25 3.59
C THR G 262 14.86 -23.41 2.84
N LEU G 263 14.79 -22.09 2.98
CA LEU G 263 15.82 -21.25 2.36
C LEU G 263 17.19 -21.71 2.84
N GLU G 264 17.33 -21.91 4.15
CA GLU G 264 18.57 -22.47 4.74
C GLU G 264 18.93 -23.84 4.13
N GLY G 265 17.94 -24.68 3.93
CA GLY G 265 18.15 -26.02 3.38
C GLY G 265 18.78 -25.96 2.00
N LYS G 266 18.21 -25.11 1.15
CA LYS G 266 18.64 -25.00 -0.22
C LYS G 266 20.03 -24.40 -0.29
N ALA G 267 20.30 -23.42 0.56
CA ALA G 267 21.60 -22.76 0.60
C ALA G 267 22.71 -23.66 1.16
N ARG G 268 22.46 -24.31 2.29
CA ARG G 268 23.47 -25.20 2.88
C ARG G 268 24.12 -26.12 1.88
N GLY G 269 23.34 -26.60 0.94
CA GLY G 269 23.88 -27.44 -0.12
C GLY G 269 25.10 -26.81 -0.77
N THR G 270 25.01 -25.53 -1.13
CA THR G 270 26.11 -24.84 -1.78
C THR G 270 27.20 -24.59 -0.75
N THR G 271 26.73 -24.22 0.42
CA THR G 271 27.54 -23.86 1.56
C THR G 271 28.49 -24.95 2.05
N GLN G 272 27.99 -26.19 2.18
CA GLN G 272 28.84 -27.30 2.63
C GLN G 272 29.93 -27.70 1.61
N VAL G 273 29.61 -27.54 0.33
CA VAL G 273 30.54 -27.86 -0.72
C VAL G 273 31.53 -26.72 -0.84
N PHE G 274 31.05 -25.50 -0.64
CA PHE G 274 31.97 -24.37 -0.64
C PHE G 274 33.00 -24.54 0.47
N GLU G 275 32.53 -24.82 1.68
CA GLU G 275 33.45 -24.94 2.80
C GLU G 275 34.42 -26.07 2.54
N ALA G 276 33.92 -27.20 2.06
CA ALA G 276 34.77 -28.35 1.85
C ALA G 276 35.77 -28.07 0.73
N TYR G 277 35.41 -27.23 -0.22
CA TYR G 277 36.34 -26.94 -1.30
C TYR G 277 37.32 -25.84 -0.91
N SER G 278 36.85 -24.86 -0.16
CA SER G 278 37.78 -23.85 0.33
C SER G 278 38.86 -24.59 1.10
N ALA G 279 38.44 -25.49 2.00
CA ALA G 279 39.38 -26.28 2.80
C ALA G 279 40.41 -27.01 1.96
N PHE G 280 39.91 -27.65 0.92
CA PHE G 280 40.69 -28.50 0.03
C PHE G 280 41.91 -27.82 -0.61
N ILE G 281 41.74 -26.58 -1.06
CA ILE G 281 42.77 -25.88 -1.79
C ILE G 281 43.63 -25.02 -0.86
N GLY G 282 43.48 -25.26 0.44
CA GLY G 282 44.27 -24.56 1.45
C GLY G 282 43.78 -23.15 1.65
N ARG G 283 42.46 -23.00 1.80
CA ARG G 283 41.83 -21.71 2.00
C ARG G 283 40.65 -21.86 2.98
N GLU G 284 40.77 -22.86 3.86
CA GLU G 284 39.79 -23.14 4.90
C GLU G 284 39.07 -21.86 5.30
N GLN G 285 37.81 -21.75 4.91
CA GLN G 285 37.01 -20.54 5.03
C GLN G 285 35.66 -20.93 5.61
N ARG G 286 34.87 -19.96 6.00
CA ARG G 286 33.55 -20.29 6.51
C ARG G 286 32.56 -19.17 6.21
N VAL G 287 31.32 -19.54 5.88
CA VAL G 287 30.29 -18.56 5.55
C VAL G 287 29.12 -18.67 6.52
N ALA G 288 28.63 -17.53 6.98
CA ALA G 288 27.44 -17.51 7.80
C ALA G 288 26.21 -17.43 6.91
N LEU G 289 25.26 -18.34 7.11
CA LEU G 289 24.02 -18.33 6.33
C LEU G 289 23.30 -16.99 6.41
N GLU G 290 23.42 -16.28 7.53
CA GLU G 290 22.71 -15.01 7.67
C GLU G 290 23.26 -13.90 6.78
N THR G 291 24.57 -13.92 6.52
CA THR G 291 25.15 -12.94 5.60
C THR G 291 24.87 -13.27 4.13
N LEU G 292 24.37 -14.48 3.86
CA LEU G 292 24.01 -14.82 2.49
C LEU G 292 22.54 -14.59 2.20
N LEU G 293 21.68 -14.86 3.18
CA LEU G 293 20.23 -14.87 2.93
C LEU G 293 19.55 -13.53 3.19
N PRO G 294 18.43 -13.28 2.52
CA PRO G 294 17.64 -12.12 2.94
C PRO G 294 17.23 -12.28 4.42
N ALA G 295 17.13 -11.16 5.15
CA ALA G 295 16.55 -11.16 6.47
C ALA G 295 15.15 -11.76 6.41
N PRO G 296 14.78 -12.53 7.43
CA PRO G 296 13.45 -13.15 7.52
C PRO G 296 12.37 -12.12 7.81
N GLU G 297 11.09 -12.43 7.47
CA GLU G 297 9.98 -11.57 7.91
C GLU G 297 10.06 -11.27 9.41
N PHE G 298 10.14 -12.32 10.21
CA PHE G 298 10.20 -12.15 11.66
C PHE G 298 11.56 -12.61 12.17
N GLY G 299 12.36 -11.64 12.61
CA GLY G 299 13.71 -11.89 12.97
C GLY G 299 13.95 -11.92 14.47
N ARG G 300 13.14 -11.19 15.22
CA ARG G 300 13.35 -11.12 16.67
C ARG G 300 12.03 -11.10 17.39
N ILE G 301 12.00 -11.71 18.57
CA ILE G 301 10.81 -11.73 19.40
C ILE G 301 11.21 -11.90 20.85
N THR G 302 10.41 -11.32 21.75
CA THR G 302 10.58 -11.55 23.17
C THR G 302 9.53 -12.55 23.71
N LEU G 303 10.02 -13.41 24.60
CA LEU G 303 9.24 -14.37 25.36
C LEU G 303 9.42 -14.05 26.84
N HIS G 304 8.30 -13.82 27.53
CA HIS G 304 8.22 -13.63 28.97
C HIS G 304 7.75 -14.94 29.64
N GLY G 305 8.50 -15.42 30.62
CA GLY G 305 8.14 -16.66 31.30
C GLY G 305 8.70 -17.94 30.67
N PRO G 306 8.28 -19.09 31.21
CA PRO G 306 8.85 -20.37 30.89
C PRO G 306 8.33 -20.90 29.57
N LEU G 307 8.94 -21.97 29.09
CA LEU G 307 8.48 -22.64 27.87
C LEU G 307 7.59 -23.83 28.23
N ASP G 308 6.30 -23.71 28.00
CA ASP G 308 5.43 -24.88 27.95
C ASP G 308 5.01 -25.17 26.51
N GLN G 309 4.35 -26.28 26.30
CA GLN G 309 3.99 -26.70 24.97
C GLN G 309 3.18 -25.68 24.13
N PRO G 310 2.08 -25.11 24.66
CA PRO G 310 1.43 -24.12 23.78
C PRO G 310 2.34 -22.95 23.36
N THR G 311 3.27 -22.55 24.21
CA THR G 311 4.18 -21.46 23.88
C THR G 311 5.14 -21.88 22.78
N LEU G 312 5.63 -23.11 22.89
CA LEU G 312 6.52 -23.67 21.89
C LEU G 312 5.79 -23.83 20.56
N LYS G 313 4.53 -24.26 20.64
CA LYS G 313 3.72 -24.37 19.42
C LYS G 313 3.71 -22.99 18.72
N ARG G 314 3.32 -21.96 19.47
CA ARG G 314 3.33 -20.60 18.89
C ARG G 314 4.65 -20.21 18.23
N LEU G 315 5.77 -20.48 18.90
CA LEU G 315 7.07 -20.14 18.31
C LEU G 315 7.29 -20.90 17.02
N ALA G 316 7.12 -22.20 17.08
CA ALA G 316 7.33 -23.05 15.93
C ALA G 316 6.48 -22.63 14.76
N HIS G 317 5.18 -22.45 14.98
CA HIS G 317 4.24 -22.16 13.90
C HIS G 317 4.32 -20.75 13.34
N LEU G 318 4.85 -19.83 14.14
CA LEU G 318 5.22 -18.52 13.64
C LEU G 318 6.30 -18.63 12.56
N VAL G 319 7.19 -19.62 12.67
CA VAL G 319 8.22 -19.82 11.66
C VAL G 319 7.68 -20.73 10.54
N TYR G 320 7.10 -21.86 10.91
CA TYR G 320 6.53 -22.77 9.94
C TYR G 320 5.35 -23.60 10.43
N ASP G 321 4.16 -23.31 9.91
CA ASP G 321 2.99 -24.11 10.26
C ASP G 321 2.68 -25.04 9.10
N VAL G 322 2.72 -26.34 9.35
CA VAL G 322 2.65 -27.34 8.28
C VAL G 322 1.33 -27.29 7.49
N ARG G 323 0.26 -26.84 8.15
CA ARG G 323 -1.03 -26.62 7.48
C ARG G 323 -0.96 -25.66 6.31
N ARG G 324 0.01 -24.76 6.27
CA ARG G 324 0.07 -23.94 5.09
C ARG G 324 0.50 -24.70 3.83
N ASP G 325 0.98 -25.92 3.97
CA ASP G 325 1.33 -26.75 2.79
C ASP G 325 0.32 -27.90 2.57
N ASP G 326 -0.37 -28.31 3.64
CA ASP G 326 -1.43 -29.34 3.64
C ASP G 326 -2.68 -28.86 2.92
N ALA G 327 -3.04 -27.59 3.13
CA ALA G 327 -4.21 -27.02 2.47
C ALA G 327 -4.11 -26.91 0.92
N PRO G 328 -2.99 -26.39 0.39
CA PRO G 328 -3.02 -26.36 -1.08
C PRO G 328 -2.98 -27.79 -1.71
N LEU G 329 -2.23 -28.70 -1.11
CA LEU G 329 -2.20 -30.05 -1.64
C LEU G 329 -3.61 -30.72 -1.70
N ARG G 330 -4.44 -30.45 -0.69
CA ARG G 330 -5.80 -30.97 -0.64
C ARG G 330 -6.63 -30.42 -1.80
N LYS G 331 -6.31 -29.19 -2.20
CA LYS G 331 -7.05 -28.48 -3.23
C LYS G 331 -6.87 -29.05 -4.62
N VAL G 332 -5.67 -29.52 -4.94
CA VAL G 332 -5.26 -29.81 -6.34
C VAL G 332 -4.68 -31.20 -6.50
N ALA G 333 -4.92 -32.07 -5.53
CA ALA G 333 -4.16 -33.33 -5.43
C ALA G 333 -4.39 -34.38 -6.53
N GLY G 334 -5.59 -34.40 -7.13
CA GLY G 334 -5.80 -35.25 -8.29
C GLY G 334 -5.70 -34.50 -9.63
N ILE G 335 -5.00 -33.37 -9.62
CA ILE G 335 -4.79 -32.63 -10.86
C ILE G 335 -3.35 -32.78 -11.30
N PRO G 336 -3.12 -33.60 -12.33
CA PRO G 336 -1.77 -33.93 -12.84
C PRO G 336 -0.96 -32.65 -13.02
N GLY G 337 0.33 -32.69 -12.71
CA GLY G 337 1.21 -31.55 -12.87
C GLY G 337 1.22 -30.70 -11.63
N GLU G 338 0.07 -30.52 -11.02
CA GLU G 338 -0.07 -29.67 -9.85
C GLU G 338 0.82 -30.09 -8.69
N PHE G 339 0.99 -31.39 -8.49
CA PHE G 339 1.83 -31.82 -7.38
C PHE G 339 3.24 -31.29 -7.55
N ASP G 340 3.82 -31.46 -8.74
CA ASP G 340 5.16 -30.93 -9.01
C ASP G 340 5.18 -29.37 -9.11
N LYS G 341 4.03 -28.75 -9.28
CA LYS G 341 3.98 -27.26 -9.27
C LYS G 341 4.10 -26.66 -7.85
N LEU G 342 3.53 -27.35 -6.90
CA LEU G 342 3.64 -26.94 -5.50
C LEU G 342 5.11 -26.91 -5.08
N ARG G 343 5.88 -27.89 -5.57
CA ARG G 343 7.34 -27.99 -5.35
C ARG G 343 8.15 -26.91 -6.05
N LYS G 344 7.85 -26.67 -7.32
CA LYS G 344 8.62 -25.73 -8.10
C LYS G 344 8.37 -24.33 -7.58
N ASN G 345 7.11 -24.04 -7.31
CA ASN G 345 6.72 -22.69 -6.94
C ASN G 345 6.71 -22.45 -5.43
N TYR G 346 7.35 -23.34 -4.68
CA TYR G 346 7.39 -23.25 -3.22
C TYR G 346 7.83 -21.88 -2.68
N LEU G 347 7.04 -21.32 -1.77
CA LEU G 347 7.34 -20.04 -1.14
C LEU G 347 8.32 -20.16 0.02
N GLU G 348 8.97 -19.04 0.31
CA GLU G 348 10.00 -18.93 1.35
C GLU G 348 9.51 -19.49 2.68
N ARG G 349 10.22 -20.52 3.16
CA ARG G 349 10.10 -21.00 4.53
C ARG G 349 11.46 -20.95 5.20
N ARG G 350 11.50 -20.44 6.43
CA ARG G 350 12.73 -20.37 7.19
C ARG G 350 12.84 -21.43 8.29
N GLU G 351 14.05 -21.58 8.84
CA GLU G 351 14.31 -22.45 9.98
C GLU G 351 14.27 -21.71 11.31
N TRP G 352 14.02 -22.45 12.41
CA TRP G 352 13.91 -21.83 13.72
C TRP G 352 15.10 -20.93 14.11
N SER G 353 16.27 -21.25 13.60
CA SER G 353 17.44 -20.50 13.98
C SER G 353 17.42 -19.11 13.38
N SER G 354 16.48 -18.86 12.48
CA SER G 354 16.39 -17.54 11.84
C SER G 354 15.68 -16.58 12.74
N LEU G 355 15.21 -17.06 13.90
CA LEU G 355 14.44 -16.26 14.83
C LEU G 355 15.21 -16.12 16.13
N TYR G 356 15.55 -14.87 16.48
CA TYR G 356 16.23 -14.54 17.71
C TYR G 356 15.19 -14.38 18.79
N VAL G 357 15.18 -15.29 19.77
CA VAL G 357 14.23 -15.21 20.87
C VAL G 357 14.91 -14.72 22.15
N CYS G 359 14.64 -14.24 25.89
CA CYS G 359 13.87 -14.80 26.99
C CYS G 359 14.29 -14.20 28.32
N ASP G 360 13.34 -13.71 29.10
CA ASP G 360 13.67 -13.33 30.48
C ASP G 360 13.86 -14.54 31.39
N ASP G 361 13.45 -15.72 30.96
CA ASP G 361 13.60 -16.94 31.76
C ASP G 361 14.74 -17.82 31.22
N GLU G 362 15.74 -18.01 32.05
CA GLU G 362 16.97 -18.73 31.73
C GLU G 362 16.68 -20.12 31.19
N THR G 363 15.75 -20.82 31.82
CA THR G 363 15.42 -22.19 31.41
C THR G 363 14.75 -22.20 30.02
N ALA G 364 13.90 -21.22 29.75
CA ALA G 364 13.31 -21.12 28.40
C ALA G 364 14.39 -20.90 27.33
N ALA G 365 15.29 -19.95 27.54
CA ALA G 365 16.39 -19.72 26.60
C ALA G 365 17.19 -20.98 26.34
N ALA G 366 17.61 -21.65 27.41
CA ALA G 366 18.48 -22.80 27.28
C ALA G 366 17.81 -23.93 26.53
N LEU G 367 16.52 -24.14 26.76
CA LEU G 367 15.79 -25.19 26.06
C LEU G 367 15.56 -24.84 24.58
N LEU G 368 15.31 -23.57 24.31
CA LEU G 368 14.98 -23.17 22.94
C LEU G 368 16.22 -23.31 22.07
N CYS G 369 17.39 -23.02 22.64
CA CYS G 369 18.67 -23.28 21.95
C CYS G 369 18.86 -24.73 21.60
N LYS G 370 18.54 -25.61 22.54
CA LYS G 370 18.67 -27.02 22.27
C LYS G 370 17.72 -27.36 21.14
N LEU G 371 16.58 -26.71 21.06
CA LEU G 371 15.65 -27.04 19.99
C LEU G 371 16.03 -26.43 18.65
N GLY G 372 16.95 -25.48 18.67
CA GLY G 372 17.46 -24.90 17.42
C GLY G 372 16.94 -23.50 17.10
N PHE G 373 16.33 -22.84 18.07
CA PHE G 373 16.04 -21.41 17.94
C PHE G 373 17.29 -20.68 18.36
N ASN G 374 17.46 -19.46 17.89
CA ASN G 374 18.55 -18.64 18.36
C ASN G 374 18.14 -17.87 19.59
N ALA G 375 18.18 -18.54 20.74
CA ALA G 375 17.64 -17.96 21.97
C ALA G 375 18.72 -17.48 22.95
N VAL G 376 18.36 -16.52 23.79
CA VAL G 376 19.25 -15.95 24.77
C VAL G 376 18.47 -15.53 25.98
N HIS G 377 19.16 -15.48 27.11
CA HIS G 377 18.55 -15.03 28.34
C HIS G 377 18.92 -13.58 28.59
N HIS G 378 17.90 -12.71 28.67
CA HIS G 378 18.11 -11.30 29.00
C HIS G 378 18.55 -11.11 30.47
N ASN H 2 38.19 -23.42 -28.90
CA ASN H 2 39.36 -22.61 -28.46
C ASN H 2 39.00 -21.13 -28.27
N ALA H 3 38.18 -20.87 -27.24
CA ALA H 3 37.42 -19.63 -27.09
C ALA H 3 38.26 -18.37 -26.83
N LYS H 5 39.63 -15.04 -25.25
CA LYS H 5 39.67 -14.51 -23.89
C LYS H 5 39.50 -13.00 -23.90
N ILE H 6 38.51 -12.50 -23.16
CA ILE H 6 38.15 -11.09 -23.20
C ILE H 6 38.24 -10.45 -21.81
N LEU H 7 39.10 -9.45 -21.66
CA LEU H 7 39.22 -8.76 -20.39
C LEU H 7 38.31 -7.55 -20.38
N VAL H 8 37.54 -7.42 -19.30
CA VAL H 8 36.60 -6.31 -19.18
C VAL H 8 36.79 -5.58 -17.86
N ASP H 9 36.79 -4.25 -17.92
CA ASP H 9 36.81 -3.46 -16.70
C ASP H 9 35.60 -3.87 -15.86
N GLU H 10 35.86 -4.24 -14.62
CA GLU H 10 34.86 -4.85 -13.74
C GLU H 10 33.71 -3.91 -13.36
N ASN H 11 33.75 -2.67 -13.82
CA ASN H 11 32.70 -1.72 -13.45
C ASN H 11 31.89 -1.25 -14.64
N PRO H 13 29.01 -1.49 -17.29
CA PRO H 13 27.69 -2.14 -17.21
C PRO H 13 27.42 -3.18 -18.32
N TYR H 14 26.75 -4.28 -17.94
CA TYR H 14 26.40 -5.38 -18.84
C TYR H 14 27.58 -6.07 -19.52
N ALA H 15 28.80 -5.88 -18.99
CA ALA H 15 30.00 -6.49 -19.59
C ALA H 15 29.97 -8.03 -19.71
N ARG H 16 29.84 -8.73 -18.59
CA ARG H 16 29.75 -10.20 -18.64
C ARG H 16 28.52 -10.66 -19.44
N GLU H 17 27.35 -10.11 -19.14
CA GLU H 17 26.13 -10.51 -19.83
C GLU H 17 26.34 -10.53 -21.35
N LEU H 18 26.99 -9.48 -21.86
CA LEU H 18 27.10 -9.27 -23.30
C LEU H 18 28.29 -10.01 -23.93
N PHE H 19 29.46 -9.89 -23.31
CA PHE H 19 30.66 -10.46 -23.91
C PHE H 19 30.78 -11.97 -23.76
N SER H 20 30.22 -12.55 -22.70
CA SER H 20 30.31 -14.00 -22.51
C SER H 20 29.57 -14.77 -23.62
N ARG H 21 28.99 -14.02 -24.55
CA ARG H 21 28.44 -14.58 -25.77
C ARG H 21 29.55 -14.83 -26.79
N LEU H 22 30.63 -14.07 -26.68
CA LEU H 22 31.70 -14.14 -27.65
C LEU H 22 32.94 -14.91 -27.17
N GLY H 23 33.13 -14.98 -25.84
CA GLY H 23 34.23 -15.77 -25.28
C GLY H 23 34.27 -15.92 -23.77
N GLU H 24 35.38 -16.46 -23.29
CA GLU H 24 35.71 -16.44 -21.88
C GLU H 24 35.80 -14.97 -21.54
N VAL H 25 35.18 -14.57 -20.44
CA VAL H 25 35.27 -13.18 -20.02
C VAL H 25 35.73 -13.12 -18.56
N LYS H 26 36.78 -12.34 -18.31
CA LYS H 26 37.29 -12.12 -16.97
C LYS H 26 37.17 -10.66 -16.60
N ALA H 27 36.58 -10.39 -15.44
CA ALA H 27 36.46 -9.02 -14.98
C ALA H 27 37.76 -8.61 -14.29
N VAL H 28 38.20 -7.40 -14.58
CA VAL H 28 39.49 -6.93 -14.14
C VAL H 28 39.35 -5.47 -13.68
N PRO H 29 40.12 -5.05 -12.66
CA PRO H 29 40.10 -3.63 -12.31
C PRO H 29 40.84 -2.87 -13.41
N GLY H 30 40.52 -1.58 -13.59
CA GLY H 30 41.06 -0.85 -14.73
C GLY H 30 42.38 -0.15 -14.50
N ARG H 31 42.86 -0.25 -13.25
CA ARG H 31 44.02 0.51 -12.79
C ARG H 31 44.38 -0.04 -11.41
N PRO H 32 45.39 -0.92 -11.35
CA PRO H 32 46.13 -1.48 -12.48
C PRO H 32 45.59 -2.85 -12.96
N ILE H 33 45.80 -3.16 -14.23
CA ILE H 33 45.45 -4.48 -14.79
C ILE H 33 46.61 -5.48 -14.66
N PRO H 34 46.41 -6.58 -13.91
CA PRO H 34 47.50 -7.51 -13.69
C PRO H 34 48.05 -7.94 -15.05
N VAL H 35 49.35 -8.18 -15.12
CA VAL H 35 50.02 -8.35 -16.42
C VAL H 35 49.88 -9.78 -16.92
N GLU H 36 49.88 -10.72 -15.97
CA GLU H 36 49.60 -12.14 -16.22
C GLU H 36 48.30 -12.30 -17.02
N GLU H 37 47.36 -11.41 -16.75
CA GLU H 37 46.04 -11.43 -17.36
C GLU H 37 46.09 -10.90 -18.80
N LEU H 38 46.72 -9.74 -19.00
CA LEU H 38 46.91 -9.18 -20.33
C LEU H 38 47.68 -10.15 -21.24
N ASN H 39 48.66 -10.84 -20.68
CA ASN H 39 49.48 -11.80 -21.44
C ASN H 39 48.74 -13.03 -21.97
N HIS H 40 47.53 -13.30 -21.47
CA HIS H 40 46.79 -14.46 -21.94
C HIS H 40 45.47 -14.05 -22.55
N ALA H 41 45.31 -12.74 -22.72
CA ALA H 41 44.04 -12.20 -23.22
C ALA H 41 44.05 -12.06 -24.75
N ASP H 42 42.86 -12.13 -25.34
CA ASP H 42 42.69 -11.90 -26.77
C ASP H 42 42.17 -10.49 -27.07
N ALA H 43 41.38 -9.93 -26.14
CA ALA H 43 40.79 -8.62 -26.33
C ALA H 43 40.58 -7.87 -24.99
N LEU H 44 40.83 -6.56 -24.98
CA LEU H 44 40.64 -5.74 -23.79
C LEU H 44 39.56 -4.63 -23.94
N VAL H 46 37.99 -1.52 -21.96
CA VAL H 46 38.34 -0.62 -20.88
C VAL H 46 37.39 0.58 -20.73
N ARG H 47 37.50 1.28 -19.60
CA ARG H 47 36.88 2.60 -19.46
C ARG H 47 37.99 3.65 -19.36
N SER H 48 37.66 4.90 -19.06
CA SER H 48 38.66 5.97 -19.18
C SER H 48 39.80 5.95 -18.17
N VAL H 49 39.74 5.06 -17.19
CA VAL H 49 40.78 4.99 -16.15
C VAL H 49 42.03 4.24 -16.63
N THR H 50 41.92 3.54 -17.73
CA THR H 50 43.07 2.77 -18.24
C THR H 50 43.75 3.50 -19.38
N LYS H 51 45.03 3.83 -19.20
CA LYS H 51 45.80 4.41 -20.28
C LYS H 51 46.23 3.27 -21.20
N VAL H 52 45.81 3.33 -22.47
CA VAL H 52 46.12 2.26 -23.41
C VAL H 52 47.22 2.75 -24.35
N ASN H 53 48.37 2.10 -24.30
CA ASN H 53 49.55 2.58 -25.03
C ASN H 53 50.55 1.44 -25.19
N GLU H 54 51.74 1.71 -25.72
CA GLU H 54 52.74 0.67 -25.87
C GLU H 54 53.11 -0.02 -24.54
N SER H 55 53.18 0.72 -23.44
CA SER H 55 53.58 0.13 -22.16
C SER H 55 52.61 -0.92 -21.63
N LEU H 56 51.32 -0.74 -21.89
CA LEU H 56 50.33 -1.71 -21.44
C LEU H 56 50.29 -2.96 -22.32
N LEU H 57 50.35 -2.79 -23.63
CA LEU H 57 49.98 -3.91 -24.53
C LEU H 57 51.13 -4.62 -25.24
N SER H 58 52.31 -4.01 -25.20
CA SER H 58 53.45 -4.53 -25.92
C SER H 58 53.65 -6.03 -25.60
N GLY H 59 53.89 -6.85 -26.62
CA GLY H 59 54.21 -8.27 -26.40
C GLY H 59 53.07 -9.17 -25.96
N THR H 60 51.90 -8.58 -25.73
CA THR H 60 50.70 -9.33 -25.38
C THR H 60 50.00 -9.77 -26.64
N PRO H 61 49.18 -10.81 -26.54
CA PRO H 61 48.43 -11.31 -27.70
C PRO H 61 47.14 -10.53 -27.99
N ILE H 62 46.92 -9.39 -27.34
CA ILE H 62 45.69 -8.65 -27.52
C ILE H 62 45.57 -8.03 -28.92
N ASN H 63 44.59 -8.45 -29.70
CA ASN H 63 44.44 -7.91 -31.06
C ASN H 63 43.27 -6.91 -31.21
N PHE H 64 42.64 -6.55 -30.11
CA PHE H 64 41.53 -5.58 -30.16
C PHE H 64 41.40 -4.82 -28.87
N VAL H 65 41.26 -3.50 -28.96
CA VAL H 65 40.94 -2.75 -27.77
C VAL H 65 39.58 -2.04 -27.89
N GLY H 66 38.75 -2.23 -26.88
CA GLY H 66 37.48 -1.55 -26.79
C GLY H 66 37.43 -0.55 -25.65
N THR H 67 36.88 0.62 -25.91
CA THR H 67 36.65 1.54 -24.81
C THR H 67 35.19 2.02 -24.80
N ALA H 68 34.43 1.56 -23.80
CA ALA H 68 33.01 1.90 -23.60
C ALA H 68 32.90 3.35 -23.19
N THR H 69 33.12 4.22 -24.15
CA THR H 69 33.43 5.58 -23.80
C THR H 69 33.33 6.44 -25.05
N ALA H 70 32.71 7.60 -24.90
CA ALA H 70 32.60 8.55 -26.02
C ALA H 70 33.95 9.13 -26.46
N GLY H 71 34.89 9.31 -25.53
CA GLY H 71 36.14 10.02 -25.83
C GLY H 71 37.35 9.10 -25.91
N THR H 72 38.47 9.57 -26.45
CA THR H 72 39.62 8.70 -26.68
C THR H 72 40.95 9.29 -26.17
N ASP H 73 40.88 10.16 -25.17
CA ASP H 73 42.09 10.77 -24.61
C ASP H 73 43.04 9.80 -23.95
N HIS H 74 42.49 8.75 -23.33
CA HIS H 74 43.31 7.80 -22.59
C HIS H 74 43.91 6.72 -23.50
N VAL H 75 43.77 6.88 -24.81
CA VAL H 75 44.19 5.85 -25.76
C VAL H 75 45.19 6.38 -26.80
N ASP H 76 46.33 5.70 -26.96
CA ASP H 76 47.26 6.02 -28.03
C ASP H 76 46.79 5.34 -29.33
N GLU H 77 45.82 5.97 -30.00
CA GLU H 77 45.30 5.38 -31.24
C GLU H 77 46.38 5.17 -32.33
N ALA H 78 47.29 6.11 -32.46
CA ALA H 78 48.34 5.97 -33.46
C ALA H 78 49.13 4.67 -33.18
N TRP H 79 49.66 4.54 -31.98
CA TRP H 79 50.33 3.30 -31.63
C TRP H 79 49.50 2.04 -31.96
N LEU H 80 48.23 2.01 -31.59
CA LEU H 80 47.37 0.88 -31.93
C LEU H 80 47.34 0.59 -33.45
N LYS H 81 47.23 1.64 -34.27
CA LYS H 81 47.34 1.48 -35.72
C LYS H 81 48.69 0.86 -36.14
N GLN H 82 49.79 1.42 -35.66
CA GLN H 82 51.12 0.90 -35.96
C GLN H 82 51.20 -0.61 -35.64
N ALA H 83 50.70 -1.01 -34.48
CA ALA H 83 50.80 -2.41 -34.03
C ALA H 83 49.77 -3.38 -34.66
N GLY H 84 48.87 -2.88 -35.50
CA GLY H 84 47.78 -3.69 -36.11
C GLY H 84 46.63 -4.10 -35.18
N ILE H 85 46.42 -3.36 -34.09
CA ILE H 85 45.44 -3.75 -33.09
C ILE H 85 44.10 -3.05 -33.35
N GLY H 86 43.04 -3.84 -33.40
CA GLY H 86 41.70 -3.30 -33.60
C GLY H 86 41.34 -2.37 -32.47
N PHE H 87 40.65 -1.29 -32.80
CA PHE H 87 40.19 -0.35 -31.80
C PHE H 87 38.76 0.04 -32.03
N SER H 88 38.03 0.24 -30.95
CA SER H 88 36.74 0.88 -31.05
C SER H 88 36.45 1.65 -29.78
N ALA H 89 35.88 2.83 -29.95
CA ALA H 89 35.38 3.60 -28.82
C ALA H 89 33.85 3.42 -28.83
N ALA H 90 33.11 4.41 -28.36
CA ALA H 90 31.65 4.39 -28.46
C ALA H 90 31.18 5.79 -28.79
N PRO H 91 31.59 6.29 -29.98
CA PRO H 91 31.32 7.69 -30.28
C PRO H 91 29.83 7.95 -30.27
N GLY H 92 29.44 8.97 -29.51
CA GLY H 92 28.08 9.38 -29.47
C GLY H 92 27.23 8.60 -28.51
N CYS H 93 27.83 7.64 -27.78
CA CYS H 93 27.03 6.78 -26.90
C CYS H 93 26.09 7.62 -26.02
N ASN H 94 26.55 8.77 -25.58
CA ASN H 94 25.77 9.56 -24.68
C ASN H 94 25.20 10.83 -25.31
N ALA H 95 25.26 10.94 -26.63
CA ALA H 95 24.84 12.17 -27.33
C ALA H 95 23.34 12.48 -27.19
N ILE H 96 22.51 11.45 -27.16
CA ILE H 96 21.07 11.66 -27.14
C ILE H 96 20.62 12.09 -25.76
N ALA H 97 21.30 11.56 -24.75
CA ALA H 97 21.08 12.02 -23.41
C ALA H 97 21.26 13.53 -23.40
N VAL H 98 22.36 14.00 -23.96
CA VAL H 98 22.68 15.41 -23.86
C VAL H 98 21.69 16.26 -24.63
N VAL H 99 21.21 15.76 -25.77
CA VAL H 99 20.30 16.50 -26.63
C VAL H 99 18.92 16.59 -26.04
N GLU H 100 18.50 15.55 -25.35
CA GLU H 100 17.18 15.52 -24.75
C GLU H 100 17.17 16.35 -23.47
N TYR H 101 18.36 16.50 -22.90
CA TYR H 101 18.59 17.38 -21.77
C TYR H 101 18.46 18.81 -22.25
N VAL H 102 19.05 19.11 -23.40
CA VAL H 102 18.98 20.48 -23.93
C VAL H 102 17.54 20.86 -24.27
N PHE H 103 16.81 19.90 -24.85
CA PHE H 103 15.42 20.13 -25.19
C PHE H 103 14.59 20.31 -23.94
N SER H 104 14.90 19.53 -22.91
CA SER H 104 14.20 19.62 -21.63
C SER H 104 14.32 21.04 -21.08
N ALA H 105 15.54 21.58 -21.12
CA ALA H 105 15.80 22.90 -20.58
C ALA H 105 15.06 23.97 -21.40
N LEU H 106 15.18 23.90 -22.73
CA LEU H 106 14.55 24.86 -23.64
C LEU H 106 13.02 24.87 -23.59
N LEU H 107 12.44 23.69 -23.43
CA LEU H 107 10.99 23.56 -23.32
C LEU H 107 10.53 24.15 -21.99
N LEU H 109 12.07 26.69 -20.51
CA LEU H 109 12.23 28.13 -20.61
C LEU H 109 11.16 28.73 -21.52
N ALA H 110 10.83 28.04 -22.62
CA ALA H 110 9.79 28.50 -23.53
C ALA H 110 8.43 28.66 -22.85
N GLU H 111 8.11 27.74 -21.92
CA GLU H 111 6.87 27.85 -21.12
C GLU H 111 6.98 28.94 -20.08
N ARG H 112 8.07 28.90 -19.32
CA ARG H 112 8.26 29.93 -18.31
C ARG H 112 8.12 31.34 -18.92
N ASP H 113 8.83 31.60 -20.02
CA ASP H 113 8.87 32.94 -20.62
C ASP H 113 7.87 33.22 -21.74
N GLY H 114 7.12 32.20 -22.16
CA GLY H 114 6.04 32.40 -23.10
C GLY H 114 6.50 32.71 -24.52
N PHE H 115 7.58 32.08 -24.97
CA PHE H 115 7.93 32.21 -26.39
C PHE H 115 7.70 30.91 -27.12
N SER H 116 7.62 30.98 -28.44
CA SER H 116 7.57 29.79 -29.26
C SER H 116 8.97 29.41 -29.74
N LEU H 117 9.28 28.12 -29.74
CA LEU H 117 10.60 27.67 -30.14
C LEU H 117 10.93 28.04 -31.58
N ARG H 118 9.90 27.98 -32.42
CA ARG H 118 10.04 28.17 -33.83
C ARG H 118 10.22 29.64 -34.16
N ASP H 119 10.37 30.49 -33.14
CA ASP H 119 10.63 31.91 -33.33
C ASP H 119 12.06 32.21 -32.86
N ARG H 120 12.76 31.17 -32.47
CA ARG H 120 14.11 31.31 -31.95
C ARG H 120 15.10 30.84 -33.01
N THR H 121 16.32 31.35 -32.93
CA THR H 121 17.39 30.94 -33.84
C THR H 121 18.45 30.30 -32.98
N ILE H 122 18.77 29.05 -33.30
CA ILE H 122 19.71 28.32 -32.45
C ILE H 122 21.07 28.16 -33.08
N GLY H 123 22.06 28.79 -32.48
CA GLY H 123 23.43 28.60 -32.89
C GLY H 123 24.07 27.45 -32.12
N ILE H 124 24.50 26.44 -32.86
CA ILE H 124 25.19 25.28 -32.32
C ILE H 124 26.69 25.45 -32.54
N VAL H 125 27.46 25.49 -31.46
CA VAL H 125 28.90 25.57 -31.61
C VAL H 125 29.54 24.23 -31.36
N GLY H 126 30.16 23.68 -32.40
CA GLY H 126 30.70 22.33 -32.36
C GLY H 126 29.63 21.47 -32.94
N VAL H 127 29.82 20.92 -34.13
CA VAL H 127 28.75 20.10 -34.70
C VAL H 127 29.15 18.63 -34.92
N GLY H 128 29.45 17.92 -33.84
CA GLY H 128 29.86 16.52 -33.94
C GLY H 128 28.72 15.66 -33.43
N ASN H 129 29.08 14.56 -32.79
CA ASN H 129 28.08 13.62 -32.30
C ASN H 129 26.82 14.24 -31.64
N VAL H 130 27.01 15.22 -30.76
CA VAL H 130 25.92 15.83 -30.03
C VAL H 130 25.34 16.94 -30.88
N GLY H 131 26.23 17.76 -31.42
CA GLY H 131 25.80 18.94 -32.16
C GLY H 131 24.92 18.55 -33.34
N SER H 132 25.36 17.58 -34.11
CA SER H 132 24.57 17.17 -35.27
C SER H 132 23.26 16.44 -34.93
N ARG H 133 23.16 15.81 -33.76
CA ARG H 133 21.87 15.22 -33.34
C ARG H 133 20.88 16.31 -32.90
N LEU H 134 21.40 17.30 -32.22
CA LEU H 134 20.62 18.49 -31.89
C LEU H 134 20.07 19.13 -33.18
N GLN H 135 20.95 19.36 -34.15
CA GLN H 135 20.59 19.88 -35.48
C GLN H 135 19.41 19.16 -36.13
N THR H 136 19.61 17.88 -36.46
CA THR H 136 18.55 17.03 -36.98
C THR H 136 17.25 17.35 -36.26
N ARG H 137 17.26 17.38 -34.95
CA ARG H 137 15.98 17.45 -34.21
C ARG H 137 15.35 18.85 -34.23
N LEU H 138 16.16 19.88 -34.18
CA LEU H 138 15.68 21.24 -34.31
C LEU H 138 15.14 21.48 -35.71
N GLU H 139 15.83 20.94 -36.70
CA GLU H 139 15.39 21.12 -38.07
C GLU H 139 14.10 20.38 -38.38
N ALA H 140 13.94 19.20 -37.78
CA ALA H 140 12.72 18.43 -37.92
C ALA H 140 11.53 19.20 -37.36
N LEU H 141 11.81 20.15 -36.47
CA LEU H 141 10.79 20.93 -35.82
C LEU H 141 10.64 22.22 -36.58
N GLY H 142 11.48 22.38 -37.60
CA GLY H 142 11.49 23.57 -38.42
C GLY H 142 12.06 24.79 -37.70
N ILE H 143 12.84 24.55 -36.66
CA ILE H 143 13.52 25.63 -35.93
C ILE H 143 14.81 26.01 -36.67
N ARG H 144 15.05 27.30 -36.82
CA ARG H 144 16.20 27.77 -37.59
C ARG H 144 17.47 27.58 -36.77
N THR H 145 18.46 26.94 -37.38
CA THR H 145 19.71 26.67 -36.69
C THR H 145 20.89 27.16 -37.51
N LEU H 146 21.89 27.68 -36.79
CA LEU H 146 23.13 28.09 -37.41
C LEU H 146 24.19 27.16 -36.84
N LEU H 147 25.11 26.72 -37.69
CA LEU H 147 26.15 25.81 -37.27
C LEU H 147 27.48 26.52 -37.26
N CYS H 148 28.25 26.30 -36.19
CA CYS H 148 29.62 26.76 -36.12
C CYS H 148 30.55 25.60 -35.76
N ASP H 149 31.52 25.31 -36.64
CA ASP H 149 32.50 24.22 -36.45
C ASP H 149 33.65 24.32 -37.44
N PRO H 150 34.62 25.22 -37.20
CA PRO H 150 35.69 25.40 -38.17
C PRO H 150 36.50 24.13 -38.48
N PRO H 151 36.73 23.25 -37.48
CA PRO H 151 37.41 22.02 -37.89
C PRO H 151 36.65 21.25 -38.98
N ARG H 152 35.34 21.31 -38.99
CA ARG H 152 34.61 20.70 -40.10
C ARG H 152 34.66 21.55 -41.38
N ALA H 153 34.65 22.87 -41.26
CA ALA H 153 34.77 23.76 -42.42
C ALA H 153 36.14 23.64 -43.09
N ALA H 154 37.20 23.59 -42.30
CA ALA H 154 38.56 23.47 -42.82
C ALA H 154 38.80 22.11 -43.46
N ARG H 155 38.11 21.08 -42.99
CA ARG H 155 38.18 19.77 -43.62
C ARG H 155 37.43 19.77 -44.96
N GLY H 156 36.55 20.75 -45.15
CA GLY H 156 35.82 20.87 -46.40
C GLY H 156 34.50 20.12 -46.36
N ASP H 157 34.09 19.71 -45.16
CA ASP H 157 32.79 19.09 -44.95
C ASP H 157 31.73 19.97 -45.55
N GLU H 158 30.70 19.35 -46.12
CA GLU H 158 29.63 20.14 -46.72
C GLU H 158 28.57 20.51 -45.68
N GLY H 159 28.22 21.79 -45.65
CA GLY H 159 27.24 22.31 -44.71
C GLY H 159 27.31 23.82 -44.67
N ASP H 160 26.27 24.44 -44.13
CA ASP H 160 26.26 25.88 -44.00
C ASP H 160 27.05 26.26 -42.74
N PHE H 161 28.37 26.18 -42.84
CA PHE H 161 29.23 26.47 -41.68
C PHE H 161 29.48 27.97 -41.56
N ARG H 162 28.94 28.57 -40.51
CA ARG H 162 29.14 29.99 -40.27
C ARG H 162 30.22 30.19 -39.22
N THR H 163 30.74 31.40 -39.15
CA THR H 163 31.70 31.74 -38.11
C THR H 163 30.97 31.99 -36.81
N LEU H 164 31.72 31.91 -35.72
CA LEU H 164 31.23 32.15 -34.41
C LEU H 164 30.54 33.51 -34.35
N ASP H 165 31.28 34.55 -34.68
CA ASP H 165 30.75 35.92 -34.65
C ASP H 165 29.43 36.09 -35.38
N GLU H 166 29.23 35.33 -36.45
CA GLU H 166 27.96 35.37 -37.19
C GLU H 166 26.83 34.81 -36.37
N LEU H 167 27.11 33.75 -35.62
CA LEU H 167 26.12 33.18 -34.72
C LEU H 167 25.76 34.22 -33.67
N VAL H 168 26.77 34.91 -33.14
CA VAL H 168 26.51 35.90 -32.13
C VAL H 168 25.61 37.06 -32.60
N GLN H 169 25.62 37.35 -33.91
CA GLN H 169 24.74 38.40 -34.47
C GLN H 169 23.29 37.95 -34.67
N GLU H 170 23.12 36.72 -35.16
CA GLU H 170 21.81 36.27 -35.63
C GLU H 170 21.09 35.25 -34.72
N ALA H 171 21.77 34.75 -33.70
CA ALA H 171 21.16 33.74 -32.83
C ALA H 171 20.83 34.28 -31.44
N ASP H 172 19.68 33.83 -30.93
CA ASP H 172 19.23 34.10 -29.55
C ASP H 172 19.27 32.84 -28.68
N VAL H 173 19.68 31.72 -29.25
CA VAL H 173 20.07 30.57 -28.44
C VAL H 173 21.45 30.08 -28.86
N LEU H 174 22.37 29.96 -27.90
CA LEU H 174 23.73 29.56 -28.20
C LEU H 174 24.18 28.40 -27.30
N THR H 175 24.54 27.30 -27.93
CA THR H 175 24.80 26.06 -27.23
C THR H 175 26.13 25.43 -27.69
N PHE H 176 26.93 25.02 -26.71
CA PHE H 176 28.32 24.60 -26.95
C PHE H 176 28.52 23.09 -26.83
N HIS H 177 29.11 22.52 -27.87
CA HIS H 177 29.35 21.07 -27.92
C HIS H 177 30.72 20.76 -28.53
N THR H 178 31.72 21.49 -28.06
CA THR H 178 33.09 21.34 -28.51
C THR H 178 33.84 20.56 -27.42
N PRO H 179 34.96 19.92 -27.77
CA PRO H 179 35.81 19.45 -26.68
C PRO H 179 36.59 20.64 -26.08
N LEU H 180 37.39 20.39 -25.03
CA LEU H 180 38.22 21.45 -24.50
C LEU H 180 39.62 21.41 -25.12
N TYR H 181 39.93 22.44 -25.91
CA TYR H 181 41.28 22.65 -26.44
C TYR H 181 41.88 23.88 -25.78
N LYS H 182 43.05 23.71 -25.19
CA LYS H 182 43.66 24.78 -24.41
C LYS H 182 44.34 25.79 -25.31
N ASP H 183 44.71 25.37 -26.52
CA ASP H 183 45.35 26.27 -27.51
C ASP H 183 45.27 25.74 -28.93
N GLY H 184 46.09 26.31 -29.81
CA GLY H 184 46.02 25.99 -31.23
C GLY H 184 44.95 26.88 -31.83
N PRO H 185 44.69 26.72 -33.14
CA PRO H 185 43.75 27.57 -33.88
C PRO H 185 42.31 27.41 -33.42
N TYR H 186 42.03 26.32 -32.71
CA TYR H 186 40.67 25.98 -32.32
C TYR H 186 40.43 26.15 -30.84
N LYS H 187 41.39 26.78 -30.15
CA LYS H 187 41.24 27.03 -28.73
C LYS H 187 39.77 27.26 -28.34
N THR H 188 39.23 26.38 -27.49
CA THR H 188 37.85 26.53 -26.98
C THR H 188 37.82 26.95 -25.52
N LEU H 189 38.99 27.08 -24.92
CA LEU H 189 39.09 27.54 -23.56
C LEU H 189 38.58 28.98 -23.51
N HIS H 190 37.56 29.21 -22.69
CA HIS H 190 36.88 30.50 -22.58
C HIS H 190 36.45 31.04 -23.94
N LEU H 191 36.02 30.14 -24.82
CA LEU H 191 35.55 30.49 -26.15
C LEU H 191 34.41 31.54 -26.07
N ALA H 192 33.56 31.38 -25.07
CA ALA H 192 32.59 32.41 -24.74
C ALA H 192 33.18 33.22 -23.60
N ASP H 193 33.87 34.30 -23.96
CA ASP H 193 34.55 35.14 -22.98
C ASP H 193 33.73 36.40 -22.73
N GLU H 194 34.34 37.35 -22.03
CA GLU H 194 33.71 38.63 -21.72
C GLU H 194 33.13 39.33 -22.96
N THR H 195 33.94 39.53 -23.99
CA THR H 195 33.51 40.27 -25.18
C THR H 195 32.36 39.55 -25.87
N LEU H 196 32.49 38.23 -26.03
CA LEU H 196 31.43 37.47 -26.69
C LEU H 196 30.10 37.49 -25.94
N ILE H 197 30.11 37.22 -24.64
CA ILE H 197 28.87 37.26 -23.87
C ILE H 197 28.11 38.58 -24.02
N ARG H 198 28.86 39.69 -23.97
CA ARG H 198 28.23 41.00 -23.92
C ARG H 198 27.43 41.29 -25.20
N ARG H 199 27.78 40.61 -26.29
CA ARG H 199 27.19 40.92 -27.59
C ARG H 199 25.92 40.07 -27.90
N LEU H 200 25.63 39.11 -27.02
CA LEU H 200 24.42 38.28 -27.16
C LEU H 200 23.12 39.09 -27.12
N LYS H 201 22.28 38.86 -28.12
CA LYS H 201 21.01 39.55 -28.29
C LYS H 201 20.21 39.57 -27.00
N PRO H 202 19.52 40.68 -26.71
CA PRO H 202 18.63 40.71 -25.56
C PRO H 202 17.65 39.53 -25.55
N GLY H 203 17.56 38.85 -24.41
CA GLY H 203 16.67 37.69 -24.27
C GLY H 203 17.33 36.41 -24.73
N ALA H 204 18.65 36.45 -24.91
CA ALA H 204 19.40 35.29 -25.38
C ALA H 204 19.41 34.18 -24.34
N ILE H 205 19.47 32.93 -24.80
CA ILE H 205 19.65 31.80 -23.91
C ILE H 205 21.02 31.13 -24.16
N LEU H 206 21.85 31.05 -23.11
CA LEU H 206 23.18 30.43 -23.25
C LEU H 206 23.27 29.09 -22.54
N ILE H 207 23.62 28.04 -23.28
CA ILE H 207 23.67 26.70 -22.73
C ILE H 207 25.09 26.15 -22.87
N ASN H 208 25.57 25.54 -21.78
CA ASN H 208 26.84 24.83 -21.80
C ASN H 208 26.76 23.43 -21.18
N ALA H 209 26.65 22.42 -22.02
CA ALA H 209 26.68 21.05 -21.54
C ALA H 209 27.85 20.31 -22.16
N CYS H 210 28.97 20.98 -22.42
CA CYS H 210 30.12 20.24 -22.96
C CYS H 210 31.22 20.12 -21.92
N ARG H 211 32.09 21.13 -21.86
CA ARG H 211 33.15 21.18 -20.86
C ARG H 211 33.15 22.53 -20.17
N GLY H 212 33.25 22.47 -18.85
CA GLY H 212 33.19 23.67 -18.01
C GLY H 212 33.89 24.90 -18.53
N PRO H 213 35.21 24.79 -18.81
CA PRO H 213 36.07 25.92 -19.19
C PRO H 213 35.88 26.45 -20.62
N VAL H 214 34.92 25.90 -21.36
CA VAL H 214 34.59 26.43 -22.68
C VAL H 214 33.93 27.80 -22.53
N VAL H 215 33.19 27.95 -21.43
CA VAL H 215 32.59 29.23 -21.08
C VAL H 215 33.35 29.82 -19.87
N ASP H 216 33.81 31.06 -20.01
CA ASP H 216 34.43 31.79 -18.90
C ASP H 216 33.36 32.06 -17.86
N ASN H 217 33.37 31.26 -16.78
CA ASN H 217 32.35 31.34 -15.75
C ASN H 217 32.40 32.69 -15.03
N ALA H 218 33.61 33.21 -14.84
CA ALA H 218 33.81 34.49 -14.18
C ALA H 218 33.21 35.63 -14.99
N ALA H 219 33.60 35.69 -16.26
CA ALA H 219 32.99 36.64 -17.19
C ALA H 219 31.45 36.56 -17.22
N LEU H 220 30.92 35.35 -17.30
CA LEU H 220 29.48 35.13 -17.33
C LEU H 220 28.77 35.68 -16.09
N LEU H 221 29.23 35.29 -14.92
CA LEU H 221 28.75 35.88 -13.67
C LEU H 221 28.84 37.42 -13.71
N ALA H 222 29.97 37.96 -14.14
CA ALA H 222 30.11 39.41 -14.30
C ALA H 222 28.98 40.05 -15.14
N ARG H 223 28.59 39.40 -16.24
CA ARG H 223 27.56 39.94 -17.13
C ARG H 223 26.18 39.87 -16.50
N LEU H 224 25.88 38.71 -15.92
CA LEU H 224 24.64 38.49 -15.18
C LEU H 224 24.44 39.51 -14.06
N ASN H 225 25.45 39.67 -13.20
CA ASN H 225 25.44 40.73 -12.14
C ASN H 225 25.23 42.15 -12.67
N ALA H 226 25.85 42.46 -13.82
CA ALA H 226 25.67 43.75 -14.47
C ALA H 226 24.24 43.95 -14.96
N GLY H 227 23.43 42.89 -14.92
CA GLY H 227 22.01 43.01 -15.25
C GLY H 227 21.73 42.75 -16.71
N GLN H 228 22.60 42.00 -17.38
CA GLN H 228 22.35 41.71 -18.77
C GLN H 228 21.19 40.69 -18.89
N PRO H 229 20.16 41.04 -19.68
CA PRO H 229 19.04 40.13 -19.94
C PRO H 229 19.51 38.87 -20.67
N LEU H 230 19.97 37.91 -19.88
CA LEU H 230 20.45 36.68 -20.45
C LEU H 230 19.88 35.50 -19.65
N SER H 231 19.66 34.39 -20.33
CA SER H 231 19.24 33.18 -19.68
C SER H 231 20.38 32.20 -19.80
N VAL H 232 20.61 31.42 -18.75
CA VAL H 232 21.75 30.53 -18.73
C VAL H 232 21.40 29.11 -18.23
N VAL H 233 21.79 28.12 -19.03
CA VAL H 233 21.66 26.70 -18.70
C VAL H 233 23.07 26.10 -18.63
N LEU H 234 23.46 25.62 -17.46
CA LEU H 234 24.80 25.06 -17.27
C LEU H 234 24.73 23.68 -16.62
N ASP H 235 25.39 22.71 -17.23
CA ASP H 235 25.53 21.39 -16.65
C ASP H 235 26.99 21.16 -16.41
N VAL H 236 27.85 21.98 -17.00
CA VAL H 236 29.28 21.88 -16.70
C VAL H 236 29.86 23.20 -16.17
N TRP H 237 30.88 23.11 -15.33
CA TRP H 237 31.37 24.26 -14.54
C TRP H 237 32.87 24.36 -14.45
N GLU H 238 33.39 25.59 -14.52
CA GLU H 238 34.80 25.79 -14.24
C GLU H 238 35.10 25.36 -12.80
N GLY H 239 36.16 24.57 -12.65
CA GLY H 239 36.62 24.14 -11.34
C GLY H 239 35.81 23.08 -10.61
N GLU H 240 34.96 22.34 -11.35
CA GLU H 240 34.21 21.21 -10.80
C GLU H 240 35.11 20.35 -9.94
N PRO H 241 34.59 19.87 -8.80
CA PRO H 241 33.23 20.03 -8.26
C PRO H 241 33.01 21.36 -7.53
N ASP H 242 34.09 22.12 -7.32
CA ASP H 242 33.98 23.39 -6.62
C ASP H 242 33.43 24.49 -7.53
N LEU H 243 32.17 24.37 -7.93
CA LEU H 243 31.60 25.35 -8.83
C LEU H 243 31.42 26.71 -8.18
N ASN H 244 31.42 27.75 -9.01
CA ASN H 244 31.09 29.11 -8.59
C ASN H 244 29.62 29.16 -8.16
N VAL H 245 29.42 29.41 -6.87
CA VAL H 245 28.11 29.22 -6.26
C VAL H 245 27.17 30.35 -6.60
N ALA H 246 27.70 31.56 -6.64
CA ALA H 246 26.90 32.73 -6.96
C ALA H 246 26.45 32.70 -8.43
N LEU H 247 27.28 32.11 -9.27
CA LEU H 247 26.92 31.86 -10.66
C LEU H 247 25.81 30.81 -10.72
N LEU H 248 25.82 29.86 -9.79
CA LEU H 248 24.72 28.92 -9.72
C LEU H 248 23.41 29.66 -9.38
N GLU H 249 23.43 30.49 -8.34
CA GLU H 249 22.21 31.14 -7.90
C GLU H 249 21.65 31.99 -9.03
N ALA H 250 22.51 32.34 -10.00
CA ALA H 250 22.11 33.28 -11.05
C ALA H 250 21.63 32.62 -12.36
N VAL H 251 22.18 31.46 -12.70
CA VAL H 251 21.74 30.76 -13.88
C VAL H 251 20.27 30.34 -13.75
N ASP H 252 19.63 30.08 -14.89
CA ASP H 252 18.25 29.61 -14.88
C ASP H 252 18.16 28.13 -14.58
N ILE H 253 19.12 27.34 -15.08
CA ILE H 253 19.19 25.93 -14.76
C ILE H 253 20.66 25.59 -14.57
N GLY H 254 20.95 24.90 -13.47
CA GLY H 254 22.29 24.43 -13.23
C GLY H 254 22.25 23.01 -12.67
N THR H 255 22.96 22.09 -13.30
CA THR H 255 22.85 20.67 -12.92
C THR H 255 24.25 20.17 -12.76
N SER H 256 24.42 19.00 -12.15
CA SER H 256 25.77 18.61 -11.75
C SER H 256 26.50 17.65 -12.72
N HIS H 257 26.78 18.18 -13.92
CA HIS H 257 27.43 17.44 -14.98
C HIS H 257 26.73 16.08 -15.10
N ILE H 258 25.40 16.10 -15.29
CA ILE H 258 24.66 14.86 -15.51
C ILE H 258 23.98 14.78 -16.90
N ALA H 259 24.34 15.68 -17.80
CA ALA H 259 23.65 15.71 -19.09
C ALA H 259 23.64 14.37 -19.86
N GLY H 260 24.70 13.57 -19.70
CA GLY H 260 24.88 12.31 -20.42
C GLY H 260 24.35 11.05 -19.72
N TYR H 261 23.95 11.19 -18.46
CA TYR H 261 23.60 10.06 -17.61
C TYR H 261 22.23 9.36 -17.83
N THR H 262 21.95 8.81 -19.02
CA THR H 262 20.74 7.96 -19.10
C THR H 262 21.13 6.52 -19.02
N LEU H 263 20.21 5.63 -18.65
CA LEU H 263 20.57 4.21 -18.60
C LEU H 263 21.06 3.80 -19.97
N GLU H 264 20.42 4.37 -20.99
CA GLU H 264 20.74 4.10 -22.39
C GLU H 264 22.15 4.59 -22.72
N GLY H 265 22.43 5.85 -22.41
CA GLY H 265 23.75 6.41 -22.62
C GLY H 265 24.80 5.44 -22.05
N LYS H 266 24.62 5.08 -20.78
CA LYS H 266 25.56 4.22 -20.03
C LYS H 266 25.67 2.81 -20.58
N ALA H 267 24.58 2.25 -21.09
CA ALA H 267 24.66 0.91 -21.63
C ALA H 267 25.16 0.92 -23.07
N ARG H 268 25.16 2.07 -23.71
CA ARG H 268 25.51 2.14 -25.13
C ARG H 268 27.04 2.06 -25.33
N GLY H 269 27.77 2.51 -24.32
CA GLY H 269 29.21 2.31 -24.27
C GLY H 269 29.63 0.88 -24.46
N THR H 270 28.98 -0.03 -23.74
CA THR H 270 29.25 -1.48 -23.85
C THR H 270 28.72 -2.10 -25.15
N THR H 271 27.56 -1.60 -25.57
CA THR H 271 26.86 -2.05 -26.78
C THR H 271 27.64 -1.80 -28.05
N GLN H 272 28.06 -0.55 -28.27
CA GLN H 272 28.76 -0.18 -29.49
C GLN H 272 30.09 -0.92 -29.59
N VAL H 273 30.73 -1.10 -28.43
CA VAL H 273 31.93 -1.89 -28.31
C VAL H 273 31.64 -3.36 -28.53
N PHE H 274 30.49 -3.84 -28.08
CA PHE H 274 30.16 -5.23 -28.32
C PHE H 274 30.00 -5.41 -29.83
N GLU H 275 29.21 -4.52 -30.42
CA GLU H 275 28.95 -4.59 -31.85
C GLU H 275 30.25 -4.58 -32.67
N ALA H 276 31.08 -3.56 -32.44
CA ALA H 276 32.34 -3.44 -33.16
C ALA H 276 33.24 -4.70 -33.05
N TYR H 277 33.19 -5.35 -31.89
CA TYR H 277 34.04 -6.52 -31.68
C TYR H 277 33.44 -7.74 -32.36
N SER H 278 32.12 -7.90 -32.29
CA SER H 278 31.42 -8.99 -32.99
C SER H 278 31.87 -9.05 -34.44
N ALA H 279 31.87 -7.89 -35.08
CA ALA H 279 32.26 -7.75 -36.47
C ALA H 279 33.72 -8.06 -36.66
N PHE H 280 34.51 -7.73 -35.64
CA PHE H 280 35.95 -7.90 -35.71
C PHE H 280 36.37 -9.37 -35.77
N ILE H 281 35.63 -10.22 -35.08
CA ILE H 281 35.94 -11.65 -35.04
C ILE H 281 35.00 -12.48 -35.97
N GLY H 282 34.34 -11.80 -36.90
CA GLY H 282 33.47 -12.46 -37.88
C GLY H 282 32.11 -12.92 -37.38
N ARG H 283 31.60 -12.28 -36.33
CA ARG H 283 30.32 -12.67 -35.74
C ARG H 283 29.39 -11.48 -35.63
N GLU H 284 29.44 -10.63 -36.65
CA GLU H 284 28.59 -9.44 -36.70
C GLU H 284 27.27 -9.66 -35.98
N GLN H 285 27.05 -8.90 -34.92
CA GLN H 285 25.90 -9.10 -34.04
C GLN H 285 25.43 -7.74 -33.59
N ARG H 286 24.16 -7.42 -33.83
CA ARG H 286 23.58 -6.16 -33.37
C ARG H 286 22.74 -6.41 -32.11
N VAL H 287 22.81 -5.50 -31.13
CA VAL H 287 22.06 -5.70 -29.90
C VAL H 287 21.20 -4.52 -29.48
N ALA H 288 19.93 -4.82 -29.25
CA ALA H 288 18.90 -3.84 -28.95
C ALA H 288 18.81 -3.58 -27.46
N LEU H 289 18.89 -2.31 -27.08
CA LEU H 289 18.91 -1.94 -25.67
C LEU H 289 17.71 -2.45 -24.85
N GLU H 290 16.53 -2.47 -25.46
CA GLU H 290 15.29 -2.82 -24.74
C GLU H 290 15.36 -4.14 -23.95
N THR H 291 16.12 -5.11 -24.46
CA THR H 291 16.24 -6.44 -23.83
C THR H 291 17.31 -6.51 -22.74
N LEU H 292 18.04 -5.42 -22.54
CA LEU H 292 19.08 -5.36 -21.52
C LEU H 292 18.65 -4.53 -20.32
N LEU H 293 18.05 -3.38 -20.61
CA LEU H 293 17.59 -2.45 -19.59
C LEU H 293 16.28 -2.92 -18.97
N PRO H 294 16.07 -2.63 -17.68
CA PRO H 294 14.77 -2.94 -17.10
C PRO H 294 13.72 -2.11 -17.80
N ALA H 295 12.48 -2.58 -17.80
CA ALA H 295 11.37 -1.88 -18.42
C ALA H 295 11.23 -0.51 -17.76
N PRO H 296 10.87 0.52 -18.52
CA PRO H 296 10.68 1.84 -17.91
C PRO H 296 9.34 1.95 -17.16
N GLU H 297 9.26 2.88 -16.23
CA GLU H 297 8.01 3.24 -15.54
C GLU H 297 6.84 3.53 -16.48
N PHE H 298 7.05 4.39 -17.47
CA PHE H 298 6.05 4.67 -18.51
C PHE H 298 6.58 4.26 -19.85
N GLY H 299 6.00 3.19 -20.40
CA GLY H 299 6.49 2.63 -21.63
C GLY H 299 5.58 2.86 -22.81
N ARG H 300 4.32 3.23 -22.59
CA ARG H 300 3.39 3.44 -23.69
C ARG H 300 2.43 4.53 -23.34
N ILE H 301 2.03 5.32 -24.34
CA ILE H 301 1.07 6.42 -24.13
C ILE H 301 0.37 6.69 -25.44
N THR H 302 -0.89 7.12 -25.40
CA THR H 302 -1.58 7.56 -26.63
C THR H 302 -1.59 9.07 -26.78
N LEU H 303 -1.45 9.53 -28.04
CA LEU H 303 -1.56 10.95 -28.35
C LEU H 303 -2.66 11.15 -29.39
N HIS H 304 -3.69 11.88 -29.00
CA HIS H 304 -4.80 12.26 -29.86
C HIS H 304 -4.52 13.62 -30.50
N GLY H 305 -4.47 13.66 -31.82
CA GLY H 305 -4.29 14.92 -32.52
C GLY H 305 -2.86 15.37 -32.76
N PRO H 306 -2.71 16.58 -33.29
CA PRO H 306 -1.38 16.94 -33.77
C PRO H 306 -0.49 17.42 -32.66
N LEU H 307 0.81 17.41 -32.91
CA LEU H 307 1.79 17.87 -31.96
C LEU H 307 1.79 19.38 -31.98
N ASP H 308 1.88 19.98 -30.83
CA ASP H 308 2.20 21.39 -30.74
C ASP H 308 3.24 21.49 -29.63
N GLN H 309 3.71 22.69 -29.36
CA GLN H 309 4.77 22.87 -28.39
C GLN H 309 4.36 22.39 -27.00
N PRO H 310 3.19 22.84 -26.51
CA PRO H 310 2.81 22.38 -25.18
C PRO H 310 2.75 20.85 -25.11
N THR H 311 2.26 20.20 -26.16
CA THR H 311 2.14 18.75 -26.17
C THR H 311 3.51 18.11 -26.13
N LEU H 312 4.43 18.64 -26.93
CA LEU H 312 5.80 18.15 -26.94
C LEU H 312 6.45 18.34 -25.58
N LYS H 313 6.16 19.45 -24.90
CA LYS H 313 6.79 19.68 -23.61
C LYS H 313 6.29 18.62 -22.63
N ARG H 314 4.99 18.34 -22.70
CA ARG H 314 4.45 17.34 -21.83
C ARG H 314 5.09 15.99 -22.06
N LEU H 315 5.35 15.63 -23.30
CA LEU H 315 6.00 14.35 -23.60
C LEU H 315 7.47 14.29 -23.12
N ALA H 316 8.26 15.28 -23.51
CA ALA H 316 9.66 15.34 -23.09
C ALA H 316 9.76 15.33 -21.57
N HIS H 317 8.90 16.06 -20.89
CA HIS H 317 9.02 16.15 -19.44
C HIS H 317 8.43 14.95 -18.70
N LEU H 318 7.46 14.24 -19.29
CA LEU H 318 7.06 12.94 -18.74
C LEU H 318 8.32 12.07 -18.63
N VAL H 319 9.17 12.14 -19.65
CA VAL H 319 10.41 11.35 -19.67
C VAL H 319 11.55 11.95 -18.82
N TYR H 320 11.81 13.24 -18.95
CA TYR H 320 12.86 13.84 -18.19
C TYR H 320 12.71 15.37 -18.04
N ASP H 321 12.46 15.82 -16.81
CA ASP H 321 12.23 17.23 -16.57
C ASP H 321 13.49 17.64 -15.87
N VAL H 322 14.34 18.37 -16.62
CA VAL H 322 15.61 18.82 -16.12
C VAL H 322 15.53 19.50 -14.73
N ARG H 323 14.36 19.99 -14.36
CA ARG H 323 14.21 20.70 -13.08
C ARG H 323 14.39 19.77 -11.90
N ARG H 324 14.23 18.48 -12.14
CA ARG H 324 14.45 17.49 -11.09
C ARG H 324 15.93 17.30 -10.74
N ASP H 325 16.82 17.85 -11.56
CA ASP H 325 18.24 17.80 -11.23
C ASP H 325 18.74 19.18 -10.79
N ASP H 326 18.01 20.24 -11.14
CA ASP H 326 18.39 21.59 -10.79
C ASP H 326 18.04 21.84 -9.34
N ALA H 327 16.96 21.22 -8.90
CA ALA H 327 16.48 21.44 -7.54
C ALA H 327 17.44 20.84 -6.49
N PRO H 328 17.89 19.59 -6.67
CA PRO H 328 18.79 19.11 -5.63
C PRO H 328 20.12 19.89 -5.57
N LEU H 329 20.65 20.28 -6.72
CA LEU H 329 21.91 21.04 -6.72
C LEU H 329 21.84 22.40 -5.98
N ARG H 330 20.75 23.14 -6.16
CA ARG H 330 20.56 24.40 -5.42
C ARG H 330 20.50 24.18 -3.92
N LYS H 331 19.97 23.02 -3.49
CA LYS H 331 19.87 22.70 -2.06
C LYS H 331 21.24 22.50 -1.41
N VAL H 332 22.20 21.92 -2.15
CA VAL H 332 23.49 21.53 -1.55
C VAL H 332 24.76 22.10 -2.19
N ALA H 333 24.63 23.08 -3.08
CA ALA H 333 25.77 23.51 -3.93
C ALA H 333 27.06 23.96 -3.20
N GLY H 334 26.88 24.67 -2.08
CA GLY H 334 28.01 25.19 -1.33
C GLY H 334 28.49 24.27 -0.22
N ILE H 335 27.95 23.05 -0.21
CA ILE H 335 28.42 22.01 0.72
C ILE H 335 29.42 21.08 0.02
N PRO H 336 30.75 21.26 0.27
CA PRO H 336 31.83 20.49 -0.39
C PRO H 336 31.60 18.97 -0.38
N GLY H 337 31.42 18.37 -1.57
CA GLY H 337 31.31 16.92 -1.70
C GLY H 337 29.95 16.43 -2.17
N GLU H 338 28.92 17.27 -2.00
CA GLU H 338 27.57 16.89 -2.34
C GLU H 338 27.35 16.83 -3.86
N PHE H 339 28.17 17.57 -4.60
CA PHE H 339 28.08 17.62 -6.05
C PHE H 339 28.47 16.25 -6.60
N ASP H 340 29.55 15.71 -6.08
CA ASP H 340 30.00 14.41 -6.52
C ASP H 340 29.00 13.33 -6.08
N LYS H 341 28.40 13.53 -4.91
CA LYS H 341 27.43 12.58 -4.37
C LYS H 341 26.17 12.50 -5.21
N LEU H 342 25.79 13.63 -5.82
CA LEU H 342 24.60 13.64 -6.69
C LEU H 342 24.83 12.81 -7.96
N ARG H 343 26.04 12.90 -8.52
CA ARG H 343 26.41 12.10 -9.69
C ARG H 343 26.51 10.62 -9.36
N LYS H 344 27.08 10.32 -8.20
CA LYS H 344 27.31 8.95 -7.75
C LYS H 344 26.01 8.17 -7.59
N ASN H 345 25.03 8.79 -6.95
CA ASN H 345 23.73 8.20 -6.65
C ASN H 345 22.64 8.64 -7.63
N TYR H 346 23.03 8.99 -8.84
CA TYR H 346 22.09 9.52 -9.80
C TYR H 346 21.04 8.49 -10.13
N LEU H 347 19.78 8.89 -10.03
CA LEU H 347 18.69 7.98 -10.17
C LEU H 347 18.41 7.78 -11.64
N GLU H 348 17.71 6.70 -11.97
CA GLU H 348 17.49 6.27 -13.34
C GLU H 348 16.86 7.35 -14.25
N ARG H 349 17.48 7.61 -15.39
CA ARG H 349 16.85 8.47 -16.40
C ARG H 349 16.84 7.78 -17.76
N ARG H 350 15.68 7.83 -18.43
CA ARG H 350 15.51 7.16 -19.72
C ARG H 350 15.56 8.16 -20.84
N GLU H 351 15.68 7.67 -22.07
CA GLU H 351 15.61 8.51 -23.26
C GLU H 351 14.20 8.45 -23.85
N TRP H 352 13.90 9.40 -24.74
CA TRP H 352 12.59 9.47 -25.37
C TRP H 352 12.27 8.19 -26.12
N SER H 353 13.29 7.50 -26.60
CA SER H 353 13.07 6.29 -27.35
C SER H 353 12.46 5.19 -26.50
N SER H 354 12.52 5.34 -25.18
CA SER H 354 11.92 4.35 -24.28
C SER H 354 10.43 4.60 -24.13
N LEU H 355 9.92 5.69 -24.68
CA LEU H 355 8.49 5.94 -24.66
C LEU H 355 7.90 5.54 -26.02
N TYR H 356 6.94 4.63 -25.99
CA TYR H 356 6.27 4.19 -27.20
C TYR H 356 5.00 5.00 -27.37
N VAL H 357 4.95 5.84 -28.41
CA VAL H 357 3.86 6.81 -28.58
C VAL H 357 2.94 6.52 -29.77
N CYS H 359 -0.04 7.61 -32.15
CA CYS H 359 -0.73 8.82 -32.51
C CYS H 359 -1.79 8.55 -33.55
N ASP H 360 -2.97 9.12 -33.34
CA ASP H 360 -4.02 9.03 -34.33
C ASP H 360 -3.79 10.02 -35.47
N ASP H 361 -2.81 10.91 -35.30
CA ASP H 361 -2.42 11.84 -36.35
C ASP H 361 -1.08 11.37 -36.94
N GLU H 362 -1.06 11.12 -38.26
CA GLU H 362 0.14 10.55 -38.90
C GLU H 362 1.28 11.53 -38.86
N THR H 363 0.96 12.81 -38.94
CA THR H 363 2.03 13.79 -38.99
C THR H 363 2.65 13.99 -37.62
N ALA H 364 1.87 13.74 -36.56
CA ALA H 364 2.42 13.76 -35.23
C ALA H 364 3.38 12.61 -35.11
N ALA H 365 3.01 11.46 -35.64
CA ALA H 365 3.90 10.32 -35.56
C ALA H 365 5.23 10.56 -36.30
N ALA H 366 5.16 10.99 -37.55
CA ALA H 366 6.36 11.26 -38.34
C ALA H 366 7.27 12.19 -37.54
N LEU H 367 6.69 13.24 -36.99
CA LEU H 367 7.51 14.23 -36.31
C LEU H 367 8.19 13.66 -35.03
N LEU H 368 7.40 13.06 -34.16
CA LEU H 368 7.91 12.43 -32.95
C LEU H 368 8.98 11.39 -33.23
N CYS H 369 8.80 10.61 -34.29
CA CYS H 369 9.82 9.64 -34.74
C CYS H 369 11.12 10.34 -35.04
N LYS H 370 11.02 11.41 -35.82
CA LYS H 370 12.17 12.22 -36.15
C LYS H 370 12.80 12.78 -34.87
N LEU H 371 11.97 13.11 -33.88
CA LEU H 371 12.50 13.64 -32.62
C LEU H 371 13.14 12.61 -31.69
N GLY H 372 12.98 11.33 -32.00
CA GLY H 372 13.56 10.30 -31.15
C GLY H 372 12.62 9.55 -30.22
N PHE H 373 11.33 9.88 -30.26
CA PHE H 373 10.32 9.02 -29.65
C PHE H 373 10.11 7.81 -30.54
N ASN H 374 9.67 6.72 -29.94
CA ASN H 374 9.27 5.53 -30.68
C ASN H 374 7.78 5.68 -30.96
N ALA H 375 7.47 6.48 -31.97
CA ALA H 375 6.11 6.87 -32.25
C ALA H 375 5.60 6.12 -33.48
N VAL H 376 4.31 5.76 -33.46
CA VAL H 376 3.70 5.00 -34.54
C VAL H 376 2.27 5.45 -34.74
N HIS H 377 1.84 5.47 -36.00
CA HIS H 377 0.51 5.92 -36.34
C HIS H 377 -0.42 4.73 -36.16
N HIS H 378 -1.43 4.90 -35.31
CA HIS H 378 -2.47 3.89 -35.15
C HIS H 378 -3.82 4.53 -35.51
N PRO H 379 -4.20 4.47 -36.80
CA PRO H 379 -5.41 5.09 -37.31
C PRO H 379 -6.62 4.76 -36.44
#